data_2LE8
#
_entry.id   2LE8
#
loop_
_entity.id
_entity.type
_entity.pdbx_description
1 polymer 'DNA replication licensing factor MCM6'
2 polymer 'DNA replication factor Cdt1'
#
loop_
_entity_poly.entity_id
_entity_poly.type
_entity_poly.pdbx_seq_one_letter_code
_entity_poly.pdbx_strand_id
1 'polypeptide(L)'
;APKASLRLGFSEYSRISNLIVLHLRKVEEEEDESALKRSELVNWYLKEIESEIDSEEELINKKRIIEKVIHRLTHYDHVL
IELTQAGLKGSTEGSESYEEDPYLVVNPNYLLED
;
A
2 'polypeptide(L)' SALKGVSQDLLERIRAKEAQKQLAQMTRW B
#
# COMPACT_ATOMS: atom_id res chain seq x y z
N ALA A 1 27.63 -6.90 -3.93
CA ALA A 1 28.22 -5.88 -4.83
C ALA A 1 27.41 -4.59 -4.78
N PRO A 2 28.09 -3.45 -4.60
CA PRO A 2 27.42 -2.13 -4.52
C PRO A 2 26.76 -1.74 -5.84
N LYS A 3 27.29 -2.24 -6.95
CA LYS A 3 26.74 -1.92 -8.27
C LYS A 3 25.40 -2.61 -8.49
N ALA A 4 25.14 -3.66 -7.72
CA ALA A 4 23.90 -4.42 -7.83
C ALA A 4 22.70 -3.53 -7.54
N SER A 5 22.93 -2.51 -6.71
CA SER A 5 21.88 -1.56 -6.32
C SER A 5 20.75 -2.23 -5.56
N LEU A 6 19.73 -1.45 -5.20
CA LEU A 6 18.56 -1.93 -4.47
C LEU A 6 18.94 -2.47 -3.09
N ARG A 7 19.61 -1.64 -2.31
CA ARG A 7 20.02 -2.00 -0.96
C ARG A 7 19.81 -0.83 0.00
N LEU A 8 20.24 0.37 -0.41
CA LEU A 8 20.10 1.55 0.43
C LEU A 8 19.79 2.79 -0.40
N GLY A 9 20.27 2.82 -1.64
CA GLY A 9 20.04 3.95 -2.53
C GLY A 9 18.56 4.30 -2.64
N PHE A 10 17.74 3.29 -2.85
CA PHE A 10 16.30 3.47 -2.97
C PHE A 10 15.65 3.20 -1.62
N SER A 11 15.78 4.14 -0.69
CA SER A 11 15.22 4.00 0.64
C SER A 11 13.70 3.88 0.60
N GLU A 12 13.05 4.73 -0.18
CA GLU A 12 11.60 4.71 -0.27
C GLU A 12 11.11 3.38 -0.85
N TYR A 13 11.80 2.87 -1.87
CA TYR A 13 11.41 1.62 -2.49
C TYR A 13 11.56 0.48 -1.50
N SER A 14 12.69 0.45 -0.80
CA SER A 14 12.96 -0.60 0.17
C SER A 14 11.98 -0.53 1.35
N ARG A 15 11.72 0.70 1.79
CA ARG A 15 10.80 0.94 2.91
C ARG A 15 9.39 0.47 2.58
N ILE A 16 8.98 0.69 1.33
CA ILE A 16 7.65 0.30 0.89
C ILE A 16 7.58 -1.20 0.59
N SER A 17 8.53 -1.70 -0.19
CA SER A 17 8.56 -3.12 -0.56
C SER A 17 8.60 -4.01 0.68
N ASN A 18 9.33 -3.57 1.70
CA ASN A 18 9.44 -4.33 2.94
C ASN A 18 8.06 -4.54 3.57
N LEU A 19 7.20 -3.53 3.45
CA LEU A 19 5.86 -3.61 4.00
C LEU A 19 5.08 -4.77 3.38
N ILE A 20 5.32 -5.00 2.09
CA ILE A 20 4.62 -6.06 1.36
C ILE A 20 5.10 -7.44 1.81
N VAL A 21 6.40 -7.65 1.79
CA VAL A 21 6.96 -8.94 2.17
C VAL A 21 6.77 -9.23 3.66
N LEU A 22 7.00 -8.24 4.50
CA LEU A 22 6.88 -8.41 5.95
C LEU A 22 5.45 -8.67 6.38
N HIS A 23 4.52 -7.85 5.90
CA HIS A 23 3.13 -8.02 6.29
C HIS A 23 2.52 -9.29 5.69
N LEU A 24 3.00 -9.68 4.51
CA LEU A 24 2.51 -10.89 3.87
C LEU A 24 3.04 -12.14 4.57
N ARG A 25 4.34 -12.17 4.83
CA ARG A 25 4.95 -13.32 5.49
C ARG A 25 4.38 -13.49 6.90
N LYS A 26 3.97 -12.39 7.50
CA LYS A 26 3.39 -12.42 8.84
C LYS A 26 2.00 -13.06 8.81
N VAL A 27 1.17 -12.66 7.84
CA VAL A 27 -0.17 -13.20 7.73
C VAL A 27 -0.19 -14.63 7.19
N GLU A 28 0.73 -14.95 6.28
CA GLU A 28 0.80 -16.32 5.75
C GLU A 28 1.25 -17.27 6.84
N GLU A 29 2.05 -16.74 7.76
CA GLU A 29 2.56 -17.50 8.90
C GLU A 29 1.44 -17.78 9.88
N GLU A 30 0.49 -16.87 9.94
CA GLU A 30 -0.65 -17.00 10.83
C GLU A 30 -1.72 -17.85 10.18
N GLU A 31 -2.23 -17.37 9.06
CA GLU A 31 -3.28 -18.05 8.33
C GLU A 31 -2.72 -18.66 7.05
N ASP A 32 -2.64 -17.84 6.01
CA ASP A 32 -2.14 -18.27 4.70
C ASP A 32 -2.11 -17.09 3.73
N GLU A 33 -3.25 -16.44 3.57
CA GLU A 33 -3.37 -15.28 2.69
C GLU A 33 -4.65 -14.51 3.01
N SER A 34 -4.50 -13.44 3.77
CA SER A 34 -5.64 -12.60 4.16
C SER A 34 -6.33 -11.99 2.95
N ALA A 35 -5.54 -11.39 2.06
CA ALA A 35 -6.05 -10.74 0.87
C ALA A 35 -6.96 -9.56 1.24
N LEU A 36 -7.50 -8.88 0.22
CA LEU A 36 -8.41 -7.74 0.44
C LEU A 36 -7.78 -6.67 1.34
N LYS A 37 -6.80 -5.96 0.79
CA LYS A 37 -6.14 -4.93 1.57
C LYS A 37 -5.52 -3.85 0.66
N ARG A 38 -6.36 -3.19 -0.12
CA ARG A 38 -5.89 -2.14 -1.01
C ARG A 38 -5.58 -0.88 -0.21
N SER A 39 -6.63 -0.33 0.41
CA SER A 39 -6.49 0.88 1.22
C SER A 39 -5.91 0.55 2.58
N GLU A 40 -6.24 -0.64 3.10
CA GLU A 40 -5.77 -1.09 4.40
C GLU A 40 -4.24 -1.12 4.45
N LEU A 41 -3.64 -1.62 3.38
CA LEU A 41 -2.18 -1.72 3.29
C LEU A 41 -1.54 -0.36 3.46
N VAL A 42 -2.09 0.64 2.79
CA VAL A 42 -1.59 2.00 2.90
C VAL A 42 -1.94 2.59 4.26
N ASN A 43 -3.17 2.35 4.68
CA ASN A 43 -3.70 2.86 5.94
C ASN A 43 -2.78 2.56 7.13
N TRP A 44 -2.51 1.28 7.38
CA TRP A 44 -1.66 0.91 8.50
C TRP A 44 -0.23 1.38 8.29
N TYR A 45 0.18 1.48 7.03
CA TYR A 45 1.53 1.92 6.69
C TYR A 45 1.73 3.34 7.18
N LEU A 46 0.81 4.21 6.82
CA LEU A 46 0.86 5.61 7.19
C LEU A 46 0.81 5.77 8.70
N LYS A 47 -0.05 5.00 9.33
CA LYS A 47 -0.21 5.07 10.79
C LYS A 47 1.04 4.58 11.52
N GLU A 48 1.82 3.75 10.85
CA GLU A 48 3.04 3.20 11.45
C GLU A 48 4.22 4.15 11.29
N ILE A 49 4.29 4.82 10.16
CA ILE A 49 5.40 5.74 9.89
C ILE A 49 5.08 7.18 10.23
N GLU A 50 3.82 7.48 10.51
CA GLU A 50 3.42 8.85 10.81
C GLU A 50 4.16 9.45 12.01
N SER A 51 4.65 8.59 12.90
CA SER A 51 5.38 9.05 14.06
C SER A 51 6.79 9.48 13.68
N GLU A 52 7.33 8.88 12.62
CA GLU A 52 8.67 9.21 12.17
C GLU A 52 8.60 10.28 11.08
N ILE A 53 7.43 10.38 10.46
CA ILE A 53 7.19 11.37 9.44
C ILE A 53 6.87 12.70 10.10
N ASP A 54 7.90 13.51 10.33
CA ASP A 54 7.73 14.79 10.98
C ASP A 54 7.58 15.89 9.94
N SER A 55 7.76 15.53 8.70
CA SER A 55 7.64 16.47 7.60
C SER A 55 6.53 16.02 6.66
N GLU A 56 5.67 16.95 6.28
CA GLU A 56 4.55 16.67 5.38
C GLU A 56 5.09 16.06 4.08
N GLU A 57 6.23 16.57 3.64
CA GLU A 57 6.90 16.11 2.43
C GLU A 57 7.09 14.60 2.44
N GLU A 58 7.63 14.10 3.56
CA GLU A 58 7.88 12.67 3.72
C GLU A 58 6.61 11.86 3.50
N LEU A 59 5.56 12.26 4.20
CA LEU A 59 4.27 11.57 4.11
C LEU A 59 3.75 11.56 2.70
N ILE A 60 3.76 12.73 2.05
CA ILE A 60 3.30 12.83 0.67
C ILE A 60 4.11 11.91 -0.24
N ASN A 61 5.42 11.84 0.02
CA ASN A 61 6.32 11.00 -0.76
C ASN A 61 6.05 9.52 -0.49
N LYS A 62 5.94 9.16 0.80
CA LYS A 62 5.70 7.78 1.20
C LYS A 62 4.37 7.28 0.63
N LYS A 63 3.34 8.13 0.67
CA LYS A 63 2.03 7.77 0.13
C LYS A 63 2.09 7.63 -1.37
N ARG A 64 2.89 8.47 -2.00
CA ARG A 64 3.04 8.44 -3.45
C ARG A 64 3.68 7.13 -3.87
N ILE A 65 4.75 6.75 -3.17
CA ILE A 65 5.47 5.52 -3.47
C ILE A 65 4.61 4.29 -3.18
N ILE A 66 3.98 4.26 -1.99
CA ILE A 66 3.15 3.11 -1.61
C ILE A 66 2.01 2.91 -2.62
N GLU A 67 1.39 4.00 -3.03
CA GLU A 67 0.29 3.95 -3.99
C GLU A 67 0.81 3.50 -5.36
N LYS A 68 1.92 4.11 -5.79
CA LYS A 68 2.52 3.78 -7.08
C LYS A 68 2.95 2.32 -7.12
N VAL A 69 3.48 1.82 -6.01
CA VAL A 69 3.92 0.44 -5.93
C VAL A 69 2.73 -0.51 -6.06
N ILE A 70 1.67 -0.23 -5.32
CA ILE A 70 0.47 -1.07 -5.38
C ILE A 70 -0.12 -1.05 -6.79
N HIS A 71 -0.16 0.14 -7.38
CA HIS A 71 -0.68 0.30 -8.74
C HIS A 71 0.20 -0.47 -9.74
N ARG A 72 1.50 -0.40 -9.53
CA ARG A 72 2.45 -1.10 -10.39
C ARG A 72 2.34 -2.61 -10.17
N LEU A 73 2.23 -2.99 -8.90
CA LEU A 73 2.11 -4.38 -8.49
C LEU A 73 0.94 -5.06 -9.17
N THR A 74 -0.17 -4.33 -9.29
CA THR A 74 -1.38 -4.86 -9.88
C THR A 74 -1.42 -4.69 -11.41
N HIS A 75 -0.34 -4.16 -11.99
CA HIS A 75 -0.32 -3.95 -13.43
C HIS A 75 1.03 -4.26 -14.05
N TYR A 76 1.94 -3.29 -13.97
CA TYR A 76 3.29 -3.42 -14.54
C TYR A 76 4.03 -4.64 -14.01
N ASP A 77 4.09 -4.77 -12.69
CA ASP A 77 4.77 -5.91 -12.05
C ASP A 77 3.99 -7.19 -12.31
N HIS A 78 2.66 -7.07 -12.24
CA HIS A 78 1.76 -8.21 -12.47
C HIS A 78 2.08 -9.35 -11.52
N VAL A 79 2.38 -9.01 -10.28
CA VAL A 79 2.70 -10.01 -9.27
C VAL A 79 1.52 -10.18 -8.33
N LEU A 80 0.39 -9.61 -8.73
CA LEU A 80 -0.84 -9.69 -7.95
C LEU A 80 -1.64 -10.92 -8.40
N ILE A 81 -2.49 -11.41 -7.51
CA ILE A 81 -3.31 -12.58 -7.79
C ILE A 81 -4.78 -12.29 -7.48
N GLU A 82 -5.66 -12.70 -8.38
CA GLU A 82 -7.09 -12.54 -8.22
C GLU A 82 -7.79 -13.85 -8.52
N LEU A 83 -8.88 -14.14 -7.80
CA LEU A 83 -9.63 -15.37 -8.00
C LEU A 83 -10.36 -15.37 -9.32
N THR A 84 -11.40 -14.59 -9.39
CA THR A 84 -12.21 -14.47 -10.58
C THR A 84 -11.56 -13.58 -11.61
N GLN A 85 -12.28 -13.26 -12.65
CA GLN A 85 -11.78 -12.40 -13.71
C GLN A 85 -12.88 -11.48 -14.22
N ALA A 86 -14.05 -12.06 -14.40
CA ALA A 86 -15.21 -11.32 -14.91
C ALA A 86 -15.69 -10.26 -13.94
N GLY A 87 -15.29 -10.34 -12.68
CA GLY A 87 -15.71 -9.38 -11.70
C GLY A 87 -14.65 -8.33 -11.39
N LEU A 88 -13.55 -8.37 -12.11
CA LEU A 88 -12.47 -7.41 -11.89
C LEU A 88 -11.95 -6.84 -13.19
N LYS A 89 -12.41 -7.38 -14.30
CA LYS A 89 -11.98 -6.92 -15.61
C LYS A 89 -13.03 -6.01 -16.24
N GLY A 90 -12.71 -4.74 -16.36
CA GLY A 90 -13.62 -3.80 -16.96
C GLY A 90 -13.59 -3.88 -18.48
N SER A 91 -14.50 -3.15 -19.12
CA SER A 91 -14.60 -3.13 -20.58
C SER A 91 -15.01 -4.51 -21.11
N THR A 92 -14.91 -4.69 -22.43
CA THR A 92 -15.26 -5.95 -23.08
C THR A 92 -16.74 -6.29 -22.89
N GLU A 93 -17.07 -6.94 -21.79
CA GLU A 93 -18.45 -7.32 -21.50
C GLU A 93 -19.17 -6.16 -20.82
N GLY A 94 -18.39 -5.26 -20.24
CA GLY A 94 -18.96 -4.12 -19.55
C GLY A 94 -19.36 -4.47 -18.12
N SER A 95 -18.44 -5.11 -17.41
CA SER A 95 -18.67 -5.51 -16.03
C SER A 95 -18.94 -4.31 -15.14
N GLU A 96 -19.79 -4.49 -14.13
CA GLU A 96 -20.13 -3.42 -13.19
C GLU A 96 -18.90 -2.99 -12.40
N SER A 97 -18.53 -3.81 -11.42
CA SER A 97 -17.37 -3.54 -10.56
C SER A 97 -17.39 -2.11 -10.02
N TYR A 98 -18.53 -1.71 -9.49
CA TYR A 98 -18.68 -0.36 -8.94
C TYR A 98 -18.40 -0.36 -7.44
N GLU A 99 -18.60 -1.51 -6.80
CA GLU A 99 -18.38 -1.63 -5.37
C GLU A 99 -16.88 -1.61 -5.06
N GLU A 100 -16.20 -2.68 -5.41
CA GLU A 100 -14.76 -2.78 -5.18
C GLU A 100 -14.21 -4.05 -5.84
N ASP A 101 -12.91 -4.24 -5.78
CA ASP A 101 -12.27 -5.43 -6.38
C ASP A 101 -12.58 -6.67 -5.55
N PRO A 102 -12.97 -7.76 -6.22
CA PRO A 102 -13.33 -9.04 -5.56
C PRO A 102 -12.24 -9.57 -4.62
N TYR A 103 -11.18 -10.14 -5.17
CA TYR A 103 -10.11 -10.69 -4.36
C TYR A 103 -8.77 -10.13 -4.82
N LEU A 104 -7.97 -9.70 -3.86
CA LEU A 104 -6.67 -9.13 -4.17
C LEU A 104 -5.59 -9.67 -3.22
N VAL A 105 -4.60 -10.34 -3.79
CA VAL A 105 -3.49 -10.89 -3.03
C VAL A 105 -2.20 -10.69 -3.83
N VAL A 106 -1.06 -10.62 -3.14
CA VAL A 106 0.21 -10.40 -3.80
C VAL A 106 1.14 -11.61 -3.63
N ASN A 107 1.94 -11.89 -4.66
CA ASN A 107 2.89 -12.98 -4.63
C ASN A 107 4.13 -12.59 -3.83
N PRO A 108 4.56 -13.43 -2.88
CA PRO A 108 5.73 -13.16 -2.04
C PRO A 108 7.04 -13.17 -2.83
N ASN A 109 6.96 -13.52 -4.10
CA ASN A 109 8.14 -13.59 -4.96
C ASN A 109 8.65 -12.19 -5.31
N TYR A 110 7.85 -11.47 -6.10
CA TYR A 110 8.20 -10.12 -6.55
C TYR A 110 9.51 -10.14 -7.35
N LEU A 111 10.13 -8.98 -7.55
CA LEU A 111 11.37 -8.92 -8.31
C LEU A 111 12.39 -7.97 -7.66
N LEU A 112 12.28 -7.82 -6.34
CA LEU A 112 13.19 -6.94 -5.61
C LEU A 112 14.42 -7.72 -5.15
N GLU A 113 15.45 -6.99 -4.72
CA GLU A 113 16.68 -7.62 -4.26
C GLU A 113 16.80 -7.50 -2.75
N ASP A 114 17.24 -6.34 -2.29
CA ASP A 114 17.41 -6.05 -0.87
C ASP A 114 18.45 -6.98 -0.24
N SER B 1 2.08 22.51 -0.86
CA SER B 1 3.44 22.03 -0.57
C SER B 1 3.88 21.01 -1.61
N ALA B 2 2.92 20.36 -2.23
CA ALA B 2 3.20 19.37 -3.25
C ALA B 2 2.28 19.56 -4.44
N LEU B 3 2.81 19.32 -5.63
CA LEU B 3 2.03 19.46 -6.85
C LEU B 3 1.41 18.13 -7.24
N LYS B 4 0.13 18.16 -7.56
CA LYS B 4 -0.63 16.98 -7.96
C LYS B 4 -0.61 15.93 -6.86
N GLY B 5 -1.43 16.15 -5.84
CA GLY B 5 -1.53 15.23 -4.74
C GLY B 5 -2.04 13.88 -5.18
N VAL B 6 -1.17 12.88 -5.13
CA VAL B 6 -1.52 11.53 -5.53
C VAL B 6 -2.47 10.90 -4.51
N SER B 7 -3.61 10.42 -5.02
CA SER B 7 -4.63 9.78 -4.20
C SER B 7 -5.08 10.69 -3.07
N GLN B 8 -5.93 11.65 -3.42
CA GLN B 8 -6.45 12.61 -2.45
C GLN B 8 -7.13 11.91 -1.27
N ASP B 9 -7.69 10.74 -1.51
CA ASP B 9 -8.36 9.99 -0.45
C ASP B 9 -7.39 9.60 0.65
N LEU B 10 -6.23 9.09 0.25
CA LEU B 10 -5.21 8.67 1.22
C LEU B 10 -4.40 9.86 1.71
N LEU B 11 -4.26 10.87 0.86
CA LEU B 11 -3.48 12.06 1.20
C LEU B 11 -4.29 13.06 2.05
N GLU B 12 -5.61 12.99 1.99
CA GLU B 12 -6.47 13.89 2.76
C GLU B 12 -6.16 13.79 4.24
N ARG B 13 -5.74 12.62 4.67
CA ARG B 13 -5.39 12.38 6.07
C ARG B 13 -4.25 13.32 6.51
N ILE B 14 -3.51 13.81 5.53
CA ILE B 14 -2.39 14.71 5.77
C ILE B 14 -2.85 16.11 6.18
N ARG B 15 -4.02 16.55 5.68
CA ARG B 15 -4.52 17.88 6.03
C ARG B 15 -4.72 17.98 7.55
N ALA B 16 -5.08 16.86 8.17
CA ALA B 16 -5.27 16.82 9.61
C ALA B 16 -3.92 16.57 10.29
N LYS B 17 -3.04 15.87 9.58
CA LYS B 17 -1.71 15.56 10.08
C LYS B 17 -0.89 16.85 10.23
N GLU B 18 -1.03 17.75 9.26
CA GLU B 18 -0.33 19.03 9.29
C GLU B 18 -0.73 19.81 10.53
N ALA B 19 -2.02 19.72 10.87
CA ALA B 19 -2.55 20.40 12.04
C ALA B 19 -2.05 19.75 13.32
N GLN B 20 -1.88 18.43 13.28
CA GLN B 20 -1.40 17.66 14.42
C GLN B 20 -0.03 18.13 14.85
N LYS B 21 0.91 18.15 13.91
CA LYS B 21 2.27 18.58 14.18
C LYS B 21 2.36 20.10 14.35
N GLN B 22 1.23 20.77 14.18
CA GLN B 22 1.19 22.22 14.32
C GLN B 22 0.89 22.60 15.76
N LEU B 23 -0.15 22.00 16.32
CA LEU B 23 -0.54 22.28 17.70
C LEU B 23 0.39 21.55 18.66
N ALA B 24 0.85 20.38 18.27
CA ALA B 24 1.75 19.59 19.10
C ALA B 24 3.19 19.79 18.64
N GLN B 25 4.02 20.28 19.56
CA GLN B 25 5.41 20.54 19.25
C GLN B 25 6.18 19.23 19.15
N MET B 26 6.56 18.89 17.93
CA MET B 26 7.31 17.66 17.67
C MET B 26 8.81 17.93 17.70
N THR B 27 9.17 19.20 17.87
CA THR B 27 10.56 19.59 17.94
C THR B 27 11.27 18.85 19.07
N ARG B 28 12.35 18.14 18.73
CA ARG B 28 13.11 17.38 19.71
C ARG B 28 13.66 18.28 20.80
N TRP B 29 13.28 17.98 22.04
CA TRP B 29 13.73 18.75 23.19
C TRP B 29 15.20 18.49 23.44
N ALA A 1 26.93 -8.01 -14.41
CA ALA A 1 25.49 -8.27 -14.61
C ALA A 1 24.74 -6.96 -14.78
N PRO A 2 23.76 -6.92 -15.69
CA PRO A 2 22.96 -5.72 -15.95
C PRO A 2 22.08 -5.34 -14.76
N LYS A 3 21.79 -6.30 -13.90
CA LYS A 3 20.96 -6.05 -12.73
C LYS A 3 21.72 -5.22 -11.70
N ALA A 4 21.24 -4.01 -11.45
CA ALA A 4 21.88 -3.12 -10.49
C ALA A 4 21.43 -3.44 -9.07
N SER A 5 20.15 -3.78 -8.92
CA SER A 5 19.55 -4.12 -7.63
C SER A 5 19.45 -2.89 -6.72
N LEU A 6 18.31 -2.75 -6.04
CA LEU A 6 18.09 -1.62 -5.13
C LEU A 6 19.01 -1.73 -3.92
N ARG A 7 19.68 -0.64 -3.60
CA ARG A 7 20.61 -0.62 -2.47
C ARG A 7 20.01 0.14 -1.28
N LEU A 8 20.84 0.34 -0.26
CA LEU A 8 20.42 1.03 0.96
C LEU A 8 20.05 2.49 0.67
N GLY A 9 20.57 3.04 -0.43
CA GLY A 9 20.29 4.41 -0.79
C GLY A 9 18.80 4.67 -0.93
N PHE A 10 18.08 3.66 -1.39
CA PHE A 10 16.64 3.76 -1.55
C PHE A 10 15.95 3.42 -0.23
N SER A 11 16.25 4.21 0.78
CA SER A 11 15.69 4.01 2.12
C SER A 11 14.17 3.97 2.11
N GLU A 12 13.55 4.94 1.45
CA GLU A 12 12.09 4.98 1.38
C GLU A 12 11.55 3.80 0.60
N TYR A 13 12.20 3.49 -0.52
CA TYR A 13 11.79 2.37 -1.36
C TYR A 13 11.86 1.06 -0.58
N SER A 14 12.92 0.90 0.21
CA SER A 14 13.10 -0.30 1.01
C SER A 14 12.02 -0.40 2.07
N ARG A 15 11.67 0.74 2.66
CA ARG A 15 10.65 0.81 3.70
C ARG A 15 9.30 0.33 3.15
N ILE A 16 8.97 0.79 1.95
CA ILE A 16 7.71 0.40 1.33
C ILE A 16 7.78 -1.06 0.86
N SER A 17 8.85 -1.39 0.17
CA SER A 17 9.05 -2.75 -0.34
C SER A 17 9.01 -3.79 0.77
N ASN A 18 9.66 -3.50 1.90
CA ASN A 18 9.70 -4.44 3.01
C ASN A 18 8.31 -4.69 3.58
N LEU A 19 7.45 -3.68 3.54
CA LEU A 19 6.08 -3.81 4.04
C LEU A 19 5.37 -4.94 3.31
N ILE A 20 5.57 -5.02 2.01
CA ILE A 20 4.94 -6.04 1.18
C ILE A 20 5.43 -7.43 1.56
N VAL A 21 6.74 -7.57 1.67
CA VAL A 21 7.35 -8.84 2.00
C VAL A 21 6.93 -9.29 3.41
N LEU A 22 7.08 -8.38 4.37
CA LEU A 22 6.73 -8.68 5.76
C LEU A 22 5.26 -9.04 5.91
N HIS A 23 4.39 -8.21 5.33
CA HIS A 23 2.95 -8.44 5.42
C HIS A 23 2.59 -9.81 4.84
N LEU A 24 3.14 -10.12 3.67
CA LEU A 24 2.85 -11.41 3.03
C LEU A 24 3.42 -12.55 3.86
N ARG A 25 4.60 -12.35 4.43
CA ARG A 25 5.24 -13.38 5.26
C ARG A 25 4.36 -13.74 6.45
N LYS A 26 3.84 -12.72 7.12
CA LYS A 26 2.97 -12.94 8.25
C LYS A 26 1.66 -13.58 7.81
N VAL A 27 1.14 -13.09 6.69
CA VAL A 27 -0.11 -13.60 6.14
C VAL A 27 0.02 -15.06 5.73
N GLU A 28 1.04 -15.39 4.93
CA GLU A 28 1.25 -16.75 4.46
C GLU A 28 1.47 -17.72 5.62
N GLU A 29 2.07 -17.23 6.69
CA GLU A 29 2.34 -18.06 7.84
C GLU A 29 1.06 -18.32 8.64
N GLU A 30 0.22 -17.30 8.74
CA GLU A 30 -1.02 -17.42 9.51
C GLU A 30 -2.17 -18.00 8.71
N GLU A 31 -2.60 -17.31 7.66
CA GLU A 31 -3.75 -17.77 6.87
C GLU A 31 -3.37 -18.12 5.42
N ASP A 32 -2.09 -17.96 5.11
CA ASP A 32 -1.54 -18.27 3.78
C ASP A 32 -2.04 -17.28 2.71
N GLU A 33 -3.29 -17.43 2.29
CA GLU A 33 -3.84 -16.56 1.27
C GLU A 33 -4.95 -15.70 1.87
N SER A 34 -4.55 -14.58 2.48
CA SER A 34 -5.51 -13.69 3.10
C SER A 34 -5.46 -12.31 2.46
N ALA A 35 -5.11 -12.28 1.18
CA ALA A 35 -5.02 -11.04 0.41
C ALA A 35 -4.11 -10.01 1.11
N LEU A 36 -4.42 -8.73 0.92
CA LEU A 36 -3.65 -7.66 1.53
C LEU A 36 -4.47 -6.38 1.69
N LYS A 37 -5.32 -6.10 0.70
CA LYS A 37 -6.17 -4.91 0.69
C LYS A 37 -5.33 -3.64 0.59
N ARG A 38 -5.29 -3.04 -0.60
CA ARG A 38 -4.49 -1.84 -0.84
C ARG A 38 -4.79 -0.71 0.16
N SER A 39 -6.06 -0.36 0.29
CA SER A 39 -6.48 0.71 1.20
C SER A 39 -6.04 0.43 2.63
N GLU A 40 -6.12 -0.83 3.04
CA GLU A 40 -5.75 -1.25 4.37
C GLU A 40 -4.23 -1.28 4.52
N LEU A 41 -3.55 -1.82 3.50
CA LEU A 41 -2.10 -1.92 3.49
C LEU A 41 -1.47 -0.56 3.72
N VAL A 42 -1.92 0.41 2.95
CA VAL A 42 -1.41 1.77 3.07
C VAL A 42 -1.84 2.35 4.42
N ASN A 43 -3.07 2.06 4.80
CA ASN A 43 -3.66 2.55 6.05
C ASN A 43 -2.79 2.27 7.27
N TRP A 44 -2.52 1.00 7.56
CA TRP A 44 -1.71 0.66 8.72
C TRP A 44 -0.26 1.11 8.53
N TYR A 45 0.18 1.15 7.28
CA TYR A 45 1.55 1.60 6.98
C TYR A 45 1.74 3.03 7.45
N LEU A 46 0.77 3.87 7.13
CA LEU A 46 0.82 5.27 7.51
C LEU A 46 0.82 5.41 9.02
N LYS A 47 0.02 4.60 9.69
CA LYS A 47 -0.05 4.64 11.15
C LYS A 47 1.30 4.26 11.78
N GLU A 48 2.10 3.53 11.04
CA GLU A 48 3.41 3.09 11.51
C GLU A 48 4.48 4.15 11.30
N ILE A 49 4.28 5.00 10.32
CA ILE A 49 5.26 6.05 10.00
C ILE A 49 4.74 7.45 10.30
N GLU A 50 3.50 7.55 10.71
CA GLU A 50 2.90 8.86 10.99
C GLU A 50 3.62 9.62 12.10
N SER A 51 4.33 8.90 12.96
CA SER A 51 5.07 9.54 14.04
C SER A 51 6.48 9.92 13.60
N GLU A 52 6.96 9.29 12.52
CA GLU A 52 8.30 9.58 12.02
C GLU A 52 8.22 10.77 11.08
N ILE A 53 7.07 10.90 10.43
CA ILE A 53 6.82 11.98 9.51
C ILE A 53 6.53 13.26 10.27
N ASP A 54 7.29 14.30 9.99
CA ASP A 54 7.11 15.58 10.64
C ASP A 54 6.63 16.61 9.63
N SER A 55 6.93 16.36 8.36
CA SER A 55 6.55 17.26 7.28
C SER A 55 5.48 16.65 6.40
N GLU A 56 4.75 17.49 5.70
CA GLU A 56 3.69 17.05 4.81
C GLU A 56 4.29 16.31 3.61
N GLU A 57 5.42 16.82 3.13
CA GLU A 57 6.11 16.24 1.99
C GLU A 57 6.47 14.77 2.22
N GLU A 58 7.01 14.47 3.39
CA GLU A 58 7.40 13.11 3.73
C GLU A 58 6.19 12.17 3.67
N LEU A 59 5.07 12.65 4.22
CA LEU A 59 3.85 11.85 4.24
C LEU A 59 3.34 11.62 2.83
N ILE A 60 3.27 12.69 2.04
CA ILE A 60 2.82 12.59 0.66
C ILE A 60 3.74 11.65 -0.12
N ASN A 61 5.04 11.77 0.14
CA ASN A 61 6.04 10.92 -0.52
C ASN A 61 5.78 9.45 -0.20
N LYS A 62 5.58 9.15 1.08
CA LYS A 62 5.34 7.79 1.52
C LYS A 62 4.07 7.22 0.92
N LYS A 63 2.98 7.99 0.98
CA LYS A 63 1.71 7.55 0.44
C LYS A 63 1.76 7.43 -1.08
N ARG A 64 2.51 8.32 -1.71
CA ARG A 64 2.66 8.31 -3.16
C ARG A 64 3.33 7.02 -3.60
N ILE A 65 4.39 6.63 -2.90
CA ILE A 65 5.13 5.42 -3.25
C ILE A 65 4.34 4.16 -2.89
N ILE A 66 3.84 4.09 -1.67
CA ILE A 66 3.11 2.90 -1.22
C ILE A 66 1.92 2.58 -2.15
N GLU A 67 1.15 3.60 -2.53
CA GLU A 67 0.00 3.39 -3.40
C GLU A 67 0.47 3.10 -4.83
N LYS A 68 1.55 3.76 -5.24
CA LYS A 68 2.09 3.57 -6.59
C LYS A 68 2.61 2.14 -6.76
N VAL A 69 3.22 1.60 -5.69
CA VAL A 69 3.73 0.24 -5.73
C VAL A 69 2.59 -0.75 -5.93
N ILE A 70 1.50 -0.54 -5.20
CA ILE A 70 0.32 -1.38 -5.32
C ILE A 70 -0.28 -1.22 -6.72
N HIS A 71 -0.29 0.01 -7.20
CA HIS A 71 -0.80 0.34 -8.53
C HIS A 71 0.03 -0.34 -9.61
N ARG A 72 1.33 -0.43 -9.38
CA ARG A 72 2.25 -1.06 -10.32
C ARG A 72 2.05 -2.57 -10.32
N LEU A 73 1.93 -3.13 -9.13
CA LEU A 73 1.74 -4.57 -8.96
C LEU A 73 0.51 -5.07 -9.69
N THR A 74 -0.57 -4.30 -9.63
CA THR A 74 -1.82 -4.69 -10.25
C THR A 74 -1.88 -4.35 -11.75
N HIS A 75 -0.84 -3.73 -12.28
CA HIS A 75 -0.83 -3.36 -13.70
C HIS A 75 0.46 -3.78 -14.38
N TYR A 76 1.52 -3.02 -14.14
CA TYR A 76 2.83 -3.27 -14.75
C TYR A 76 3.38 -4.63 -14.34
N ASP A 77 3.38 -4.90 -13.04
CA ASP A 77 3.89 -6.17 -12.54
C ASP A 77 3.01 -7.32 -13.03
N HIS A 78 1.70 -7.17 -12.79
CA HIS A 78 0.71 -8.17 -13.21
C HIS A 78 0.99 -9.53 -12.58
N VAL A 79 1.57 -9.51 -11.39
CA VAL A 79 1.89 -10.75 -10.67
C VAL A 79 1.01 -10.86 -9.42
N LEU A 80 -0.18 -10.32 -9.54
CA LEU A 80 -1.16 -10.32 -8.46
C LEU A 80 -2.06 -11.56 -8.56
N ILE A 81 -2.70 -11.91 -7.46
CA ILE A 81 -3.59 -13.06 -7.42
C ILE A 81 -4.99 -12.64 -6.96
N GLU A 82 -6.01 -13.00 -7.74
CA GLU A 82 -7.38 -12.66 -7.40
C GLU A 82 -8.33 -13.76 -7.85
N LEU A 83 -9.46 -13.89 -7.16
CA LEU A 83 -10.45 -14.90 -7.52
C LEU A 83 -11.30 -14.41 -8.69
N THR A 84 -12.35 -13.65 -8.39
CA THR A 84 -13.22 -13.12 -9.42
C THR A 84 -12.91 -11.65 -9.65
N GLN A 85 -12.76 -11.26 -10.90
CA GLN A 85 -12.45 -9.88 -11.23
C GLN A 85 -13.72 -9.05 -11.44
N ALA A 86 -14.80 -9.45 -10.76
CA ALA A 86 -16.06 -8.74 -10.88
C ALA A 86 -16.17 -7.67 -9.80
N GLY A 87 -15.68 -6.48 -10.12
CA GLY A 87 -15.73 -5.38 -9.18
C GLY A 87 -14.60 -5.43 -8.17
N LEU A 88 -14.47 -6.56 -7.48
CA LEU A 88 -13.43 -6.77 -6.47
C LEU A 88 -13.50 -5.70 -5.38
N LYS A 89 -14.72 -5.27 -5.08
CA LYS A 89 -14.95 -4.27 -4.07
C LYS A 89 -15.90 -4.79 -3.01
N GLY A 90 -17.07 -5.24 -3.44
CA GLY A 90 -18.05 -5.77 -2.51
C GLY A 90 -18.81 -4.67 -1.80
N SER A 91 -19.16 -3.63 -2.53
CA SER A 91 -19.88 -2.50 -1.97
C SER A 91 -20.81 -1.90 -3.03
N THR A 92 -21.44 -2.77 -3.81
CA THR A 92 -22.33 -2.33 -4.85
C THR A 92 -23.43 -3.36 -5.10
N GLU A 93 -24.64 -2.86 -5.30
CA GLU A 93 -25.77 -3.71 -5.56
C GLU A 93 -26.19 -3.56 -7.02
N GLY A 94 -25.37 -2.83 -7.77
CA GLY A 94 -25.63 -2.58 -9.16
C GLY A 94 -25.45 -3.83 -10.01
N SER A 95 -24.27 -4.43 -9.91
CA SER A 95 -23.98 -5.64 -10.66
C SER A 95 -24.52 -6.84 -9.90
N GLU A 96 -23.76 -7.28 -8.90
CA GLU A 96 -24.15 -8.42 -8.08
C GLU A 96 -23.56 -8.28 -6.69
N SER A 97 -22.37 -8.83 -6.49
CA SER A 97 -21.69 -8.78 -5.19
C SER A 97 -22.63 -9.23 -4.07
N TYR A 98 -23.39 -10.29 -4.34
CA TYR A 98 -24.35 -10.81 -3.37
C TYR A 98 -23.68 -11.84 -2.49
N GLU A 99 -22.68 -12.52 -3.05
CA GLU A 99 -21.94 -13.53 -2.33
C GLU A 99 -20.65 -12.93 -1.78
N GLU A 100 -19.72 -13.78 -1.37
CA GLU A 100 -18.45 -13.28 -0.85
C GLU A 100 -17.62 -12.67 -1.97
N ASP A 101 -17.09 -11.49 -1.72
CA ASP A 101 -16.28 -10.80 -2.70
C ASP A 101 -14.81 -11.00 -2.41
N PRO A 102 -14.02 -11.35 -3.43
CA PRO A 102 -12.59 -11.59 -3.29
C PRO A 102 -11.79 -10.29 -3.22
N TYR A 103 -10.48 -10.42 -3.08
CA TYR A 103 -9.60 -9.27 -2.99
C TYR A 103 -8.36 -9.47 -3.84
N LEU A 104 -7.33 -8.69 -3.56
CA LEU A 104 -6.08 -8.77 -4.30
C LEU A 104 -4.98 -9.38 -3.44
N VAL A 105 -4.23 -10.28 -4.05
CA VAL A 105 -3.13 -10.95 -3.38
C VAL A 105 -1.87 -10.77 -4.22
N VAL A 106 -0.72 -11.07 -3.66
CA VAL A 106 0.55 -10.94 -4.37
C VAL A 106 1.32 -12.25 -4.30
N ASN A 107 1.94 -12.63 -5.40
CA ASN A 107 2.71 -13.86 -5.46
C ASN A 107 3.95 -13.75 -4.58
N PRO A 108 4.26 -14.79 -3.81
CA PRO A 108 5.43 -14.82 -2.93
C PRO A 108 6.74 -14.60 -3.70
N ASN A 109 6.70 -14.82 -5.00
CA ASN A 109 7.87 -14.64 -5.84
C ASN A 109 7.81 -13.26 -6.49
N TYR A 110 7.83 -12.23 -5.65
CA TYR A 110 7.78 -10.87 -6.12
C TYR A 110 9.20 -10.31 -6.26
N LEU A 111 9.54 -9.91 -7.46
CA LEU A 111 10.87 -9.36 -7.73
C LEU A 111 10.83 -7.84 -7.65
N LEU A 112 12.00 -7.22 -7.71
CA LEU A 112 12.07 -5.79 -7.65
C LEU A 112 12.14 -5.19 -9.06
N GLU A 113 12.16 -3.87 -9.12
CA GLU A 113 12.19 -3.15 -10.39
C GLU A 113 13.43 -3.49 -11.22
N ASP A 114 14.60 -3.37 -10.59
CA ASP A 114 15.86 -3.65 -11.29
C ASP A 114 16.83 -4.38 -10.38
N SER B 1 -13.21 18.81 -7.08
CA SER B 1 -13.30 17.97 -8.31
C SER B 1 -11.95 17.85 -8.98
N ALA B 2 -11.10 18.87 -8.80
CA ALA B 2 -9.78 18.89 -9.41
C ALA B 2 -8.76 18.16 -8.55
N LEU B 3 -7.74 17.62 -9.19
CA LEU B 3 -6.66 16.88 -8.51
C LEU B 3 -7.22 15.74 -7.67
N LYS B 4 -8.18 15.02 -8.22
CA LYS B 4 -8.80 13.91 -7.52
C LYS B 4 -8.30 12.57 -8.03
N GLY B 5 -7.00 12.47 -8.27
CA GLY B 5 -6.41 11.23 -8.74
C GLY B 5 -6.25 10.23 -7.61
N VAL B 6 -5.87 9.00 -7.94
CA VAL B 6 -5.69 7.98 -6.92
C VAL B 6 -4.43 8.26 -6.11
N SER B 7 -4.64 8.84 -4.92
CA SER B 7 -3.58 9.19 -3.99
C SER B 7 -4.14 10.17 -2.95
N GLN B 8 -4.97 11.09 -3.46
CA GLN B 8 -5.59 12.11 -2.62
C GLN B 8 -6.45 11.50 -1.52
N ASP B 9 -7.06 10.37 -1.80
CA ASP B 9 -7.92 9.69 -0.85
C ASP B 9 -7.20 9.46 0.48
N LEU B 10 -6.01 8.88 0.41
CA LEU B 10 -5.23 8.62 1.61
C LEU B 10 -4.44 9.87 2.01
N LEU B 11 -4.40 10.84 1.12
CA LEU B 11 -3.68 12.09 1.39
C LEU B 11 -4.58 13.07 2.15
N GLU B 12 -5.85 12.69 2.31
CA GLU B 12 -6.82 13.52 3.02
C GLU B 12 -6.44 13.66 4.50
N ARG B 13 -5.52 12.84 4.96
CA ARG B 13 -5.07 12.92 6.34
C ARG B 13 -3.99 13.99 6.46
N ILE B 14 -3.35 14.30 5.34
CA ILE B 14 -2.28 15.30 5.29
C ILE B 14 -2.79 16.68 5.69
N ARG B 15 -4.01 17.01 5.26
CA ARG B 15 -4.60 18.31 5.59
C ARG B 15 -4.74 18.45 7.11
N ALA B 16 -4.92 17.33 7.79
CA ALA B 16 -5.03 17.32 9.24
C ALA B 16 -3.65 17.26 9.85
N LYS B 17 -2.78 16.47 9.21
CA LYS B 17 -1.40 16.29 9.64
C LYS B 17 -0.67 17.63 9.63
N GLU B 18 -1.01 18.47 8.67
CA GLU B 18 -0.41 19.79 8.53
C GLU B 18 -0.50 20.56 9.85
N ALA B 19 -1.72 20.83 10.29
CA ALA B 19 -1.96 21.55 11.53
C ALA B 19 -1.50 20.76 12.74
N GLN B 20 -1.62 19.43 12.67
CA GLN B 20 -1.22 18.55 13.77
C GLN B 20 0.24 18.77 14.14
N LYS B 21 1.11 18.84 13.16
CA LYS B 21 2.53 19.05 13.40
C LYS B 21 2.84 20.54 13.47
N GLN B 22 1.98 21.34 12.85
CA GLN B 22 2.13 22.79 12.84
C GLN B 22 2.10 23.36 14.25
N LEU B 23 1.24 22.78 15.09
CA LEU B 23 1.11 23.22 16.47
C LEU B 23 2.29 22.73 17.31
N ALA B 24 3.05 21.78 16.77
CA ALA B 24 4.20 21.25 17.48
C ALA B 24 5.42 22.14 17.27
N GLN B 25 5.98 22.11 16.06
CA GLN B 25 7.15 22.92 15.75
C GLN B 25 7.35 23.02 14.23
N MET B 26 6.38 22.56 13.46
CA MET B 26 6.46 22.59 12.01
C MET B 26 6.39 24.02 11.48
N THR B 27 5.77 24.91 12.27
CA THR B 27 5.61 26.32 11.91
C THR B 27 4.79 26.49 10.63
N ARG B 28 5.47 26.44 9.48
CA ARG B 28 4.81 26.57 8.18
C ARG B 28 3.90 27.80 8.13
N TRP B 29 4.44 28.94 8.52
CA TRP B 29 3.66 30.17 8.53
C TRP B 29 4.60 31.37 8.48
N ALA A 1 25.11 -2.35 -12.34
CA ALA A 1 26.21 -3.22 -11.86
C ALA A 1 25.72 -4.67 -11.78
N PRO A 2 26.52 -5.62 -12.27
CA PRO A 2 26.17 -7.04 -12.27
C PRO A 2 26.03 -7.62 -10.85
N LYS A 3 26.73 -7.04 -9.89
CA LYS A 3 26.66 -7.52 -8.51
C LYS A 3 25.60 -6.74 -7.73
N ALA A 4 24.68 -6.11 -8.45
CA ALA A 4 23.62 -5.34 -7.83
C ALA A 4 22.33 -5.50 -8.61
N SER A 5 21.22 -5.14 -8.00
CA SER A 5 19.92 -5.24 -8.66
C SER A 5 19.25 -3.87 -8.75
N LEU A 6 18.83 -3.36 -7.60
CA LEU A 6 18.18 -2.06 -7.55
C LEU A 6 18.70 -1.23 -6.38
N ARG A 7 19.37 -1.88 -5.44
CA ARG A 7 19.92 -1.20 -4.28
C ARG A 7 21.11 -0.34 -4.69
N LEU A 8 20.85 0.94 -4.90
CA LEU A 8 21.87 1.89 -5.30
C LEU A 8 21.46 3.29 -4.87
N GLY A 9 20.27 3.70 -5.28
CA GLY A 9 19.74 5.00 -4.94
C GLY A 9 18.25 4.99 -4.80
N PHE A 10 17.73 3.90 -4.26
CA PHE A 10 16.29 3.74 -4.08
C PHE A 10 15.98 3.44 -2.62
N SER A 11 16.22 4.44 -1.77
CA SER A 11 15.99 4.30 -0.34
C SER A 11 14.53 4.02 0.00
N GLU A 12 13.62 4.77 -0.59
CA GLU A 12 12.19 4.58 -0.32
C GLU A 12 11.70 3.28 -0.95
N TYR A 13 12.22 2.97 -2.13
CA TYR A 13 11.82 1.77 -2.84
C TYR A 13 12.06 0.50 -2.01
N SER A 14 13.22 0.44 -1.36
CA SER A 14 13.58 -0.72 -0.55
C SER A 14 12.77 -0.76 0.75
N ARG A 15 12.40 0.40 1.26
CA ARG A 15 11.63 0.49 2.49
C ARG A 15 10.19 0.02 2.28
N ILE A 16 9.63 0.36 1.13
CA ILE A 16 8.26 -0.02 0.79
C ILE A 16 8.18 -1.49 0.35
N SER A 17 9.06 -1.88 -0.57
CA SER A 17 9.08 -3.25 -1.07
C SER A 17 9.15 -4.27 0.05
N ASN A 18 10.03 -4.02 1.03
CA ASN A 18 10.19 -4.92 2.16
C ASN A 18 8.91 -4.97 3.00
N LEU A 19 8.25 -3.82 3.12
CA LEU A 19 7.01 -3.71 3.88
C LEU A 19 5.96 -4.64 3.25
N ILE A 20 5.97 -4.73 1.93
CA ILE A 20 5.03 -5.58 1.21
C ILE A 20 5.33 -7.06 1.44
N VAL A 21 6.57 -7.46 1.21
CA VAL A 21 6.97 -8.86 1.38
C VAL A 21 6.89 -9.31 2.84
N LEU A 22 7.30 -8.45 3.76
CA LEU A 22 7.28 -8.79 5.18
C LEU A 22 5.86 -8.95 5.70
N HIS A 23 5.00 -7.98 5.38
CA HIS A 23 3.62 -8.04 5.83
C HIS A 23 2.90 -9.25 5.25
N LEU A 24 3.14 -9.51 3.97
CA LEU A 24 2.51 -10.63 3.30
C LEU A 24 2.94 -11.96 3.92
N ARG A 25 4.26 -12.15 4.06
CA ARG A 25 4.78 -13.39 4.63
C ARG A 25 4.30 -13.57 6.07
N LYS A 26 4.07 -12.48 6.76
CA LYS A 26 3.59 -12.52 8.14
C LYS A 26 2.13 -12.95 8.19
N VAL A 27 1.27 -12.27 7.43
CA VAL A 27 -0.16 -12.58 7.44
C VAL A 27 -0.47 -13.96 6.87
N GLU A 28 0.29 -14.42 5.89
CA GLU A 28 0.06 -15.74 5.29
C GLU A 28 0.45 -16.86 6.24
N GLU A 29 1.40 -16.60 7.12
CA GLU A 29 1.87 -17.60 8.05
C GLU A 29 1.14 -17.54 9.39
N GLU A 30 0.87 -16.33 9.87
CA GLU A 30 0.21 -16.14 11.15
C GLU A 30 -1.30 -16.37 11.08
N GLU A 31 -1.99 -15.55 10.32
CA GLU A 31 -3.45 -15.67 10.20
C GLU A 31 -3.85 -16.49 8.98
N ASP A 32 -2.88 -16.82 8.15
CA ASP A 32 -3.11 -17.63 6.94
C ASP A 32 -4.06 -16.89 6.00
N GLU A 33 -3.98 -15.57 6.00
CA GLU A 33 -4.82 -14.74 5.16
C GLU A 33 -3.96 -13.81 4.33
N SER A 34 -3.66 -14.24 3.12
CA SER A 34 -2.84 -13.46 2.21
C SER A 34 -3.68 -12.42 1.45
N ALA A 35 -4.98 -12.70 1.35
CA ALA A 35 -5.89 -11.80 0.66
C ALA A 35 -6.49 -10.79 1.64
N LEU A 36 -6.34 -9.51 1.33
CA LEU A 36 -6.86 -8.45 2.17
C LEU A 36 -7.15 -7.20 1.35
N LYS A 37 -7.33 -6.07 2.04
CA LYS A 37 -7.60 -4.81 1.36
C LYS A 37 -6.29 -4.11 1.01
N ARG A 38 -6.15 -3.69 -0.23
CA ARG A 38 -4.93 -3.04 -0.68
C ARG A 38 -4.71 -1.68 -0.01
N SER A 39 -5.81 -1.00 0.32
CA SER A 39 -5.74 0.30 0.97
C SER A 39 -5.22 0.17 2.41
N GLU A 40 -5.49 -0.98 3.01
CA GLU A 40 -5.06 -1.25 4.38
C GLU A 40 -3.55 -1.38 4.47
N LEU A 41 -2.95 -1.95 3.42
CA LEU A 41 -1.51 -2.15 3.36
C LEU A 41 -0.76 -0.84 3.64
N VAL A 42 -1.12 0.19 2.89
CA VAL A 42 -0.50 1.50 3.06
C VAL A 42 -0.99 2.16 4.35
N ASN A 43 -2.26 1.94 4.67
CA ASN A 43 -2.89 2.55 5.84
C ASN A 43 -2.11 2.30 7.13
N TRP A 44 -1.90 1.03 7.50
CA TRP A 44 -1.18 0.72 8.72
C TRP A 44 0.29 1.13 8.62
N TYR A 45 0.81 1.09 7.39
CA TYR A 45 2.20 1.43 7.13
C TYR A 45 2.50 2.86 7.60
N LEU A 46 1.61 3.77 7.27
CA LEU A 46 1.76 5.17 7.65
C LEU A 46 1.55 5.36 9.14
N LYS A 47 0.55 4.69 9.69
CA LYS A 47 0.25 4.79 11.12
C LYS A 47 1.44 4.34 11.96
N GLU A 48 2.20 3.39 11.44
CA GLU A 48 3.37 2.88 12.15
C GLU A 48 4.49 3.91 12.21
N ILE A 49 4.56 4.76 11.22
CA ILE A 49 5.62 5.77 11.16
C ILE A 49 5.11 7.17 11.52
N GLU A 50 3.80 7.31 11.63
CA GLU A 50 3.18 8.60 11.94
C GLU A 50 3.65 9.15 13.29
N SER A 51 4.23 8.29 14.12
CA SER A 51 4.73 8.68 15.42
C SER A 51 6.09 9.38 15.29
N GLU A 52 6.84 9.02 14.26
CA GLU A 52 8.16 9.60 14.04
C GLU A 52 8.09 10.74 13.02
N ILE A 53 7.02 10.76 12.23
CA ILE A 53 6.85 11.79 11.22
C ILE A 53 6.63 13.14 11.87
N ASP A 54 7.58 14.04 11.67
CA ASP A 54 7.49 15.39 12.22
C ASP A 54 7.28 16.38 11.09
N SER A 55 7.51 15.90 9.87
CA SER A 55 7.35 16.72 8.69
C SER A 55 6.48 15.99 7.68
N GLU A 56 5.47 16.69 7.16
CA GLU A 56 4.56 16.11 6.19
C GLU A 56 5.30 15.61 4.96
N GLU A 57 6.44 16.22 4.67
CA GLU A 57 7.26 15.81 3.52
C GLU A 57 7.53 14.31 3.57
N GLU A 58 7.77 13.80 4.78
CA GLU A 58 8.05 12.39 4.99
C GLU A 58 6.78 11.55 4.80
N LEU A 59 5.72 11.92 5.50
CA LEU A 59 4.45 11.20 5.42
C LEU A 59 3.91 11.19 3.99
N ILE A 60 3.91 12.34 3.35
CA ILE A 60 3.44 12.46 1.98
C ILE A 60 4.32 11.64 1.05
N ASN A 61 5.62 11.60 1.34
CA ASN A 61 6.57 10.84 0.52
C ASN A 61 6.26 9.36 0.61
N LYS A 62 6.22 8.85 1.84
CA LYS A 62 5.95 7.43 2.06
C LYS A 62 4.62 7.02 1.46
N LYS A 63 3.59 7.84 1.67
CA LYS A 63 2.26 7.57 1.14
C LYS A 63 2.28 7.54 -0.38
N ARG A 64 2.95 8.51 -0.97
CA ARG A 64 3.05 8.62 -2.43
C ARG A 64 3.77 7.41 -3.01
N ILE A 65 4.83 6.97 -2.36
CA ILE A 65 5.61 5.83 -2.83
C ILE A 65 4.82 4.53 -2.73
N ILE A 66 4.27 4.25 -1.56
CA ILE A 66 3.50 3.03 -1.35
C ILE A 66 2.29 2.98 -2.28
N GLU A 67 1.61 4.11 -2.44
CA GLU A 67 0.45 4.19 -3.33
C GLU A 67 0.87 3.86 -4.75
N LYS A 68 2.02 4.40 -5.15
CA LYS A 68 2.57 4.18 -6.47
C LYS A 68 2.93 2.71 -6.67
N VAL A 69 3.52 2.11 -5.63
CA VAL A 69 3.89 0.70 -5.69
C VAL A 69 2.65 -0.17 -5.82
N ILE A 70 1.59 0.17 -5.08
CA ILE A 70 0.35 -0.58 -5.15
C ILE A 70 -0.24 -0.45 -6.55
N HIS A 71 -0.12 0.74 -7.14
CA HIS A 71 -0.60 0.99 -8.49
C HIS A 71 0.21 0.16 -9.49
N ARG A 72 1.48 -0.02 -9.19
CA ARG A 72 2.38 -0.81 -10.03
C ARG A 72 2.06 -2.30 -9.89
N LEU A 73 1.92 -2.74 -8.65
CA LEU A 73 1.63 -4.13 -8.33
C LEU A 73 0.34 -4.60 -9.01
N THR A 74 -0.63 -3.71 -9.10
CA THR A 74 -1.92 -4.04 -9.69
C THR A 74 -1.92 -3.93 -11.21
N HIS A 75 -0.92 -3.25 -11.78
CA HIS A 75 -0.89 -3.06 -13.22
C HIS A 75 0.40 -3.56 -13.86
N TYR A 76 1.49 -2.82 -13.65
CA TYR A 76 2.79 -3.17 -14.21
C TYR A 76 3.17 -4.61 -13.91
N ASP A 77 3.36 -4.91 -12.64
CA ASP A 77 3.72 -6.26 -12.21
C ASP A 77 2.54 -7.18 -12.39
N HIS A 78 1.38 -6.71 -11.97
CA HIS A 78 0.12 -7.47 -12.07
C HIS A 78 0.27 -8.84 -11.38
N VAL A 79 1.02 -8.86 -10.28
CA VAL A 79 1.25 -10.09 -9.53
C VAL A 79 0.17 -10.27 -8.47
N LEU A 80 -0.90 -9.51 -8.59
CA LEU A 80 -2.00 -9.58 -7.65
C LEU A 80 -3.03 -10.59 -8.14
N ILE A 81 -3.30 -11.57 -7.30
CA ILE A 81 -4.26 -12.63 -7.62
C ILE A 81 -5.66 -12.24 -7.14
N GLU A 82 -6.64 -12.41 -8.01
CA GLU A 82 -8.01 -12.09 -7.69
C GLU A 82 -8.97 -13.04 -8.39
N LEU A 83 -10.04 -13.44 -7.72
CA LEU A 83 -11.03 -14.32 -8.30
C LEU A 83 -11.76 -13.62 -9.43
N THR A 84 -12.63 -12.70 -9.05
CA THR A 84 -13.40 -11.92 -10.00
C THR A 84 -13.49 -10.48 -9.52
N GLN A 85 -13.44 -9.57 -10.47
CA GLN A 85 -13.51 -8.14 -10.17
C GLN A 85 -14.90 -7.78 -9.62
N ALA A 86 -15.88 -8.59 -9.97
CA ALA A 86 -17.25 -8.36 -9.53
C ALA A 86 -17.37 -8.49 -8.02
N GLY A 87 -17.66 -7.37 -7.37
CA GLY A 87 -17.80 -7.36 -5.93
C GLY A 87 -16.80 -6.42 -5.28
N LEU A 88 -15.53 -6.59 -5.60
CA LEU A 88 -14.48 -5.75 -5.02
C LEU A 88 -14.37 -4.42 -5.76
N LYS A 89 -14.84 -4.39 -6.99
CA LYS A 89 -14.79 -3.17 -7.79
C LYS A 89 -16.02 -2.32 -7.53
N GLY A 90 -17.15 -2.97 -7.33
CA GLY A 90 -18.39 -2.27 -7.07
C GLY A 90 -19.14 -1.96 -8.35
N SER A 91 -19.43 -3.01 -9.11
CA SER A 91 -20.14 -2.87 -10.37
C SER A 91 -21.24 -3.92 -10.46
N THR A 92 -22.47 -3.49 -10.22
CA THR A 92 -23.61 -4.39 -10.27
C THR A 92 -24.00 -4.69 -11.72
N GLU A 93 -24.26 -5.96 -12.01
CA GLU A 93 -24.65 -6.41 -13.36
C GLU A 93 -23.50 -6.19 -14.34
N GLY A 94 -22.63 -7.18 -14.46
CA GLY A 94 -21.52 -7.07 -15.38
C GLY A 94 -21.42 -8.25 -16.33
N SER A 95 -20.20 -8.67 -16.61
CA SER A 95 -19.95 -9.79 -17.51
C SER A 95 -20.44 -11.10 -16.90
N GLU A 96 -20.30 -11.23 -15.59
CA GLU A 96 -20.72 -12.43 -14.89
C GLU A 96 -21.47 -12.08 -13.61
N SER A 97 -20.74 -11.61 -12.60
CA SER A 97 -21.31 -11.23 -11.31
C SER A 97 -22.10 -12.38 -10.68
N TYR A 98 -21.72 -13.62 -11.00
CA TYR A 98 -22.42 -14.78 -10.47
C TYR A 98 -21.73 -15.31 -9.21
N GLU A 99 -20.51 -14.88 -8.98
CA GLU A 99 -19.74 -15.32 -7.83
C GLU A 99 -20.02 -14.43 -6.61
N GLU A 100 -19.33 -14.70 -5.52
CA GLU A 100 -19.50 -13.93 -4.29
C GLU A 100 -18.54 -12.75 -4.28
N ASP A 101 -18.19 -12.30 -3.08
CA ASP A 101 -17.28 -11.17 -2.91
C ASP A 101 -15.89 -11.67 -2.57
N PRO A 102 -14.95 -11.55 -3.51
CA PRO A 102 -13.57 -11.98 -3.32
C PRO A 102 -12.67 -10.86 -2.79
N TYR A 103 -11.36 -11.12 -2.76
CA TYR A 103 -10.42 -10.12 -2.26
C TYR A 103 -9.18 -10.05 -3.15
N LEU A 104 -8.18 -9.34 -2.66
CA LEU A 104 -6.93 -9.18 -3.40
C LEU A 104 -5.79 -9.83 -2.64
N VAL A 105 -5.12 -10.76 -3.29
CA VAL A 105 -4.01 -11.47 -2.67
C VAL A 105 -2.76 -11.34 -3.52
N VAL A 106 -1.62 -11.14 -2.88
CA VAL A 106 -0.37 -11.00 -3.61
C VAL A 106 0.52 -12.22 -3.36
N ASN A 107 1.42 -12.49 -4.30
CA ASN A 107 2.34 -13.61 -4.20
C ASN A 107 3.27 -13.45 -3.00
N PRO A 108 3.76 -14.57 -2.44
CA PRO A 108 4.68 -14.56 -1.29
C PRO A 108 6.08 -14.06 -1.65
N ASN A 109 6.19 -13.50 -2.84
CA ASN A 109 7.42 -12.97 -3.34
C ASN A 109 7.12 -11.67 -4.07
N TYR A 110 8.00 -11.30 -4.97
CA TYR A 110 7.87 -10.07 -5.74
C TYR A 110 9.09 -9.90 -6.64
N LEU A 111 8.91 -9.31 -7.80
CA LEU A 111 10.02 -9.11 -8.73
C LEU A 111 10.22 -7.62 -8.98
N LEU A 112 11.28 -7.27 -9.69
CA LEU A 112 11.59 -5.88 -9.98
C LEU A 112 11.54 -5.62 -11.48
N GLU A 113 11.29 -4.37 -11.83
CA GLU A 113 11.22 -3.98 -13.24
C GLU A 113 12.63 -3.92 -13.83
N ASP A 114 13.58 -3.57 -12.98
CA ASP A 114 14.98 -3.47 -13.39
C ASP A 114 15.68 -4.81 -13.22
N SER B 1 -13.39 17.16 1.00
CA SER B 1 -14.36 17.93 0.18
C SER B 1 -15.14 17.01 -0.77
N ALA B 2 -14.80 15.71 -0.75
CA ALA B 2 -15.45 14.72 -1.61
C ALA B 2 -15.32 15.06 -3.08
N LEU B 3 -14.16 15.56 -3.46
CA LEU B 3 -13.89 15.92 -4.84
C LEU B 3 -13.15 14.79 -5.53
N LYS B 4 -13.75 14.26 -6.59
CA LYS B 4 -13.21 13.15 -7.37
C LYS B 4 -13.25 11.84 -6.56
N GLY B 5 -12.40 11.76 -5.55
CA GLY B 5 -12.36 10.58 -4.71
C GLY B 5 -11.72 9.38 -5.39
N VAL B 6 -10.48 9.56 -5.83
CA VAL B 6 -9.76 8.48 -6.48
C VAL B 6 -8.28 8.50 -6.14
N SER B 7 -7.86 7.55 -5.30
CA SER B 7 -6.46 7.39 -4.87
C SER B 7 -6.02 8.49 -3.90
N GLN B 8 -6.29 9.75 -4.24
CA GLN B 8 -5.91 10.89 -3.41
C GLN B 8 -6.50 10.82 -2.02
N ASP B 9 -7.55 10.02 -1.84
CA ASP B 9 -8.23 9.86 -0.55
C ASP B 9 -7.25 9.40 0.52
N LEU B 10 -6.25 8.64 0.12
CA LEU B 10 -5.25 8.14 1.04
C LEU B 10 -4.45 9.28 1.65
N LEU B 11 -3.97 10.19 0.80
CA LEU B 11 -3.17 11.33 1.25
C LEU B 11 -4.06 12.48 1.73
N GLU B 12 -5.36 12.36 1.52
CA GLU B 12 -6.30 13.39 1.94
C GLU B 12 -6.24 13.57 3.44
N ARG B 13 -5.95 12.48 4.14
CA ARG B 13 -5.83 12.49 5.58
C ARG B 13 -4.73 13.45 6.01
N ILE B 14 -3.67 13.50 5.21
CA ILE B 14 -2.53 14.37 5.47
C ILE B 14 -2.95 15.83 5.49
N ARG B 15 -3.91 16.18 4.63
CA ARG B 15 -4.39 17.55 4.54
C ARG B 15 -5.16 17.93 5.79
N ALA B 16 -5.79 16.94 6.42
CA ALA B 16 -6.54 17.18 7.64
C ALA B 16 -5.63 17.21 8.85
N LYS B 17 -4.60 16.37 8.83
CA LYS B 17 -3.65 16.30 9.95
C LYS B 17 -2.59 17.40 9.86
N GLU B 18 -2.56 18.08 8.72
CA GLU B 18 -1.59 19.16 8.49
C GLU B 18 -1.74 20.24 9.57
N ALA B 19 -2.95 20.73 9.73
CA ALA B 19 -3.24 21.77 10.72
C ALA B 19 -2.98 21.25 12.13
N GLN B 20 -3.21 19.97 12.34
CA GLN B 20 -3.01 19.34 13.65
C GLN B 20 -1.52 19.27 13.97
N LYS B 21 -0.73 18.93 12.97
CA LYS B 21 0.73 18.82 13.13
C LYS B 21 1.34 20.18 13.42
N GLN B 22 0.84 21.19 12.70
CA GLN B 22 1.35 22.55 12.88
C GLN B 22 0.85 23.17 14.18
N LEU B 23 -0.46 23.33 14.30
CA LEU B 23 -1.04 23.93 15.49
C LEU B 23 -1.72 22.88 16.37
N ALA B 24 -2.92 22.48 15.98
CA ALA B 24 -3.70 21.49 16.72
C ALA B 24 -5.01 21.21 15.99
N GLN B 25 -5.68 22.29 15.58
CA GLN B 25 -6.94 22.17 14.87
C GLN B 25 -6.86 22.96 13.55
N MET B 26 -7.79 22.68 12.65
CA MET B 26 -7.82 23.36 11.37
C MET B 26 -8.63 24.65 11.47
N THR B 27 -9.75 24.56 12.18
CA THR B 27 -10.65 25.70 12.38
C THR B 27 -11.91 25.24 13.10
N ARG B 28 -12.25 23.98 12.89
CA ARG B 28 -13.44 23.38 13.49
C ARG B 28 -13.30 21.87 13.45
N TRP B 29 -14.42 21.16 13.61
CA TRP B 29 -14.42 19.69 13.58
C TRP B 29 -13.50 19.14 14.66
N ALA A 1 28.92 0.34 -20.32
CA ALA A 1 27.98 1.19 -19.56
C ALA A 1 27.96 0.78 -18.11
N PRO A 2 27.86 1.75 -17.17
CA PRO A 2 27.83 1.46 -15.74
C PRO A 2 26.58 0.72 -15.32
N LYS A 3 26.69 -0.60 -15.22
CA LYS A 3 25.55 -1.43 -14.84
C LYS A 3 25.49 -1.62 -13.34
N ALA A 4 24.27 -1.68 -12.83
CA ALA A 4 24.02 -1.89 -11.42
C ALA A 4 22.75 -2.72 -11.25
N SER A 5 22.40 -3.04 -10.01
CA SER A 5 21.21 -3.83 -9.76
C SER A 5 20.02 -2.92 -9.48
N LEU A 6 19.93 -2.43 -8.25
CA LEU A 6 18.83 -1.55 -7.86
C LEU A 6 19.09 -1.00 -6.46
N ARG A 7 19.97 -0.03 -6.35
CA ARG A 7 20.28 0.57 -5.06
C ARG A 7 20.72 2.03 -5.22
N LEU A 8 20.62 2.53 -6.45
CA LEU A 8 20.99 3.91 -6.75
C LEU A 8 20.11 4.90 -5.97
N GLY A 9 18.88 5.05 -6.42
CA GLY A 9 17.93 5.93 -5.75
C GLY A 9 16.62 5.23 -5.49
N PHE A 10 16.70 4.10 -4.82
CA PHE A 10 15.50 3.31 -4.53
C PHE A 10 15.38 3.05 -3.04
N SER A 11 15.89 3.98 -2.23
CA SER A 11 15.83 3.86 -0.78
C SER A 11 14.38 3.82 -0.31
N GLU A 12 13.54 4.64 -0.93
CA GLU A 12 12.14 4.70 -0.57
C GLU A 12 11.44 3.42 -1.04
N TYR A 13 11.81 2.98 -2.24
CA TYR A 13 11.24 1.77 -2.82
C TYR A 13 11.51 0.57 -1.93
N SER A 14 12.77 0.41 -1.52
CA SER A 14 13.15 -0.71 -0.67
C SER A 14 12.38 -0.68 0.65
N ARG A 15 12.11 0.52 1.14
CA ARG A 15 11.37 0.70 2.39
C ARG A 15 9.90 0.30 2.23
N ILE A 16 9.32 0.64 1.09
CA ILE A 16 7.92 0.32 0.83
C ILE A 16 7.76 -1.16 0.47
N SER A 17 8.58 -1.63 -0.47
CA SER A 17 8.54 -3.02 -0.89
C SER A 17 8.76 -3.96 0.30
N ASN A 18 9.55 -3.49 1.27
CA ASN A 18 9.83 -4.27 2.48
C ASN A 18 8.55 -4.50 3.27
N LEU A 19 7.64 -3.53 3.22
CA LEU A 19 6.37 -3.63 3.92
C LEU A 19 5.52 -4.74 3.30
N ILE A 20 5.60 -4.84 1.97
CA ILE A 20 4.84 -5.84 1.23
C ILE A 20 5.17 -7.25 1.68
N VAL A 21 6.46 -7.58 1.70
CA VAL A 21 6.88 -8.91 2.10
C VAL A 21 6.65 -9.14 3.59
N LEU A 22 6.98 -8.15 4.41
CA LEU A 22 6.80 -8.26 5.85
C LEU A 22 5.35 -8.48 6.23
N HIS A 23 4.47 -7.63 5.71
CA HIS A 23 3.05 -7.74 6.02
C HIS A 23 2.49 -9.07 5.53
N LEU A 24 2.84 -9.46 4.31
CA LEU A 24 2.36 -10.73 3.76
C LEU A 24 2.82 -11.90 4.64
N ARG A 25 4.08 -11.87 5.06
CA ARG A 25 4.63 -12.93 5.91
C ARG A 25 3.80 -13.11 7.18
N LYS A 26 3.40 -11.98 7.76
CA LYS A 26 2.60 -12.00 8.98
C LYS A 26 1.18 -12.46 8.69
N VAL A 27 0.61 -11.94 7.61
CA VAL A 27 -0.75 -12.26 7.21
C VAL A 27 -0.91 -13.73 6.82
N GLU A 28 0.01 -14.24 6.01
CA GLU A 28 -0.03 -15.63 5.57
C GLU A 28 0.06 -16.58 6.75
N GLU A 29 0.72 -16.13 7.80
CA GLU A 29 0.90 -16.91 9.01
C GLU A 29 -0.40 -16.93 9.82
N GLU A 30 -1.07 -15.79 9.86
CA GLU A 30 -2.30 -15.63 10.63
C GLU A 30 -3.54 -16.14 9.91
N GLU A 31 -3.92 -15.49 8.82
CA GLU A 31 -5.12 -15.89 8.08
C GLU A 31 -4.80 -16.53 6.75
N ASP A 32 -3.55 -16.40 6.29
CA ASP A 32 -3.08 -16.98 5.02
C ASP A 32 -3.66 -16.24 3.81
N GLU A 33 -4.88 -15.77 3.92
CA GLU A 33 -5.56 -15.07 2.84
C GLU A 33 -5.60 -13.58 3.12
N SER A 34 -4.58 -12.87 2.68
CA SER A 34 -4.50 -11.42 2.86
C SER A 34 -5.73 -10.76 2.23
N ALA A 35 -6.05 -11.19 1.01
CA ALA A 35 -7.21 -10.69 0.28
C ALA A 35 -7.26 -9.16 0.19
N LEU A 36 -8.48 -8.62 0.13
CA LEU A 36 -8.70 -7.18 0.00
C LEU A 36 -8.03 -6.37 1.11
N LYS A 37 -7.08 -5.52 0.72
CA LYS A 37 -6.37 -4.66 1.67
C LYS A 37 -5.51 -3.63 0.93
N ARG A 38 -5.97 -3.18 -0.24
CA ARG A 38 -5.25 -2.20 -1.04
C ARG A 38 -5.07 -0.89 -0.26
N SER A 39 -6.17 -0.38 0.27
CA SER A 39 -6.14 0.86 1.03
C SER A 39 -5.62 0.62 2.44
N GLU A 40 -6.00 -0.52 3.03
CA GLU A 40 -5.58 -0.89 4.38
C GLU A 40 -4.07 -1.03 4.47
N LEU A 41 -3.47 -1.62 3.45
CA LEU A 41 -2.01 -1.81 3.41
C LEU A 41 -1.29 -0.50 3.65
N VAL A 42 -1.69 0.53 2.94
CA VAL A 42 -1.09 1.84 3.09
C VAL A 42 -1.51 2.48 4.40
N ASN A 43 -2.78 2.27 4.73
CA ASN A 43 -3.37 2.82 5.95
C ASN A 43 -2.51 2.54 7.18
N TRP A 44 -2.26 1.27 7.48
CA TRP A 44 -1.44 0.92 8.64
C TRP A 44 0.00 1.36 8.45
N TYR A 45 0.46 1.39 7.20
CA TYR A 45 1.81 1.80 6.88
C TYR A 45 2.03 3.23 7.31
N LEU A 46 1.08 4.07 6.97
CA LEU A 46 1.13 5.49 7.29
C LEU A 46 0.98 5.69 8.78
N LYS A 47 0.05 4.96 9.39
CA LYS A 47 -0.20 5.05 10.83
C LYS A 47 1.07 4.78 11.63
N GLU A 48 1.94 3.95 11.08
CA GLU A 48 3.18 3.59 11.74
C GLU A 48 4.29 4.61 11.49
N ILE A 49 4.52 4.92 10.22
CA ILE A 49 5.59 5.85 9.84
C ILE A 49 5.27 7.30 10.20
N GLU A 50 3.99 7.62 10.37
CA GLU A 50 3.57 8.97 10.69
C GLU A 50 4.12 9.43 12.04
N SER A 51 4.62 8.48 12.82
CA SER A 51 5.16 8.80 14.13
C SER A 51 6.49 9.58 13.99
N GLU A 52 7.18 9.37 12.89
CA GLU A 52 8.46 10.05 12.67
C GLU A 52 8.30 11.16 11.63
N ILE A 53 7.16 11.22 10.98
CA ILE A 53 6.89 12.23 9.97
C ILE A 53 6.59 13.57 10.62
N ASP A 54 7.42 14.55 10.34
CA ASP A 54 7.23 15.89 10.89
C ASP A 54 6.96 16.88 9.77
N SER A 55 7.25 16.46 8.56
CA SER A 55 7.06 17.31 7.39
C SER A 55 6.04 16.71 6.44
N GLU A 56 5.27 17.57 5.79
CA GLU A 56 4.24 17.14 4.85
C GLU A 56 4.86 16.38 3.68
N GLU A 57 6.02 16.83 3.24
CA GLU A 57 6.70 16.21 2.12
C GLU A 57 7.00 14.74 2.39
N GLU A 58 7.36 14.43 3.64
CA GLU A 58 7.65 13.05 4.02
C GLU A 58 6.41 12.19 3.86
N LEU A 59 5.30 12.70 4.36
CA LEU A 59 4.02 12.01 4.29
C LEU A 59 3.56 11.85 2.85
N ILE A 60 3.69 12.92 2.07
CA ILE A 60 3.29 12.87 0.67
C ILE A 60 4.16 11.90 -0.11
N ASN A 61 5.47 11.96 0.11
CA ASN A 61 6.40 11.07 -0.57
C ASN A 61 6.07 9.61 -0.29
N LYS A 62 5.93 9.28 0.98
CA LYS A 62 5.62 7.92 1.39
C LYS A 62 4.30 7.46 0.78
N LYS A 63 3.32 8.34 0.80
CA LYS A 63 2.01 8.02 0.23
C LYS A 63 2.07 7.90 -1.28
N ARG A 64 2.95 8.67 -1.91
CA ARG A 64 3.11 8.64 -3.35
C ARG A 64 3.87 7.40 -3.81
N ILE A 65 4.86 6.99 -3.03
CA ILE A 65 5.67 5.82 -3.36
C ILE A 65 4.87 4.54 -3.15
N ILE A 66 4.15 4.48 -2.04
CA ILE A 66 3.35 3.30 -1.72
C ILE A 66 2.29 3.03 -2.79
N GLU A 67 1.64 4.09 -3.29
CA GLU A 67 0.61 3.93 -4.32
C GLU A 67 1.27 3.52 -5.65
N LYS A 68 2.51 3.96 -5.85
CA LYS A 68 3.24 3.63 -7.06
C LYS A 68 3.53 2.13 -7.09
N VAL A 69 4.05 1.63 -5.98
CA VAL A 69 4.38 0.21 -5.85
C VAL A 69 3.13 -0.65 -5.99
N ILE A 70 2.01 -0.20 -5.42
CA ILE A 70 0.77 -0.94 -5.52
C ILE A 70 0.33 -1.05 -6.98
N HIS A 71 0.43 0.06 -7.70
CA HIS A 71 0.08 0.10 -9.12
C HIS A 71 1.05 -0.80 -9.90
N ARG A 72 2.30 -0.79 -9.47
CA ARG A 72 3.33 -1.60 -10.09
C ARG A 72 3.03 -3.08 -9.87
N LEU A 73 2.57 -3.38 -8.66
CA LEU A 73 2.23 -4.75 -8.27
C LEU A 73 1.08 -5.31 -9.11
N THR A 74 0.21 -4.43 -9.59
CA THR A 74 -0.92 -4.85 -10.39
C THR A 74 -0.63 -4.85 -11.89
N HIS A 75 0.61 -4.55 -12.26
CA HIS A 75 0.96 -4.51 -13.68
C HIS A 75 2.39 -5.01 -13.93
N TYR A 76 3.37 -4.22 -13.51
CA TYR A 76 4.78 -4.56 -13.71
C TYR A 76 5.15 -5.86 -13.02
N ASP A 77 4.90 -5.94 -11.73
CA ASP A 77 5.23 -7.13 -10.94
C ASP A 77 4.40 -8.33 -11.42
N HIS A 78 3.11 -8.10 -11.60
CA HIS A 78 2.18 -9.12 -12.09
C HIS A 78 2.08 -10.32 -11.13
N VAL A 79 2.47 -10.11 -9.88
CA VAL A 79 2.41 -11.18 -8.89
C VAL A 79 1.19 -11.02 -7.98
N LEU A 80 0.24 -10.23 -8.43
CA LEU A 80 -0.98 -10.01 -7.67
C LEU A 80 -2.04 -11.02 -8.07
N ILE A 81 -2.64 -11.67 -7.09
CA ILE A 81 -3.66 -12.67 -7.33
C ILE A 81 -5.05 -12.04 -7.21
N GLU A 82 -5.90 -12.30 -8.18
CA GLU A 82 -7.26 -11.78 -8.15
C GLU A 82 -8.25 -12.85 -8.62
N LEU A 83 -9.27 -13.05 -7.81
CA LEU A 83 -10.30 -14.04 -8.12
C LEU A 83 -11.54 -13.32 -8.66
N THR A 84 -12.72 -13.88 -8.39
CA THR A 84 -13.95 -13.26 -8.84
C THR A 84 -14.67 -12.62 -7.65
N GLN A 85 -15.74 -11.90 -7.90
CA GLN A 85 -16.49 -11.26 -6.83
C GLN A 85 -17.86 -11.93 -6.70
N ALA A 86 -18.28 -12.59 -7.76
CA ALA A 86 -19.57 -13.27 -7.77
C ALA A 86 -19.44 -14.69 -7.23
N GLY A 87 -18.27 -15.29 -7.42
CA GLY A 87 -18.04 -16.64 -6.96
C GLY A 87 -17.55 -16.67 -5.53
N LEU A 88 -18.18 -15.88 -4.67
CA LEU A 88 -17.80 -15.80 -3.27
C LEU A 88 -18.97 -16.16 -2.37
N LYS A 89 -19.05 -17.43 -2.00
CA LYS A 89 -20.10 -17.94 -1.12
C LYS A 89 -21.49 -17.74 -1.72
N GLY A 90 -21.56 -17.65 -3.05
CA GLY A 90 -22.83 -17.47 -3.72
C GLY A 90 -23.09 -16.02 -4.08
N SER A 91 -24.31 -15.73 -4.51
CA SER A 91 -24.68 -14.38 -4.90
C SER A 91 -26.10 -14.05 -4.44
N THR A 92 -26.33 -12.80 -4.11
CA THR A 92 -27.65 -12.36 -3.66
C THR A 92 -28.57 -12.11 -4.85
N GLU A 93 -28.04 -11.45 -5.87
CA GLU A 93 -28.79 -11.13 -7.07
C GLU A 93 -27.85 -10.86 -8.23
N GLY A 94 -27.80 -11.78 -9.17
CA GLY A 94 -26.93 -11.62 -10.33
C GLY A 94 -25.47 -11.75 -10.00
N SER A 95 -24.63 -11.65 -11.01
CA SER A 95 -23.19 -11.76 -10.82
C SER A 95 -22.50 -10.45 -11.20
N GLU A 96 -22.29 -10.25 -12.50
CA GLU A 96 -21.64 -9.04 -13.02
C GLU A 96 -20.32 -8.76 -12.31
N SER A 97 -20.33 -7.79 -11.39
CA SER A 97 -19.14 -7.42 -10.63
C SER A 97 -17.97 -7.06 -11.57
N TYR A 98 -18.25 -6.20 -12.55
CA TYR A 98 -17.24 -5.78 -13.51
C TYR A 98 -16.78 -4.36 -13.21
N GLU A 99 -17.63 -3.60 -12.53
CA GLU A 99 -17.31 -2.21 -12.20
C GLU A 99 -16.19 -2.14 -11.18
N GLU A 100 -16.34 -2.91 -10.11
CA GLU A 100 -15.33 -2.92 -9.05
C GLU A 100 -14.47 -4.16 -9.15
N ASP A 101 -13.26 -4.07 -8.64
CA ASP A 101 -12.33 -5.19 -8.65
C ASP A 101 -12.51 -6.04 -7.40
N PRO A 102 -12.18 -7.34 -7.49
CA PRO A 102 -12.34 -8.28 -6.38
C PRO A 102 -11.23 -8.16 -5.33
N TYR A 103 -10.97 -9.27 -4.64
CA TYR A 103 -9.94 -9.33 -3.60
C TYR A 103 -8.55 -9.35 -4.22
N LEU A 104 -7.70 -8.43 -3.78
CA LEU A 104 -6.33 -8.35 -4.28
C LEU A 104 -5.37 -9.09 -3.37
N VAL A 105 -4.71 -10.08 -3.91
CA VAL A 105 -3.78 -10.88 -3.15
C VAL A 105 -2.37 -10.75 -3.73
N VAL A 106 -1.36 -11.07 -2.95
CA VAL A 106 0.01 -10.99 -3.43
C VAL A 106 0.74 -12.30 -3.19
N ASN A 107 1.67 -12.63 -4.07
CA ASN A 107 2.45 -13.85 -3.94
C ASN A 107 3.55 -13.67 -2.89
N PRO A 108 3.88 -14.74 -2.15
CA PRO A 108 4.91 -14.69 -1.10
C PRO A 108 6.30 -14.38 -1.66
N ASN A 109 6.50 -14.63 -2.93
CA ASN A 109 7.78 -14.36 -3.56
C ASN A 109 7.72 -13.10 -4.40
N TYR A 110 7.87 -11.97 -3.73
CA TYR A 110 7.85 -10.68 -4.39
C TYR A 110 9.21 -10.39 -5.03
N LEU A 111 9.17 -9.80 -6.23
CA LEU A 111 10.39 -9.46 -6.94
C LEU A 111 10.52 -7.96 -7.11
N LEU A 112 11.62 -7.52 -7.70
CA LEU A 112 11.84 -6.10 -7.92
C LEU A 112 11.74 -5.77 -9.40
N GLU A 113 11.93 -4.50 -9.74
CA GLU A 113 11.85 -4.05 -11.12
C GLU A 113 12.95 -4.69 -11.97
N ASP A 114 14.20 -4.44 -11.61
CA ASP A 114 15.32 -4.98 -12.35
C ASP A 114 15.70 -6.36 -11.84
N SER B 1 -10.54 6.45 -5.02
CA SER B 1 -11.10 5.11 -4.72
C SER B 1 -11.46 4.37 -6.02
N ALA B 2 -11.75 5.14 -7.07
CA ALA B 2 -12.09 4.55 -8.35
C ALA B 2 -10.84 3.99 -9.02
N LEU B 3 -9.75 4.73 -8.94
CA LEU B 3 -8.48 4.31 -9.51
C LEU B 3 -7.69 3.54 -8.45
N LYS B 4 -7.00 2.49 -8.86
CA LYS B 4 -6.22 1.67 -7.93
C LYS B 4 -4.78 2.18 -7.78
N GLY B 5 -4.57 3.46 -8.03
CA GLY B 5 -3.24 4.03 -7.92
C GLY B 5 -3.25 5.52 -7.70
N VAL B 6 -3.95 5.96 -6.66
CA VAL B 6 -4.03 7.38 -6.34
C VAL B 6 -3.67 7.64 -4.89
N SER B 7 -2.65 8.46 -4.68
CA SER B 7 -2.17 8.80 -3.34
C SER B 7 -3.21 9.64 -2.58
N GLN B 8 -4.13 10.27 -3.32
CA GLN B 8 -5.16 11.11 -2.72
C GLN B 8 -5.99 10.34 -1.70
N ASP B 9 -6.23 9.06 -1.97
CA ASP B 9 -7.00 8.21 -1.07
C ASP B 9 -6.27 8.03 0.25
N LEU B 10 -4.95 7.89 0.17
CA LEU B 10 -4.13 7.70 1.35
C LEU B 10 -3.77 9.04 1.98
N LEU B 11 -3.91 10.10 1.19
CA LEU B 11 -3.61 11.45 1.65
C LEU B 11 -4.70 11.95 2.60
N GLU B 12 -5.76 11.16 2.75
CA GLU B 12 -6.86 11.49 3.64
C GLU B 12 -6.37 11.56 5.10
N ARG B 13 -5.19 11.00 5.34
CA ARG B 13 -4.62 11.03 6.67
C ARG B 13 -3.87 12.36 6.90
N ILE B 14 -3.45 12.98 5.81
CA ILE B 14 -2.72 14.25 5.87
C ILE B 14 -3.57 15.35 6.51
N ARG B 15 -4.87 15.30 6.30
CA ARG B 15 -5.75 16.31 6.87
C ARG B 15 -5.70 16.26 8.40
N ALA B 16 -5.31 15.10 8.93
CA ALA B 16 -5.17 14.93 10.36
C ALA B 16 -3.79 15.41 10.78
N LYS B 17 -2.84 15.24 9.86
CA LYS B 17 -1.45 15.66 10.06
C LYS B 17 -1.41 17.18 10.13
N GLU B 18 -2.34 17.81 9.41
CA GLU B 18 -2.46 19.26 9.38
C GLU B 18 -2.57 19.82 10.78
N ALA B 19 -3.37 19.16 11.61
CA ALA B 19 -3.57 19.59 12.98
C ALA B 19 -2.33 19.35 13.82
N GLN B 20 -1.71 18.19 13.65
CA GLN B 20 -0.50 17.83 14.39
C GLN B 20 0.64 18.79 14.08
N LYS B 21 0.76 19.18 12.82
CA LYS B 21 1.83 20.07 12.39
C LYS B 21 1.38 21.53 12.38
N GLN B 22 0.14 21.76 12.79
CA GLN B 22 -0.42 23.12 12.83
C GLN B 22 0.21 23.94 13.96
N LEU B 23 1.00 23.26 14.79
CA LEU B 23 1.67 23.92 15.91
C LEU B 23 2.69 24.92 15.38
N ALA B 24 3.78 24.39 14.81
CA ALA B 24 4.85 25.21 14.24
C ALA B 24 5.32 26.26 15.24
N GLN B 25 5.19 27.53 14.88
CA GLN B 25 5.60 28.63 15.74
C GLN B 25 4.38 29.19 16.46
N MET B 26 4.61 30.07 17.42
CA MET B 26 3.52 30.69 18.17
C MET B 26 2.75 31.66 17.28
N THR B 27 3.35 32.00 16.15
CA THR B 27 2.76 32.93 15.21
C THR B 27 1.88 32.20 14.19
N ARG B 28 0.57 32.21 14.43
CA ARG B 28 -0.37 31.58 13.52
C ARG B 28 -1.34 32.63 12.99
N TRP B 29 -1.06 33.87 13.32
CA TRP B 29 -1.88 35.00 12.90
C TRP B 29 -1.02 36.25 12.84
N ALA A 1 24.39 0.06 -18.93
CA ALA A 1 24.21 0.10 -17.47
C ALA A 1 25.06 -0.95 -16.78
N PRO A 2 25.80 -0.57 -15.72
CA PRO A 2 26.65 -1.50 -14.96
C PRO A 2 25.81 -2.47 -14.14
N LYS A 3 24.68 -1.99 -13.66
CA LYS A 3 23.76 -2.81 -12.86
C LYS A 3 22.33 -2.36 -13.11
N ALA A 4 21.50 -3.28 -13.57
CA ALA A 4 20.10 -2.98 -13.83
C ALA A 4 19.27 -3.33 -12.61
N SER A 5 18.20 -2.55 -12.38
CA SER A 5 17.30 -2.75 -11.25
C SER A 5 17.97 -2.39 -9.93
N LEU A 6 17.41 -1.39 -9.24
CA LEU A 6 17.95 -0.93 -7.97
C LEU A 6 19.39 -0.45 -8.13
N ARG A 7 19.55 0.66 -8.84
CA ARG A 7 20.87 1.22 -9.07
C ARG A 7 21.36 2.03 -7.88
N LEU A 8 20.72 3.18 -7.65
CA LEU A 8 21.11 4.05 -6.54
C LEU A 8 19.92 4.94 -6.13
N GLY A 9 19.88 5.32 -4.86
CA GLY A 9 18.82 6.16 -4.35
C GLY A 9 17.47 5.47 -4.38
N PHE A 10 17.33 4.42 -3.59
CA PHE A 10 16.08 3.67 -3.53
C PHE A 10 15.78 3.22 -2.10
N SER A 11 16.35 3.93 -1.12
CA SER A 11 16.14 3.61 0.28
C SER A 11 14.65 3.57 0.62
N GLU A 12 13.93 4.60 0.21
CA GLU A 12 12.50 4.70 0.46
C GLU A 12 11.75 3.57 -0.24
N TYR A 13 12.18 3.26 -1.46
CA TYR A 13 11.56 2.21 -2.25
C TYR A 13 11.61 0.87 -1.52
N SER A 14 12.78 0.53 -1.00
CA SER A 14 12.97 -0.71 -0.28
C SER A 14 12.10 -0.76 0.98
N ARG A 15 11.95 0.39 1.64
CA ARG A 15 11.14 0.47 2.85
C ARG A 15 9.66 0.21 2.55
N ILE A 16 9.19 0.68 1.41
CA ILE A 16 7.80 0.50 1.02
C ILE A 16 7.57 -0.94 0.53
N SER A 17 8.44 -1.39 -0.37
CA SER A 17 8.34 -2.73 -0.93
C SER A 17 8.48 -3.81 0.14
N ASN A 18 9.29 -3.55 1.15
CA ASN A 18 9.49 -4.49 2.24
C ASN A 18 8.20 -4.74 3.01
N LEU A 19 7.37 -3.70 3.10
CA LEU A 19 6.09 -3.80 3.82
C LEU A 19 5.20 -4.92 3.27
N ILE A 20 5.11 -5.01 1.95
CA ILE A 20 4.27 -6.00 1.32
C ILE A 20 4.79 -7.41 1.55
N VAL A 21 6.09 -7.56 1.61
CA VAL A 21 6.70 -8.87 1.83
C VAL A 21 6.56 -9.27 3.30
N LEU A 22 6.87 -8.33 4.18
CA LEU A 22 6.80 -8.57 5.62
C LEU A 22 5.39 -8.88 6.09
N HIS A 23 4.43 -8.08 5.68
CA HIS A 23 3.06 -8.30 6.10
C HIS A 23 2.48 -9.56 5.46
N LEU A 24 2.85 -9.83 4.22
CA LEU A 24 2.35 -11.02 3.52
C LEU A 24 2.85 -12.29 4.20
N ARG A 25 4.15 -12.36 4.46
CA ARG A 25 4.74 -13.55 5.10
C ARG A 25 4.10 -13.78 6.48
N LYS A 26 3.70 -12.70 7.14
CA LYS A 26 3.05 -12.80 8.43
C LYS A 26 1.63 -13.34 8.25
N VAL A 27 0.95 -12.82 7.24
CA VAL A 27 -0.42 -13.20 6.94
C VAL A 27 -0.52 -14.66 6.50
N GLU A 28 0.36 -15.10 5.60
CA GLU A 28 0.34 -16.48 5.13
C GLU A 28 0.62 -17.45 6.27
N GLU A 29 1.38 -16.98 7.25
CA GLU A 29 1.71 -17.78 8.41
C GLU A 29 0.54 -17.79 9.40
N GLU A 30 -0.19 -16.68 9.43
CA GLU A 30 -1.32 -16.53 10.33
C GLU A 30 -2.59 -17.20 9.80
N GLU A 31 -3.14 -16.66 8.72
CA GLU A 31 -4.37 -17.19 8.15
C GLU A 31 -4.12 -18.02 6.89
N ASP A 32 -2.95 -17.85 6.29
CA ASP A 32 -2.55 -18.59 5.08
C ASP A 32 -3.32 -18.11 3.84
N GLU A 33 -4.31 -17.24 4.05
CA GLU A 33 -5.11 -16.72 2.97
C GLU A 33 -4.30 -15.79 2.09
N SER A 34 -3.46 -15.01 2.75
CA SER A 34 -2.57 -14.05 2.09
C SER A 34 -3.34 -12.98 1.30
N ALA A 35 -4.62 -12.80 1.62
CA ALA A 35 -5.44 -11.81 0.93
C ALA A 35 -5.90 -10.74 1.92
N LEU A 36 -5.29 -9.57 1.83
CA LEU A 36 -5.63 -8.47 2.72
C LEU A 36 -6.41 -7.39 1.96
N LYS A 37 -6.57 -6.23 2.59
CA LYS A 37 -7.28 -5.12 1.97
C LYS A 37 -6.27 -4.15 1.38
N ARG A 38 -6.61 -3.61 0.21
CA ARG A 38 -5.74 -2.66 -0.48
C ARG A 38 -5.41 -1.45 0.38
N SER A 39 -6.44 -0.77 0.87
CA SER A 39 -6.27 0.40 1.70
C SER A 39 -5.65 0.06 3.05
N GLU A 40 -5.91 -1.15 3.53
CA GLU A 40 -5.39 -1.63 4.81
C GLU A 40 -3.87 -1.61 4.84
N LEU A 41 -3.25 -2.20 3.81
CA LEU A 41 -1.78 -2.26 3.72
C LEU A 41 -1.15 -0.88 3.89
N VAL A 42 -1.69 0.09 3.19
CA VAL A 42 -1.19 1.45 3.26
C VAL A 42 -1.57 2.11 4.57
N ASN A 43 -2.81 1.88 4.99
CA ASN A 43 -3.36 2.46 6.21
C ASN A 43 -2.45 2.27 7.43
N TRP A 44 -2.10 1.03 7.75
CA TRP A 44 -1.26 0.77 8.91
C TRP A 44 0.17 1.28 8.66
N TYR A 45 0.59 1.30 7.40
CA TYR A 45 1.91 1.79 7.04
C TYR A 45 2.05 3.24 7.42
N LEU A 46 1.04 4.01 7.06
CA LEU A 46 1.01 5.43 7.34
C LEU A 46 0.96 5.68 8.83
N LYS A 47 0.12 4.91 9.52
CA LYS A 47 -0.02 5.04 10.96
C LYS A 47 1.31 4.80 11.68
N GLU A 48 2.17 4.02 11.06
CA GLU A 48 3.48 3.73 11.63
C GLU A 48 4.47 4.85 11.33
N ILE A 49 4.55 5.22 10.05
CA ILE A 49 5.48 6.27 9.63
C ILE A 49 5.07 7.65 10.15
N GLU A 50 3.78 7.84 10.42
CA GLU A 50 3.27 9.11 10.91
C GLU A 50 3.87 9.46 12.28
N SER A 51 4.45 8.48 12.95
CA SER A 51 5.04 8.70 14.25
C SER A 51 6.48 9.22 14.12
N GLU A 52 7.06 9.09 12.94
CA GLU A 52 8.44 9.53 12.73
C GLU A 52 8.50 10.69 11.73
N ILE A 53 7.55 10.72 10.79
CA ILE A 53 7.49 11.77 9.78
C ILE A 53 7.27 13.13 10.43
N ASP A 54 8.22 14.03 10.23
CA ASP A 54 8.09 15.38 10.78
C ASP A 54 7.84 16.39 9.66
N SER A 55 8.06 15.96 8.43
CA SER A 55 7.86 16.83 7.29
C SER A 55 6.78 16.26 6.37
N GLU A 56 5.82 17.08 5.99
CA GLU A 56 4.72 16.64 5.12
C GLU A 56 5.27 16.05 3.83
N GLU A 57 6.35 16.61 3.33
CA GLU A 57 6.99 16.14 2.10
C GLU A 57 7.26 14.65 2.21
N GLU A 58 7.75 14.24 3.36
CA GLU A 58 8.05 12.85 3.64
C GLU A 58 6.79 12.00 3.57
N LEU A 59 5.80 12.39 4.37
CA LEU A 59 4.53 11.68 4.43
C LEU A 59 3.84 11.62 3.08
N ILE A 60 3.69 12.78 2.45
CA ILE A 60 3.05 12.86 1.14
C ILE A 60 3.78 11.96 0.14
N ASN A 61 5.10 11.92 0.22
CA ASN A 61 5.88 11.09 -0.69
C ASN A 61 5.69 9.61 -0.35
N LYS A 62 5.83 9.26 0.92
CA LYS A 62 5.67 7.88 1.39
C LYS A 62 4.30 7.34 0.99
N LYS A 63 3.27 8.15 1.21
CA LYS A 63 1.90 7.76 0.87
C LYS A 63 1.74 7.61 -0.64
N ARG A 64 2.47 8.42 -1.39
CA ARG A 64 2.40 8.36 -2.84
C ARG A 64 3.12 7.12 -3.36
N ILE A 65 4.29 6.85 -2.80
CA ILE A 65 5.10 5.70 -3.21
C ILE A 65 4.37 4.40 -2.90
N ILE A 66 3.90 4.25 -1.67
CA ILE A 66 3.21 3.03 -1.26
C ILE A 66 2.00 2.75 -2.18
N GLU A 67 1.26 3.80 -2.54
CA GLU A 67 0.11 3.66 -3.42
C GLU A 67 0.58 3.29 -4.83
N LYS A 68 1.61 3.99 -5.29
CA LYS A 68 2.18 3.76 -6.62
C LYS A 68 2.71 2.34 -6.77
N VAL A 69 3.41 1.86 -5.75
CA VAL A 69 3.98 0.51 -5.78
C VAL A 69 2.87 -0.53 -5.92
N ILE A 70 1.78 -0.34 -5.16
CA ILE A 70 0.65 -1.26 -5.23
C ILE A 70 0.06 -1.23 -6.64
N HIS A 71 -0.02 -0.04 -7.22
CA HIS A 71 -0.54 0.14 -8.56
C HIS A 71 0.39 -0.52 -9.58
N ARG A 72 1.68 -0.45 -9.29
CA ARG A 72 2.69 -1.04 -10.16
C ARG A 72 2.61 -2.56 -10.13
N LEU A 73 2.45 -3.11 -8.93
CA LEU A 73 2.37 -4.55 -8.74
C LEU A 73 1.10 -5.14 -9.38
N THR A 74 0.02 -4.36 -9.39
CA THR A 74 -1.25 -4.82 -9.94
C THR A 74 -1.34 -4.58 -11.46
N HIS A 75 -0.32 -3.98 -12.05
CA HIS A 75 -0.35 -3.69 -13.47
C HIS A 75 0.97 -4.05 -14.15
N TYR A 76 2.00 -3.25 -13.88
CA TYR A 76 3.31 -3.45 -14.49
C TYR A 76 3.92 -4.80 -14.12
N ASP A 77 4.06 -5.05 -12.82
CA ASP A 77 4.63 -6.32 -12.36
C ASP A 77 3.67 -7.46 -12.68
N HIS A 78 2.40 -7.24 -12.36
CA HIS A 78 1.34 -8.22 -12.60
C HIS A 78 1.57 -9.47 -11.76
N VAL A 79 2.14 -9.28 -10.58
CA VAL A 79 2.41 -10.39 -9.67
C VAL A 79 1.28 -10.54 -8.65
N LEU A 80 0.20 -9.80 -8.89
CA LEU A 80 -0.95 -9.82 -8.01
C LEU A 80 -1.92 -10.90 -8.49
N ILE A 81 -2.36 -11.74 -7.58
CA ILE A 81 -3.30 -12.80 -7.88
C ILE A 81 -4.71 -12.36 -7.52
N GLU A 82 -5.59 -12.34 -8.50
CA GLU A 82 -6.98 -11.94 -8.28
C GLU A 82 -7.89 -12.73 -9.19
N LEU A 83 -9.06 -13.10 -8.68
CA LEU A 83 -10.02 -13.86 -9.46
C LEU A 83 -11.04 -12.92 -10.09
N THR A 84 -12.27 -13.41 -10.29
CA THR A 84 -13.32 -12.61 -10.88
C THR A 84 -13.67 -11.41 -9.99
N GLN A 85 -13.83 -10.25 -10.60
CA GLN A 85 -14.17 -9.04 -9.88
C GLN A 85 -15.62 -9.08 -9.40
N ALA A 86 -16.45 -9.79 -10.15
CA ALA A 86 -17.86 -9.92 -9.81
C ALA A 86 -18.05 -10.75 -8.55
N GLY A 87 -18.56 -10.13 -7.51
CA GLY A 87 -18.78 -10.83 -6.26
C GLY A 87 -17.87 -10.37 -5.15
N LEU A 88 -16.86 -9.59 -5.50
CA LEU A 88 -15.90 -9.11 -4.50
C LEU A 88 -16.40 -7.85 -3.80
N LYS A 89 -17.26 -7.09 -4.46
CA LYS A 89 -17.77 -5.86 -3.88
C LYS A 89 -19.17 -6.04 -3.30
N GLY A 90 -20.05 -6.65 -4.08
CA GLY A 90 -21.41 -6.85 -3.64
C GLY A 90 -22.39 -6.06 -4.47
N SER A 91 -21.87 -5.44 -5.52
CA SER A 91 -22.70 -4.64 -6.42
C SER A 91 -23.35 -5.53 -7.48
N THR A 92 -22.52 -6.25 -8.21
CA THR A 92 -23.00 -7.14 -9.26
C THR A 92 -22.84 -8.59 -8.82
N GLU A 93 -23.89 -9.37 -9.02
CA GLU A 93 -23.89 -10.79 -8.65
C GLU A 93 -22.89 -11.59 -9.47
N GLY A 94 -22.77 -11.25 -10.74
CA GLY A 94 -21.84 -11.96 -11.60
C GLY A 94 -22.46 -13.19 -12.23
N SER A 95 -21.70 -14.27 -12.29
CA SER A 95 -22.20 -15.51 -12.86
C SER A 95 -22.16 -16.64 -11.84
N GLU A 96 -20.97 -16.99 -11.38
CA GLU A 96 -20.81 -18.06 -10.41
C GLU A 96 -20.25 -17.52 -9.09
N SER A 97 -18.94 -17.24 -9.08
CA SER A 97 -18.27 -16.73 -7.88
C SER A 97 -18.53 -17.64 -6.68
N TYR A 98 -18.48 -18.95 -6.93
CA TYR A 98 -18.73 -19.94 -5.88
C TYR A 98 -17.45 -20.28 -5.13
N GLU A 99 -16.32 -19.78 -5.64
CA GLU A 99 -15.02 -20.04 -5.04
C GLU A 99 -14.90 -19.35 -3.68
N GLU A 100 -13.72 -19.42 -3.09
CA GLU A 100 -13.47 -18.82 -1.79
C GLU A 100 -13.25 -17.32 -1.92
N ASP A 101 -12.69 -16.70 -0.90
CA ASP A 101 -12.41 -15.27 -0.92
C ASP A 101 -11.05 -15.01 -1.53
N PRO A 102 -11.01 -14.52 -2.77
CA PRO A 102 -9.76 -14.23 -3.47
C PRO A 102 -9.27 -12.82 -3.22
N TYR A 103 -10.02 -11.85 -3.74
CA TYR A 103 -9.67 -10.44 -3.59
C TYR A 103 -8.29 -10.16 -4.14
N LEU A 104 -7.40 -9.63 -3.30
CA LEU A 104 -6.05 -9.32 -3.74
C LEU A 104 -5.02 -10.09 -2.92
N VAL A 105 -4.21 -10.86 -3.61
CA VAL A 105 -3.15 -11.62 -2.94
C VAL A 105 -1.86 -11.53 -3.76
N VAL A 106 -0.74 -11.36 -3.08
CA VAL A 106 0.55 -11.24 -3.76
C VAL A 106 1.54 -12.26 -3.22
N ASN A 107 2.55 -12.58 -4.02
CA ASN A 107 3.57 -13.53 -3.59
C ASN A 107 4.78 -12.79 -3.03
N PRO A 108 5.34 -13.27 -1.92
CA PRO A 108 6.50 -12.67 -1.26
C PRO A 108 7.79 -12.77 -2.09
N ASN A 109 7.70 -13.42 -3.24
CA ASN A 109 8.86 -13.57 -4.11
C ASN A 109 9.10 -12.31 -4.91
N TYR A 110 8.03 -11.78 -5.51
CA TYR A 110 8.11 -10.57 -6.33
C TYR A 110 9.17 -10.75 -7.42
N LEU A 111 9.81 -9.66 -7.84
CA LEU A 111 10.84 -9.74 -8.87
C LEU A 111 12.03 -8.82 -8.53
N LEU A 112 12.13 -8.44 -7.27
CA LEU A 112 13.21 -7.56 -6.85
C LEU A 112 14.34 -8.35 -6.20
N GLU A 113 15.57 -8.00 -6.55
CA GLU A 113 16.75 -8.68 -6.01
C GLU A 113 16.90 -8.44 -4.51
N ASP A 114 16.48 -7.26 -4.06
CA ASP A 114 16.57 -6.91 -2.64
C ASP A 114 15.28 -6.25 -2.19
N SER B 1 -8.56 10.48 -16.43
CA SER B 1 -8.52 9.02 -16.69
C SER B 1 -8.28 8.25 -15.40
N ALA B 2 -7.34 8.73 -14.59
CA ALA B 2 -7.01 8.08 -13.34
C ALA B 2 -8.14 8.23 -12.34
N LEU B 3 -8.35 7.19 -11.54
CA LEU B 3 -9.39 7.18 -10.53
C LEU B 3 -8.98 8.03 -9.33
N LYS B 4 -9.29 9.31 -9.37
CA LYS B 4 -8.96 10.21 -8.29
C LYS B 4 -9.96 10.07 -7.15
N GLY B 5 -9.88 8.94 -6.48
CA GLY B 5 -10.76 8.64 -5.37
C GLY B 5 -10.20 7.52 -4.54
N VAL B 6 -9.81 6.44 -5.22
CA VAL B 6 -9.22 5.29 -4.56
C VAL B 6 -7.82 5.61 -4.09
N SER B 7 -7.54 5.30 -2.82
CA SER B 7 -6.23 5.55 -2.21
C SER B 7 -5.95 7.05 -2.04
N GLN B 8 -6.87 7.87 -2.52
CA GLN B 8 -6.73 9.32 -2.42
C GLN B 8 -6.92 9.77 -0.98
N ASP B 9 -7.83 9.09 -0.30
CA ASP B 9 -8.15 9.41 1.10
C ASP B 9 -6.93 9.22 1.99
N LEU B 10 -5.96 8.46 1.52
CA LEU B 10 -4.74 8.22 2.27
C LEU B 10 -3.97 9.54 2.42
N LEU B 11 -3.85 10.28 1.33
CA LEU B 11 -3.15 11.55 1.33
C LEU B 11 -4.06 12.67 1.79
N GLU B 12 -5.38 12.46 1.65
CA GLU B 12 -6.37 13.45 2.06
C GLU B 12 -6.33 13.66 3.57
N ARG B 13 -5.95 12.62 4.29
CA ARG B 13 -5.87 12.68 5.74
C ARG B 13 -4.88 13.75 6.19
N ILE B 14 -3.89 13.98 5.35
CA ILE B 14 -2.85 14.96 5.63
C ILE B 14 -3.42 16.37 5.75
N ARG B 15 -4.58 16.60 5.14
CA ARG B 15 -5.22 17.92 5.19
C ARG B 15 -5.51 18.30 6.64
N ALA B 16 -5.87 17.31 7.45
CA ALA B 16 -6.17 17.54 8.86
C ALA B 16 -4.92 17.32 9.70
N LYS B 17 -3.90 16.72 9.09
CA LYS B 17 -2.64 16.45 9.76
C LYS B 17 -1.80 17.72 9.89
N GLU B 18 -2.15 18.73 9.11
CA GLU B 18 -1.44 20.00 9.11
C GLU B 18 -1.48 20.65 10.49
N ALA B 19 -2.61 20.48 11.17
CA ALA B 19 -2.79 21.03 12.52
C ALA B 19 -1.86 20.35 13.51
N GLN B 20 -1.66 19.05 13.33
CA GLN B 20 -0.80 18.27 14.20
C GLN B 20 0.65 18.72 14.05
N LYS B 21 1.01 19.10 12.84
CA LYS B 21 2.37 19.53 12.54
C LYS B 21 2.76 20.75 13.38
N GLN B 22 1.83 21.68 13.54
CA GLN B 22 2.08 22.89 14.30
C GLN B 22 2.27 22.58 15.79
N LEU B 23 1.66 21.49 16.25
CA LEU B 23 1.74 21.09 17.65
C LEU B 23 2.77 19.98 17.84
N ALA B 24 3.69 19.86 16.91
CA ALA B 24 4.73 18.86 16.98
C ALA B 24 6.07 19.47 17.35
N GLN B 25 7.01 18.64 17.80
CA GLN B 25 8.33 19.10 18.18
C GLN B 25 9.31 18.84 17.05
N MET B 26 10.30 17.99 17.28
CA MET B 26 11.27 17.65 16.26
C MET B 26 10.87 16.35 15.59
N THR B 27 10.32 15.43 16.41
CA THR B 27 9.82 14.13 15.95
C THR B 27 10.95 13.21 15.48
N ARG B 28 11.63 13.62 14.41
CA ARG B 28 12.71 12.85 13.83
C ARG B 28 13.92 12.80 14.77
N TRP B 29 14.87 11.93 14.44
CA TRP B 29 16.07 11.76 15.24
C TRP B 29 16.90 13.04 15.20
N ALA A 1 27.82 -13.42 -13.80
CA ALA A 1 27.97 -12.20 -12.97
C ALA A 1 26.95 -12.20 -11.83
N PRO A 2 27.27 -11.56 -10.70
CA PRO A 2 26.37 -11.50 -9.55
C PRO A 2 25.16 -10.61 -9.84
N LYS A 3 24.01 -10.98 -9.28
CA LYS A 3 22.79 -10.23 -9.47
C LYS A 3 22.67 -9.17 -8.39
N ALA A 4 22.49 -7.93 -8.80
CA ALA A 4 22.35 -6.83 -7.86
C ALA A 4 20.92 -6.31 -7.86
N SER A 5 20.31 -6.30 -6.70
CA SER A 5 18.95 -5.80 -6.56
C SER A 5 18.96 -4.28 -6.45
N LEU A 6 17.81 -3.69 -6.15
CA LEU A 6 17.69 -2.24 -6.04
C LEU A 6 18.25 -1.74 -4.70
N ARG A 7 18.71 -2.67 -3.88
CA ARG A 7 19.28 -2.32 -2.58
C ARG A 7 20.67 -1.74 -2.76
N LEU A 8 20.75 -0.42 -2.82
CA LEU A 8 21.99 0.29 -3.00
C LEU A 8 21.77 1.77 -2.67
N GLY A 9 21.02 2.44 -3.54
CA GLY A 9 20.73 3.85 -3.33
C GLY A 9 19.24 4.12 -3.25
N PHE A 10 18.44 3.07 -3.31
CA PHE A 10 16.99 3.20 -3.23
C PHE A 10 16.50 2.80 -1.86
N SER A 11 16.76 3.64 -0.88
CA SER A 11 16.36 3.39 0.50
C SER A 11 14.85 3.41 0.66
N GLU A 12 14.20 4.39 0.05
CA GLU A 12 12.75 4.53 0.12
C GLU A 12 12.07 3.38 -0.60
N TYR A 13 12.51 3.11 -1.83
CA TYR A 13 11.92 2.04 -2.62
C TYR A 13 12.09 0.69 -1.92
N SER A 14 13.27 0.47 -1.34
CA SER A 14 13.55 -0.77 -0.63
C SER A 14 12.67 -0.88 0.62
N ARG A 15 12.50 0.24 1.31
CA ARG A 15 11.68 0.28 2.52
C ARG A 15 10.25 -0.17 2.21
N ILE A 16 9.67 0.39 1.17
CA ILE A 16 8.32 0.05 0.77
C ILE A 16 8.25 -1.40 0.29
N SER A 17 9.20 -1.78 -0.55
CA SER A 17 9.26 -3.15 -1.07
C SER A 17 9.38 -4.17 0.07
N ASN A 18 10.15 -3.81 1.10
CA ASN A 18 10.34 -4.68 2.26
C ASN A 18 9.01 -4.85 2.99
N LEU A 19 8.27 -3.76 3.07
CA LEU A 19 6.95 -3.73 3.70
C LEU A 19 6.03 -4.72 2.99
N ILE A 20 6.15 -4.79 1.66
CA ILE A 20 5.32 -5.69 0.88
C ILE A 20 5.57 -7.16 1.23
N VAL A 21 6.82 -7.57 1.21
CA VAL A 21 7.16 -8.95 1.51
C VAL A 21 6.93 -9.27 2.99
N LEU A 22 7.20 -8.32 3.86
CA LEU A 22 7.00 -8.52 5.30
C LEU A 22 5.51 -8.64 5.62
N HIS A 23 4.74 -7.68 5.13
CA HIS A 23 3.29 -7.68 5.38
C HIS A 23 2.67 -8.97 4.87
N LEU A 24 3.02 -9.35 3.63
CA LEU A 24 2.46 -10.56 3.03
C LEU A 24 2.81 -11.82 3.83
N ARG A 25 4.09 -11.98 4.16
CA ARG A 25 4.52 -13.16 4.92
C ARG A 25 3.86 -13.20 6.29
N LYS A 26 3.60 -12.03 6.86
CA LYS A 26 2.97 -11.94 8.15
C LYS A 26 1.49 -12.30 8.04
N VAL A 27 0.85 -11.78 7.00
CA VAL A 27 -0.58 -12.02 6.75
C VAL A 27 -0.89 -13.51 6.61
N GLU A 28 -0.16 -14.18 5.71
CA GLU A 28 -0.37 -15.61 5.47
C GLU A 28 -0.03 -16.42 6.72
N GLU A 29 0.88 -15.90 7.54
CA GLU A 29 1.29 -16.58 8.75
C GLU A 29 0.30 -16.37 9.88
N GLU A 30 -0.46 -15.28 9.82
CA GLU A 30 -1.43 -14.97 10.86
C GLU A 30 -2.81 -15.56 10.56
N GLU A 31 -3.43 -15.14 9.46
CA GLU A 31 -4.77 -15.62 9.13
C GLU A 31 -4.77 -16.62 7.96
N ASP A 32 -3.60 -16.88 7.38
CA ASP A 32 -3.46 -17.83 6.26
C ASP A 32 -4.19 -17.33 5.01
N GLU A 33 -4.58 -16.07 5.01
CA GLU A 33 -5.29 -15.48 3.89
C GLU A 33 -4.55 -14.28 3.34
N SER A 34 -3.71 -14.51 2.35
CA SER A 34 -2.93 -13.44 1.73
C SER A 34 -3.83 -12.43 1.02
N ALA A 35 -5.08 -12.83 0.79
CA ALA A 35 -6.04 -11.96 0.12
C ALA A 35 -6.65 -10.96 1.10
N LEU A 36 -6.19 -9.72 1.04
CA LEU A 36 -6.68 -8.67 1.93
C LEU A 36 -7.11 -7.43 1.16
N LYS A 37 -7.23 -6.32 1.87
CA LYS A 37 -7.62 -5.06 1.26
C LYS A 37 -6.38 -4.23 0.94
N ARG A 38 -6.43 -3.52 -0.18
CA ARG A 38 -5.30 -2.72 -0.64
C ARG A 38 -5.18 -1.42 0.17
N SER A 39 -6.30 -0.76 0.42
CA SER A 39 -6.31 0.48 1.18
C SER A 39 -5.76 0.26 2.59
N GLU A 40 -6.11 -0.88 3.19
CA GLU A 40 -5.66 -1.20 4.53
C GLU A 40 -4.15 -1.40 4.58
N LEU A 41 -3.58 -1.90 3.48
CA LEU A 41 -2.14 -2.11 3.40
C LEU A 41 -1.43 -0.78 3.61
N VAL A 42 -1.91 0.23 2.91
CA VAL A 42 -1.36 1.57 3.01
C VAL A 42 -1.74 2.22 4.34
N ASN A 43 -2.94 1.90 4.80
CA ASN A 43 -3.47 2.46 6.05
C ASN A 43 -2.56 2.20 7.24
N TRP A 44 -2.27 0.93 7.53
CA TRP A 44 -1.43 0.61 8.67
C TRP A 44 0.00 1.08 8.45
N TYR A 45 0.42 1.12 7.19
CA TYR A 45 1.77 1.56 6.84
C TYR A 45 2.00 2.99 7.33
N LEU A 46 1.06 3.86 6.98
CA LEU A 46 1.14 5.26 7.36
C LEU A 46 1.11 5.43 8.87
N LYS A 47 0.27 4.65 9.53
CA LYS A 47 0.14 4.72 10.98
C LYS A 47 1.40 4.24 11.68
N GLU A 48 2.12 3.33 11.03
CA GLU A 48 3.35 2.79 11.58
C GLU A 48 4.54 3.69 11.30
N ILE A 49 4.62 4.22 10.09
CA ILE A 49 5.71 5.09 9.71
C ILE A 49 5.58 6.47 10.36
N GLU A 50 4.36 6.86 10.70
CA GLU A 50 4.12 8.16 11.31
C GLU A 50 4.88 8.31 12.63
N SER A 51 5.23 7.19 13.23
CA SER A 51 5.98 7.20 14.48
C SER A 51 7.40 7.72 14.26
N GLU A 52 7.86 7.69 13.01
CA GLU A 52 9.18 8.18 12.66
C GLU A 52 9.06 9.37 11.71
N ILE A 53 7.84 9.65 11.29
CA ILE A 53 7.57 10.76 10.38
C ILE A 53 7.41 12.06 11.15
N ASP A 54 8.40 12.93 11.03
CA ASP A 54 8.38 14.22 11.70
C ASP A 54 7.89 15.30 10.75
N SER A 55 7.92 14.99 9.45
CA SER A 55 7.53 15.94 8.45
C SER A 55 6.38 15.42 7.61
N GLU A 56 5.40 16.28 7.38
CA GLU A 56 4.22 15.94 6.60
C GLU A 56 4.63 15.49 5.20
N GLU A 57 5.67 16.13 4.65
CA GLU A 57 6.19 15.80 3.33
C GLU A 57 6.58 14.33 3.23
N GLU A 58 7.18 13.82 4.30
CA GLU A 58 7.62 12.43 4.35
C GLU A 58 6.43 11.48 4.24
N LEU A 59 5.43 11.74 5.06
CA LEU A 59 4.21 10.94 5.08
C LEU A 59 3.50 11.01 3.74
N ILE A 60 3.56 12.18 3.11
CA ILE A 60 2.95 12.37 1.81
C ILE A 60 3.73 11.60 0.75
N ASN A 61 5.05 11.72 0.79
CA ASN A 61 5.91 11.01 -0.15
C ASN A 61 5.76 9.51 -0.02
N LYS A 62 5.81 9.02 1.21
CA LYS A 62 5.70 7.58 1.48
C LYS A 62 4.37 7.05 0.96
N LYS A 63 3.33 7.85 1.06
CA LYS A 63 2.00 7.45 0.60
C LYS A 63 2.00 7.35 -0.93
N ARG A 64 2.68 8.27 -1.58
CA ARG A 64 2.76 8.27 -3.02
C ARG A 64 3.49 7.01 -3.50
N ILE A 65 4.60 6.70 -2.85
CA ILE A 65 5.39 5.53 -3.21
C ILE A 65 4.63 4.23 -2.94
N ILE A 66 4.09 4.08 -1.73
CA ILE A 66 3.36 2.87 -1.37
C ILE A 66 2.18 2.62 -2.32
N GLU A 67 1.47 3.67 -2.68
CA GLU A 67 0.35 3.54 -3.59
C GLU A 67 0.85 3.25 -5.00
N LYS A 68 1.92 3.93 -5.39
CA LYS A 68 2.52 3.77 -6.71
C LYS A 68 3.01 2.34 -6.93
N VAL A 69 3.72 1.79 -5.95
CA VAL A 69 4.24 0.43 -6.08
C VAL A 69 3.11 -0.59 -6.17
N ILE A 70 2.01 -0.36 -5.44
CA ILE A 70 0.87 -1.27 -5.50
C ILE A 70 0.21 -1.14 -6.87
N HIS A 71 0.19 0.08 -7.39
CA HIS A 71 -0.38 0.35 -8.71
C HIS A 71 0.50 -0.28 -9.78
N ARG A 72 1.80 -0.24 -9.56
CA ARG A 72 2.77 -0.83 -10.47
C ARG A 72 2.61 -2.35 -10.43
N LEU A 73 2.42 -2.86 -9.23
CA LEU A 73 2.26 -4.29 -8.98
C LEU A 73 1.00 -4.83 -9.68
N THR A 74 -0.07 -4.06 -9.59
CA THR A 74 -1.35 -4.47 -10.17
C THR A 74 -1.43 -4.23 -11.68
N HIS A 75 -0.34 -3.78 -12.28
CA HIS A 75 -0.33 -3.52 -13.71
C HIS A 75 0.95 -3.99 -14.38
N TYR A 76 2.05 -3.31 -14.09
CA TYR A 76 3.35 -3.63 -14.69
C TYR A 76 3.83 -5.01 -14.27
N ASP A 77 3.94 -5.21 -12.96
CA ASP A 77 4.42 -6.49 -12.41
C ASP A 77 3.53 -7.64 -12.88
N HIS A 78 2.22 -7.47 -12.72
CA HIS A 78 1.23 -8.46 -13.13
C HIS A 78 1.36 -9.76 -12.32
N VAL A 79 2.01 -9.68 -11.16
CA VAL A 79 2.17 -10.86 -10.31
C VAL A 79 1.11 -10.87 -9.21
N LEU A 80 0.04 -10.15 -9.47
CA LEU A 80 -1.07 -10.05 -8.53
C LEU A 80 -2.12 -11.14 -8.81
N ILE A 81 -2.85 -11.50 -7.78
CA ILE A 81 -3.90 -12.50 -7.88
C ILE A 81 -5.20 -11.88 -7.37
N GLU A 82 -6.30 -12.11 -8.05
CA GLU A 82 -7.57 -11.55 -7.63
C GLU A 82 -8.59 -12.64 -7.36
N LEU A 83 -8.71 -12.98 -6.07
CA LEU A 83 -9.63 -14.01 -5.61
C LEU A 83 -9.40 -14.29 -4.12
N THR A 84 -10.21 -15.18 -3.56
CA THR A 84 -10.07 -15.53 -2.16
C THR A 84 -10.48 -17.00 -1.93
N GLN A 85 -10.87 -17.67 -3.02
CA GLN A 85 -11.30 -19.08 -3.01
C GLN A 85 -12.19 -19.45 -1.82
N ALA A 86 -12.94 -18.47 -1.32
CA ALA A 86 -13.83 -18.69 -0.18
C ALA A 86 -15.07 -17.83 -0.30
N GLY A 87 -16.21 -18.48 -0.50
CA GLY A 87 -17.47 -17.77 -0.61
C GLY A 87 -17.75 -17.26 -2.02
N LEU A 88 -16.78 -17.41 -2.91
CA LEU A 88 -16.91 -16.97 -4.28
C LEU A 88 -17.86 -17.88 -5.05
N LYS A 89 -17.90 -19.14 -4.65
CA LYS A 89 -18.76 -20.11 -5.30
C LYS A 89 -19.79 -20.65 -4.30
N GLY A 90 -19.30 -21.14 -3.17
CA GLY A 90 -20.18 -21.69 -2.16
C GLY A 90 -19.81 -21.28 -0.76
N SER A 91 -20.81 -21.01 0.06
CA SER A 91 -20.60 -20.62 1.44
C SER A 91 -21.23 -21.62 2.38
N THR A 92 -20.46 -22.07 3.36
CA THR A 92 -20.96 -23.04 4.33
C THR A 92 -21.62 -22.33 5.50
N GLU A 93 -20.89 -21.44 6.13
CA GLU A 93 -21.40 -20.67 7.26
C GLU A 93 -21.83 -19.29 6.79
N GLY A 94 -20.95 -18.67 6.03
CA GLY A 94 -21.21 -17.35 5.50
C GLY A 94 -20.09 -16.90 4.60
N SER A 95 -19.86 -15.59 4.56
CA SER A 95 -18.80 -15.00 3.74
C SER A 95 -19.04 -15.24 2.25
N GLU A 96 -19.59 -14.25 1.57
CA GLU A 96 -19.87 -14.37 0.14
C GLU A 96 -19.11 -13.28 -0.62
N SER A 97 -19.61 -12.05 -0.52
CA SER A 97 -19.01 -10.89 -1.18
C SER A 97 -18.87 -11.09 -2.69
N TYR A 98 -19.80 -11.85 -3.27
CA TYR A 98 -19.76 -12.11 -4.71
C TYR A 98 -20.35 -10.93 -5.48
N GLU A 99 -21.15 -10.13 -4.78
CA GLU A 99 -21.76 -8.95 -5.39
C GLU A 99 -20.74 -7.83 -5.52
N GLU A 100 -19.55 -8.07 -4.96
CA GLU A 100 -18.47 -7.11 -5.01
C GLU A 100 -17.27 -7.71 -5.71
N ASP A 101 -16.19 -6.95 -5.79
CA ASP A 101 -14.98 -7.41 -6.43
C ASP A 101 -14.24 -8.40 -5.53
N PRO A 102 -13.45 -9.31 -6.13
CA PRO A 102 -12.69 -10.32 -5.37
C PRO A 102 -11.61 -9.70 -4.50
N TYR A 103 -10.84 -10.53 -3.83
CA TYR A 103 -9.80 -10.04 -2.95
C TYR A 103 -8.46 -9.94 -3.68
N LEU A 104 -7.61 -9.03 -3.23
CA LEU A 104 -6.31 -8.85 -3.83
C LEU A 104 -5.21 -9.55 -3.03
N VAL A 105 -4.47 -10.40 -3.71
CA VAL A 105 -3.38 -11.15 -3.09
C VAL A 105 -2.18 -11.15 -4.02
N VAL A 106 -0.98 -11.06 -3.45
CA VAL A 106 0.24 -11.06 -4.24
C VAL A 106 1.07 -12.30 -3.92
N ASN A 107 1.79 -12.81 -4.92
CA ASN A 107 2.62 -13.99 -4.74
C ASN A 107 3.81 -13.66 -3.83
N PRO A 108 4.20 -14.62 -2.96
CA PRO A 108 5.33 -14.44 -2.03
C PRO A 108 6.66 -14.24 -2.75
N ASN A 109 6.67 -14.47 -4.06
CA ASN A 109 7.88 -14.30 -4.85
C ASN A 109 8.23 -12.83 -4.97
N TYR A 110 7.50 -12.14 -5.85
CA TYR A 110 7.70 -10.70 -6.09
C TYR A 110 9.07 -10.39 -6.70
N LEU A 111 9.09 -9.43 -7.61
CA LEU A 111 10.32 -9.03 -8.27
C LEU A 111 10.45 -7.51 -8.32
N LEU A 112 11.55 -7.03 -8.85
CA LEU A 112 11.81 -5.60 -8.96
C LEU A 112 12.01 -5.22 -10.42
N GLU A 113 12.07 -3.93 -10.70
CA GLU A 113 12.26 -3.45 -12.07
C GLU A 113 13.70 -3.70 -12.53
N ASP A 114 14.65 -3.02 -11.90
CA ASP A 114 16.08 -3.15 -12.23
C ASP A 114 16.33 -2.84 -13.70
N SER B 1 -11.27 -6.84 -11.51
CA SER B 1 -10.30 -7.45 -10.58
C SER B 1 -10.24 -6.68 -9.27
N ALA B 2 -10.26 -5.36 -9.34
CA ALA B 2 -10.22 -4.51 -8.17
C ALA B 2 -11.07 -3.27 -8.37
N LEU B 3 -11.91 -2.97 -7.39
CA LEU B 3 -12.77 -1.81 -7.46
C LEU B 3 -12.24 -0.70 -6.57
N LYS B 4 -11.00 -0.87 -6.10
CA LYS B 4 -10.35 0.11 -5.24
C LYS B 4 -10.16 1.43 -5.97
N GLY B 5 -11.04 2.37 -5.69
CA GLY B 5 -10.96 3.67 -6.33
C GLY B 5 -10.31 4.70 -5.45
N VAL B 6 -10.43 4.51 -4.14
CA VAL B 6 -9.84 5.43 -3.18
C VAL B 6 -8.32 5.23 -3.11
N SER B 7 -7.58 6.12 -3.72
CA SER B 7 -6.12 6.01 -3.73
C SER B 7 -5.45 7.35 -3.41
N GLN B 8 -5.58 8.32 -4.31
CA GLN B 8 -4.97 9.62 -4.10
C GLN B 8 -5.67 10.36 -2.96
N ASP B 9 -6.94 10.05 -2.76
CA ASP B 9 -7.73 10.67 -1.71
C ASP B 9 -7.28 10.19 -0.32
N LEU B 10 -6.40 9.20 -0.30
CA LEU B 10 -5.88 8.67 0.96
C LEU B 10 -5.03 9.72 1.66
N LEU B 11 -4.53 10.69 0.89
CA LEU B 11 -3.70 11.75 1.43
C LEU B 11 -4.53 12.92 1.95
N GLU B 12 -5.84 12.87 1.72
CA GLU B 12 -6.73 13.93 2.18
C GLU B 12 -6.74 14.00 3.71
N ARG B 13 -6.52 12.85 4.33
CA ARG B 13 -6.47 12.73 5.77
C ARG B 13 -5.29 13.52 6.34
N ILE B 14 -4.25 13.64 5.53
CA ILE B 14 -3.03 14.36 5.92
C ILE B 14 -3.29 15.85 6.07
N ARG B 15 -4.33 16.34 5.38
CA ARG B 15 -4.67 17.76 5.44
C ARG B 15 -5.06 18.15 6.86
N ALA B 16 -5.59 17.19 7.60
CA ALA B 16 -5.98 17.43 8.98
C ALA B 16 -4.79 17.15 9.89
N LYS B 17 -3.92 16.25 9.44
CA LYS B 17 -2.74 15.88 10.20
C LYS B 17 -1.72 17.01 10.24
N GLU B 18 -1.57 17.72 9.12
CA GLU B 18 -0.62 18.82 9.04
C GLU B 18 -0.93 19.90 10.07
N ALA B 19 -2.22 20.11 10.33
CA ALA B 19 -2.64 21.09 11.31
C ALA B 19 -2.23 20.65 12.70
N GLN B 20 -2.49 19.37 12.99
CA GLN B 20 -2.15 18.80 14.29
C GLN B 20 -0.64 18.75 14.48
N LYS B 21 0.07 18.60 13.37
CA LYS B 21 1.53 18.54 13.37
C LYS B 21 2.12 19.82 13.93
N GLN B 22 1.49 20.95 13.61
CA GLN B 22 1.97 22.23 14.08
C GLN B 22 1.28 22.62 15.39
N LEU B 23 -0.02 22.86 15.33
CA LEU B 23 -0.77 23.23 16.51
C LEU B 23 -1.68 22.10 16.95
N ALA B 24 -2.81 21.98 16.26
CA ALA B 24 -3.82 20.96 16.54
C ALA B 24 -4.91 21.04 15.49
N GLN B 25 -6.07 20.46 15.77
CA GLN B 25 -7.18 20.51 14.82
C GLN B 25 -7.70 21.94 14.70
N MET B 26 -7.28 22.62 13.64
CA MET B 26 -7.69 23.99 13.41
C MET B 26 -9.06 24.06 12.74
N THR B 27 -9.57 22.90 12.36
CA THR B 27 -10.87 22.83 11.71
C THR B 27 -11.98 23.20 12.71
N ARG B 28 -12.67 24.28 12.42
CA ARG B 28 -13.74 24.77 13.28
C ARG B 28 -15.11 24.38 12.73
N TRP B 29 -15.09 23.68 11.59
CA TRP B 29 -16.29 23.21 10.91
C TRP B 29 -17.04 24.38 10.27
N ALA A 1 11.54 5.03 -14.16
CA ALA A 1 12.30 3.84 -14.62
C ALA A 1 11.39 2.63 -14.74
N PRO A 2 11.45 1.90 -15.86
CA PRO A 2 10.63 0.70 -16.10
C PRO A 2 10.97 -0.41 -15.10
N LYS A 3 12.20 -0.88 -15.14
CA LYS A 3 12.63 -1.93 -14.23
C LYS A 3 13.39 -1.33 -13.06
N ALA A 4 13.18 -1.87 -11.87
CA ALA A 4 13.85 -1.39 -10.67
C ALA A 4 15.31 -1.80 -10.68
N SER A 5 16.17 -0.91 -11.19
CA SER A 5 17.60 -1.16 -11.25
C SER A 5 18.23 -1.12 -9.86
N LEU A 6 17.66 -0.28 -8.98
CA LEU A 6 18.14 -0.12 -7.61
C LEU A 6 19.64 0.20 -7.60
N ARG A 7 20.03 1.21 -8.35
CA ARG A 7 21.44 1.60 -8.43
C ARG A 7 21.58 3.10 -8.18
N LEU A 8 20.85 3.60 -7.20
CA LEU A 8 20.89 5.03 -6.87
C LEU A 8 20.80 5.23 -5.36
N GLY A 9 19.76 4.67 -4.76
CA GLY A 9 19.58 4.81 -3.33
C GLY A 9 18.16 4.53 -2.90
N PHE A 10 17.33 5.58 -2.91
CA PHE A 10 15.91 5.51 -2.53
C PHE A 10 15.66 4.52 -1.39
N SER A 11 16.20 4.83 -0.22
CA SER A 11 16.04 3.99 0.96
C SER A 11 14.56 3.82 1.32
N GLU A 12 13.75 4.79 0.93
CA GLU A 12 12.33 4.76 1.18
C GLU A 12 11.69 3.61 0.42
N TYR A 13 12.10 3.45 -0.84
CA TYR A 13 11.58 2.40 -1.69
C TYR A 13 11.86 1.03 -1.08
N SER A 14 13.04 0.87 -0.51
CA SER A 14 13.45 -0.38 0.11
C SER A 14 12.53 -0.72 1.29
N ARG A 15 12.16 0.30 2.07
CA ARG A 15 11.30 0.11 3.22
C ARG A 15 9.87 -0.21 2.77
N ILE A 16 9.42 0.50 1.74
CA ILE A 16 8.07 0.30 1.19
C ILE A 16 7.94 -1.11 0.62
N SER A 17 8.91 -1.50 -0.20
CA SER A 17 8.91 -2.83 -0.82
C SER A 17 9.03 -3.92 0.23
N ASN A 18 9.79 -3.64 1.30
CA ASN A 18 10.00 -4.60 2.37
C ASN A 18 8.68 -4.92 3.05
N LEU A 19 7.82 -3.91 3.16
CA LEU A 19 6.51 -4.08 3.79
C LEU A 19 5.67 -5.11 3.04
N ILE A 20 5.80 -5.11 1.72
CA ILE A 20 5.03 -6.01 0.88
C ILE A 20 5.37 -7.47 1.16
N VAL A 21 6.64 -7.81 1.11
CA VAL A 21 7.06 -9.18 1.34
C VAL A 21 6.90 -9.57 2.80
N LEU A 22 7.23 -8.66 3.72
CA LEU A 22 7.13 -8.93 5.15
C LEU A 22 5.69 -9.20 5.57
N HIS A 23 4.78 -8.32 5.16
CA HIS A 23 3.38 -8.49 5.50
C HIS A 23 2.80 -9.72 4.82
N LEU A 24 3.18 -9.93 3.56
CA LEU A 24 2.70 -11.07 2.80
C LEU A 24 3.11 -12.39 3.46
N ARG A 25 4.40 -12.53 3.77
CA ARG A 25 4.89 -13.76 4.41
C ARG A 25 4.30 -13.94 5.81
N LYS A 26 4.03 -12.81 6.46
CA LYS A 26 3.47 -12.83 7.80
C LYS A 26 2.05 -13.38 7.78
N VAL A 27 1.24 -12.85 6.87
CA VAL A 27 -0.15 -13.26 6.76
C VAL A 27 -0.30 -14.66 6.15
N GLU A 28 0.59 -15.04 5.26
CA GLU A 28 0.52 -16.35 4.63
C GLU A 28 0.94 -17.46 5.59
N GLU A 29 1.81 -17.14 6.53
CA GLU A 29 2.29 -18.13 7.49
C GLU A 29 1.40 -18.22 8.72
N GLU A 30 1.01 -17.06 9.25
CA GLU A 30 0.18 -17.03 10.46
C GLU A 30 -1.30 -17.18 10.12
N GLU A 31 -1.84 -16.20 9.41
CA GLU A 31 -3.25 -16.20 9.04
C GLU A 31 -3.55 -17.19 7.91
N ASP A 32 -2.49 -17.65 7.26
CA ASP A 32 -2.60 -18.60 6.15
C ASP A 32 -3.46 -18.03 5.04
N GLU A 33 -3.41 -16.71 4.89
CA GLU A 33 -4.18 -16.02 3.87
C GLU A 33 -3.37 -14.88 3.30
N SER A 34 -2.87 -15.05 2.10
CA SER A 34 -2.07 -14.04 1.43
C SER A 34 -2.95 -12.89 0.91
N ALA A 35 -4.24 -12.97 1.22
CA ALA A 35 -5.18 -11.93 0.83
C ALA A 35 -5.20 -10.80 1.84
N LEU A 36 -4.81 -9.63 1.41
CA LEU A 36 -4.76 -8.46 2.28
C LEU A 36 -5.55 -7.31 1.68
N LYS A 37 -5.94 -6.36 2.51
CA LYS A 37 -6.68 -5.20 2.05
C LYS A 37 -5.72 -4.09 1.63
N ARG A 38 -5.81 -3.68 0.38
CA ARG A 38 -4.93 -2.65 -0.17
C ARG A 38 -5.00 -1.35 0.65
N SER A 39 -6.19 -0.98 1.08
CA SER A 39 -6.40 0.23 1.85
C SER A 39 -5.84 0.07 3.26
N GLU A 40 -5.91 -1.15 3.77
CA GLU A 40 -5.41 -1.46 5.11
C GLU A 40 -3.89 -1.54 5.13
N LEU A 41 -3.33 -2.06 4.04
CA LEU A 41 -1.88 -2.20 3.91
C LEU A 41 -1.19 -0.85 4.09
N VAL A 42 -1.69 0.15 3.38
CA VAL A 42 -1.14 1.50 3.48
C VAL A 42 -1.51 2.10 4.83
N ASN A 43 -2.68 1.71 5.33
CA ASN A 43 -3.20 2.22 6.60
C ASN A 43 -2.21 2.01 7.73
N TRP A 44 -1.85 0.76 8.02
CA TRP A 44 -0.92 0.48 9.11
C TRP A 44 0.47 1.01 8.80
N TYR A 45 0.84 1.09 7.52
CA TYR A 45 2.14 1.60 7.14
C TYR A 45 2.28 3.04 7.62
N LEU A 46 1.23 3.82 7.38
CA LEU A 46 1.22 5.22 7.79
C LEU A 46 1.08 5.35 9.29
N LYS A 47 0.22 4.54 9.89
CA LYS A 47 0.02 4.58 11.33
C LYS A 47 1.32 4.32 12.09
N GLU A 48 2.22 3.58 11.47
CA GLU A 48 3.50 3.26 12.07
C GLU A 48 4.51 4.37 11.83
N ILE A 49 4.62 4.80 10.58
CA ILE A 49 5.59 5.84 10.22
C ILE A 49 5.18 7.20 10.77
N GLU A 50 3.89 7.42 10.97
CA GLU A 50 3.40 8.71 11.45
C GLU A 50 3.96 9.05 12.83
N SER A 51 4.41 8.04 13.56
CA SER A 51 5.00 8.25 14.87
C SER A 51 6.39 8.87 14.75
N GLU A 52 7.02 8.71 13.60
CA GLU A 52 8.36 9.26 13.38
C GLU A 52 8.31 10.42 12.38
N ILE A 53 7.21 10.51 11.64
CA ILE A 53 7.05 11.58 10.65
C ILE A 53 6.85 12.92 11.32
N ASP A 54 7.88 13.76 11.25
CA ASP A 54 7.81 15.10 11.82
C ASP A 54 7.74 16.11 10.69
N SER A 55 7.91 15.63 9.48
CA SER A 55 7.86 16.46 8.30
C SER A 55 6.82 15.92 7.32
N GLU A 56 5.94 16.79 6.85
CA GLU A 56 4.87 16.38 5.94
C GLU A 56 5.43 15.73 4.67
N GLU A 57 6.56 16.23 4.20
CA GLU A 57 7.19 15.70 2.99
C GLU A 57 7.51 14.22 3.16
N GLU A 58 7.88 13.82 4.37
CA GLU A 58 8.20 12.43 4.66
C GLU A 58 6.96 11.57 4.47
N LEU A 59 5.87 12.02 5.08
CA LEU A 59 4.59 11.32 5.02
C LEU A 59 4.05 11.29 3.60
N ILE A 60 4.10 12.43 2.92
CA ILE A 60 3.62 12.51 1.55
C ILE A 60 4.45 11.62 0.63
N ASN A 61 5.77 11.69 0.78
CA ASN A 61 6.67 10.87 -0.04
C ASN A 61 6.45 9.38 0.22
N LYS A 62 6.46 8.99 1.49
CA LYS A 62 6.28 7.59 1.87
C LYS A 62 4.97 7.05 1.32
N LYS A 63 3.92 7.86 1.42
CA LYS A 63 2.61 7.48 0.93
C LYS A 63 2.59 7.45 -0.59
N ARG A 64 3.29 8.39 -1.20
CA ARG A 64 3.37 8.45 -2.66
C ARG A 64 3.97 7.18 -3.21
N ILE A 65 5.01 6.67 -2.55
CA ILE A 65 5.67 5.45 -2.97
C ILE A 65 4.81 4.22 -2.69
N ILE A 66 4.31 4.10 -1.46
CA ILE A 66 3.48 2.95 -1.09
C ILE A 66 2.23 2.87 -1.96
N GLU A 67 1.63 4.03 -2.24
CA GLU A 67 0.44 4.11 -3.08
C GLU A 67 0.79 3.79 -4.54
N LYS A 68 1.97 4.23 -4.97
CA LYS A 68 2.44 4.00 -6.33
C LYS A 68 2.79 2.53 -6.57
N VAL A 69 3.60 1.95 -5.67
CA VAL A 69 4.02 0.55 -5.83
C VAL A 69 2.82 -0.40 -5.84
N ILE A 70 1.81 -0.09 -5.03
CA ILE A 70 0.61 -0.92 -4.98
C ILE A 70 -0.17 -0.80 -6.28
N HIS A 71 -0.35 0.43 -6.74
CA HIS A 71 -1.05 0.68 -7.98
C HIS A 71 -0.30 0.09 -9.16
N ARG A 72 1.02 0.14 -9.09
CA ARG A 72 1.88 -0.39 -10.14
C ARG A 72 1.84 -1.91 -10.17
N LEU A 73 1.96 -2.54 -9.01
CA LEU A 73 1.98 -4.00 -8.92
C LEU A 73 0.74 -4.63 -9.55
N THR A 74 -0.40 -3.97 -9.46
CA THR A 74 -1.62 -4.53 -10.03
C THR A 74 -1.86 -4.06 -11.47
N HIS A 75 -1.53 -2.82 -11.77
CA HIS A 75 -1.77 -2.28 -13.11
C HIS A 75 -0.65 -2.60 -14.09
N TYR A 76 0.48 -1.94 -13.91
CA TYR A 76 1.64 -2.11 -14.80
C TYR A 76 2.22 -3.51 -14.72
N ASP A 77 2.49 -3.96 -13.50
CA ASP A 77 3.10 -5.26 -13.29
C ASP A 77 2.12 -6.42 -13.49
N HIS A 78 0.85 -6.19 -13.16
CA HIS A 78 -0.18 -7.25 -13.27
C HIS A 78 0.25 -8.43 -12.41
N VAL A 79 0.83 -8.07 -11.27
CA VAL A 79 1.37 -9.02 -10.30
C VAL A 79 0.31 -9.39 -9.25
N LEU A 80 -0.76 -8.61 -9.20
CA LEU A 80 -1.83 -8.84 -8.23
C LEU A 80 -2.88 -9.79 -8.78
N ILE A 81 -3.38 -10.66 -7.91
CA ILE A 81 -4.39 -11.64 -8.28
C ILE A 81 -5.73 -11.27 -7.66
N GLU A 82 -6.79 -11.38 -8.45
CA GLU A 82 -8.14 -11.06 -7.98
C GLU A 82 -9.11 -12.17 -8.38
N LEU A 83 -9.69 -12.83 -7.39
CA LEU A 83 -10.63 -13.94 -7.61
C LEU A 83 -11.62 -14.05 -6.44
N THR A 84 -12.27 -15.20 -6.31
CA THR A 84 -13.24 -15.45 -5.23
C THR A 84 -14.13 -16.66 -5.56
N GLN A 85 -13.80 -17.36 -6.65
CA GLN A 85 -14.51 -18.56 -7.14
C GLN A 85 -16.04 -18.38 -7.19
N ALA A 86 -16.48 -17.13 -7.30
CA ALA A 86 -17.91 -16.84 -7.38
C ALA A 86 -18.16 -15.74 -8.41
N GLY A 87 -18.84 -16.10 -9.50
CA GLY A 87 -19.15 -15.14 -10.54
C GLY A 87 -17.98 -14.90 -11.48
N LEU A 88 -16.84 -14.57 -10.90
CA LEU A 88 -15.62 -14.31 -11.66
C LEU A 88 -14.91 -15.62 -12.03
N LYS A 89 -15.61 -16.74 -11.88
CA LYS A 89 -15.03 -18.04 -12.20
C LYS A 89 -16.13 -19.02 -12.59
N GLY A 90 -17.09 -19.21 -11.71
CA GLY A 90 -18.18 -20.11 -12.00
C GLY A 90 -19.44 -19.74 -11.25
N SER A 91 -20.55 -20.37 -11.63
CA SER A 91 -21.82 -20.13 -10.98
C SER A 91 -22.17 -21.26 -10.03
N THR A 92 -21.77 -21.13 -8.78
CA THR A 92 -22.04 -22.15 -7.79
C THR A 92 -23.52 -22.15 -7.41
N GLU A 93 -24.15 -23.31 -7.51
CA GLU A 93 -25.57 -23.43 -7.19
C GLU A 93 -25.78 -23.86 -5.74
N GLY A 94 -24.96 -24.78 -5.27
CA GLY A 94 -25.09 -25.27 -3.91
C GLY A 94 -24.32 -24.42 -2.92
N SER A 95 -23.28 -23.77 -3.39
CA SER A 95 -22.47 -22.91 -2.53
C SER A 95 -23.19 -21.58 -2.27
N GLU A 96 -22.89 -20.97 -1.14
CA GLU A 96 -23.50 -19.70 -0.74
C GLU A 96 -23.39 -18.65 -1.84
N SER A 97 -22.19 -18.49 -2.39
CA SER A 97 -21.94 -17.53 -3.46
C SER A 97 -22.40 -16.13 -3.04
N TYR A 98 -22.14 -15.79 -1.80
CA TYR A 98 -22.52 -14.50 -1.25
C TYR A 98 -21.61 -13.38 -1.75
N GLU A 99 -20.40 -13.75 -2.13
CA GLU A 99 -19.43 -12.78 -2.63
C GLU A 99 -19.79 -12.29 -4.01
N GLU A 100 -19.52 -11.02 -4.25
CA GLU A 100 -19.79 -10.39 -5.54
C GLU A 100 -18.57 -9.62 -5.99
N ASP A 101 -17.75 -9.27 -5.02
CA ASP A 101 -16.51 -8.55 -5.24
C ASP A 101 -15.35 -9.52 -5.19
N PRO A 102 -14.27 -9.27 -5.93
CA PRO A 102 -13.12 -10.16 -5.92
C PRO A 102 -12.23 -9.91 -4.71
N TYR A 103 -11.33 -10.85 -4.49
CA TYR A 103 -10.40 -10.80 -3.39
C TYR A 103 -9.00 -10.61 -3.94
N LEU A 104 -8.23 -9.73 -3.31
CA LEU A 104 -6.88 -9.42 -3.76
C LEU A 104 -5.83 -10.22 -3.02
N VAL A 105 -4.88 -10.72 -3.79
CA VAL A 105 -3.76 -11.49 -3.26
C VAL A 105 -2.51 -11.20 -4.10
N VAL A 106 -1.34 -11.14 -3.46
CA VAL A 106 -0.12 -10.84 -4.20
C VAL A 106 0.98 -11.88 -3.97
N ASN A 107 1.17 -12.75 -4.95
CA ASN A 107 2.25 -13.74 -4.86
C ASN A 107 2.88 -14.00 -6.21
N PRO A 108 3.61 -13.03 -6.73
CA PRO A 108 4.32 -13.21 -7.97
C PRO A 108 5.72 -13.61 -7.61
N ASN A 109 5.86 -13.94 -6.33
CA ASN A 109 7.14 -14.26 -5.75
C ASN A 109 8.01 -13.02 -5.94
N TYR A 110 7.43 -11.92 -5.41
CA TYR A 110 8.00 -10.56 -5.49
C TYR A 110 9.52 -10.55 -5.40
N LEU A 111 10.14 -9.84 -6.33
CA LEU A 111 11.59 -9.73 -6.40
C LEU A 111 12.06 -8.44 -5.72
N LEU A 112 13.34 -8.11 -5.92
CA LEU A 112 13.97 -6.92 -5.36
C LEU A 112 14.24 -7.06 -3.86
N GLU A 113 15.46 -6.75 -3.48
CA GLU A 113 15.88 -6.82 -2.08
C GLU A 113 16.62 -5.54 -1.71
N ASP A 114 17.33 -4.98 -2.69
CA ASP A 114 18.12 -3.76 -2.53
C ASP A 114 19.27 -3.96 -1.55
N SER B 1 -14.75 -0.67 -11.53
CA SER B 1 -15.52 -0.31 -10.32
C SER B 1 -14.70 -0.60 -9.06
N ALA B 2 -14.04 -1.75 -9.04
CA ALA B 2 -13.22 -2.12 -7.90
C ALA B 2 -11.95 -1.29 -7.87
N LEU B 3 -11.59 -0.82 -6.68
CA LEU B 3 -10.39 0.01 -6.50
C LEU B 3 -10.43 1.23 -7.41
N LYS B 4 -11.51 2.00 -7.31
CA LYS B 4 -11.68 3.19 -8.13
C LYS B 4 -10.73 4.30 -7.68
N GLY B 5 -10.94 4.79 -6.46
CA GLY B 5 -10.10 5.85 -5.94
C GLY B 5 -9.39 5.46 -4.66
N VAL B 6 -8.93 4.22 -4.61
CA VAL B 6 -8.22 3.72 -3.44
C VAL B 6 -6.85 4.39 -3.31
N SER B 7 -6.29 4.35 -2.10
CA SER B 7 -4.98 4.93 -1.80
C SER B 7 -5.05 6.46 -1.73
N GLN B 8 -5.92 7.07 -2.52
CA GLN B 8 -6.09 8.52 -2.55
C GLN B 8 -6.59 9.01 -1.19
N ASP B 9 -7.38 8.17 -0.53
CA ASP B 9 -7.94 8.51 0.77
C ASP B 9 -6.86 8.58 1.84
N LEU B 10 -5.80 7.80 1.63
CA LEU B 10 -4.69 7.76 2.59
C LEU B 10 -3.95 9.08 2.63
N LEU B 11 -3.70 9.66 1.45
CA LEU B 11 -2.99 10.93 1.38
C LEU B 11 -3.92 12.09 1.71
N GLU B 12 -5.22 11.87 1.54
CA GLU B 12 -6.21 12.90 1.83
C GLU B 12 -6.20 13.22 3.34
N ARG B 13 -5.75 12.26 4.13
CA ARG B 13 -5.65 12.44 5.58
C ARG B 13 -4.69 13.59 5.88
N ILE B 14 -3.72 13.77 4.99
CA ILE B 14 -2.71 14.82 5.13
C ILE B 14 -3.35 16.20 5.15
N ARG B 15 -4.45 16.35 4.43
CA ARG B 15 -5.15 17.62 4.35
C ARG B 15 -5.83 17.94 5.68
N ALA B 16 -6.13 16.91 6.45
CA ALA B 16 -6.78 17.10 7.74
C ALA B 16 -5.75 17.25 8.85
N LYS B 17 -4.66 16.49 8.77
CA LYS B 17 -3.62 16.54 9.79
C LYS B 17 -2.69 17.72 9.58
N GLU B 18 -2.85 18.40 8.45
CA GLU B 18 -2.04 19.57 8.12
C GLU B 18 -2.21 20.67 9.16
N ALA B 19 -3.40 20.74 9.75
CA ALA B 19 -3.69 21.74 10.78
C ALA B 19 -2.80 21.53 11.99
N GLN B 20 -2.47 20.27 12.26
CA GLN B 20 -1.61 19.94 13.39
C GLN B 20 -0.17 20.30 13.08
N LYS B 21 0.24 20.00 11.86
CA LYS B 21 1.60 20.29 11.41
C LYS B 21 1.79 21.79 11.17
N GLN B 22 0.67 22.52 11.14
CA GLN B 22 0.71 23.95 10.94
C GLN B 22 1.32 24.63 12.16
N LEU B 23 1.04 24.04 13.32
CA LEU B 23 1.57 24.56 14.58
C LEU B 23 2.91 23.92 14.87
N ALA B 24 2.90 22.59 15.03
CA ALA B 24 4.12 21.82 15.31
C ALA B 24 4.82 22.35 16.56
N GLN B 25 6.14 22.43 16.52
CA GLN B 25 6.91 22.92 17.66
C GLN B 25 7.95 23.93 17.22
N MET B 26 8.80 23.55 16.27
CA MET B 26 9.85 24.44 15.79
C MET B 26 9.52 24.99 14.40
N THR B 27 9.09 24.11 13.51
CA THR B 27 8.76 24.52 12.15
C THR B 27 7.52 23.79 11.64
N ARG B 28 6.71 24.49 10.85
CA ARG B 28 5.49 23.93 10.29
C ARG B 28 5.81 22.87 9.22
N TRP B 29 4.82 22.01 8.97
CA TRP B 29 4.95 20.96 7.97
C TRP B 29 6.14 20.06 8.26
N ALA A 1 7.01 5.91 -16.50
CA ALA A 1 8.22 6.30 -17.24
C ALA A 1 9.43 5.53 -16.72
N PRO A 2 10.23 4.95 -17.63
CA PRO A 2 11.41 4.17 -17.25
C PRO A 2 12.47 5.03 -16.58
N LYS A 3 12.69 4.77 -15.30
CA LYS A 3 13.67 5.51 -14.52
C LYS A 3 14.63 4.56 -13.83
N ALA A 4 14.12 3.81 -12.87
CA ALA A 4 14.92 2.87 -12.11
C ALA A 4 14.01 2.02 -11.24
N SER A 5 14.39 0.76 -11.04
CA SER A 5 13.61 -0.15 -10.22
C SER A 5 14.43 -0.70 -9.06
N LEU A 6 15.68 -1.08 -9.34
CA LEU A 6 16.54 -1.64 -8.30
C LEU A 6 18.01 -1.39 -8.58
N ARG A 7 18.32 -0.64 -9.64
CA ARG A 7 19.70 -0.36 -9.99
C ARG A 7 20.27 0.75 -9.12
N LEU A 8 19.70 1.94 -9.21
CA LEU A 8 20.17 3.07 -8.43
C LEU A 8 19.01 4.00 -8.10
N GLY A 9 19.00 4.53 -6.89
CA GLY A 9 17.94 5.42 -6.47
C GLY A 9 16.65 4.67 -6.19
N PHE A 10 16.68 3.82 -5.17
CA PHE A 10 15.51 3.04 -4.80
C PHE A 10 15.41 2.91 -3.29
N SER A 11 15.84 3.93 -2.58
CA SER A 11 15.81 3.93 -1.12
C SER A 11 14.38 3.79 -0.61
N GLU A 12 13.48 4.59 -1.16
CA GLU A 12 12.07 4.55 -0.77
C GLU A 12 11.46 3.23 -1.21
N TYR A 13 11.92 2.73 -2.35
CA TYR A 13 11.43 1.48 -2.90
C TYR A 13 11.72 0.31 -1.96
N SER A 14 12.97 0.23 -1.50
CA SER A 14 13.39 -0.83 -0.59
C SER A 14 12.51 -0.89 0.66
N ARG A 15 12.21 0.28 1.22
CA ARG A 15 11.38 0.36 2.43
C ARG A 15 9.99 -0.21 2.16
N ILE A 16 9.36 0.24 1.09
CA ILE A 16 8.02 -0.22 0.73
C ILE A 16 8.05 -1.70 0.33
N SER A 17 9.02 -2.06 -0.48
CA SER A 17 9.18 -3.44 -0.93
C SER A 17 9.31 -4.39 0.26
N ASN A 18 10.11 -3.99 1.25
CA ASN A 18 10.31 -4.80 2.44
C ASN A 18 9.02 -4.89 3.24
N LEU A 19 8.28 -3.79 3.29
CA LEU A 19 6.99 -3.72 3.98
C LEU A 19 6.04 -4.76 3.37
N ILE A 20 6.06 -4.87 2.04
CA ILE A 20 5.21 -5.82 1.33
C ILE A 20 5.59 -7.25 1.73
N VAL A 21 6.88 -7.53 1.70
CA VAL A 21 7.38 -8.85 2.05
C VAL A 21 7.13 -9.18 3.53
N LEU A 22 7.53 -8.26 4.40
CA LEU A 22 7.38 -8.43 5.85
C LEU A 22 5.93 -8.69 6.27
N HIS A 23 5.01 -7.84 5.82
CA HIS A 23 3.62 -8.01 6.19
C HIS A 23 3.05 -9.28 5.60
N LEU A 24 3.49 -9.62 4.40
CA LEU A 24 3.04 -10.85 3.75
C LEU A 24 3.48 -12.06 4.58
N ARG A 25 4.74 -12.05 4.99
CA ARG A 25 5.30 -13.12 5.81
C ARG A 25 4.52 -13.25 7.11
N LYS A 26 4.10 -12.11 7.64
CA LYS A 26 3.35 -12.06 8.88
C LYS A 26 1.97 -12.69 8.72
N VAL A 27 1.20 -12.18 7.75
CA VAL A 27 -0.15 -12.68 7.55
C VAL A 27 -0.20 -14.14 7.12
N GLU A 28 0.75 -14.57 6.29
CA GLU A 28 0.77 -15.96 5.84
C GLU A 28 1.09 -16.91 6.99
N GLU A 29 1.89 -16.45 7.94
CA GLU A 29 2.27 -17.28 9.07
C GLU A 29 1.16 -17.31 10.12
N GLU A 30 0.40 -16.22 10.22
CA GLU A 30 -0.66 -16.13 11.19
C GLU A 30 -2.00 -16.64 10.65
N GLU A 31 -2.55 -15.96 9.68
CA GLU A 31 -3.86 -16.33 9.12
C GLU A 31 -3.75 -17.08 7.79
N ASP A 32 -2.58 -16.98 7.15
CA ASP A 32 -2.33 -17.64 5.85
C ASP A 32 -3.26 -17.04 4.79
N GLU A 33 -3.55 -15.75 4.94
CA GLU A 33 -4.44 -15.04 4.03
C GLU A 33 -3.97 -13.60 3.89
N SER A 34 -3.47 -13.25 2.72
CA SER A 34 -2.98 -11.91 2.47
C SER A 34 -3.93 -11.13 1.55
N ALA A 35 -5.14 -11.65 1.36
CA ALA A 35 -6.13 -11.00 0.52
C ALA A 35 -6.89 -9.92 1.28
N LEU A 36 -7.41 -8.95 0.53
CA LEU A 36 -8.19 -7.83 1.08
C LEU A 36 -7.37 -6.99 2.05
N LYS A 37 -6.63 -6.03 1.51
CA LYS A 37 -5.80 -5.13 2.31
C LYS A 37 -5.17 -4.05 1.44
N ARG A 38 -5.86 -3.70 0.36
CA ARG A 38 -5.36 -2.70 -0.59
C ARG A 38 -5.07 -1.37 0.10
N SER A 39 -6.11 -0.76 0.64
CA SER A 39 -5.97 0.52 1.32
C SER A 39 -5.42 0.33 2.73
N GLU A 40 -5.75 -0.81 3.34
CA GLU A 40 -5.31 -1.13 4.69
C GLU A 40 -3.78 -1.21 4.77
N LEU A 41 -3.16 -1.80 3.75
CA LEU A 41 -1.71 -1.95 3.71
C LEU A 41 -1.00 -0.61 3.87
N VAL A 42 -1.32 0.33 3.00
CA VAL A 42 -0.72 1.65 3.06
C VAL A 42 -1.18 2.40 4.31
N ASN A 43 -2.43 2.14 4.72
CA ASN A 43 -3.00 2.80 5.88
C ASN A 43 -2.19 2.52 7.15
N TRP A 44 -2.02 1.25 7.49
CA TRP A 44 -1.26 0.91 8.70
C TRP A 44 0.20 1.26 8.54
N TYR A 45 0.72 1.10 7.32
CA TYR A 45 2.12 1.39 7.03
C TYR A 45 2.50 2.79 7.51
N LEU A 46 1.71 3.76 7.12
CA LEU A 46 1.96 5.14 7.48
C LEU A 46 1.58 5.41 8.93
N LYS A 47 0.44 4.89 9.36
CA LYS A 47 -0.02 5.11 10.72
C LYS A 47 0.97 4.58 11.76
N GLU A 48 1.69 3.53 11.40
CA GLU A 48 2.69 2.95 12.29
C GLU A 48 3.97 3.77 12.30
N ILE A 49 4.35 4.30 11.14
CA ILE A 49 5.58 5.08 11.03
C ILE A 49 5.36 6.57 11.26
N GLU A 50 4.10 6.99 11.41
CA GLU A 50 3.77 8.41 11.63
C GLU A 50 4.48 8.95 12.87
N SER A 51 4.94 8.06 13.73
CA SER A 51 5.66 8.44 14.93
C SER A 51 7.04 9.00 14.57
N GLU A 52 7.66 8.40 13.55
CA GLU A 52 8.98 8.84 13.10
C GLU A 52 8.82 9.90 12.01
N ILE A 53 7.62 9.97 11.46
CA ILE A 53 7.32 10.93 10.42
C ILE A 53 6.99 12.27 11.07
N ASP A 54 8.02 13.07 11.26
CA ASP A 54 7.87 14.37 11.88
C ASP A 54 7.64 15.45 10.82
N SER A 55 7.80 15.07 9.56
CA SER A 55 7.61 16.01 8.48
C SER A 55 6.50 15.54 7.55
N GLU A 56 5.72 16.49 7.07
CA GLU A 56 4.63 16.20 6.15
C GLU A 56 5.20 15.57 4.89
N GLU A 57 6.37 16.06 4.49
CA GLU A 57 7.08 15.58 3.31
C GLU A 57 7.35 14.08 3.40
N GLU A 58 7.72 13.64 4.60
CA GLU A 58 8.01 12.23 4.85
C GLU A 58 6.78 11.37 4.61
N LEU A 59 5.65 11.83 5.14
CA LEU A 59 4.39 11.10 5.01
C LEU A 59 3.94 11.09 3.56
N ILE A 60 4.05 12.24 2.91
CA ILE A 60 3.66 12.37 1.51
C ILE A 60 4.58 11.51 0.64
N ASN A 61 5.85 11.47 1.00
CA ASN A 61 6.83 10.66 0.28
C ASN A 61 6.51 9.18 0.40
N LYS A 62 6.39 8.71 1.64
CA LYS A 62 6.10 7.30 1.91
C LYS A 62 4.76 6.89 1.33
N LYS A 63 3.73 7.70 1.58
CA LYS A 63 2.39 7.41 1.11
C LYS A 63 2.33 7.35 -0.41
N ARG A 64 2.89 8.36 -1.07
CA ARG A 64 2.85 8.41 -2.52
C ARG A 64 3.62 7.25 -3.15
N ILE A 65 4.57 6.69 -2.45
CA ILE A 65 5.32 5.56 -2.99
C ILE A 65 4.49 4.29 -2.85
N ILE A 66 3.95 4.08 -1.66
CA ILE A 66 3.15 2.89 -1.39
C ILE A 66 1.80 2.93 -2.13
N GLU A 67 1.19 4.11 -2.23
CA GLU A 67 -0.09 4.23 -2.93
C GLU A 67 0.10 3.99 -4.43
N LYS A 68 1.25 4.40 -4.95
CA LYS A 68 1.55 4.23 -6.36
C LYS A 68 1.87 2.78 -6.69
N VAL A 69 2.72 2.16 -5.89
CA VAL A 69 3.10 0.76 -6.14
C VAL A 69 1.87 -0.15 -6.06
N ILE A 70 0.94 0.14 -5.15
CA ILE A 70 -0.27 -0.66 -5.03
C ILE A 70 -1.12 -0.54 -6.28
N HIS A 71 -1.27 0.67 -6.79
CA HIS A 71 -2.04 0.91 -8.00
C HIS A 71 -1.31 0.34 -9.21
N ARG A 72 0.02 0.44 -9.18
CA ARG A 72 0.87 -0.06 -10.25
C ARG A 72 0.86 -1.59 -10.24
N LEU A 73 0.81 -2.14 -9.03
CA LEU A 73 0.81 -3.58 -8.81
C LEU A 73 -0.36 -4.26 -9.50
N THR A 74 -1.54 -3.65 -9.41
CA THR A 74 -2.75 -4.22 -9.99
C THR A 74 -2.90 -3.90 -11.48
N HIS A 75 -1.91 -3.24 -12.09
CA HIS A 75 -2.02 -2.91 -13.51
C HIS A 75 -0.75 -3.21 -14.30
N TYR A 76 0.39 -2.75 -13.82
CA TYR A 76 1.64 -2.95 -14.53
C TYR A 76 2.48 -4.08 -13.93
N ASP A 77 2.55 -4.15 -12.60
CA ASP A 77 3.35 -5.17 -11.93
C ASP A 77 2.82 -6.57 -12.21
N HIS A 78 1.51 -6.76 -12.03
CA HIS A 78 0.87 -8.06 -12.27
C HIS A 78 1.31 -9.10 -11.25
N VAL A 79 1.84 -8.63 -10.13
CA VAL A 79 2.30 -9.51 -9.06
C VAL A 79 1.15 -9.86 -8.14
N LEU A 80 0.08 -9.10 -8.25
CA LEU A 80 -1.10 -9.31 -7.43
C LEU A 80 -2.08 -10.25 -8.12
N ILE A 81 -2.62 -11.17 -7.33
CA ILE A 81 -3.58 -12.14 -7.82
C ILE A 81 -4.98 -11.72 -7.40
N GLU A 82 -5.91 -11.72 -8.35
CA GLU A 82 -7.28 -11.35 -8.07
C GLU A 82 -8.24 -12.30 -8.75
N LEU A 83 -9.31 -12.64 -8.05
CA LEU A 83 -10.33 -13.54 -8.58
C LEU A 83 -11.52 -12.72 -9.08
N THR A 84 -12.70 -13.05 -8.61
CA THR A 84 -13.91 -12.34 -8.99
C THR A 84 -14.87 -12.39 -7.81
N GLN A 85 -15.73 -11.38 -7.70
CA GLN A 85 -16.69 -11.36 -6.61
C GLN A 85 -17.96 -12.08 -7.02
N ALA A 86 -17.99 -12.51 -8.28
CA ALA A 86 -19.13 -13.24 -8.80
C ALA A 86 -18.89 -14.74 -8.68
N GLY A 87 -19.86 -15.45 -8.13
CA GLY A 87 -19.72 -16.88 -7.97
C GLY A 87 -19.08 -17.27 -6.65
N LEU A 88 -18.98 -16.30 -5.74
CA LEU A 88 -18.40 -16.56 -4.43
C LEU A 88 -19.50 -17.04 -3.48
N LYS A 89 -20.41 -16.14 -3.17
CA LYS A 89 -21.53 -16.46 -2.29
C LYS A 89 -22.83 -16.31 -3.05
N GLY A 90 -22.71 -15.92 -4.32
CA GLY A 90 -23.88 -15.73 -5.16
C GLY A 90 -23.98 -14.30 -5.62
N SER A 91 -24.39 -13.42 -4.71
CA SER A 91 -24.55 -11.99 -4.98
C SER A 91 -25.57 -11.73 -6.09
N THR A 92 -26.43 -12.73 -6.35
CA THR A 92 -27.46 -12.65 -7.38
C THR A 92 -26.94 -12.08 -8.70
N GLU A 93 -26.23 -12.91 -9.44
CA GLU A 93 -25.64 -12.53 -10.73
C GLU A 93 -24.72 -11.33 -10.59
N GLY A 94 -23.49 -11.57 -10.17
CA GLY A 94 -22.54 -10.48 -10.03
C GLY A 94 -22.00 -10.03 -11.37
N SER A 95 -21.31 -10.96 -12.04
CA SER A 95 -20.71 -10.73 -13.36
C SER A 95 -19.60 -9.67 -13.32
N GLU A 96 -20.00 -8.42 -13.16
CA GLU A 96 -19.04 -7.31 -13.14
C GLU A 96 -18.46 -7.11 -11.74
N SER A 97 -17.26 -6.54 -11.70
CA SER A 97 -16.57 -6.28 -10.45
C SER A 97 -15.87 -4.91 -10.52
N TYR A 98 -16.60 -3.93 -11.04
CA TYR A 98 -16.07 -2.58 -11.19
C TYR A 98 -16.31 -1.76 -9.92
N GLU A 99 -17.35 -2.11 -9.19
CA GLU A 99 -17.68 -1.40 -7.95
C GLU A 99 -16.66 -1.74 -6.88
N GLU A 100 -16.77 -2.95 -6.33
CA GLU A 100 -15.85 -3.40 -5.30
C GLU A 100 -14.80 -4.32 -5.91
N ASP A 101 -13.66 -4.42 -5.26
CA ASP A 101 -12.57 -5.27 -5.74
C ASP A 101 -12.65 -6.63 -5.07
N PRO A 102 -12.31 -7.71 -5.80
CA PRO A 102 -12.32 -9.07 -5.26
C PRO A 102 -11.15 -9.29 -4.32
N TYR A 103 -10.95 -10.54 -3.90
CA TYR A 103 -9.87 -10.88 -2.99
C TYR A 103 -8.51 -10.62 -3.66
N LEU A 104 -7.86 -9.53 -3.26
CA LEU A 104 -6.56 -9.20 -3.82
C LEU A 104 -5.44 -9.76 -2.95
N VAL A 105 -4.65 -10.62 -3.54
CA VAL A 105 -3.55 -11.26 -2.84
C VAL A 105 -2.23 -10.93 -3.56
N VAL A 106 -1.16 -10.80 -2.79
CA VAL A 106 0.14 -10.47 -3.37
C VAL A 106 1.15 -11.59 -3.14
N ASN A 107 2.06 -11.78 -4.10
CA ASN A 107 3.08 -12.81 -4.01
C ASN A 107 4.45 -12.18 -3.81
N PRO A 108 5.42 -12.94 -3.27
CA PRO A 108 6.78 -12.45 -3.02
C PRO A 108 7.55 -12.16 -4.31
N ASN A 109 6.94 -12.43 -5.46
CA ASN A 109 7.57 -12.20 -6.77
C ASN A 109 7.37 -10.76 -7.21
N TYR A 110 7.14 -9.87 -6.26
CA TYR A 110 6.92 -8.46 -6.53
C TYR A 110 8.17 -7.83 -7.15
N LEU A 111 9.31 -8.00 -6.49
CA LEU A 111 10.57 -7.43 -6.97
C LEU A 111 11.75 -8.31 -6.59
N LEU A 112 12.94 -7.86 -6.91
CA LEU A 112 14.14 -8.61 -6.58
C LEU A 112 14.85 -8.04 -5.36
N GLU A 113 14.25 -7.00 -4.79
CA GLU A 113 14.80 -6.36 -3.60
C GLU A 113 15.12 -7.40 -2.52
N ASP A 114 14.28 -8.41 -2.45
CA ASP A 114 14.47 -9.47 -1.48
C ASP A 114 13.75 -10.73 -1.96
N SER B 1 -8.08 8.37 -19.88
CA SER B 1 -6.66 8.12 -20.14
C SER B 1 -5.85 8.16 -18.85
N ALA B 2 -6.54 8.17 -17.72
CA ALA B 2 -5.86 8.21 -16.42
C ALA B 2 -6.55 7.29 -15.43
N LEU B 3 -5.80 6.37 -14.88
CA LEU B 3 -6.32 5.43 -13.91
C LEU B 3 -5.70 5.72 -12.54
N LYS B 4 -6.54 5.82 -11.52
CA LYS B 4 -6.06 6.10 -10.18
C LYS B 4 -6.70 5.14 -9.18
N GLY B 5 -8.02 5.22 -9.06
CA GLY B 5 -8.73 4.37 -8.13
C GLY B 5 -8.50 4.81 -6.70
N VAL B 6 -7.66 4.06 -6.00
CA VAL B 6 -7.35 4.38 -4.61
C VAL B 6 -5.86 4.65 -4.44
N SER B 7 -5.51 5.92 -4.32
CA SER B 7 -4.12 6.33 -4.16
C SER B 7 -4.06 7.73 -3.57
N GLN B 8 -4.21 8.75 -4.44
CA GLN B 8 -4.16 10.14 -4.03
C GLN B 8 -5.22 10.44 -2.97
N ASP B 9 -6.30 9.66 -2.98
CA ASP B 9 -7.38 9.82 -2.01
C ASP B 9 -6.88 9.64 -0.58
N LEU B 10 -5.80 8.87 -0.43
CA LEU B 10 -5.23 8.62 0.88
C LEU B 10 -4.33 9.79 1.31
N LEU B 11 -3.71 10.46 0.35
CA LEU B 11 -2.83 11.58 0.66
C LEU B 11 -3.63 12.82 1.02
N GLU B 12 -4.93 12.78 0.76
CA GLU B 12 -5.81 13.90 1.07
C GLU B 12 -5.96 14.05 2.57
N ARG B 13 -5.75 12.96 3.31
CA ARG B 13 -5.85 12.97 4.76
C ARG B 13 -4.74 13.82 5.35
N ILE B 14 -3.61 13.86 4.66
CA ILE B 14 -2.46 14.63 5.10
C ILE B 14 -2.73 16.13 5.08
N ARG B 15 -3.73 16.54 4.29
CA ARG B 15 -4.08 17.95 4.20
C ARG B 15 -4.62 18.44 5.54
N ALA B 16 -5.18 17.52 6.31
CA ALA B 16 -5.69 17.83 7.64
C ALA B 16 -4.67 17.37 8.67
N LYS B 17 -3.85 16.39 8.27
CA LYS B 17 -2.81 15.83 9.13
C LYS B 17 -1.84 16.92 9.58
N GLU B 18 -1.67 17.92 8.72
CA GLU B 18 -0.80 19.05 9.03
C GLU B 18 -1.17 19.66 10.37
N ALA B 19 -2.44 20.05 10.49
CA ALA B 19 -2.96 20.64 11.72
C ALA B 19 -3.05 19.61 12.82
N GLN B 20 -3.47 18.39 12.46
CA GLN B 20 -3.62 17.30 13.41
C GLN B 20 -2.31 16.95 14.12
N LYS B 21 -1.19 17.14 13.42
CA LYS B 21 0.10 16.83 13.99
C LYS B 21 0.52 17.90 14.99
N GLN B 22 0.32 19.17 14.64
CA GLN B 22 0.68 20.26 15.52
C GLN B 22 -0.25 20.28 16.73
N LEU B 23 -1.48 19.83 16.50
CA LEU B 23 -2.50 19.78 17.53
C LEU B 23 -2.58 18.38 18.13
N ALA B 24 -1.47 17.64 18.06
CA ALA B 24 -1.39 16.29 18.62
C ALA B 24 -1.60 16.29 20.13
N GLN B 25 -2.85 16.46 20.52
CA GLN B 25 -3.26 16.52 21.90
C GLN B 25 -4.79 16.57 21.94
N MET B 26 -5.35 17.39 21.06
CA MET B 26 -6.80 17.55 20.95
C MET B 26 -7.34 16.72 19.81
N THR B 27 -6.67 16.78 18.66
CA THR B 27 -7.07 16.02 17.47
C THR B 27 -8.50 16.39 17.03
N ARG B 28 -8.76 17.69 16.94
CA ARG B 28 -10.07 18.18 16.54
C ARG B 28 -9.93 19.22 15.44
N TRP B 29 -8.82 19.15 14.73
CA TRP B 29 -8.51 20.09 13.65
C TRP B 29 -8.42 21.52 14.19
N ALA A 1 22.39 -10.28 -7.08
CA ALA A 1 22.94 -9.81 -8.37
C ALA A 1 24.30 -9.18 -8.17
N PRO A 2 25.27 -9.49 -9.05
CA PRO A 2 26.63 -8.94 -8.97
C PRO A 2 26.64 -7.42 -9.06
N LYS A 3 25.69 -6.87 -9.82
CA LYS A 3 25.58 -5.43 -9.98
C LYS A 3 24.64 -4.83 -8.95
N ALA A 4 24.58 -3.50 -8.90
CA ALA A 4 23.71 -2.81 -7.94
C ALA A 4 22.27 -2.86 -8.40
N SER A 5 21.37 -3.21 -7.48
CA SER A 5 19.96 -3.31 -7.80
C SER A 5 19.14 -2.31 -6.99
N LEU A 6 18.72 -1.22 -7.65
CA LEU A 6 17.92 -0.16 -7.05
C LEU A 6 18.55 0.33 -5.74
N ARG A 7 19.53 1.20 -5.85
CA ARG A 7 20.22 1.73 -4.69
C ARG A 7 19.92 3.22 -4.50
N LEU A 8 20.51 4.05 -5.35
CA LEU A 8 20.33 5.48 -5.27
C LEU A 8 18.96 5.90 -5.80
N GLY A 9 18.20 6.63 -4.99
CA GLY A 9 16.90 7.10 -5.41
C GLY A 9 15.81 6.05 -5.25
N PHE A 10 16.15 4.92 -4.67
CA PHE A 10 15.19 3.85 -4.48
C PHE A 10 15.14 3.43 -3.01
N SER A 11 15.57 4.33 -2.15
CA SER A 11 15.57 4.08 -0.71
C SER A 11 14.15 3.97 -0.20
N GLU A 12 13.27 4.83 -0.70
CA GLU A 12 11.86 4.80 -0.30
C GLU A 12 11.22 3.52 -0.82
N TYR A 13 11.57 3.17 -2.05
CA TYR A 13 11.05 1.97 -2.70
C TYR A 13 11.36 0.74 -1.86
N SER A 14 12.60 0.65 -1.38
CA SER A 14 13.02 -0.48 -0.55
C SER A 14 12.18 -0.58 0.71
N ARG A 15 11.89 0.56 1.34
CA ARG A 15 11.09 0.61 2.56
C ARG A 15 9.70 0.04 2.32
N ILE A 16 9.05 0.51 1.26
CA ILE A 16 7.71 0.06 0.92
C ILE A 16 7.73 -1.43 0.54
N SER A 17 8.69 -1.81 -0.29
CA SER A 17 8.82 -3.20 -0.73
C SER A 17 8.96 -4.14 0.47
N ASN A 18 9.76 -3.71 1.46
CA ASN A 18 9.98 -4.49 2.67
C ASN A 18 8.67 -4.65 3.42
N LEU A 19 7.96 -3.54 3.56
CA LEU A 19 6.66 -3.50 4.25
C LEU A 19 5.68 -4.47 3.57
N ILE A 20 5.70 -4.51 2.24
CA ILE A 20 4.82 -5.39 1.49
C ILE A 20 5.07 -6.86 1.80
N VAL A 21 6.31 -7.29 1.68
CA VAL A 21 6.65 -8.68 1.93
C VAL A 21 6.55 -9.02 3.43
N LEU A 22 6.93 -8.09 4.28
CA LEU A 22 6.88 -8.31 5.73
C LEU A 22 5.46 -8.57 6.20
N HIS A 23 4.54 -7.68 5.81
CA HIS A 23 3.16 -7.85 6.21
C HIS A 23 2.57 -9.12 5.61
N LEU A 24 2.85 -9.34 4.32
CA LEU A 24 2.34 -10.51 3.62
C LEU A 24 2.84 -11.82 4.24
N ARG A 25 4.13 -11.90 4.54
CA ARG A 25 4.70 -13.13 5.14
C ARG A 25 4.10 -13.39 6.51
N LYS A 26 3.78 -12.33 7.24
CA LYS A 26 3.18 -12.46 8.56
C LYS A 26 1.73 -12.93 8.42
N VAL A 27 1.06 -12.38 7.41
CA VAL A 27 -0.32 -12.72 7.13
C VAL A 27 -0.46 -14.19 6.74
N GLU A 28 0.33 -14.62 5.78
CA GLU A 28 0.28 -16.01 5.32
C GLU A 28 0.66 -16.98 6.43
N GLU A 29 1.49 -16.52 7.35
CA GLU A 29 1.93 -17.34 8.47
C GLU A 29 0.81 -17.58 9.46
N GLU A 30 0.13 -16.51 9.84
CA GLU A 30 -0.94 -16.59 10.82
C GLU A 30 -2.33 -16.73 10.18
N GLU A 31 -2.77 -15.68 9.51
CA GLU A 31 -4.08 -15.64 8.87
C GLU A 31 -4.20 -16.60 7.69
N ASP A 32 -3.09 -16.77 6.96
CA ASP A 32 -3.02 -17.65 5.78
C ASP A 32 -3.67 -17.01 4.56
N GLU A 33 -4.69 -16.18 4.81
CA GLU A 33 -5.40 -15.48 3.76
C GLU A 33 -4.67 -14.18 3.43
N SER A 34 -3.66 -14.31 2.60
CA SER A 34 -2.83 -13.20 2.18
C SER A 34 -3.53 -12.25 1.20
N ALA A 35 -4.83 -12.08 1.35
CA ALA A 35 -5.60 -11.19 0.48
C ALA A 35 -5.71 -9.82 1.10
N LEU A 36 -6.42 -9.74 2.22
CA LEU A 36 -6.62 -8.49 2.95
C LEU A 36 -7.28 -7.43 2.06
N LYS A 37 -6.77 -6.22 2.13
CA LYS A 37 -7.28 -5.12 1.34
C LYS A 37 -6.13 -4.26 0.86
N ARG A 38 -6.16 -3.87 -0.42
CA ARG A 38 -5.11 -3.05 -1.01
C ARG A 38 -4.88 -1.75 -0.22
N SER A 39 -5.96 -1.03 0.07
CA SER A 39 -5.85 0.24 0.79
C SER A 39 -5.49 -0.01 2.25
N GLU A 40 -5.89 -1.16 2.78
CA GLU A 40 -5.62 -1.49 4.17
C GLU A 40 -4.12 -1.67 4.41
N LEU A 41 -3.43 -2.20 3.41
CA LEU A 41 -1.98 -2.41 3.50
C LEU A 41 -1.28 -1.09 3.78
N VAL A 42 -1.61 -0.08 2.98
CA VAL A 42 -1.04 1.24 3.14
C VAL A 42 -1.62 1.94 4.37
N ASN A 43 -2.89 1.66 4.65
CA ASN A 43 -3.61 2.26 5.79
C ASN A 43 -2.82 2.16 7.10
N TRP A 44 -2.51 0.94 7.52
CA TRP A 44 -1.76 0.75 8.76
C TRP A 44 -0.33 1.23 8.61
N TYR A 45 0.19 1.15 7.39
CA TYR A 45 1.56 1.58 7.10
C TYR A 45 1.71 3.05 7.50
N LEU A 46 0.76 3.87 7.08
CA LEU A 46 0.79 5.29 7.39
C LEU A 46 0.61 5.48 8.88
N LYS A 47 -0.28 4.71 9.47
CA LYS A 47 -0.58 4.81 10.89
C LYS A 47 0.65 4.58 11.74
N GLU A 48 1.55 3.77 11.23
CA GLU A 48 2.78 3.43 11.93
C GLU A 48 3.89 4.46 11.66
N ILE A 49 4.04 4.85 10.41
CA ILE A 49 5.07 5.81 10.04
C ILE A 49 4.69 7.22 10.43
N GLU A 50 3.40 7.45 10.62
CA GLU A 50 2.92 8.80 10.96
C GLU A 50 3.35 9.21 12.35
N SER A 51 3.90 8.26 13.09
CA SER A 51 4.40 8.51 14.43
C SER A 51 5.79 9.15 14.37
N GLU A 52 6.49 8.93 13.25
CA GLU A 52 7.82 9.48 13.07
C GLU A 52 7.81 10.66 12.11
N ILE A 53 6.86 10.66 11.18
CA ILE A 53 6.75 11.72 10.19
C ILE A 53 6.53 13.08 10.84
N ASP A 54 7.52 13.92 10.74
CA ASP A 54 7.45 15.27 11.30
C ASP A 54 7.34 16.26 10.16
N SER A 55 7.68 15.82 8.97
CA SER A 55 7.63 16.66 7.80
C SER A 55 6.56 16.17 6.83
N GLU A 56 5.73 17.10 6.38
CA GLU A 56 4.64 16.79 5.46
C GLU A 56 5.16 16.07 4.21
N GLU A 57 6.33 16.51 3.73
CA GLU A 57 6.94 15.93 2.53
C GLU A 57 7.17 14.43 2.69
N GLU A 58 7.59 14.01 3.87
CA GLU A 58 7.85 12.62 4.14
C GLU A 58 6.56 11.80 4.07
N LEU A 59 5.50 12.34 4.66
CA LEU A 59 4.21 11.67 4.66
C LEU A 59 3.68 11.55 3.24
N ILE A 60 3.72 12.65 2.50
CA ILE A 60 3.26 12.67 1.12
C ILE A 60 4.06 11.66 0.30
N ASN A 61 5.36 11.62 0.56
CA ASN A 61 6.26 10.71 -0.14
C ASN A 61 5.87 9.26 0.09
N LYS A 62 5.81 8.85 1.36
CA LYS A 62 5.48 7.47 1.72
C LYS A 62 4.14 7.03 1.14
N LYS A 63 3.12 7.86 1.30
CA LYS A 63 1.79 7.54 0.82
C LYS A 63 1.74 7.44 -0.70
N ARG A 64 2.52 8.28 -1.38
CA ARG A 64 2.54 8.25 -2.84
C ARG A 64 3.31 7.04 -3.34
N ILE A 65 4.39 6.68 -2.65
CA ILE A 65 5.22 5.55 -3.03
C ILE A 65 4.48 4.23 -2.83
N ILE A 66 3.89 4.04 -1.65
CA ILE A 66 3.16 2.81 -1.36
C ILE A 66 2.02 2.60 -2.35
N GLU A 67 1.28 3.66 -2.64
CA GLU A 67 0.18 3.59 -3.59
C GLU A 67 0.70 3.23 -4.97
N LYS A 68 1.79 3.89 -5.36
CA LYS A 68 2.42 3.67 -6.65
C LYS A 68 2.83 2.20 -6.81
N VAL A 69 3.43 1.64 -5.76
CA VAL A 69 3.87 0.25 -5.79
C VAL A 69 2.67 -0.68 -5.95
N ILE A 70 1.59 -0.40 -5.22
CA ILE A 70 0.37 -1.21 -5.31
C ILE A 70 -0.17 -1.17 -6.75
N HIS A 71 -0.17 0.02 -7.33
CA HIS A 71 -0.64 0.22 -8.69
C HIS A 71 0.29 -0.49 -9.68
N ARG A 72 1.57 -0.47 -9.39
CA ARG A 72 2.57 -1.10 -10.23
C ARG A 72 2.47 -2.62 -10.15
N LEU A 73 2.26 -3.13 -8.95
CA LEU A 73 2.15 -4.57 -8.74
C LEU A 73 0.91 -5.14 -9.42
N THR A 74 -0.16 -4.34 -9.47
CA THR A 74 -1.41 -4.77 -10.06
C THR A 74 -1.47 -4.54 -11.57
N HIS A 75 -0.38 -4.07 -12.16
CA HIS A 75 -0.37 -3.80 -13.59
C HIS A 75 0.97 -4.15 -14.24
N TYR A 76 2.03 -3.51 -13.80
CA TYR A 76 3.37 -3.73 -14.35
C TYR A 76 3.93 -5.07 -13.92
N ASP A 77 3.99 -5.28 -12.60
CA ASP A 77 4.53 -6.52 -12.04
C ASP A 77 3.71 -7.72 -12.44
N HIS A 78 2.38 -7.59 -12.33
CA HIS A 78 1.44 -8.68 -12.65
C HIS A 78 1.63 -9.85 -11.70
N VAL A 79 2.11 -9.56 -10.49
CA VAL A 79 2.33 -10.60 -9.49
C VAL A 79 1.11 -10.68 -8.56
N LEU A 80 0.04 -10.02 -9.00
CA LEU A 80 -1.20 -9.99 -8.25
C LEU A 80 -2.09 -11.14 -8.68
N ILE A 81 -2.54 -11.92 -7.70
CA ILE A 81 -3.40 -13.07 -7.94
C ILE A 81 -4.85 -12.69 -7.70
N GLU A 82 -5.69 -12.94 -8.69
CA GLU A 82 -7.12 -12.65 -8.56
C GLU A 82 -7.93 -13.68 -9.34
N LEU A 83 -9.07 -14.04 -8.80
CA LEU A 83 -9.92 -15.02 -9.47
C LEU A 83 -11.10 -14.34 -10.13
N THR A 84 -12.13 -14.09 -9.35
CA THR A 84 -13.32 -13.44 -9.86
C THR A 84 -13.81 -12.40 -8.87
N GLN A 85 -14.48 -11.39 -9.38
CA GLN A 85 -15.01 -10.31 -8.57
C GLN A 85 -16.48 -10.58 -8.26
N ALA A 86 -17.10 -11.39 -9.10
CA ALA A 86 -18.49 -11.75 -8.93
C ALA A 86 -18.66 -12.80 -7.84
N GLY A 87 -19.59 -12.55 -6.95
CA GLY A 87 -19.83 -13.47 -5.85
C GLY A 87 -19.28 -12.94 -4.55
N LEU A 88 -18.52 -11.85 -4.64
CA LEU A 88 -17.92 -11.24 -3.48
C LEU A 88 -17.99 -9.72 -3.56
N LYS A 89 -18.89 -9.22 -4.40
CA LYS A 89 -19.05 -7.78 -4.56
C LYS A 89 -20.45 -7.35 -4.13
N GLY A 90 -21.46 -7.98 -4.69
CA GLY A 90 -22.83 -7.63 -4.37
C GLY A 90 -23.81 -8.05 -5.45
N SER A 91 -24.12 -9.34 -5.48
CA SER A 91 -25.04 -9.88 -6.47
C SER A 91 -26.48 -9.61 -6.08
N THR A 92 -27.28 -9.17 -7.05
CA THR A 92 -28.68 -8.87 -6.81
C THR A 92 -29.50 -10.15 -6.67
N GLU A 93 -29.20 -11.14 -7.52
CA GLU A 93 -29.91 -12.41 -7.49
C GLU A 93 -29.32 -13.35 -6.44
N GLY A 94 -28.11 -13.04 -6.00
CA GLY A 94 -27.47 -13.86 -4.99
C GLY A 94 -26.57 -14.93 -5.57
N SER A 95 -25.28 -14.80 -5.34
CA SER A 95 -24.31 -15.76 -5.83
C SER A 95 -23.97 -16.78 -4.74
N GLU A 96 -23.32 -17.86 -5.14
CA GLU A 96 -22.94 -18.90 -4.19
C GLU A 96 -21.61 -18.56 -3.52
N SER A 97 -21.70 -17.98 -2.34
CA SER A 97 -20.51 -17.57 -1.59
C SER A 97 -19.94 -18.72 -0.75
N TYR A 98 -20.36 -19.94 -1.07
CA TYR A 98 -19.90 -21.13 -0.36
C TYR A 98 -18.39 -21.34 -0.55
N GLU A 99 -17.88 -20.82 -1.66
CA GLU A 99 -16.46 -20.95 -1.98
C GLU A 99 -15.64 -19.88 -1.26
N GLU A 100 -14.35 -20.16 -1.07
CA GLU A 100 -13.44 -19.23 -0.41
C GLU A 100 -13.29 -17.95 -1.23
N ASP A 101 -13.17 -16.83 -0.53
CA ASP A 101 -13.03 -15.54 -1.19
C ASP A 101 -11.59 -15.34 -1.66
N PRO A 102 -11.41 -15.04 -2.95
CA PRO A 102 -10.11 -14.83 -3.56
C PRO A 102 -9.59 -13.41 -3.34
N TYR A 103 -10.27 -12.45 -3.97
CA TYR A 103 -9.90 -11.04 -3.87
C TYR A 103 -8.53 -10.79 -4.47
N LEU A 104 -7.82 -9.81 -3.93
CA LEU A 104 -6.50 -9.48 -4.42
C LEU A 104 -5.44 -9.99 -3.46
N VAL A 105 -4.53 -10.77 -3.97
CA VAL A 105 -3.46 -11.33 -3.17
C VAL A 105 -2.15 -11.26 -3.95
N VAL A 106 -1.06 -10.92 -3.26
CA VAL A 106 0.22 -10.80 -3.92
C VAL A 106 1.11 -12.01 -3.63
N ASN A 107 1.89 -12.41 -4.64
CA ASN A 107 2.80 -13.55 -4.51
C ASN A 107 3.82 -13.29 -3.42
N PRO A 108 4.29 -14.35 -2.75
CA PRO A 108 5.30 -14.23 -1.69
C PRO A 108 6.68 -13.96 -2.27
N ASN A 109 6.73 -13.84 -3.58
CA ASN A 109 7.96 -13.58 -4.30
C ASN A 109 7.87 -12.28 -5.06
N TYR A 110 8.25 -11.20 -4.39
CA TYR A 110 8.25 -9.89 -5.01
C TYR A 110 9.67 -9.46 -5.31
N LEU A 111 9.90 -9.01 -6.54
CA LEU A 111 11.22 -8.59 -6.93
C LEU A 111 11.27 -7.11 -7.28
N LEU A 112 12.46 -6.61 -7.54
CA LEU A 112 12.65 -5.22 -7.89
C LEU A 112 12.72 -5.04 -9.41
N GLU A 113 12.63 -3.80 -9.86
CA GLU A 113 12.69 -3.52 -11.29
C GLU A 113 14.07 -3.88 -11.83
N ASP A 114 15.08 -3.12 -11.39
CA ASP A 114 16.47 -3.34 -11.79
C ASP A 114 16.61 -3.30 -13.31
N SER B 1 -14.52 -2.31 -12.03
CA SER B 1 -14.26 -1.64 -13.32
C SER B 1 -13.68 -0.24 -13.10
N ALA B 2 -13.11 -0.01 -11.93
CA ALA B 2 -12.51 1.29 -11.61
C ALA B 2 -11.07 1.13 -11.18
N LEU B 3 -10.15 1.59 -12.01
CA LEU B 3 -8.72 1.51 -11.71
C LEU B 3 -8.32 2.49 -10.61
N LYS B 4 -7.37 2.06 -9.78
CA LYS B 4 -6.85 2.87 -8.67
C LYS B 4 -7.92 3.12 -7.63
N GLY B 5 -8.67 4.20 -7.78
CA GLY B 5 -9.71 4.53 -6.83
C GLY B 5 -9.20 5.25 -5.61
N VAL B 6 -8.31 4.60 -4.89
CA VAL B 6 -7.74 5.18 -3.68
C VAL B 6 -6.32 5.68 -3.91
N SER B 7 -6.19 6.99 -4.04
CA SER B 7 -4.90 7.63 -4.25
C SER B 7 -4.77 8.84 -3.34
N GLN B 8 -5.63 9.83 -3.57
CA GLN B 8 -5.62 11.06 -2.78
C GLN B 8 -6.17 10.79 -1.38
N ASP B 9 -6.96 9.72 -1.28
CA ASP B 9 -7.58 9.31 -0.03
C ASP B 9 -6.56 9.13 1.07
N LEU B 10 -5.40 8.61 0.71
CA LEU B 10 -4.33 8.38 1.67
C LEU B 10 -3.75 9.70 2.17
N LEU B 11 -3.70 10.68 1.27
CA LEU B 11 -3.15 12.00 1.58
C LEU B 11 -4.17 12.88 2.31
N GLU B 12 -5.44 12.51 2.26
CA GLU B 12 -6.50 13.29 2.91
C GLU B 12 -6.34 13.32 4.42
N ARG B 13 -5.47 12.47 4.94
CA ARG B 13 -5.20 12.42 6.37
C ARG B 13 -4.15 13.47 6.74
N ILE B 14 -3.39 13.90 5.75
CA ILE B 14 -2.33 14.88 5.96
C ILE B 14 -2.88 16.27 6.30
N ARG B 15 -4.04 16.61 5.73
CA ARG B 15 -4.64 17.91 6.02
C ARG B 15 -4.92 18.07 7.51
N ALA B 16 -5.06 16.94 8.20
CA ALA B 16 -5.31 16.95 9.63
C ALA B 16 -3.99 17.09 10.40
N LYS B 17 -2.92 16.55 9.83
CA LYS B 17 -1.60 16.63 10.45
C LYS B 17 -1.05 18.05 10.34
N GLU B 18 -1.53 18.78 9.34
CA GLU B 18 -1.09 20.15 9.14
C GLU B 18 -1.37 20.99 10.38
N ALA B 19 -2.60 20.89 10.86
CA ALA B 19 -3.03 21.61 12.06
C ALA B 19 -2.19 21.22 13.26
N GLN B 20 -1.81 19.94 13.30
CA GLN B 20 -0.99 19.41 14.39
C GLN B 20 0.41 20.01 14.32
N LYS B 21 0.93 20.15 13.12
CA LYS B 21 2.26 20.71 12.92
C LYS B 21 2.26 22.21 13.21
N GLN B 22 1.10 22.85 13.00
CA GLN B 22 0.95 24.28 13.27
C GLN B 22 1.10 24.58 14.75
N LEU B 23 1.04 23.53 15.57
CA LEU B 23 1.18 23.67 17.02
C LEU B 23 2.61 24.03 17.39
N ALA B 24 3.51 23.95 16.42
CA ALA B 24 4.92 24.28 16.65
C ALA B 24 5.10 25.78 16.85
N GLN B 25 4.20 26.57 16.28
CA GLN B 25 4.26 28.01 16.41
C GLN B 25 2.93 28.64 16.05
N MET B 26 2.46 29.54 16.90
CA MET B 26 1.18 30.22 16.69
C MET B 26 1.33 31.27 15.59
N THR B 27 2.25 32.21 15.81
CA THR B 27 2.50 33.28 14.85
C THR B 27 3.92 33.81 15.03
N ARG B 28 4.18 34.40 16.20
CA ARG B 28 5.50 34.94 16.51
C ARG B 28 6.11 34.22 17.70
N TRP B 29 5.25 33.75 18.59
CA TRP B 29 5.68 33.01 19.79
C TRP B 29 4.46 32.41 20.46
N ALA A 1 8.37 -3.69 -20.20
CA ALA A 1 9.67 -3.05 -19.93
C ALA A 1 9.60 -2.19 -18.68
N PRO A 2 10.59 -2.31 -17.78
CA PRO A 2 10.63 -1.52 -16.54
C PRO A 2 10.89 -0.04 -16.81
N LYS A 3 9.84 0.77 -16.70
CA LYS A 3 9.95 2.20 -16.93
C LYS A 3 10.57 2.91 -15.72
N ALA A 4 11.87 3.20 -15.83
CA ALA A 4 12.63 3.88 -14.80
C ALA A 4 12.43 3.26 -13.41
N SER A 5 11.56 3.89 -12.61
CA SER A 5 11.26 3.43 -11.26
C SER A 5 12.45 3.63 -10.32
N LEU A 6 13.50 2.84 -10.52
CA LEU A 6 14.69 2.94 -9.69
C LEU A 6 15.73 3.84 -10.35
N ARG A 7 15.87 5.05 -9.85
CA ARG A 7 16.83 6.00 -10.41
C ARG A 7 17.26 6.99 -9.34
N LEU A 8 16.29 7.68 -8.75
CA LEU A 8 16.57 8.66 -7.73
C LEU A 8 16.29 8.09 -6.35
N GLY A 9 15.14 7.44 -6.22
CA GLY A 9 14.76 6.85 -4.96
C GLY A 9 15.03 5.37 -4.90
N PHE A 10 15.55 4.91 -3.77
CA PHE A 10 15.85 3.50 -3.57
C PHE A 10 15.39 3.07 -2.18
N SER A 11 15.78 3.84 -1.18
CA SER A 11 15.42 3.55 0.21
C SER A 11 13.90 3.56 0.38
N GLU A 12 13.24 4.51 -0.28
CA GLU A 12 11.79 4.62 -0.23
C GLU A 12 11.15 3.31 -0.65
N TYR A 13 11.59 2.81 -1.79
CA TYR A 13 11.10 1.56 -2.32
C TYR A 13 11.34 0.42 -1.35
N SER A 14 12.54 0.35 -0.79
CA SER A 14 12.88 -0.71 0.18
C SER A 14 11.90 -0.70 1.35
N ARG A 15 11.62 0.48 1.90
CA ARG A 15 10.70 0.61 3.02
C ARG A 15 9.28 0.26 2.63
N ILE A 16 8.92 0.56 1.39
CA ILE A 16 7.58 0.28 0.89
C ILE A 16 7.43 -1.20 0.54
N SER A 17 8.36 -1.73 -0.25
CA SER A 17 8.33 -3.13 -0.65
C SER A 17 8.37 -4.05 0.55
N ASN A 18 9.14 -3.67 1.57
CA ASN A 18 9.27 -4.47 2.78
C ASN A 18 7.92 -4.67 3.44
N LEU A 19 7.08 -3.63 3.40
CA LEU A 19 5.76 -3.68 4.01
C LEU A 19 4.91 -4.83 3.47
N ILE A 20 4.86 -4.97 2.15
CA ILE A 20 4.04 -6.00 1.54
C ILE A 20 4.63 -7.38 1.78
N VAL A 21 5.94 -7.47 1.72
CA VAL A 21 6.63 -8.74 1.94
C VAL A 21 6.44 -9.19 3.39
N LEU A 22 6.65 -8.27 4.32
CA LEU A 22 6.50 -8.55 5.74
C LEU A 22 5.05 -8.86 6.09
N HIS A 23 4.14 -8.11 5.50
CA HIS A 23 2.71 -8.32 5.72
C HIS A 23 2.30 -9.70 5.26
N LEU A 24 2.83 -10.13 4.12
CA LEU A 24 2.52 -11.44 3.58
C LEU A 24 3.15 -12.53 4.43
N ARG A 25 4.41 -12.35 4.81
CA ARG A 25 5.12 -13.31 5.64
C ARG A 25 4.40 -13.53 6.97
N LYS A 26 3.79 -12.48 7.48
CA LYS A 26 3.05 -12.54 8.73
C LYS A 26 1.75 -13.33 8.56
N VAL A 27 1.00 -13.02 7.51
CA VAL A 27 -0.28 -13.69 7.27
C VAL A 27 -0.08 -15.12 6.77
N GLU A 28 0.98 -15.38 6.01
CA GLU A 28 1.22 -16.73 5.49
C GLU A 28 1.61 -17.69 6.61
N GLU A 29 2.23 -17.15 7.65
CA GLU A 29 2.66 -17.94 8.77
C GLU A 29 1.48 -18.30 9.67
N GLU A 30 0.58 -17.35 9.86
CA GLU A 30 -0.57 -17.56 10.73
C GLU A 30 -1.78 -18.16 10.02
N GLU A 31 -2.39 -17.39 9.13
CA GLU A 31 -3.59 -17.84 8.43
C GLU A 31 -3.29 -18.42 7.04
N ASP A 32 -2.00 -18.50 6.72
CA ASP A 32 -1.54 -19.03 5.44
C ASP A 32 -2.07 -18.22 4.26
N GLU A 33 -1.63 -16.97 4.17
CA GLU A 33 -2.02 -16.04 3.10
C GLU A 33 -3.49 -15.64 3.21
N SER A 34 -3.71 -14.47 3.79
CA SER A 34 -5.05 -13.93 3.96
C SER A 34 -5.31 -12.77 3.01
N ALA A 35 -4.47 -12.66 1.98
CA ALA A 35 -4.58 -11.58 1.00
C ALA A 35 -4.44 -10.21 1.66
N LEU A 36 -4.92 -9.17 0.98
CA LEU A 36 -4.85 -7.82 1.51
C LEU A 36 -5.80 -6.89 0.78
N LYS A 37 -5.97 -5.70 1.32
CA LYS A 37 -6.84 -4.69 0.71
C LYS A 37 -5.97 -3.59 0.11
N ARG A 38 -6.33 -3.13 -1.08
CA ARG A 38 -5.59 -2.09 -1.79
C ARG A 38 -5.33 -0.85 -0.95
N SER A 39 -6.40 -0.17 -0.53
CA SER A 39 -6.25 1.04 0.25
C SER A 39 -5.82 0.75 1.70
N GLU A 40 -6.20 -0.40 2.22
CA GLU A 40 -5.86 -0.77 3.60
C GLU A 40 -4.36 -0.93 3.76
N LEU A 41 -3.72 -1.58 2.79
CA LEU A 41 -2.27 -1.83 2.82
C LEU A 41 -1.51 -0.55 3.09
N VAL A 42 -1.78 0.48 2.30
CA VAL A 42 -1.11 1.76 2.48
C VAL A 42 -1.64 2.48 3.71
N ASN A 43 -2.95 2.35 3.96
CA ASN A 43 -3.59 3.00 5.10
C ASN A 43 -2.88 2.68 6.42
N TRP A 44 -2.68 1.40 6.71
CA TRP A 44 -2.01 1.02 7.96
C TRP A 44 -0.54 1.39 7.91
N TYR A 45 0.04 1.41 6.70
CA TYR A 45 1.43 1.78 6.51
C TYR A 45 1.65 3.20 7.00
N LEU A 46 0.77 4.09 6.54
CA LEU A 46 0.83 5.49 6.90
C LEU A 46 0.70 5.65 8.40
N LYS A 47 -0.29 4.97 8.97
CA LYS A 47 -0.56 5.05 10.40
C LYS A 47 0.65 4.69 11.26
N GLU A 48 1.53 3.85 10.73
CA GLU A 48 2.71 3.45 11.48
C GLU A 48 3.84 4.48 11.37
N ILE A 49 3.99 5.07 10.20
CA ILE A 49 5.05 6.05 9.98
C ILE A 49 4.60 7.47 10.29
N GLU A 50 3.30 7.70 10.29
CA GLU A 50 2.75 9.04 10.53
C GLU A 50 3.12 9.60 11.89
N SER A 51 3.46 8.71 12.82
CA SER A 51 3.83 9.11 14.16
C SER A 51 5.27 9.61 14.23
N GLU A 52 6.14 9.10 13.37
CA GLU A 52 7.54 9.50 13.40
C GLU A 52 7.81 10.64 12.42
N ILE A 53 7.12 10.60 11.29
CA ILE A 53 7.28 11.62 10.26
C ILE A 53 7.00 12.99 10.84
N ASP A 54 8.01 13.84 10.82
CA ASP A 54 7.90 15.19 11.35
C ASP A 54 7.70 16.19 10.22
N SER A 55 8.14 15.82 9.03
CA SER A 55 8.00 16.70 7.88
C SER A 55 7.04 16.10 6.88
N GLU A 56 6.08 16.90 6.45
CA GLU A 56 5.08 16.48 5.49
C GLU A 56 5.71 15.85 4.25
N GLU A 57 6.84 16.41 3.83
CA GLU A 57 7.57 15.92 2.67
C GLU A 57 7.82 14.42 2.76
N GLU A 58 8.31 13.98 3.90
CA GLU A 58 8.60 12.56 4.14
C GLU A 58 7.33 11.72 4.02
N LEU A 59 6.29 12.15 4.71
CA LEU A 59 5.01 11.44 4.70
C LEU A 59 4.39 11.43 3.31
N ILE A 60 4.26 12.60 2.71
CA ILE A 60 3.68 12.72 1.39
C ILE A 60 4.47 11.88 0.39
N ASN A 61 5.78 11.85 0.54
CA ASN A 61 6.66 11.05 -0.32
C ASN A 61 6.35 9.57 -0.13
N LYS A 62 6.27 9.14 1.13
CA LYS A 62 5.99 7.75 1.46
C LYS A 62 4.66 7.32 0.86
N LYS A 63 3.66 8.21 0.94
CA LYS A 63 2.34 7.93 0.41
C LYS A 63 2.37 7.85 -1.12
N ARG A 64 3.25 8.63 -1.75
CA ARG A 64 3.37 8.63 -3.20
C ARG A 64 3.94 7.31 -3.70
N ILE A 65 4.94 6.80 -2.99
CA ILE A 65 5.61 5.57 -3.37
C ILE A 65 4.72 4.36 -3.11
N ILE A 66 4.07 4.34 -1.94
CA ILE A 66 3.22 3.22 -1.58
C ILE A 66 2.02 3.09 -2.51
N GLU A 67 1.40 4.21 -2.88
CA GLU A 67 0.25 4.17 -3.79
C GLU A 67 0.71 3.80 -5.20
N LYS A 68 1.93 4.21 -5.54
CA LYS A 68 2.47 3.94 -6.87
C LYS A 68 2.73 2.46 -7.07
N VAL A 69 3.37 1.81 -6.10
CA VAL A 69 3.69 0.40 -6.21
C VAL A 69 2.43 -0.46 -6.30
N ILE A 70 1.40 -0.12 -5.53
CA ILE A 70 0.15 -0.87 -5.55
C ILE A 70 -0.53 -0.70 -6.90
N HIS A 71 -0.58 0.53 -7.38
CA HIS A 71 -1.19 0.84 -8.67
C HIS A 71 -0.39 0.19 -9.81
N ARG A 72 0.91 0.07 -9.61
CA ARG A 72 1.80 -0.54 -10.60
C ARG A 72 1.63 -2.06 -10.60
N LEU A 73 1.62 -2.63 -9.40
CA LEU A 73 1.48 -4.07 -9.22
C LEU A 73 0.21 -4.62 -9.86
N THR A 74 -0.90 -3.94 -9.62
CA THR A 74 -2.19 -4.39 -10.12
C THR A 74 -2.44 -3.97 -11.58
N HIS A 75 -1.46 -3.35 -12.24
CA HIS A 75 -1.65 -2.93 -13.62
C HIS A 75 -0.43 -3.21 -14.49
N TYR A 76 0.65 -2.48 -14.24
CA TYR A 76 1.88 -2.62 -15.03
C TYR A 76 2.54 -3.98 -14.83
N ASP A 77 2.62 -4.42 -13.58
CA ASP A 77 3.25 -5.70 -13.27
C ASP A 77 2.32 -6.87 -13.54
N HIS A 78 1.13 -6.80 -12.95
CA HIS A 78 0.15 -7.88 -13.09
C HIS A 78 0.69 -9.15 -12.42
N VAL A 79 1.58 -8.94 -11.46
CA VAL A 79 2.21 -10.03 -10.72
C VAL A 79 1.37 -10.40 -9.48
N LEU A 80 0.15 -9.89 -9.47
CA LEU A 80 -0.77 -10.15 -8.38
C LEU A 80 -1.68 -11.33 -8.70
N ILE A 81 -2.30 -11.89 -7.68
CA ILE A 81 -3.19 -13.01 -7.81
C ILE A 81 -4.56 -12.66 -7.24
N GLU A 82 -5.61 -13.17 -7.85
CA GLU A 82 -6.97 -12.93 -7.37
C GLU A 82 -7.77 -14.22 -7.41
N LEU A 83 -8.32 -14.60 -6.27
CA LEU A 83 -9.10 -15.83 -6.18
C LEU A 83 -10.50 -15.62 -6.72
N THR A 84 -11.28 -16.69 -6.79
CA THR A 84 -12.63 -16.61 -7.30
C THR A 84 -13.63 -16.58 -6.16
N GLN A 85 -14.44 -15.52 -6.11
CA GLN A 85 -15.45 -15.35 -5.05
C GLN A 85 -16.36 -16.58 -4.96
N ALA A 86 -16.54 -17.26 -6.08
CA ALA A 86 -17.37 -18.45 -6.13
C ALA A 86 -16.68 -19.61 -5.41
N GLY A 87 -17.14 -19.90 -4.19
CA GLY A 87 -16.56 -20.96 -3.41
C GLY A 87 -15.33 -20.53 -2.65
N LEU A 88 -14.35 -19.99 -3.37
CA LEU A 88 -13.09 -19.53 -2.78
C LEU A 88 -12.36 -20.68 -2.12
N LYS A 89 -12.43 -21.84 -2.75
CA LYS A 89 -11.79 -23.03 -2.24
C LYS A 89 -10.79 -23.57 -3.26
N GLY A 90 -9.69 -24.14 -2.77
CA GLY A 90 -8.69 -24.70 -3.65
C GLY A 90 -7.74 -23.64 -4.18
N SER A 91 -6.93 -24.04 -5.15
CA SER A 91 -5.97 -23.14 -5.76
C SER A 91 -6.18 -23.08 -7.28
N THR A 92 -6.96 -24.02 -7.80
CA THR A 92 -7.23 -24.09 -9.23
C THR A 92 -8.20 -23.00 -9.67
N GLU A 93 -8.10 -22.59 -10.94
CA GLU A 93 -8.97 -21.56 -11.48
C GLU A 93 -10.31 -22.17 -11.90
N GLY A 94 -11.33 -21.33 -12.00
CA GLY A 94 -12.64 -21.81 -12.39
C GLY A 94 -13.64 -20.67 -12.39
N SER A 95 -14.88 -20.97 -12.78
CA SER A 95 -15.94 -19.98 -12.84
C SER A 95 -15.61 -18.87 -13.84
N GLU A 96 -16.31 -17.75 -13.76
CA GLU A 96 -16.07 -16.63 -14.67
C GLU A 96 -15.58 -15.41 -13.91
N SER A 97 -15.87 -15.37 -12.61
CA SER A 97 -15.47 -14.25 -11.76
C SER A 97 -16.09 -12.95 -12.25
N TYR A 98 -17.31 -13.07 -12.79
CA TYR A 98 -18.03 -11.92 -13.30
C TYR A 98 -18.68 -11.14 -12.17
N GLU A 99 -18.78 -11.76 -11.00
CA GLU A 99 -19.39 -11.15 -9.84
C GLU A 99 -18.50 -10.05 -9.24
N GLU A 100 -18.70 -9.75 -7.97
CA GLU A 100 -17.94 -8.71 -7.28
C GLU A 100 -16.46 -9.06 -7.20
N ASP A 101 -15.63 -8.04 -6.98
CA ASP A 101 -14.18 -8.21 -6.88
C ASP A 101 -13.82 -8.97 -5.60
N PRO A 102 -12.92 -9.95 -5.71
CA PRO A 102 -12.49 -10.78 -4.60
C PRO A 102 -11.30 -10.17 -3.82
N TYR A 103 -10.52 -11.03 -3.18
CA TYR A 103 -9.37 -10.58 -2.40
C TYR A 103 -8.14 -10.53 -3.28
N LEU A 104 -7.27 -9.56 -3.02
CA LEU A 104 -6.05 -9.41 -3.78
C LEU A 104 -4.86 -9.93 -3.00
N VAL A 105 -4.09 -10.81 -3.63
CA VAL A 105 -2.91 -11.38 -3.01
C VAL A 105 -1.73 -11.19 -3.97
N VAL A 106 -0.58 -10.87 -3.42
CA VAL A 106 0.60 -10.64 -4.23
C VAL A 106 1.57 -11.82 -4.12
N ASN A 107 2.20 -12.16 -5.25
CA ASN A 107 3.16 -13.24 -5.28
C ASN A 107 4.47 -12.76 -4.64
N PRO A 108 4.98 -13.50 -3.65
CA PRO A 108 6.24 -13.16 -2.97
C PRO A 108 7.41 -13.04 -3.94
N ASN A 109 7.24 -13.58 -5.15
CA ASN A 109 8.29 -13.52 -6.15
C ASN A 109 8.16 -12.24 -6.96
N TYR A 110 8.30 -11.10 -6.29
CA TYR A 110 8.21 -9.80 -6.93
C TYR A 110 9.57 -9.44 -7.53
N LEU A 111 9.56 -8.81 -8.70
CA LEU A 111 10.80 -8.42 -9.37
C LEU A 111 11.46 -7.23 -8.66
N LEU A 112 12.47 -6.65 -9.31
CA LEU A 112 13.22 -5.51 -8.77
C LEU A 112 14.00 -5.91 -7.52
N GLU A 113 14.72 -4.95 -6.96
CA GLU A 113 15.51 -5.20 -5.77
C GLU A 113 15.00 -4.35 -4.61
N ASP A 114 14.96 -3.04 -4.83
CA ASP A 114 14.50 -2.12 -3.81
C ASP A 114 12.98 -2.04 -3.87
N SER B 1 -0.48 24.44 -0.80
CA SER B 1 -0.08 23.10 -0.32
C SER B 1 0.72 22.35 -1.38
N ALA B 2 0.36 22.57 -2.66
CA ALA B 2 1.03 21.92 -3.78
C ALA B 2 0.91 20.41 -3.67
N LEU B 3 -0.31 19.91 -3.83
CA LEU B 3 -0.59 18.48 -3.75
C LEU B 3 -0.59 17.85 -5.14
N LYS B 4 -0.01 18.53 -6.10
CA LYS B 4 0.07 18.02 -7.46
C LYS B 4 1.09 16.89 -7.54
N GLY B 5 0.65 15.74 -8.02
CA GLY B 5 1.54 14.61 -8.14
C GLY B 5 1.37 13.58 -7.03
N VAL B 6 0.45 13.85 -6.11
CA VAL B 6 0.20 12.94 -5.01
C VAL B 6 -1.31 12.70 -4.83
N SER B 7 -1.66 11.48 -4.48
CA SER B 7 -3.05 11.12 -4.25
C SER B 7 -3.57 11.73 -2.95
N GLN B 8 -4.35 12.79 -3.07
CA GLN B 8 -4.90 13.47 -1.90
C GLN B 8 -5.87 12.55 -1.16
N ASP B 9 -6.35 11.51 -1.83
CA ASP B 9 -7.26 10.55 -1.23
C ASP B 9 -6.62 9.92 0.01
N LEU B 10 -5.40 9.42 -0.15
CA LEU B 10 -4.69 8.80 0.96
C LEU B 10 -3.95 9.87 1.77
N LEU B 11 -3.76 11.03 1.17
CA LEU B 11 -3.08 12.15 1.81
C LEU B 11 -4.02 12.98 2.65
N GLU B 12 -5.32 12.66 2.58
CA GLU B 12 -6.35 13.36 3.34
C GLU B 12 -6.02 13.37 4.82
N ARG B 13 -5.33 12.32 5.25
CA ARG B 13 -4.93 12.18 6.63
C ARG B 13 -3.97 13.29 7.01
N ILE B 14 -3.07 13.58 6.10
CA ILE B 14 -2.06 14.62 6.28
C ILE B 14 -2.72 16.00 6.32
N ARG B 15 -3.87 16.13 5.68
CA ARG B 15 -4.59 17.40 5.68
C ARG B 15 -5.00 17.74 7.11
N ALA B 16 -5.36 16.71 7.86
CA ALA B 16 -5.73 16.87 9.26
C ALA B 16 -4.47 16.91 10.11
N LYS B 17 -3.45 16.17 9.67
CA LYS B 17 -2.17 16.11 10.35
C LYS B 17 -1.53 17.50 10.42
N GLU B 18 -1.81 18.32 9.41
CA GLU B 18 -1.28 19.69 9.37
C GLU B 18 -1.66 20.44 10.63
N ALA B 19 -2.91 20.25 11.05
CA ALA B 19 -3.41 20.91 12.25
C ALA B 19 -2.69 20.37 13.49
N GLN B 20 -2.42 19.07 13.49
CA GLN B 20 -1.73 18.44 14.60
C GLN B 20 -0.32 18.99 14.75
N LYS B 21 0.35 19.19 13.62
CA LYS B 21 1.70 19.72 13.60
C LYS B 21 1.70 21.19 14.02
N GLN B 22 0.65 21.91 13.61
CA GLN B 22 0.52 23.32 13.94
C GLN B 22 0.19 23.50 15.42
N LEU B 23 -0.35 22.45 16.04
CA LEU B 23 -0.71 22.49 17.46
C LEU B 23 0.52 22.65 18.34
N ALA B 24 1.69 22.43 17.76
CA ALA B 24 2.94 22.57 18.50
C ALA B 24 3.16 24.02 18.91
N GLN B 25 2.63 24.94 18.11
CA GLN B 25 2.75 26.36 18.38
C GLN B 25 1.37 27.00 18.31
N MET B 26 0.72 27.10 19.47
CA MET B 26 -0.59 27.72 19.54
C MET B 26 -0.47 29.22 19.73
N THR B 27 0.21 29.61 20.80
CA THR B 27 0.43 31.01 21.11
C THR B 27 1.69 31.18 21.94
N ARG B 28 2.50 32.16 21.59
CA ARG B 28 3.74 32.43 22.31
C ARG B 28 3.46 33.41 23.45
N TRP B 29 3.34 32.88 24.65
CA TRP B 29 3.07 33.69 25.82
C TRP B 29 3.82 33.12 27.02
N ALA A 1 14.18 10.03 -8.12
CA ALA A 1 14.44 10.41 -9.52
C ALA A 1 13.64 9.52 -10.46
N PRO A 2 13.24 10.04 -11.63
CA PRO A 2 12.48 9.26 -12.62
C PRO A 2 13.38 8.33 -13.42
N LYS A 3 14.68 8.61 -13.44
CA LYS A 3 15.64 7.81 -14.17
C LYS A 3 16.78 7.40 -13.24
N ALA A 4 17.44 6.29 -13.59
CA ALA A 4 18.57 5.78 -12.81
C ALA A 4 18.17 5.51 -11.35
N SER A 5 17.39 4.46 -11.15
CA SER A 5 16.93 4.10 -9.82
C SER A 5 17.31 2.67 -9.47
N LEU A 6 17.27 2.35 -8.18
CA LEU A 6 17.59 1.02 -7.66
C LEU A 6 19.06 0.68 -7.84
N ARG A 7 19.90 1.72 -7.91
CA ARG A 7 21.34 1.52 -8.06
C ARG A 7 22.10 2.60 -7.33
N LEU A 8 21.68 3.85 -7.49
CA LEU A 8 22.33 4.96 -6.83
C LEU A 8 21.78 5.11 -5.42
N GLY A 9 20.49 5.40 -5.34
CA GLY A 9 19.83 5.57 -4.07
C GLY A 9 18.39 5.15 -4.13
N PHE A 10 17.94 4.41 -3.13
CA PHE A 10 16.56 3.94 -3.07
C PHE A 10 16.18 3.56 -1.64
N SER A 11 16.65 4.36 -0.69
CA SER A 11 16.38 4.12 0.73
C SER A 11 14.88 4.07 1.00
N GLU A 12 14.13 4.94 0.34
CA GLU A 12 12.69 4.99 0.52
C GLU A 12 12.03 3.82 -0.19
N TYR A 13 12.62 3.39 -1.29
CA TYR A 13 12.10 2.27 -2.06
C TYR A 13 12.24 0.98 -1.25
N SER A 14 13.38 0.85 -0.56
CA SER A 14 13.64 -0.32 0.28
C SER A 14 12.57 -0.46 1.36
N ARG A 15 12.18 0.67 1.94
CA ARG A 15 11.17 0.69 2.99
C ARG A 15 9.83 0.18 2.46
N ILE A 16 9.39 0.75 1.34
CA ILE A 16 8.13 0.36 0.72
C ILE A 16 8.16 -1.11 0.30
N SER A 17 9.24 -1.51 -0.37
CA SER A 17 9.40 -2.88 -0.83
C SER A 17 9.41 -3.85 0.35
N ASN A 18 10.09 -3.48 1.43
CA ASN A 18 10.17 -4.30 2.62
C ASN A 18 8.79 -4.46 3.24
N LEU A 19 8.02 -3.38 3.18
CA LEU A 19 6.66 -3.35 3.71
C LEU A 19 5.79 -4.45 3.06
N ILE A 20 5.96 -4.63 1.76
CA ILE A 20 5.19 -5.63 1.02
C ILE A 20 5.44 -7.04 1.56
N VAL A 21 6.70 -7.43 1.66
CA VAL A 21 7.05 -8.75 2.15
C VAL A 21 6.75 -8.87 3.65
N LEU A 22 6.96 -7.78 4.38
CA LEU A 22 6.71 -7.75 5.82
C LEU A 22 5.26 -8.06 6.12
N HIS A 23 4.36 -7.40 5.42
CA HIS A 23 2.94 -7.62 5.63
C HIS A 23 2.52 -9.00 5.12
N LEU A 24 3.02 -9.38 3.95
CA LEU A 24 2.68 -10.68 3.36
C LEU A 24 3.09 -11.84 4.25
N ARG A 25 4.33 -11.84 4.72
CA ARG A 25 4.84 -12.92 5.58
C ARG A 25 3.98 -13.07 6.83
N LYS A 26 3.43 -11.96 7.31
CA LYS A 26 2.58 -11.98 8.48
C LYS A 26 1.22 -12.57 8.13
N VAL A 27 0.65 -12.11 7.03
CA VAL A 27 -0.64 -12.57 6.55
C VAL A 27 -0.65 -14.08 6.29
N GLU A 28 0.37 -14.57 5.60
CA GLU A 28 0.46 -16.00 5.28
C GLU A 28 0.62 -16.83 6.55
N GLU A 29 1.20 -16.23 7.58
CA GLU A 29 1.41 -16.94 8.83
C GLU A 29 0.09 -17.14 9.59
N GLU A 30 -0.71 -16.09 9.68
CA GLU A 30 -1.97 -16.17 10.39
C GLU A 30 -3.13 -16.60 9.50
N GLU A 31 -3.52 -15.72 8.57
CA GLU A 31 -4.62 -16.00 7.66
C GLU A 31 -4.30 -17.17 6.75
N ASP A 32 -3.01 -17.33 6.44
CA ASP A 32 -2.50 -18.42 5.61
C ASP A 32 -2.88 -18.28 4.13
N GLU A 33 -4.00 -17.62 3.84
CA GLU A 33 -4.46 -17.45 2.46
C GLU A 33 -3.64 -16.39 1.72
N SER A 34 -2.85 -15.64 2.49
CA SER A 34 -2.00 -14.58 1.96
C SER A 34 -2.82 -13.48 1.27
N ALA A 35 -4.11 -13.44 1.55
CA ALA A 35 -4.98 -12.43 0.97
C ALA A 35 -4.92 -11.14 1.78
N LEU A 36 -4.84 -10.02 1.08
CA LEU A 36 -4.76 -8.72 1.74
C LEU A 36 -5.49 -7.65 0.93
N LYS A 37 -5.55 -6.44 1.46
CA LYS A 37 -6.23 -5.34 0.78
C LYS A 37 -5.22 -4.34 0.25
N ARG A 38 -5.59 -3.67 -0.84
CA ARG A 38 -4.72 -2.71 -1.48
C ARG A 38 -4.60 -1.41 -0.68
N SER A 39 -5.72 -0.75 -0.44
CA SER A 39 -5.71 0.52 0.28
C SER A 39 -5.33 0.32 1.75
N GLU A 40 -5.65 -0.86 2.29
CA GLU A 40 -5.33 -1.16 3.69
C GLU A 40 -3.82 -1.22 3.88
N LEU A 41 -3.13 -1.80 2.90
CA LEU A 41 -1.67 -1.92 2.95
C LEU A 41 -1.01 -0.57 3.21
N VAL A 42 -1.36 0.41 2.38
CA VAL A 42 -0.80 1.74 2.53
C VAL A 42 -1.41 2.44 3.76
N ASN A 43 -2.69 2.18 4.02
CA ASN A 43 -3.39 2.79 5.14
C ASN A 43 -2.65 2.61 6.46
N TRP A 44 -2.35 1.36 6.83
CA TRP A 44 -1.64 1.11 8.08
C TRP A 44 -0.19 1.56 7.97
N TYR A 45 0.36 1.52 6.75
CA TYR A 45 1.74 1.94 6.52
C TYR A 45 1.91 3.36 7.01
N LEU A 46 0.96 4.21 6.64
CA LEU A 46 0.97 5.61 7.05
C LEU A 46 0.65 5.71 8.53
N LYS A 47 -0.34 4.97 8.97
CA LYS A 47 -0.76 4.98 10.36
C LYS A 47 0.39 4.70 11.31
N GLU A 48 1.36 3.93 10.85
CA GLU A 48 2.51 3.58 11.67
C GLU A 48 3.60 4.66 11.62
N ILE A 49 3.91 5.13 10.42
CA ILE A 49 4.97 6.11 10.25
C ILE A 49 4.50 7.56 10.33
N GLU A 50 3.20 7.80 10.30
CA GLU A 50 2.69 9.17 10.34
C GLU A 50 2.98 9.85 11.67
N SER A 51 3.33 9.06 12.66
CA SER A 51 3.66 9.60 13.97
C SER A 51 5.14 9.97 14.03
N GLU A 52 5.94 9.34 13.17
CA GLU A 52 7.38 9.60 13.12
C GLU A 52 7.71 10.62 12.04
N ILE A 53 6.79 10.75 11.08
CA ILE A 53 6.95 11.70 9.99
C ILE A 53 6.97 13.13 10.53
N ASP A 54 8.11 13.76 10.43
CA ASP A 54 8.26 15.12 10.94
C ASP A 54 8.00 16.15 9.84
N SER A 55 8.06 15.69 8.60
CA SER A 55 7.84 16.59 7.48
C SER A 55 6.69 16.07 6.63
N GLU A 56 5.75 16.95 6.33
CA GLU A 56 4.59 16.58 5.53
C GLU A 56 5.05 15.96 4.22
N GLU A 57 6.12 16.50 3.65
CA GLU A 57 6.65 16.02 2.38
C GLU A 57 7.08 14.55 2.46
N GLU A 58 7.58 14.14 3.63
CA GLU A 58 7.98 12.76 3.82
C GLU A 58 6.77 11.87 3.62
N LEU A 59 5.70 12.25 4.28
CA LEU A 59 4.43 11.53 4.19
C LEU A 59 3.92 11.53 2.76
N ILE A 60 3.96 12.70 2.11
CA ILE A 60 3.52 12.79 0.72
C ILE A 60 4.32 11.83 -0.14
N ASN A 61 5.63 11.93 -0.04
CA ASN A 61 6.56 11.08 -0.80
C ASN A 61 6.33 9.59 -0.51
N LYS A 62 6.28 9.23 0.77
CA LYS A 62 6.07 7.84 1.16
C LYS A 62 4.77 7.31 0.56
N LYS A 63 3.71 8.11 0.64
CA LYS A 63 2.42 7.74 0.10
C LYS A 63 2.49 7.65 -1.42
N ARG A 64 3.12 8.63 -2.03
CA ARG A 64 3.27 8.66 -3.48
C ARG A 64 3.90 7.37 -4.00
N ILE A 65 4.84 6.82 -3.24
CA ILE A 65 5.51 5.59 -3.64
C ILE A 65 4.68 4.37 -3.25
N ILE A 66 4.27 4.29 -1.99
CA ILE A 66 3.51 3.13 -1.51
C ILE A 66 2.21 2.90 -2.29
N GLU A 67 1.49 3.97 -2.61
CA GLU A 67 0.25 3.81 -3.35
C GLU A 67 0.54 3.50 -4.82
N LYS A 68 1.63 4.02 -5.32
CA LYS A 68 2.03 3.79 -6.70
C LYS A 68 2.44 2.34 -6.91
N VAL A 69 3.24 1.79 -5.99
CA VAL A 69 3.70 0.41 -6.09
C VAL A 69 2.53 -0.57 -5.98
N ILE A 70 1.52 -0.22 -5.19
CA ILE A 70 0.35 -1.07 -5.04
C ILE A 70 -0.43 -1.09 -6.36
N HIS A 71 -0.43 0.06 -7.03
CA HIS A 71 -1.08 0.19 -8.32
C HIS A 71 -0.24 -0.56 -9.37
N ARG A 72 1.07 -0.53 -9.18
CA ARG A 72 2.01 -1.19 -10.07
C ARG A 72 1.89 -2.71 -9.95
N LEU A 73 1.75 -3.19 -8.72
CA LEU A 73 1.63 -4.61 -8.44
C LEU A 73 0.48 -5.26 -9.22
N THR A 74 -0.61 -4.52 -9.37
CA THR A 74 -1.78 -5.02 -10.07
C THR A 74 -1.64 -4.96 -11.60
N HIS A 75 -0.63 -4.24 -12.09
CA HIS A 75 -0.45 -4.12 -13.53
C HIS A 75 0.93 -4.57 -13.98
N TYR A 76 1.93 -3.74 -13.71
CA TYR A 76 3.31 -4.00 -14.11
C TYR A 76 3.81 -5.34 -13.58
N ASP A 77 3.72 -5.54 -12.28
CA ASP A 77 4.19 -6.79 -11.66
C ASP A 77 3.29 -7.95 -12.03
N HIS A 78 1.99 -7.79 -11.79
CA HIS A 78 0.99 -8.83 -12.10
C HIS A 78 1.22 -10.09 -11.26
N VAL A 79 1.87 -9.92 -10.11
CA VAL A 79 2.14 -11.05 -9.23
C VAL A 79 1.01 -11.22 -8.21
N LEU A 80 -0.08 -10.50 -8.44
CA LEU A 80 -1.24 -10.56 -7.56
C LEU A 80 -2.27 -11.52 -8.11
N ILE A 81 -2.68 -12.44 -7.27
CA ILE A 81 -3.68 -13.43 -7.63
C ILE A 81 -5.05 -12.94 -7.22
N GLU A 82 -5.99 -12.94 -8.15
CA GLU A 82 -7.34 -12.49 -7.88
C GLU A 82 -8.34 -13.57 -8.24
N LEU A 83 -9.36 -13.70 -7.43
CA LEU A 83 -10.41 -14.67 -7.66
C LEU A 83 -11.75 -13.96 -7.80
N THR A 84 -12.82 -14.72 -7.79
CA THR A 84 -14.15 -14.16 -7.91
C THR A 84 -14.76 -13.96 -6.53
N GLN A 85 -16.06 -13.78 -6.47
CA GLN A 85 -16.75 -13.60 -5.19
C GLN A 85 -17.89 -14.61 -5.05
N ALA A 86 -17.99 -15.51 -6.02
CA ALA A 86 -19.04 -16.52 -6.02
C ALA A 86 -18.47 -17.90 -5.73
N GLY A 87 -18.86 -18.47 -4.60
CA GLY A 87 -18.39 -19.79 -4.23
C GLY A 87 -17.00 -19.74 -3.65
N LEU A 88 -16.05 -19.29 -4.47
CA LEU A 88 -14.66 -19.18 -4.08
C LEU A 88 -14.12 -20.51 -3.60
N LYS A 89 -14.11 -21.48 -4.50
CA LYS A 89 -13.63 -22.81 -4.18
C LYS A 89 -12.74 -23.34 -5.30
N GLY A 90 -13.15 -23.12 -6.54
CA GLY A 90 -12.39 -23.59 -7.67
C GLY A 90 -11.96 -22.46 -8.58
N SER A 91 -10.74 -22.55 -9.08
CA SER A 91 -10.19 -21.54 -9.98
C SER A 91 -10.50 -21.88 -11.42
N THR A 92 -10.98 -23.10 -11.66
CA THR A 92 -11.32 -23.54 -13.00
C THR A 92 -12.54 -22.80 -13.54
N GLU A 93 -13.36 -22.28 -12.65
CA GLU A 93 -14.56 -21.54 -13.02
C GLU A 93 -14.44 -20.09 -12.58
N GLY A 94 -15.36 -19.25 -13.03
CA GLY A 94 -15.33 -17.85 -12.66
C GLY A 94 -16.59 -17.11 -13.04
N SER A 95 -17.11 -16.32 -12.10
CA SER A 95 -18.31 -15.54 -12.33
C SER A 95 -17.95 -14.14 -12.86
N GLU A 96 -18.55 -13.12 -12.27
CA GLU A 96 -18.28 -11.75 -12.67
C GLU A 96 -17.13 -11.16 -11.86
N SER A 97 -17.47 -10.54 -10.73
CA SER A 97 -16.49 -9.94 -9.83
C SER A 97 -15.57 -8.97 -10.57
N TYR A 98 -16.17 -8.14 -11.42
CA TYR A 98 -15.40 -7.18 -12.19
C TYR A 98 -15.61 -5.77 -11.67
N GLU A 99 -16.65 -5.60 -10.86
CA GLU A 99 -16.95 -4.29 -10.30
C GLU A 99 -15.93 -3.88 -9.24
N GLU A 100 -15.60 -4.81 -8.36
CA GLU A 100 -14.64 -4.56 -7.30
C GLU A 100 -13.77 -5.78 -7.06
N ASP A 101 -12.75 -5.60 -6.24
CA ASP A 101 -11.83 -6.68 -5.90
C ASP A 101 -12.33 -7.44 -4.68
N PRO A 102 -12.51 -8.76 -4.81
CA PRO A 102 -12.98 -9.60 -3.72
C PRO A 102 -11.85 -9.97 -2.77
N TYR A 103 -11.11 -11.01 -3.13
CA TYR A 103 -9.98 -11.47 -2.33
C TYR A 103 -8.73 -11.43 -3.17
N LEU A 104 -7.79 -10.60 -2.76
CA LEU A 104 -6.53 -10.44 -3.48
C LEU A 104 -5.38 -11.03 -2.69
N VAL A 105 -4.55 -11.81 -3.35
CA VAL A 105 -3.41 -12.42 -2.70
C VAL A 105 -2.15 -12.16 -3.51
N VAL A 106 -1.06 -11.84 -2.85
CA VAL A 106 0.19 -11.57 -3.54
C VAL A 106 1.18 -12.70 -3.32
N ASN A 107 1.94 -13.02 -4.35
CA ASN A 107 2.94 -14.07 -4.28
C ASN A 107 4.24 -13.53 -3.71
N PRO A 108 4.91 -14.31 -2.84
CA PRO A 108 6.17 -13.90 -2.20
C PRO A 108 7.34 -13.81 -3.18
N ASN A 109 7.07 -14.09 -4.45
CA ASN A 109 8.09 -14.04 -5.48
C ASN A 109 8.24 -12.62 -6.03
N TYR A 110 7.78 -11.65 -5.26
CA TYR A 110 7.84 -10.25 -5.65
C TYR A 110 9.30 -9.81 -5.81
N LEU A 111 9.62 -9.28 -6.97
CA LEU A 111 10.98 -8.84 -7.26
C LEU A 111 11.05 -7.31 -7.28
N LEU A 112 12.26 -6.78 -7.32
CA LEU A 112 12.46 -5.34 -7.37
C LEU A 112 12.61 -4.90 -8.82
N GLU A 113 13.29 -3.78 -9.03
CA GLU A 113 13.48 -3.27 -10.39
C GLU A 113 14.52 -4.10 -11.12
N ASP A 114 15.25 -4.89 -10.36
CA ASP A 114 16.30 -5.77 -10.89
C ASP A 114 15.73 -6.70 -11.95
N SER B 1 -1.75 18.02 -12.46
CA SER B 1 -1.91 18.29 -13.91
C SER B 1 -3.10 17.50 -14.48
N ALA B 2 -3.34 16.32 -13.93
CA ALA B 2 -4.43 15.47 -14.39
C ALA B 2 -5.00 14.66 -13.23
N LEU B 3 -6.10 13.97 -13.49
CA LEU B 3 -6.75 13.15 -12.47
C LEU B 3 -5.99 11.85 -12.28
N LYS B 4 -6.29 11.14 -11.20
CA LYS B 4 -5.65 9.87 -10.91
C LYS B 4 -6.60 8.98 -10.11
N GLY B 5 -6.08 7.84 -9.65
CA GLY B 5 -6.90 6.92 -8.89
C GLY B 5 -6.98 7.32 -7.44
N VAL B 6 -7.35 6.37 -6.59
CA VAL B 6 -7.46 6.63 -5.16
C VAL B 6 -6.08 6.89 -4.55
N SER B 7 -5.81 8.17 -4.27
CA SER B 7 -4.54 8.58 -3.68
C SER B 7 -4.69 9.98 -3.09
N GLN B 8 -5.33 10.85 -3.86
CA GLN B 8 -5.59 12.22 -3.43
C GLN B 8 -6.49 12.22 -2.20
N ASP B 9 -7.39 11.24 -2.17
CA ASP B 9 -8.32 11.09 -1.05
C ASP B 9 -7.58 10.66 0.20
N LEU B 10 -6.60 9.76 0.04
CA LEU B 10 -5.81 9.27 1.15
C LEU B 10 -4.83 10.33 1.62
N LEU B 11 -4.41 11.20 0.70
CA LEU B 11 -3.48 12.28 1.04
C LEU B 11 -4.22 13.42 1.73
N GLU B 12 -5.55 13.39 1.65
CA GLU B 12 -6.39 14.40 2.28
C GLU B 12 -6.27 14.31 3.81
N ARG B 13 -5.89 13.13 4.28
CA ARG B 13 -5.71 12.89 5.71
C ARG B 13 -4.51 13.71 6.21
N ILE B 14 -3.63 14.07 5.29
CA ILE B 14 -2.43 14.81 5.62
C ILE B 14 -2.80 16.22 6.12
N ARG B 15 -3.76 16.86 5.48
CA ARG B 15 -4.18 18.20 5.88
C ARG B 15 -4.95 18.13 7.21
N ALA B 16 -5.42 16.94 7.54
CA ALA B 16 -6.16 16.73 8.77
C ALA B 16 -5.20 16.47 9.93
N LYS B 17 -4.13 15.73 9.64
CA LYS B 17 -3.13 15.40 10.65
C LYS B 17 -2.14 16.55 10.83
N GLU B 18 -2.30 17.60 10.02
CA GLU B 18 -1.42 18.77 10.07
C GLU B 18 -1.37 19.35 11.50
N ALA B 19 -2.54 19.58 12.09
CA ALA B 19 -2.62 20.13 13.44
C ALA B 19 -1.90 19.25 14.45
N GLN B 20 -1.94 17.95 14.23
CA GLN B 20 -1.28 16.99 15.11
C GLN B 20 0.23 17.19 15.08
N LYS B 21 0.76 17.42 13.88
CA LYS B 21 2.19 17.60 13.69
C LYS B 21 2.69 18.90 14.33
N GLN B 22 1.77 19.75 14.77
CA GLN B 22 2.15 20.99 15.41
C GLN B 22 2.55 20.71 16.85
N LEU B 23 1.92 19.70 17.45
CA LEU B 23 2.21 19.32 18.82
C LEU B 23 3.16 18.12 18.85
N ALA B 24 2.99 17.24 17.88
CA ALA B 24 3.82 16.05 17.77
C ALA B 24 5.16 16.39 17.14
N GLN B 25 6.18 16.49 17.98
CA GLN B 25 7.50 16.84 17.51
C GLN B 25 8.54 15.89 18.10
N MET B 26 9.75 15.93 17.54
CA MET B 26 10.83 15.08 18.01
C MET B 26 11.58 15.76 19.16
N THR B 27 11.49 17.08 19.23
CA THR B 27 12.14 17.85 20.28
C THR B 27 11.39 19.15 20.54
N ARG B 28 11.00 19.34 21.80
CA ARG B 28 10.28 20.54 22.21
C ARG B 28 11.09 21.29 23.27
N TRP B 29 12.12 20.65 23.78
CA TRP B 29 12.99 21.22 24.81
C TRP B 29 12.16 21.66 26.01
N ALA A 1 31.74 1.76 -13.06
CA ALA A 1 30.44 1.07 -13.19
C ALA A 1 29.37 1.79 -12.36
N PRO A 2 28.12 1.79 -12.84
CA PRO A 2 27.00 2.44 -12.13
C PRO A 2 26.72 1.78 -10.78
N LYS A 3 26.56 2.60 -9.75
CA LYS A 3 26.30 2.09 -8.41
C LYS A 3 24.81 2.14 -8.11
N ALA A 4 24.11 3.04 -8.80
CA ALA A 4 22.67 3.21 -8.60
C ALA A 4 21.89 2.06 -9.22
N SER A 5 21.17 1.32 -8.39
CA SER A 5 20.36 0.21 -8.84
C SER A 5 19.07 0.74 -9.47
N LEU A 6 18.05 0.96 -8.65
CA LEU A 6 16.77 1.46 -9.13
C LEU A 6 16.80 2.98 -9.23
N ARG A 7 17.60 3.59 -8.37
CA ARG A 7 17.74 5.04 -8.33
C ARG A 7 18.93 5.39 -7.44
N LEU A 8 19.37 6.64 -7.46
CA LEU A 8 20.50 7.06 -6.63
C LEU A 8 20.12 7.05 -5.15
N GLY A 9 18.84 7.32 -4.87
CA GLY A 9 18.39 7.33 -3.49
C GLY A 9 16.96 6.80 -3.35
N PHE A 10 16.82 5.50 -3.22
CA PHE A 10 15.51 4.88 -3.09
C PHE A 10 15.28 4.34 -1.68
N SER A 11 15.83 5.04 -0.70
CA SER A 11 15.72 4.66 0.70
C SER A 11 14.25 4.48 1.11
N GLU A 12 13.39 5.39 0.64
CA GLU A 12 11.97 5.33 0.97
C GLU A 12 11.32 4.17 0.25
N TYR A 13 11.71 3.99 -1.01
CA TYR A 13 11.19 2.90 -1.83
C TYR A 13 11.48 1.57 -1.16
N SER A 14 12.69 1.43 -0.63
CA SER A 14 13.10 0.21 0.05
C SER A 14 12.21 -0.05 1.26
N ARG A 15 11.81 1.02 1.95
CA ARG A 15 10.95 0.89 3.12
C ARG A 15 9.59 0.33 2.71
N ILE A 16 9.02 0.88 1.65
CA ILE A 16 7.72 0.43 1.14
C ILE A 16 7.82 -1.02 0.66
N SER A 17 8.84 -1.30 -0.13
CA SER A 17 9.06 -2.65 -0.66
C SER A 17 9.21 -3.65 0.48
N ASN A 18 10.00 -3.29 1.49
CA ASN A 18 10.21 -4.15 2.64
C ASN A 18 8.90 -4.38 3.38
N LEU A 19 8.12 -3.31 3.51
CA LEU A 19 6.82 -3.37 4.17
C LEU A 19 5.91 -4.36 3.45
N ILE A 20 5.95 -4.35 2.13
CA ILE A 20 5.13 -5.27 1.33
C ILE A 20 5.50 -6.72 1.62
N VAL A 21 6.80 -6.99 1.61
CA VAL A 21 7.30 -8.33 1.85
C VAL A 21 7.04 -8.77 3.30
N LEU A 22 7.39 -7.91 4.25
CA LEU A 22 7.21 -8.20 5.66
C LEU A 22 5.75 -8.44 6.00
N HIS A 23 4.88 -7.55 5.51
CA HIS A 23 3.45 -7.66 5.75
C HIS A 23 2.91 -8.98 5.22
N LEU A 24 3.25 -9.30 3.97
CA LEU A 24 2.79 -10.54 3.37
C LEU A 24 3.30 -11.73 4.16
N ARG A 25 4.58 -11.68 4.53
CA ARG A 25 5.21 -12.75 5.32
C ARG A 25 4.44 -12.99 6.60
N LYS A 26 4.07 -11.92 7.28
CA LYS A 26 3.33 -12.02 8.53
C LYS A 26 1.91 -12.52 8.28
N VAL A 27 1.29 -12.01 7.23
CA VAL A 27 -0.07 -12.38 6.89
C VAL A 27 -0.19 -13.88 6.53
N GLU A 28 0.73 -14.38 5.72
CA GLU A 28 0.71 -15.78 5.31
C GLU A 28 1.08 -16.69 6.48
N GLU A 29 1.88 -16.18 7.39
CA GLU A 29 2.32 -16.96 8.54
C GLU A 29 1.32 -16.94 9.70
N GLU A 30 0.71 -15.78 9.94
CA GLU A 30 -0.23 -15.62 11.04
C GLU A 30 -1.67 -15.95 10.63
N GLU A 31 -2.21 -15.22 9.67
CA GLU A 31 -3.60 -15.42 9.24
C GLU A 31 -3.72 -16.59 8.27
N ASP A 32 -2.66 -16.83 7.51
CA ASP A 32 -2.63 -17.91 6.51
C ASP A 32 -3.55 -17.55 5.33
N GLU A 33 -3.90 -16.27 5.24
CA GLU A 33 -4.76 -15.78 4.19
C GLU A 33 -4.18 -14.49 3.61
N SER A 34 -3.43 -14.62 2.52
CA SER A 34 -2.78 -13.49 1.88
C SER A 34 -3.75 -12.59 1.11
N ALA A 35 -5.05 -12.76 1.32
CA ALA A 35 -6.05 -11.95 0.64
C ALA A 35 -6.60 -10.88 1.58
N LEU A 36 -6.09 -9.66 1.46
CA LEU A 36 -6.52 -8.57 2.33
C LEU A 36 -6.86 -7.32 1.52
N LYS A 37 -7.15 -6.23 2.23
CA LYS A 37 -7.49 -4.96 1.60
C LYS A 37 -6.24 -4.12 1.40
N ARG A 38 -6.06 -3.62 0.19
CA ARG A 38 -4.90 -2.81 -0.15
C ARG A 38 -4.86 -1.51 0.66
N SER A 39 -6.01 -0.87 0.83
CA SER A 39 -6.08 0.37 1.57
C SER A 39 -5.74 0.15 3.05
N GLU A 40 -6.02 -1.06 3.56
CA GLU A 40 -5.72 -1.39 4.95
C GLU A 40 -4.23 -1.55 5.12
N LEU A 41 -3.58 -2.09 4.09
CA LEU A 41 -2.14 -2.27 4.09
C LEU A 41 -1.48 -0.91 4.25
N VAL A 42 -1.98 0.06 3.48
CA VAL A 42 -1.49 1.42 3.54
C VAL A 42 -1.89 2.08 4.85
N ASN A 43 -3.08 1.74 5.32
CA ASN A 43 -3.65 2.29 6.55
C ASN A 43 -2.74 2.09 7.75
N TRP A 44 -2.40 0.84 8.06
CA TRP A 44 -1.54 0.58 9.21
C TRP A 44 -0.12 1.05 8.94
N TYR A 45 0.27 1.06 7.66
CA TYR A 45 1.61 1.50 7.29
C TYR A 45 1.84 2.93 7.75
N LEU A 46 0.89 3.80 7.43
CA LEU A 46 0.97 5.19 7.80
C LEU A 46 0.96 5.36 9.31
N LYS A 47 0.12 4.59 9.97
CA LYS A 47 0.00 4.66 11.43
C LYS A 47 1.31 4.29 12.11
N GLU A 48 2.00 3.32 11.57
CA GLU A 48 3.28 2.88 12.14
C GLU A 48 4.40 3.88 11.86
N ILE A 49 4.37 4.50 10.68
CA ILE A 49 5.40 5.45 10.31
C ILE A 49 5.08 6.88 10.76
N GLU A 50 3.87 7.09 11.26
CA GLU A 50 3.46 8.42 11.72
C GLU A 50 4.42 8.98 12.77
N SER A 51 5.02 8.08 13.54
CA SER A 51 5.95 8.48 14.59
C SER A 51 7.33 8.82 14.03
N GLU A 52 7.67 8.30 12.85
CA GLU A 52 8.97 8.57 12.26
C GLU A 52 8.89 9.78 11.34
N ILE A 53 7.68 10.10 10.91
CA ILE A 53 7.45 11.24 10.03
C ILE A 53 7.74 12.55 10.75
N ASP A 54 8.83 13.19 10.36
CA ASP A 54 9.22 14.47 10.96
C ASP A 54 8.84 15.59 10.01
N SER A 55 8.56 15.22 8.78
CA SER A 55 8.19 16.15 7.75
C SER A 55 7.04 15.56 6.95
N GLU A 56 6.03 16.37 6.67
CA GLU A 56 4.87 15.91 5.92
C GLU A 56 5.31 15.37 4.57
N GLU A 57 6.37 15.95 4.03
CA GLU A 57 6.90 15.53 2.75
C GLU A 57 7.23 14.04 2.76
N GLU A 58 7.65 13.54 3.92
CA GLU A 58 7.99 12.13 4.07
C GLU A 58 6.72 11.29 4.00
N LEU A 59 5.71 11.68 4.77
CA LEU A 59 4.44 10.97 4.82
C LEU A 59 3.74 11.03 3.46
N ILE A 60 3.73 12.21 2.87
CA ILE A 60 3.12 12.40 1.57
C ILE A 60 3.88 11.59 0.52
N ASN A 61 5.18 11.47 0.70
CA ASN A 61 6.03 10.69 -0.20
C ASN A 61 5.70 9.20 -0.05
N LYS A 62 5.63 8.74 1.20
CA LYS A 62 5.33 7.34 1.49
C LYS A 62 3.99 6.96 0.89
N LYS A 63 3.01 7.85 1.04
CA LYS A 63 1.68 7.62 0.50
C LYS A 63 1.72 7.47 -1.02
N ARG A 64 2.42 8.38 -1.67
CA ARG A 64 2.56 8.36 -3.12
C ARG A 64 3.22 7.09 -3.61
N ILE A 65 4.16 6.58 -2.84
CA ILE A 65 4.87 5.36 -3.21
C ILE A 65 4.08 4.10 -2.90
N ILE A 66 3.56 4.00 -1.67
CA ILE A 66 2.82 2.82 -1.24
C ILE A 66 1.59 2.56 -2.13
N GLU A 67 0.87 3.60 -2.51
CA GLU A 67 -0.30 3.43 -3.35
C GLU A 67 0.14 3.15 -4.79
N LYS A 68 1.27 3.73 -5.17
CA LYS A 68 1.82 3.56 -6.52
C LYS A 68 2.25 2.12 -6.76
N VAL A 69 3.00 1.56 -5.81
CA VAL A 69 3.50 0.19 -5.94
C VAL A 69 2.34 -0.80 -6.00
N ILE A 70 1.28 -0.55 -5.23
CA ILE A 70 0.12 -1.43 -5.24
C ILE A 70 -0.57 -1.36 -6.60
N HIS A 71 -0.74 -0.12 -7.10
CA HIS A 71 -1.36 0.11 -8.39
C HIS A 71 -0.52 -0.51 -9.50
N ARG A 72 0.80 -0.39 -9.36
CA ARG A 72 1.74 -0.95 -10.33
C ARG A 72 1.67 -2.47 -10.31
N LEU A 73 1.64 -3.02 -9.11
CA LEU A 73 1.60 -4.47 -8.90
C LEU A 73 0.39 -5.11 -9.59
N THR A 74 -0.79 -4.58 -9.35
CA THR A 74 -2.02 -5.14 -9.91
C THR A 74 -2.27 -4.73 -11.37
N HIS A 75 -1.34 -4.01 -11.99
CA HIS A 75 -1.56 -3.58 -13.38
C HIS A 75 -0.34 -3.85 -14.27
N TYR A 76 0.82 -3.36 -13.85
CA TYR A 76 2.04 -3.54 -14.63
C TYR A 76 2.80 -4.80 -14.25
N ASP A 77 2.96 -5.01 -12.94
CA ASP A 77 3.70 -6.17 -12.42
C ASP A 77 3.10 -7.48 -12.88
N HIS A 78 1.82 -7.68 -12.57
CA HIS A 78 1.09 -8.90 -12.93
C HIS A 78 1.57 -10.12 -12.13
N VAL A 79 2.24 -9.87 -11.01
CA VAL A 79 2.72 -10.96 -10.16
C VAL A 79 1.72 -11.19 -9.02
N LEU A 80 0.61 -10.47 -9.09
CA LEU A 80 -0.43 -10.59 -8.07
C LEU A 80 -1.53 -11.54 -8.54
N ILE A 81 -2.43 -11.87 -7.63
CA ILE A 81 -3.53 -12.78 -7.94
C ILE A 81 -4.87 -12.10 -7.66
N GLU A 82 -5.77 -12.18 -8.62
CA GLU A 82 -7.11 -11.63 -8.46
C GLU A 82 -8.11 -12.51 -9.19
N LEU A 83 -9.26 -12.71 -8.58
CA LEU A 83 -10.29 -13.55 -9.16
C LEU A 83 -11.66 -12.90 -9.01
N THR A 84 -12.65 -13.47 -9.69
CA THR A 84 -14.03 -12.99 -9.68
C THR A 84 -14.13 -11.47 -9.82
N GLN A 85 -14.09 -11.01 -11.07
CA GLN A 85 -14.17 -9.59 -11.40
C GLN A 85 -15.45 -8.95 -10.85
N ALA A 86 -16.46 -9.77 -10.59
CA ALA A 86 -17.72 -9.28 -10.08
C ALA A 86 -17.59 -8.87 -8.62
N GLY A 87 -17.36 -7.59 -8.39
CA GLY A 87 -17.22 -7.09 -7.04
C GLY A 87 -15.83 -6.59 -6.73
N LEU A 88 -14.92 -6.71 -7.70
CA LEU A 88 -13.55 -6.26 -7.52
C LEU A 88 -13.48 -4.74 -7.44
N LYS A 89 -13.99 -4.07 -8.46
CA LYS A 89 -14.00 -2.62 -8.49
C LYS A 89 -15.13 -2.08 -7.62
N GLY A 90 -16.31 -2.68 -7.76
CA GLY A 90 -17.45 -2.25 -6.99
C GLY A 90 -17.56 -2.97 -5.67
N SER A 91 -18.78 -3.18 -5.21
CA SER A 91 -19.02 -3.87 -3.95
C SER A 91 -20.36 -4.60 -3.98
N THR A 92 -21.35 -3.99 -4.62
CA THR A 92 -22.67 -4.59 -4.70
C THR A 92 -23.09 -4.78 -6.16
N GLU A 93 -22.75 -3.81 -7.00
CA GLU A 93 -23.11 -3.87 -8.41
C GLU A 93 -22.21 -4.84 -9.16
N GLY A 94 -22.81 -5.92 -9.66
CA GLY A 94 -22.06 -6.91 -10.40
C GLY A 94 -22.50 -8.30 -10.03
N SER A 95 -23.65 -8.71 -10.56
CA SER A 95 -24.21 -10.04 -10.29
C SER A 95 -24.45 -10.23 -8.79
N GLU A 96 -23.93 -11.33 -8.24
CA GLU A 96 -24.11 -11.60 -6.82
C GLU A 96 -22.76 -11.63 -6.12
N SER A 97 -22.78 -11.41 -4.82
CA SER A 97 -21.57 -11.40 -4.01
C SER A 97 -21.83 -12.08 -2.67
N TYR A 98 -22.46 -13.26 -2.72
CA TYR A 98 -22.77 -14.01 -1.51
C TYR A 98 -21.54 -14.74 -0.97
N GLU A 99 -20.66 -15.14 -1.88
CA GLU A 99 -19.46 -15.85 -1.50
C GLU A 99 -18.32 -14.89 -1.21
N GLU A 100 -17.30 -15.36 -0.51
CA GLU A 100 -16.15 -14.53 -0.21
C GLU A 100 -15.23 -14.48 -1.41
N ASP A 101 -14.72 -13.30 -1.68
CA ASP A 101 -13.84 -13.09 -2.83
C ASP A 101 -12.43 -12.81 -2.36
N PRO A 102 -11.42 -13.26 -3.13
CA PRO A 102 -10.01 -13.05 -2.79
C PRO A 102 -9.61 -11.59 -2.96
N TYR A 103 -10.20 -10.95 -3.96
CA TYR A 103 -9.94 -9.55 -4.27
C TYR A 103 -8.48 -9.31 -4.67
N LEU A 104 -7.63 -9.03 -3.69
CA LEU A 104 -6.23 -8.78 -3.96
C LEU A 104 -5.32 -9.62 -3.07
N VAL A 105 -4.50 -10.44 -3.71
CA VAL A 105 -3.55 -11.28 -3.01
C VAL A 105 -2.23 -11.27 -3.76
N VAL A 106 -1.13 -11.21 -3.04
CA VAL A 106 0.19 -11.18 -3.66
C VAL A 106 1.01 -12.39 -3.24
N ASN A 107 1.87 -12.84 -4.13
CA ASN A 107 2.72 -13.99 -3.86
C ASN A 107 4.00 -13.52 -3.20
N PRO A 108 4.58 -14.34 -2.30
CA PRO A 108 5.82 -14.01 -1.59
C PRO A 108 6.99 -13.78 -2.54
N ASN A 109 6.86 -14.22 -3.78
CA ASN A 109 7.92 -14.07 -4.79
C ASN A 109 7.83 -12.72 -5.48
N TYR A 110 7.30 -11.73 -4.77
CA TYR A 110 7.17 -10.38 -5.29
C TYR A 110 8.55 -9.78 -5.53
N LEU A 111 8.71 -9.13 -6.68
CA LEU A 111 9.99 -8.52 -7.05
C LEU A 111 9.86 -7.00 -7.14
N LEU A 112 10.99 -6.32 -7.29
CA LEU A 112 11.01 -4.87 -7.39
C LEU A 112 11.06 -4.46 -8.86
N GLU A 113 11.61 -3.29 -9.13
CA GLU A 113 11.71 -2.79 -10.50
C GLU A 113 12.76 -3.57 -11.29
N ASP A 114 13.68 -4.20 -10.58
CA ASP A 114 14.73 -4.98 -11.21
C ASP A 114 14.97 -6.26 -10.43
N SER B 1 7.91 19.15 -7.48
CA SER B 1 8.60 18.01 -6.87
C SER B 1 7.74 17.38 -5.79
N ALA B 2 7.06 18.21 -5.01
CA ALA B 2 6.20 17.73 -3.95
C ALA B 2 4.87 17.26 -4.55
N LEU B 3 4.16 16.42 -3.81
CA LEU B 3 2.88 15.87 -4.26
C LEU B 3 3.08 15.03 -5.52
N LYS B 4 2.00 14.86 -6.29
CA LYS B 4 2.03 14.06 -7.52
C LYS B 4 2.21 12.58 -7.22
N GLY B 5 1.10 11.89 -7.08
CA GLY B 5 1.13 10.48 -6.79
C GLY B 5 -0.19 9.81 -7.13
N VAL B 6 -0.28 8.51 -6.91
CA VAL B 6 -1.48 7.76 -7.19
C VAL B 6 -2.46 7.89 -6.02
N SER B 7 -3.73 8.11 -6.34
CA SER B 7 -4.78 8.25 -5.34
C SER B 7 -4.49 9.38 -4.36
N GLN B 8 -4.39 10.61 -4.89
CA GLN B 8 -4.11 11.78 -4.07
C GLN B 8 -5.24 11.98 -3.05
N ASP B 9 -6.39 11.41 -3.34
CA ASP B 9 -7.56 11.52 -2.46
C ASP B 9 -7.36 10.72 -1.18
N LEU B 10 -6.36 9.86 -1.17
CA LEU B 10 -6.07 9.07 0.03
C LEU B 10 -5.24 9.91 1.00
N LEU B 11 -4.67 10.99 0.48
CA LEU B 11 -3.85 11.90 1.26
C LEU B 11 -4.68 12.97 1.93
N GLU B 12 -6.00 12.96 1.66
CA GLU B 12 -6.92 13.94 2.25
C GLU B 12 -6.77 13.96 3.78
N ARG B 13 -6.39 12.82 4.34
CA ARG B 13 -6.19 12.70 5.78
C ARG B 13 -4.82 13.24 6.16
N ILE B 14 -3.86 13.08 5.26
CA ILE B 14 -2.50 13.53 5.48
C ILE B 14 -2.43 15.05 5.56
N ARG B 15 -3.12 15.71 4.63
CA ARG B 15 -3.13 17.18 4.58
C ARG B 15 -3.76 17.76 5.85
N ALA B 16 -4.67 17.00 6.46
CA ALA B 16 -5.33 17.43 7.68
C ALA B 16 -4.42 17.17 8.87
N LYS B 17 -3.57 16.15 8.72
CA LYS B 17 -2.63 15.76 9.75
C LYS B 17 -1.42 16.69 9.76
N GLU B 18 -1.20 17.38 8.64
CA GLU B 18 -0.07 18.29 8.48
C GLU B 18 0.06 19.25 9.67
N ALA B 19 -0.99 20.05 9.91
CA ALA B 19 -0.99 21.00 11.01
C ALA B 19 -1.00 20.28 12.35
N GLN B 20 -1.66 19.12 12.38
CA GLN B 20 -1.77 18.32 13.60
C GLN B 20 -0.42 17.73 14.01
N LYS B 21 0.50 17.62 13.06
CA LYS B 21 1.83 17.10 13.32
C LYS B 21 2.60 18.03 14.24
N GLN B 22 2.17 19.28 14.29
CA GLN B 22 2.81 20.28 15.13
C GLN B 22 2.28 20.17 16.56
N LEU B 23 1.31 19.29 16.75
CA LEU B 23 0.73 19.06 18.06
C LEU B 23 1.22 17.73 18.64
N ALA B 24 2.33 17.27 18.09
CA ALA B 24 2.93 16.01 18.53
C ALA B 24 3.89 16.26 19.69
N GLN B 25 4.87 15.37 19.86
CA GLN B 25 5.84 15.51 20.94
C GLN B 25 7.16 16.08 20.41
N MET B 26 7.05 17.13 19.63
CA MET B 26 8.22 17.78 19.05
C MET B 26 8.86 18.73 20.05
N THR B 27 8.04 19.50 20.73
CA THR B 27 8.54 20.45 21.71
C THR B 27 7.60 20.54 22.91
N ARG B 28 8.14 20.96 24.05
CA ARG B 28 7.36 21.09 25.27
C ARG B 28 7.75 22.38 25.99
N TRP B 29 8.37 23.28 25.25
CA TRP B 29 8.81 24.57 25.79
C TRP B 29 9.01 25.55 24.64
N ALA A 1 14.15 -4.16 -20.19
CA ALA A 1 13.82 -2.97 -19.37
C ALA A 1 14.79 -1.84 -19.69
N PRO A 2 14.28 -0.59 -19.73
CA PRO A 2 15.11 0.59 -20.02
C PRO A 2 16.22 0.78 -18.97
N LYS A 3 15.87 0.61 -17.71
CA LYS A 3 16.82 0.77 -16.62
C LYS A 3 17.66 -0.49 -16.45
N ALA A 4 18.89 -0.30 -16.04
CA ALA A 4 19.80 -1.42 -15.82
C ALA A 4 20.38 -1.34 -14.41
N SER A 5 20.31 -0.15 -13.82
CA SER A 5 20.82 0.08 -12.49
C SER A 5 19.68 0.17 -11.48
N LEU A 6 19.83 -0.49 -10.34
CA LEU A 6 18.81 -0.47 -9.30
C LEU A 6 19.42 -0.05 -7.96
N ARG A 7 20.74 0.06 -7.91
CA ARG A 7 21.42 0.45 -6.68
C ARG A 7 21.60 1.97 -6.62
N LEU A 8 21.54 2.51 -5.41
CA LEU A 8 21.68 3.95 -5.18
C LEU A 8 20.57 4.72 -5.88
N GLY A 9 19.40 4.76 -5.24
CA GLY A 9 18.26 5.46 -5.80
C GLY A 9 16.95 4.78 -5.47
N PHE A 10 17.03 3.56 -4.96
CA PHE A 10 15.83 2.80 -4.60
C PHE A 10 15.77 2.59 -3.09
N SER A 11 16.30 3.56 -2.36
CA SER A 11 16.34 3.50 -0.90
C SER A 11 14.94 3.36 -0.30
N GLU A 12 14.01 4.20 -0.74
CA GLU A 12 12.65 4.15 -0.22
C GLU A 12 11.93 2.92 -0.73
N TYR A 13 12.19 2.59 -2.00
CA TYR A 13 11.59 1.42 -2.61
C TYR A 13 11.96 0.15 -1.85
N SER A 14 13.19 0.10 -1.34
CA SER A 14 13.66 -1.04 -0.58
C SER A 14 12.92 -1.18 0.74
N ARG A 15 12.43 -0.06 1.26
CA ARG A 15 11.68 -0.05 2.51
C ARG A 15 10.26 -0.51 2.25
N ILE A 16 9.66 0.06 1.21
CA ILE A 16 8.29 -0.26 0.82
C ILE A 16 8.17 -1.72 0.43
N SER A 17 9.11 -2.20 -0.39
CA SER A 17 9.10 -3.59 -0.84
C SER A 17 9.14 -4.54 0.37
N ASN A 18 9.94 -4.16 1.37
CA ASN A 18 10.07 -4.95 2.58
C ASN A 18 8.74 -4.95 3.34
N LEU A 19 8.10 -3.79 3.40
CA LEU A 19 6.81 -3.65 4.06
C LEU A 19 5.79 -4.58 3.38
N ILE A 20 5.87 -4.67 2.06
CA ILE A 20 4.96 -5.51 1.29
C ILE A 20 5.20 -6.99 1.59
N VAL A 21 6.46 -7.42 1.48
CA VAL A 21 6.81 -8.81 1.72
C VAL A 21 6.63 -9.19 3.19
N LEU A 22 7.01 -8.29 4.09
CA LEU A 22 6.89 -8.56 5.53
C LEU A 22 5.44 -8.73 5.96
N HIS A 23 4.60 -7.77 5.60
CA HIS A 23 3.20 -7.82 5.98
C HIS A 23 2.53 -9.08 5.41
N LEU A 24 2.74 -9.35 4.13
CA LEU A 24 2.13 -10.51 3.49
C LEU A 24 2.67 -11.81 4.07
N ARG A 25 3.99 -11.90 4.29
CA ARG A 25 4.60 -13.11 4.83
C ARG A 25 4.05 -13.44 6.22
N LYS A 26 3.77 -12.42 7.02
CA LYS A 26 3.23 -12.65 8.35
C LYS A 26 1.79 -13.14 8.25
N VAL A 27 1.06 -12.55 7.32
CA VAL A 27 -0.33 -12.91 7.09
C VAL A 27 -0.45 -14.36 6.61
N GLU A 28 0.32 -14.72 5.59
CA GLU A 28 0.28 -16.07 5.05
C GLU A 28 0.80 -17.10 6.06
N GLU A 29 1.69 -16.66 6.93
CA GLU A 29 2.26 -17.52 7.95
C GLU A 29 1.25 -17.86 9.05
N GLU A 30 0.37 -16.92 9.35
CA GLU A 30 -0.62 -17.13 10.40
C GLU A 30 -2.01 -17.46 9.85
N GLU A 31 -2.58 -16.55 9.08
CA GLU A 31 -3.92 -16.74 8.53
C GLU A 31 -3.91 -17.43 7.16
N ASP A 32 -2.77 -17.35 6.48
CA ASP A 32 -2.59 -17.95 5.15
C ASP A 32 -3.30 -17.09 4.10
N GLU A 33 -4.60 -16.92 4.26
CA GLU A 33 -5.40 -16.11 3.36
C GLU A 33 -5.38 -14.65 3.81
N SER A 34 -6.56 -14.12 4.06
CA SER A 34 -6.70 -12.73 4.51
C SER A 34 -6.00 -11.76 3.56
N ALA A 35 -6.42 -11.81 2.30
CA ALA A 35 -5.86 -10.96 1.26
C ALA A 35 -5.86 -9.48 1.65
N LEU A 36 -6.96 -9.05 2.27
CA LEU A 36 -7.13 -7.66 2.72
C LEU A 36 -7.27 -6.72 1.51
N LYS A 37 -7.11 -5.43 1.74
CA LYS A 37 -7.23 -4.45 0.67
C LYS A 37 -5.91 -3.70 0.49
N ARG A 38 -5.66 -3.24 -0.73
CA ARG A 38 -4.43 -2.53 -1.05
C ARG A 38 -4.31 -1.25 -0.23
N SER A 39 -5.40 -0.51 -0.15
CA SER A 39 -5.42 0.75 0.59
C SER A 39 -5.14 0.52 2.08
N GLU A 40 -5.53 -0.65 2.58
CA GLU A 40 -5.34 -0.98 3.98
C GLU A 40 -3.87 -1.21 4.30
N LEU A 41 -3.15 -1.84 3.35
CA LEU A 41 -1.73 -2.12 3.55
C LEU A 41 -0.94 -0.82 3.74
N VAL A 42 -1.17 0.14 2.86
CA VAL A 42 -0.50 1.42 2.96
C VAL A 42 -1.06 2.22 4.13
N ASN A 43 -2.34 2.00 4.42
CA ASN A 43 -3.03 2.70 5.50
C ASN A 43 -2.29 2.57 6.83
N TRP A 44 -2.06 1.34 7.29
CA TRP A 44 -1.37 1.13 8.55
C TRP A 44 0.10 1.52 8.42
N TYR A 45 0.67 1.34 7.23
CA TYR A 45 2.06 1.68 6.98
C TYR A 45 2.30 3.14 7.33
N LEU A 46 1.39 3.99 6.88
CA LEU A 46 1.49 5.41 7.14
C LEU A 46 1.15 5.71 8.59
N LYS A 47 0.01 5.19 9.04
CA LYS A 47 -0.46 5.42 10.41
C LYS A 47 0.58 5.05 11.48
N GLU A 48 1.48 4.14 11.15
CA GLU A 48 2.50 3.73 12.09
C GLU A 48 3.67 4.71 12.15
N ILE A 49 4.08 5.21 10.99
CA ILE A 49 5.23 6.11 10.91
C ILE A 49 4.83 7.58 10.74
N GLU A 50 3.55 7.85 10.62
CA GLU A 50 3.08 9.22 10.43
C GLU A 50 3.17 10.02 11.72
N SER A 51 3.09 9.34 12.85
CA SER A 51 3.16 9.98 14.15
C SER A 51 4.56 10.57 14.39
N GLU A 52 5.55 10.06 13.65
CA GLU A 52 6.91 10.53 13.80
C GLU A 52 7.32 11.40 12.61
N ILE A 53 6.36 11.65 11.73
CA ILE A 53 6.60 12.47 10.55
C ILE A 53 6.84 13.91 10.97
N ASP A 54 8.06 14.38 10.78
CA ASP A 54 8.44 15.73 11.15
C ASP A 54 8.18 16.68 10.00
N SER A 55 8.05 16.15 8.80
CA SER A 55 7.80 16.96 7.63
C SER A 55 6.76 16.30 6.76
N GLU A 56 5.74 17.07 6.39
CA GLU A 56 4.65 16.60 5.55
C GLU A 56 5.17 15.94 4.29
N GLU A 57 6.27 16.48 3.76
CA GLU A 57 6.88 15.96 2.55
C GLU A 57 7.29 14.50 2.71
N GLU A 58 7.72 14.13 3.92
CA GLU A 58 8.13 12.76 4.18
C GLU A 58 6.93 11.82 4.11
N LEU A 59 5.82 12.27 4.70
CA LEU A 59 4.59 11.51 4.70
C LEU A 59 4.04 11.39 3.30
N ILE A 60 4.18 12.46 2.54
CA ILE A 60 3.72 12.48 1.16
C ILE A 60 4.62 11.57 0.33
N ASN A 61 5.91 11.59 0.63
CA ASN A 61 6.88 10.74 -0.06
C ASN A 61 6.54 9.28 0.12
N LYS A 62 6.32 8.87 1.37
CA LYS A 62 5.98 7.49 1.68
C LYS A 62 4.76 7.04 0.87
N LYS A 63 3.74 7.90 0.86
CA LYS A 63 2.52 7.61 0.12
C LYS A 63 2.80 7.50 -1.37
N ARG A 64 3.63 8.41 -1.88
CA ARG A 64 3.97 8.43 -3.29
C ARG A 64 4.69 7.15 -3.71
N ILE A 65 5.41 6.53 -2.79
CA ILE A 65 6.15 5.32 -3.11
C ILE A 65 5.29 4.07 -2.94
N ILE A 66 4.63 3.94 -1.79
CA ILE A 66 3.80 2.77 -1.52
C ILE A 66 2.61 2.69 -2.48
N GLU A 67 1.99 3.82 -2.77
CA GLU A 67 0.85 3.85 -3.68
C GLU A 67 1.32 3.57 -5.10
N LYS A 68 2.53 4.03 -5.41
CA LYS A 68 3.13 3.83 -6.73
C LYS A 68 3.35 2.35 -7.02
N VAL A 69 4.00 1.65 -6.10
CA VAL A 69 4.27 0.23 -6.27
C VAL A 69 2.97 -0.57 -6.30
N ILE A 70 1.99 -0.14 -5.51
CA ILE A 70 0.70 -0.82 -5.47
C ILE A 70 -0.04 -0.61 -6.81
N HIS A 71 0.09 0.59 -7.37
CA HIS A 71 -0.52 0.91 -8.65
C HIS A 71 0.19 0.16 -9.77
N ARG A 72 1.47 -0.06 -9.60
CA ARG A 72 2.27 -0.78 -10.58
C ARG A 72 1.98 -2.26 -10.51
N LEU A 73 1.89 -2.76 -9.28
CA LEU A 73 1.62 -4.16 -9.01
C LEU A 73 0.31 -4.63 -9.65
N THR A 74 -0.69 -3.78 -9.63
CA THR A 74 -1.99 -4.12 -10.17
C THR A 74 -2.05 -4.01 -11.70
N HIS A 75 -1.20 -3.16 -12.27
CA HIS A 75 -1.23 -2.96 -13.71
C HIS A 75 0.02 -3.47 -14.42
N TYR A 76 1.13 -2.77 -14.23
CA TYR A 76 2.40 -3.14 -14.86
C TYR A 76 2.81 -4.57 -14.54
N ASP A 77 2.74 -4.94 -13.27
CA ASP A 77 3.12 -6.28 -12.84
C ASP A 77 2.00 -7.27 -13.09
N HIS A 78 0.86 -7.03 -12.44
CA HIS A 78 -0.32 -7.88 -12.56
C HIS A 78 -0.03 -9.28 -12.02
N VAL A 79 0.81 -9.36 -10.99
CA VAL A 79 1.17 -10.65 -10.39
C VAL A 79 0.28 -10.92 -9.18
N LEU A 80 -0.66 -10.02 -8.92
CA LEU A 80 -1.54 -10.17 -7.78
C LEU A 80 -2.80 -10.94 -8.13
N ILE A 81 -3.35 -11.61 -7.14
CA ILE A 81 -4.55 -12.40 -7.27
C ILE A 81 -5.72 -11.59 -6.71
N GLU A 82 -6.91 -11.75 -7.29
CA GLU A 82 -8.06 -11.01 -6.81
C GLU A 82 -9.26 -11.92 -6.60
N LEU A 83 -9.45 -12.33 -5.34
CA LEU A 83 -10.56 -13.20 -4.92
C LEU A 83 -10.19 -13.95 -3.63
N THR A 84 -11.19 -14.17 -2.80
CA THR A 84 -11.02 -14.90 -1.55
C THR A 84 -12.22 -15.81 -1.33
N GLN A 85 -11.97 -17.11 -1.25
CA GLN A 85 -13.05 -18.09 -1.06
C GLN A 85 -13.63 -18.04 0.36
N ALA A 86 -14.13 -16.88 0.75
CA ALA A 86 -14.71 -16.67 2.07
C ALA A 86 -15.76 -15.56 2.02
N GLY A 87 -16.09 -15.12 0.83
CA GLY A 87 -17.07 -14.06 0.68
C GLY A 87 -17.47 -13.84 -0.76
N LEU A 88 -17.39 -14.90 -1.56
CA LEU A 88 -17.74 -14.81 -2.97
C LEU A 88 -19.02 -15.60 -3.26
N LYS A 89 -19.47 -16.39 -2.30
CA LYS A 89 -20.67 -17.19 -2.48
C LYS A 89 -21.93 -16.40 -2.14
N GLY A 90 -21.94 -15.82 -0.95
CA GLY A 90 -23.10 -15.07 -0.51
C GLY A 90 -23.67 -15.62 0.77
N SER A 91 -22.97 -15.38 1.87
CA SER A 91 -23.39 -15.87 3.17
C SER A 91 -24.37 -14.89 3.82
N THR A 92 -25.16 -15.37 4.77
CA THR A 92 -26.12 -14.52 5.46
C THR A 92 -25.42 -13.63 6.47
N GLU A 93 -24.44 -14.19 7.16
CA GLU A 93 -23.68 -13.45 8.16
C GLU A 93 -22.19 -13.61 7.92
N GLY A 94 -21.50 -12.49 7.77
CA GLY A 94 -20.07 -12.51 7.53
C GLY A 94 -19.61 -11.33 6.70
N SER A 95 -18.52 -11.50 5.98
CA SER A 95 -17.99 -10.45 5.14
C SER A 95 -18.24 -10.78 3.67
N GLU A 96 -18.97 -9.91 2.98
CA GLU A 96 -19.26 -10.11 1.58
C GLU A 96 -18.57 -9.06 0.72
N SER A 97 -18.33 -9.40 -0.53
CA SER A 97 -17.68 -8.50 -1.47
C SER A 97 -18.13 -8.84 -2.89
N TYR A 98 -19.44 -8.86 -3.07
CA TYR A 98 -20.02 -9.18 -4.37
C TYR A 98 -20.41 -7.91 -5.11
N GLU A 99 -20.65 -6.84 -4.36
CA GLU A 99 -21.03 -5.56 -4.95
C GLU A 99 -19.81 -4.89 -5.56
N GLU A 100 -18.75 -4.81 -4.77
CA GLU A 100 -17.51 -4.20 -5.21
C GLU A 100 -16.54 -5.26 -5.72
N ASP A 101 -15.31 -4.87 -5.94
CA ASP A 101 -14.27 -5.78 -6.43
C ASP A 101 -13.88 -6.76 -5.34
N PRO A 102 -13.33 -7.94 -5.72
CA PRO A 102 -12.90 -8.94 -4.76
C PRO A 102 -11.70 -8.48 -3.93
N TYR A 103 -11.15 -9.37 -3.13
CA TYR A 103 -10.01 -9.03 -2.29
C TYR A 103 -8.70 -9.18 -3.05
N LEU A 104 -7.77 -8.27 -2.80
CA LEU A 104 -6.49 -8.27 -3.51
C LEU A 104 -5.40 -8.93 -2.68
N VAL A 105 -4.77 -9.95 -3.24
CA VAL A 105 -3.70 -10.66 -2.58
C VAL A 105 -2.49 -10.75 -3.51
N VAL A 106 -1.30 -10.56 -2.96
CA VAL A 106 -0.09 -10.62 -3.76
C VAL A 106 0.84 -11.72 -3.23
N ASN A 107 1.59 -12.33 -4.12
CA ASN A 107 2.51 -13.39 -3.74
C ASN A 107 3.83 -12.79 -3.26
N PRO A 108 4.44 -13.40 -2.22
CA PRO A 108 5.72 -12.94 -1.68
C PRO A 108 6.87 -13.15 -2.67
N ASN A 109 6.54 -13.70 -3.83
CA ASN A 109 7.51 -13.93 -4.88
C ASN A 109 7.74 -12.66 -5.68
N TYR A 110 6.96 -11.63 -5.35
CA TYR A 110 7.04 -10.33 -6.02
C TYR A 110 8.45 -9.77 -5.91
N LEU A 111 9.07 -9.50 -7.05
CA LEU A 111 10.42 -8.97 -7.10
C LEU A 111 10.41 -7.46 -7.37
N LEU A 112 11.57 -6.93 -7.71
CA LEU A 112 11.71 -5.50 -7.99
C LEU A 112 11.64 -5.25 -9.49
N GLU A 113 12.58 -5.83 -10.21
CA GLU A 113 12.67 -5.66 -11.65
C GLU A 113 13.56 -6.76 -12.22
N ASP A 114 14.64 -7.06 -11.49
CA ASP A 114 15.57 -8.09 -11.92
C ASP A 114 15.07 -9.45 -11.49
N SER B 1 -16.35 15.34 -2.14
CA SER B 1 -16.34 14.49 -0.92
C SER B 1 -14.92 14.04 -0.58
N ALA B 2 -13.97 14.36 -1.47
CA ALA B 2 -12.55 14.02 -1.29
C ALA B 2 -12.31 12.51 -1.40
N LEU B 3 -12.75 11.76 -0.41
CA LEU B 3 -12.56 10.31 -0.39
C LEU B 3 -13.48 9.61 -1.40
N LYS B 4 -12.87 9.01 -2.41
CA LYS B 4 -13.62 8.31 -3.45
C LYS B 4 -12.95 6.99 -3.82
N GLY B 5 -11.89 6.63 -3.12
CA GLY B 5 -11.19 5.39 -3.40
C GLY B 5 -10.05 5.60 -4.40
N VAL B 6 -9.61 6.83 -4.52
CA VAL B 6 -8.54 7.18 -5.45
C VAL B 6 -7.24 7.34 -4.68
N SER B 7 -6.10 7.31 -5.37
CA SER B 7 -4.80 7.45 -4.72
C SER B 7 -4.72 8.73 -3.88
N GLN B 8 -5.45 9.76 -4.31
CA GLN B 8 -5.47 11.04 -3.60
C GLN B 8 -6.17 10.92 -2.24
N ASP B 9 -6.96 9.86 -2.06
CA ASP B 9 -7.70 9.64 -0.82
C ASP B 9 -6.78 9.66 0.39
N LEU B 10 -5.73 8.86 0.34
CA LEU B 10 -4.78 8.74 1.44
C LEU B 10 -4.06 10.07 1.72
N LEU B 11 -3.81 10.86 0.69
CA LEU B 11 -3.13 12.14 0.90
C LEU B 11 -4.12 13.23 1.27
N GLU B 12 -5.40 12.98 1.04
CA GLU B 12 -6.45 13.92 1.42
C GLU B 12 -6.55 13.95 2.94
N ARG B 13 -6.17 12.81 3.54
CA ARG B 13 -6.17 12.64 4.98
C ARG B 13 -5.21 13.64 5.63
N ILE B 14 -4.21 14.04 4.86
CA ILE B 14 -3.20 14.99 5.34
C ILE B 14 -3.86 16.34 5.67
N ARG B 15 -4.93 16.66 4.96
CA ARG B 15 -5.65 17.91 5.19
C ARG B 15 -6.27 17.93 6.59
N ALA B 16 -6.52 16.73 7.12
CA ALA B 16 -7.09 16.61 8.44
C ALA B 16 -6.00 16.33 9.48
N LYS B 17 -4.83 15.94 8.99
CA LYS B 17 -3.69 15.66 9.86
C LYS B 17 -2.99 16.96 10.24
N GLU B 18 -3.40 18.03 9.58
CA GLU B 18 -2.81 19.36 9.81
C GLU B 18 -2.86 19.69 11.30
N ALA B 19 -4.01 19.45 11.92
CA ALA B 19 -4.19 19.71 13.34
C ALA B 19 -3.28 18.82 14.19
N GLN B 20 -3.12 17.57 13.75
CA GLN B 20 -2.28 16.61 14.45
C GLN B 20 -0.83 17.08 14.49
N LYS B 21 -0.36 17.64 13.37
CA LYS B 21 1.01 18.12 13.27
C LYS B 21 1.23 19.39 14.08
N GLN B 22 0.26 20.30 14.05
CA GLN B 22 0.38 21.55 14.79
C GLN B 22 0.23 21.31 16.28
N LEU B 23 -0.42 20.21 16.63
CA LEU B 23 -0.62 19.85 18.02
C LEU B 23 0.33 18.73 18.43
N ALA B 24 1.42 18.60 17.67
CA ALA B 24 2.43 17.59 17.93
C ALA B 24 3.64 18.22 18.61
N GLN B 25 4.67 17.40 18.82
CA GLN B 25 5.91 17.86 19.46
C GLN B 25 5.67 18.20 20.93
N MET B 26 6.74 18.54 21.63
CA MET B 26 6.64 18.88 23.04
C MET B 26 5.98 20.26 23.21
N THR B 27 6.59 21.26 22.61
CA THR B 27 6.07 22.62 22.71
C THR B 27 5.79 23.19 21.31
N ARG B 28 6.59 22.76 20.34
CA ARG B 28 6.47 23.20 18.95
C ARG B 28 6.56 24.72 18.86
N TRP B 29 5.42 25.39 18.68
CA TRP B 29 5.39 26.84 18.59
C TRP B 29 4.25 27.39 19.45
N ALA A 1 21.28 -8.58 -18.52
CA ALA A 1 20.30 -8.78 -17.44
C ALA A 1 18.99 -8.08 -17.77
N PRO A 2 17.86 -8.76 -17.55
CA PRO A 2 16.54 -8.19 -17.82
C PRO A 2 16.11 -7.17 -16.78
N LYS A 3 15.36 -6.15 -17.21
CA LYS A 3 14.87 -5.10 -16.33
C LYS A 3 16.04 -4.37 -15.66
N ALA A 4 15.79 -3.79 -14.49
CA ALA A 4 16.83 -3.07 -13.76
C ALA A 4 16.92 -3.57 -12.33
N SER A 5 18.12 -3.56 -11.77
CA SER A 5 18.32 -4.01 -10.40
C SER A 5 18.09 -2.86 -9.43
N LEU A 6 18.05 -3.18 -8.14
CA LEU A 6 17.84 -2.18 -7.10
C LEU A 6 19.10 -2.04 -6.27
N ARG A 7 20.05 -1.26 -6.77
CA ARG A 7 21.31 -1.06 -6.09
C ARG A 7 21.68 0.41 -6.01
N LEU A 8 21.28 1.18 -7.01
CA LEU A 8 21.58 2.61 -7.04
C LEU A 8 20.79 3.36 -5.98
N GLY A 9 19.47 3.31 -6.09
CA GLY A 9 18.62 3.99 -5.15
C GLY A 9 17.50 3.11 -4.64
N PHE A 10 16.28 3.45 -5.02
CA PHE A 10 15.09 2.70 -4.62
C PHE A 10 14.97 2.61 -3.11
N SER A 11 15.46 3.63 -2.42
CA SER A 11 15.43 3.67 -0.96
C SER A 11 14.00 3.60 -0.44
N GLU A 12 13.12 4.43 -1.00
CA GLU A 12 11.72 4.45 -0.59
C GLU A 12 11.03 3.17 -1.02
N TYR A 13 11.33 2.73 -2.24
CA TYR A 13 10.75 1.51 -2.79
C TYR A 13 11.08 0.30 -1.93
N SER A 14 12.33 0.23 -1.48
CA SER A 14 12.79 -0.88 -0.64
C SER A 14 11.98 -0.93 0.65
N ARG A 15 11.76 0.23 1.26
CA ARG A 15 11.00 0.31 2.50
C ARG A 15 9.57 -0.18 2.30
N ILE A 16 8.94 0.27 1.23
CA ILE A 16 7.57 -0.13 0.92
C ILE A 16 7.53 -1.62 0.59
N SER A 17 8.46 -2.05 -0.25
CA SER A 17 8.57 -3.45 -0.64
C SER A 17 8.77 -4.33 0.59
N ASN A 18 9.53 -3.82 1.55
CA ASN A 18 9.79 -4.55 2.79
C ASN A 18 8.51 -4.81 3.55
N LEU A 19 7.64 -3.80 3.60
CA LEU A 19 6.37 -3.92 4.28
C LEU A 19 5.53 -5.04 3.66
N ILE A 20 5.60 -5.14 2.34
CA ILE A 20 4.85 -6.14 1.61
C ILE A 20 5.34 -7.55 1.91
N VAL A 21 6.64 -7.77 1.77
CA VAL A 21 7.20 -9.08 2.01
C VAL A 21 7.12 -9.48 3.49
N LEU A 22 7.29 -8.52 4.38
CA LEU A 22 7.23 -8.79 5.81
C LEU A 22 5.82 -9.18 6.25
N HIS A 23 4.84 -8.36 5.89
CA HIS A 23 3.46 -8.65 6.27
C HIS A 23 2.93 -9.88 5.55
N LEU A 24 3.29 -10.03 4.27
CA LEU A 24 2.82 -11.18 3.51
C LEU A 24 3.39 -12.48 4.06
N ARG A 25 4.70 -12.49 4.34
CA ARG A 25 5.34 -13.69 4.88
C ARG A 25 4.75 -14.03 6.25
N LYS A 26 4.32 -13.01 6.97
CA LYS A 26 3.70 -13.21 8.28
C LYS A 26 2.30 -13.78 8.08
N VAL A 27 1.58 -13.25 7.10
CA VAL A 27 0.23 -13.69 6.78
C VAL A 27 0.22 -15.17 6.40
N GLU A 28 1.12 -15.55 5.50
CA GLU A 28 1.21 -16.93 5.06
C GLU A 28 1.67 -17.84 6.21
N GLU A 29 2.43 -17.27 7.12
CA GLU A 29 2.94 -18.00 8.27
C GLU A 29 1.83 -18.25 9.28
N GLU A 30 0.91 -17.31 9.37
CA GLU A 30 -0.20 -17.42 10.32
C GLU A 30 -1.39 -18.17 9.70
N GLU A 31 -1.86 -17.71 8.56
CA GLU A 31 -2.98 -18.34 7.90
C GLU A 31 -2.55 -18.93 6.56
N ASP A 32 -2.46 -18.06 5.55
CA ASP A 32 -2.06 -18.47 4.19
C ASP A 32 -2.13 -17.29 3.24
N GLU A 33 -3.34 -16.96 2.81
CA GLU A 33 -3.55 -15.84 1.88
C GLU A 33 -4.23 -14.70 2.59
N SER A 34 -5.34 -15.03 3.23
CA SER A 34 -6.17 -14.10 4.00
C SER A 34 -6.86 -13.04 3.12
N ALA A 35 -6.13 -12.49 2.16
CA ALA A 35 -6.66 -11.46 1.26
C ALA A 35 -7.07 -10.22 2.05
N LEU A 36 -6.11 -9.35 2.29
CA LEU A 36 -6.34 -8.14 3.06
C LEU A 36 -6.65 -6.95 2.16
N LYS A 37 -7.12 -5.88 2.78
CA LYS A 37 -7.44 -4.65 2.06
C LYS A 37 -6.17 -3.84 1.83
N ARG A 38 -5.95 -3.40 0.58
CA ARG A 38 -4.77 -2.62 0.26
C ARG A 38 -4.71 -1.31 1.05
N SER A 39 -5.88 -0.70 1.28
CA SER A 39 -5.95 0.54 2.04
C SER A 39 -5.46 0.32 3.47
N GLU A 40 -5.71 -0.87 4.01
CA GLU A 40 -5.30 -1.20 5.36
C GLU A 40 -3.79 -1.26 5.46
N LEU A 41 -3.16 -1.88 4.46
CA LEU A 41 -1.70 -2.00 4.41
C LEU A 41 -1.07 -0.62 4.47
N VAL A 42 -1.54 0.26 3.60
CA VAL A 42 -1.04 1.64 3.57
C VAL A 42 -1.39 2.36 4.87
N ASN A 43 -2.58 2.07 5.38
CA ASN A 43 -3.08 2.69 6.60
C ASN A 43 -2.14 2.45 7.78
N TRP A 44 -1.91 1.20 8.14
CA TRP A 44 -1.04 0.89 9.28
C TRP A 44 0.40 1.29 8.98
N TYR A 45 0.79 1.28 7.71
CA TYR A 45 2.13 1.67 7.33
C TYR A 45 2.36 3.12 7.76
N LEU A 46 1.42 3.98 7.40
CA LEU A 46 1.51 5.38 7.77
C LEU A 46 1.35 5.54 9.28
N LYS A 47 0.46 4.74 9.86
CA LYS A 47 0.21 4.78 11.32
C LYS A 47 1.46 4.48 12.12
N GLU A 48 2.38 3.74 11.51
CA GLU A 48 3.62 3.37 12.18
C GLU A 48 4.66 4.47 12.08
N ILE A 49 4.74 5.08 10.91
CA ILE A 49 5.73 6.12 10.67
C ILE A 49 5.20 7.52 11.02
N GLU A 50 3.90 7.67 11.17
CA GLU A 50 3.32 8.97 11.47
C GLU A 50 3.80 9.53 12.79
N SER A 51 4.29 8.67 13.67
CA SER A 51 4.81 9.10 14.95
C SER A 51 6.15 9.82 14.77
N GLU A 52 6.86 9.49 13.70
CA GLU A 52 8.15 10.11 13.41
C GLU A 52 7.99 11.21 12.38
N ILE A 53 6.91 11.13 11.61
CA ILE A 53 6.64 12.13 10.57
C ILE A 53 6.17 13.44 11.19
N ASP A 54 7.04 14.44 11.13
CA ASP A 54 6.71 15.75 11.66
C ASP A 54 6.57 16.73 10.52
N SER A 55 6.96 16.29 9.33
CA SER A 55 6.88 17.10 8.14
C SER A 55 5.96 16.44 7.14
N GLU A 56 5.08 17.21 6.54
CA GLU A 56 4.14 16.70 5.57
C GLU A 56 4.85 16.04 4.39
N GLU A 57 5.97 16.63 4.00
CA GLU A 57 6.78 16.12 2.89
C GLU A 57 7.12 14.63 3.07
N GLU A 58 7.55 14.27 4.26
CA GLU A 58 7.92 12.89 4.57
C GLU A 58 6.72 11.97 4.39
N LEU A 59 5.57 12.39 4.91
CA LEU A 59 4.34 11.61 4.81
C LEU A 59 3.87 11.53 3.36
N ILE A 60 3.95 12.65 2.65
CA ILE A 60 3.55 12.69 1.25
C ILE A 60 4.43 11.78 0.41
N ASN A 61 5.74 11.81 0.71
CA ASN A 61 6.71 10.96 0.03
C ASN A 61 6.33 9.51 0.18
N LYS A 62 6.05 9.11 1.42
CA LYS A 62 5.69 7.74 1.71
C LYS A 62 4.39 7.36 1.02
N LYS A 63 3.38 8.20 1.18
CA LYS A 63 2.07 7.98 0.59
C LYS A 63 2.14 7.77 -0.92
N ARG A 64 2.84 8.66 -1.61
CA ARG A 64 2.97 8.57 -3.06
C ARG A 64 3.73 7.33 -3.49
N ILE A 65 4.66 6.86 -2.66
CA ILE A 65 5.46 5.68 -3.00
C ILE A 65 4.68 4.40 -2.74
N ILE A 66 4.12 4.27 -1.53
CA ILE A 66 3.37 3.07 -1.17
C ILE A 66 2.19 2.85 -2.12
N GLU A 67 1.49 3.93 -2.46
CA GLU A 67 0.35 3.85 -3.36
C GLU A 67 0.82 3.52 -4.78
N LYS A 68 1.88 4.21 -5.22
CA LYS A 68 2.43 4.01 -6.56
C LYS A 68 2.87 2.56 -6.77
N VAL A 69 3.55 1.99 -5.77
CA VAL A 69 4.01 0.62 -5.85
C VAL A 69 2.83 -0.34 -6.01
N ILE A 70 1.80 -0.15 -5.19
CA ILE A 70 0.62 -0.98 -5.26
C ILE A 70 -0.08 -0.80 -6.61
N HIS A 71 -0.19 0.46 -7.04
CA HIS A 71 -0.82 0.80 -8.31
C HIS A 71 -0.05 0.17 -9.48
N ARG A 72 1.27 0.24 -9.40
CA ARG A 72 2.13 -0.33 -10.44
C ARG A 72 1.92 -1.83 -10.54
N LEU A 73 1.82 -2.46 -9.38
CA LEU A 73 1.64 -3.90 -9.32
C LEU A 73 0.24 -4.32 -9.76
N THR A 74 -0.74 -3.44 -9.64
CA THR A 74 -2.10 -3.78 -10.03
C THR A 74 -2.43 -3.39 -11.46
N HIS A 75 -1.45 -2.88 -12.22
CA HIS A 75 -1.72 -2.47 -13.59
C HIS A 75 -0.60 -2.84 -14.55
N TYR A 76 0.61 -2.39 -14.25
CA TYR A 76 1.76 -2.64 -15.12
C TYR A 76 2.20 -4.10 -15.07
N ASP A 77 2.48 -4.60 -13.87
CA ASP A 77 2.93 -5.98 -13.69
C ASP A 77 1.76 -6.95 -13.52
N HIS A 78 0.94 -6.68 -12.51
CA HIS A 78 -0.23 -7.48 -12.18
C HIS A 78 0.16 -8.88 -11.66
N VAL A 79 1.06 -8.92 -10.68
CA VAL A 79 1.45 -10.21 -10.10
C VAL A 79 0.54 -10.50 -8.90
N LEU A 80 -0.33 -9.54 -8.61
CA LEU A 80 -1.29 -9.67 -7.53
C LEU A 80 -2.55 -10.37 -8.02
N ILE A 81 -3.09 -11.23 -7.18
CA ILE A 81 -4.28 -11.99 -7.49
C ILE A 81 -5.52 -11.27 -6.98
N GLU A 82 -6.53 -11.15 -7.82
CA GLU A 82 -7.77 -10.51 -7.44
C GLU A 82 -8.91 -11.51 -7.53
N LEU A 83 -9.55 -11.76 -6.40
CA LEU A 83 -10.65 -12.71 -6.33
C LEU A 83 -11.97 -12.02 -6.67
N THR A 84 -13.06 -12.59 -6.18
CA THR A 84 -14.39 -12.05 -6.42
C THR A 84 -14.96 -11.51 -5.11
N GLN A 85 -16.24 -11.19 -5.09
CA GLN A 85 -16.87 -10.68 -3.87
C GLN A 85 -18.18 -11.39 -3.58
N ALA A 86 -18.76 -12.02 -4.60
CA ALA A 86 -20.01 -12.73 -4.44
C ALA A 86 -19.79 -14.24 -4.45
N GLY A 87 -19.01 -14.71 -5.41
CA GLY A 87 -18.73 -16.13 -5.49
C GLY A 87 -17.52 -16.52 -4.67
N LEU A 88 -17.62 -16.36 -3.37
CA LEU A 88 -16.51 -16.69 -2.46
C LEU A 88 -16.88 -17.84 -1.54
N LYS A 89 -18.06 -17.76 -0.93
CA LYS A 89 -18.51 -18.79 -0.02
C LYS A 89 -19.47 -19.73 -0.73
N GLY A 90 -19.02 -20.97 -0.92
CA GLY A 90 -19.86 -21.95 -1.59
C GLY A 90 -19.47 -22.13 -3.04
N SER A 91 -18.70 -21.17 -3.54
CA SER A 91 -18.25 -21.20 -4.93
C SER A 91 -16.81 -20.69 -5.00
N THR A 92 -16.12 -21.02 -6.09
CA THR A 92 -14.74 -20.60 -6.27
C THR A 92 -14.62 -19.57 -7.39
N GLU A 93 -15.51 -19.66 -8.36
CA GLU A 93 -15.51 -18.74 -9.50
C GLU A 93 -16.93 -18.47 -9.95
N GLY A 94 -17.08 -17.79 -11.09
CA GLY A 94 -18.38 -17.49 -11.61
C GLY A 94 -18.48 -16.08 -12.18
N SER A 95 -19.18 -15.22 -11.47
CA SER A 95 -19.35 -13.84 -11.91
C SER A 95 -18.10 -13.01 -11.61
N GLU A 96 -17.74 -12.14 -12.55
CA GLU A 96 -16.56 -11.30 -12.41
C GLU A 96 -16.86 -10.08 -11.54
N SER A 97 -15.90 -9.69 -10.72
CA SER A 97 -16.05 -8.54 -9.84
C SER A 97 -15.01 -7.48 -10.20
N TYR A 98 -15.10 -6.97 -11.42
CA TYR A 98 -14.17 -5.95 -11.89
C TYR A 98 -14.78 -4.56 -11.75
N GLU A 99 -16.08 -4.50 -11.53
CA GLU A 99 -16.79 -3.24 -11.38
C GLU A 99 -16.65 -2.69 -9.96
N GLU A 100 -16.18 -3.51 -9.05
CA GLU A 100 -16.00 -3.11 -7.66
C GLU A 100 -14.61 -3.51 -7.17
N ASP A 101 -14.41 -3.44 -5.86
CA ASP A 101 -13.13 -3.79 -5.26
C ASP A 101 -13.21 -5.14 -4.58
N PRO A 102 -12.59 -6.17 -5.17
CA PRO A 102 -12.59 -7.51 -4.63
C PRO A 102 -11.48 -7.72 -3.61
N TYR A 103 -11.24 -8.98 -3.26
CA TYR A 103 -10.20 -9.31 -2.31
C TYR A 103 -8.87 -9.45 -3.04
N LEU A 104 -7.86 -8.72 -2.57
CA LEU A 104 -6.55 -8.75 -3.21
C LEU A 104 -5.55 -9.58 -2.40
N VAL A 105 -4.70 -10.28 -3.13
CA VAL A 105 -3.66 -11.10 -2.52
C VAL A 105 -2.44 -11.12 -3.44
N VAL A 106 -1.24 -11.03 -2.86
CA VAL A 106 -0.03 -11.01 -3.67
C VAL A 106 0.87 -12.19 -3.30
N ASN A 107 1.82 -12.50 -4.17
CA ASN A 107 2.74 -13.60 -3.95
C ASN A 107 4.11 -13.10 -3.46
N PRO A 108 4.93 -13.98 -2.89
CA PRO A 108 6.28 -13.63 -2.42
C PRO A 108 7.28 -13.57 -3.57
N ASN A 109 6.79 -13.82 -4.78
CA ASN A 109 7.62 -13.79 -5.96
C ASN A 109 7.94 -12.36 -6.34
N TYR A 110 6.91 -11.61 -6.74
CA TYR A 110 7.05 -10.21 -7.12
C TYR A 110 8.07 -10.05 -8.24
N LEU A 111 8.58 -8.82 -8.40
CA LEU A 111 9.57 -8.52 -9.43
C LEU A 111 10.66 -7.63 -8.87
N LEU A 112 10.87 -7.73 -7.57
CA LEU A 112 11.88 -6.93 -6.89
C LEU A 112 12.90 -7.83 -6.23
N GLU A 113 14.18 -7.51 -6.44
CA GLU A 113 15.27 -8.30 -5.87
C GLU A 113 15.37 -8.07 -4.37
N ASP A 114 14.87 -6.93 -3.91
CA ASP A 114 14.89 -6.60 -2.49
C ASP A 114 13.55 -6.90 -1.85
N SER B 1 12.11 21.99 -13.17
CA SER B 1 11.55 20.83 -12.45
C SER B 1 10.19 21.18 -11.84
N ALA B 2 9.99 22.46 -11.54
CA ALA B 2 8.72 22.90 -10.95
C ALA B 2 7.68 23.13 -12.03
N LEU B 3 6.80 22.15 -12.20
CA LEU B 3 5.74 22.23 -13.19
C LEU B 3 4.38 22.02 -12.52
N LYS B 4 4.33 21.08 -11.59
CA LYS B 4 3.09 20.77 -10.89
C LYS B 4 3.26 21.04 -9.41
N GLY B 5 2.20 20.81 -8.65
CA GLY B 5 2.24 21.03 -7.22
C GLY B 5 2.46 19.73 -6.48
N VAL B 6 2.25 19.75 -5.17
CA VAL B 6 2.42 18.55 -4.35
C VAL B 6 1.19 17.66 -4.46
N SER B 7 1.38 16.36 -4.27
CA SER B 7 0.29 15.39 -4.35
C SER B 7 -0.56 15.41 -3.08
N GLN B 8 -1.21 16.55 -2.85
CA GLN B 8 -2.05 16.73 -1.68
C GLN B 8 -3.34 15.92 -1.78
N ASP B 9 -3.87 15.81 -2.99
CA ASP B 9 -5.11 15.06 -3.22
C ASP B 9 -4.85 13.57 -3.08
N LEU B 10 -3.60 13.18 -3.22
CA LEU B 10 -3.22 11.78 -3.09
C LEU B 10 -3.08 11.40 -1.62
N LEU B 11 -3.15 12.41 -0.75
CA LEU B 11 -3.05 12.16 0.67
C LEU B 11 -4.41 11.80 1.21
N GLU B 12 -5.37 12.70 0.99
CA GLU B 12 -6.77 12.52 1.41
C GLU B 12 -6.85 12.00 2.84
N ARG B 13 -5.82 12.31 3.60
CA ARG B 13 -5.70 11.89 4.97
C ARG B 13 -4.62 12.73 5.63
N ILE B 14 -3.54 12.92 4.90
CA ILE B 14 -2.42 13.71 5.37
C ILE B 14 -2.86 15.17 5.52
N ARG B 15 -3.92 15.51 4.79
CA ARG B 15 -4.48 16.85 4.82
C ARG B 15 -5.00 17.15 6.23
N ALA B 16 -5.69 16.17 6.81
CA ALA B 16 -6.21 16.32 8.17
C ALA B 16 -5.05 16.23 9.16
N LYS B 17 -4.00 15.50 8.76
CA LYS B 17 -2.81 15.34 9.56
C LYS B 17 -2.12 16.68 9.75
N GLU B 18 -2.27 17.56 8.75
CA GLU B 18 -1.68 18.89 8.81
C GLU B 18 -2.11 19.61 10.08
N ALA B 19 -3.42 19.72 10.28
CA ALA B 19 -3.97 20.37 11.46
C ALA B 19 -3.73 19.54 12.71
N GLN B 20 -3.75 18.22 12.52
CA GLN B 20 -3.54 17.26 13.62
C GLN B 20 -2.19 17.52 14.30
N LYS B 21 -1.16 17.69 13.50
CA LYS B 21 0.17 17.93 14.02
C LYS B 21 0.39 19.42 14.30
N GLN B 22 -0.45 20.25 13.70
CA GLN B 22 -0.36 21.70 13.88
C GLN B 22 -0.83 22.09 15.26
N LEU B 23 -2.03 21.66 15.62
CA LEU B 23 -2.61 21.98 16.91
C LEU B 23 -1.93 21.20 18.03
N ALA B 24 -1.45 20.00 17.70
CA ALA B 24 -0.75 19.14 18.66
C ALA B 24 -1.64 18.76 19.84
N GLN B 25 -1.53 19.52 20.93
CA GLN B 25 -2.30 19.27 22.16
C GLN B 25 -1.93 17.93 22.76
N MET B 26 -2.80 17.39 23.60
CA MET B 26 -2.57 16.10 24.23
C MET B 26 -3.15 14.99 23.38
N THR B 27 -4.32 15.24 22.81
CA THR B 27 -4.98 14.29 21.94
C THR B 27 -4.39 14.36 20.53
N ARG B 28 -4.77 13.43 19.66
CA ARG B 28 -4.29 13.37 18.28
C ARG B 28 -2.82 12.97 18.21
N TRP B 29 -2.42 12.44 17.07
CA TRP B 29 -1.05 12.00 16.87
C TRP B 29 -0.30 13.03 16.04
N ALA A 1 24.62 -5.92 -9.60
CA ALA A 1 24.90 -4.64 -8.92
C ALA A 1 26.37 -4.56 -8.56
N PRO A 2 26.93 -3.34 -8.55
CA PRO A 2 28.34 -3.12 -8.20
C PRO A 2 28.67 -3.62 -6.80
N LYS A 3 28.13 -2.95 -5.79
CA LYS A 3 28.38 -3.33 -4.40
C LYS A 3 27.09 -3.60 -3.64
N ALA A 4 26.15 -2.65 -3.72
CA ALA A 4 24.89 -2.79 -3.01
C ALA A 4 23.70 -2.66 -3.94
N SER A 5 22.58 -3.23 -3.53
CA SER A 5 21.35 -3.19 -4.31
C SER A 5 20.23 -2.56 -3.49
N LEU A 6 19.47 -1.65 -4.11
CA LEU A 6 18.35 -0.98 -3.45
C LEU A 6 18.83 -0.06 -2.33
N ARG A 7 20.10 0.32 -2.39
CA ARG A 7 20.68 1.19 -1.37
C ARG A 7 21.72 2.12 -1.98
N LEU A 8 21.39 3.40 -2.01
CA LEU A 8 22.28 4.43 -2.56
C LEU A 8 21.66 5.80 -2.34
N GLY A 9 20.46 5.98 -2.88
CA GLY A 9 19.75 7.23 -2.75
C GLY A 9 18.27 7.06 -2.97
N PHE A 10 17.73 5.92 -2.53
CA PHE A 10 16.32 5.61 -2.70
C PHE A 10 15.86 4.55 -1.69
N SER A 11 16.30 4.69 -0.44
CA SER A 11 15.93 3.75 0.61
C SER A 11 14.41 3.73 0.81
N GLU A 12 13.77 4.84 0.48
CA GLU A 12 12.33 4.97 0.60
C GLU A 12 11.64 3.87 -0.20
N TYR A 13 12.01 3.77 -1.45
CA TYR A 13 11.46 2.76 -2.36
C TYR A 13 11.68 1.35 -1.81
N SER A 14 12.89 1.10 -1.34
CA SER A 14 13.25 -0.19 -0.78
C SER A 14 12.42 -0.51 0.47
N ARG A 15 12.17 0.51 1.28
CA ARG A 15 11.40 0.35 2.50
C ARG A 15 9.95 -0.03 2.18
N ILE A 16 9.34 0.69 1.25
CA ILE A 16 7.97 0.42 0.85
C ILE A 16 7.88 -1.00 0.28
N SER A 17 8.84 -1.35 -0.57
CA SER A 17 8.90 -2.66 -1.19
C SER A 17 9.02 -3.77 -0.13
N ASN A 18 9.79 -3.49 0.92
CA ASN A 18 9.98 -4.47 1.99
C ASN A 18 8.69 -4.61 2.80
N LEU A 19 7.96 -3.51 2.91
CA LEU A 19 6.69 -3.49 3.62
C LEU A 19 5.71 -4.47 2.95
N ILE A 20 5.75 -4.53 1.63
CA ILE A 20 4.85 -5.40 0.87
C ILE A 20 5.11 -6.88 1.16
N VAL A 21 6.38 -7.26 1.19
CA VAL A 21 6.75 -8.65 1.45
C VAL A 21 6.64 -8.99 2.94
N LEU A 22 7.13 -8.10 3.80
CA LEU A 22 7.09 -8.33 5.24
C LEU A 22 5.67 -8.48 5.75
N HIS A 23 4.78 -7.58 5.33
CA HIS A 23 3.40 -7.65 5.78
C HIS A 23 2.74 -8.94 5.29
N LEU A 24 3.09 -9.39 4.09
CA LEU A 24 2.52 -10.61 3.56
C LEU A 24 2.96 -11.79 4.42
N ARG A 25 4.24 -11.78 4.83
CA ARG A 25 4.80 -12.82 5.68
C ARG A 25 4.02 -12.91 6.99
N LYS A 26 3.68 -11.75 7.55
CA LYS A 26 2.93 -11.68 8.80
C LYS A 26 1.49 -12.14 8.59
N VAL A 27 0.94 -11.85 7.42
CA VAL A 27 -0.43 -12.23 7.11
C VAL A 27 -0.57 -13.76 7.07
N GLU A 28 0.39 -14.45 6.47
CA GLU A 28 0.33 -15.90 6.37
C GLU A 28 0.76 -16.55 7.70
N GLU A 29 1.61 -15.87 8.44
CA GLU A 29 2.10 -16.37 9.72
C GLU A 29 1.06 -16.19 10.83
N GLU A 30 0.41 -15.04 10.85
CA GLU A 30 -0.59 -14.74 11.87
C GLU A 30 -2.00 -15.06 11.41
N GLU A 31 -2.48 -14.35 10.40
CA GLU A 31 -3.83 -14.56 9.88
C GLU A 31 -3.96 -15.92 9.21
N ASP A 32 -2.82 -16.50 8.82
CA ASP A 32 -2.78 -17.79 8.16
C ASP A 32 -3.38 -17.70 6.76
N GLU A 33 -3.44 -16.47 6.24
CA GLU A 33 -4.00 -16.23 4.94
C GLU A 33 -2.95 -15.68 3.99
N SER A 34 -3.37 -14.73 3.18
CA SER A 34 -2.51 -14.10 2.19
C SER A 34 -3.30 -13.05 1.41
N ALA A 35 -4.61 -13.27 1.33
CA ALA A 35 -5.50 -12.37 0.61
C ALA A 35 -5.99 -11.22 1.48
N LEU A 36 -6.51 -10.18 0.80
CA LEU A 36 -7.06 -8.98 1.44
C LEU A 36 -5.96 -8.15 2.09
N LYS A 37 -5.43 -7.20 1.34
CA LYS A 37 -4.36 -6.33 1.82
C LYS A 37 -4.17 -5.11 0.92
N ARG A 38 -5.18 -4.76 0.13
CA ARG A 38 -5.08 -3.62 -0.78
C ARG A 38 -5.15 -2.29 -0.03
N SER A 39 -6.28 -2.05 0.63
CA SER A 39 -6.50 -0.79 1.35
C SER A 39 -5.80 -0.79 2.71
N GLU A 40 -5.91 -1.91 3.42
CA GLU A 40 -5.33 -2.05 4.75
C GLU A 40 -3.82 -1.78 4.75
N LEU A 41 -3.15 -2.19 3.67
CA LEU A 41 -1.71 -2.03 3.53
C LEU A 41 -1.28 -0.58 3.77
N VAL A 42 -1.82 0.33 2.99
CA VAL A 42 -1.48 1.75 3.11
C VAL A 42 -2.01 2.30 4.42
N ASN A 43 -3.19 1.83 4.80
CA ASN A 43 -3.87 2.26 6.02
C ASN A 43 -2.97 2.14 7.25
N TRP A 44 -2.48 0.94 7.53
CA TRP A 44 -1.63 0.74 8.70
C TRP A 44 -0.22 1.27 8.44
N TYR A 45 0.22 1.25 7.19
CA TYR A 45 1.57 1.72 6.84
C TYR A 45 1.73 3.18 7.25
N LEU A 46 0.81 4.02 6.79
CA LEU A 46 0.86 5.44 7.10
C LEU A 46 0.75 5.69 8.59
N LYS A 47 -0.11 4.92 9.24
CA LYS A 47 -0.30 5.06 10.69
C LYS A 47 0.91 4.59 11.47
N GLU A 48 1.66 3.66 10.90
CA GLU A 48 2.83 3.11 11.56
C GLU A 48 4.05 3.99 11.37
N ILE A 49 4.19 4.58 10.19
CA ILE A 49 5.34 5.43 9.89
C ILE A 49 5.05 6.87 10.25
N GLU A 50 3.81 7.16 10.65
CA GLU A 50 3.44 8.54 10.99
C GLU A 50 4.27 9.07 12.15
N SER A 51 4.81 8.16 12.95
CA SER A 51 5.65 8.53 14.07
C SER A 51 6.98 9.10 13.58
N GLU A 52 7.44 8.59 12.44
CA GLU A 52 8.71 9.04 11.86
C GLU A 52 8.49 10.24 10.96
N ILE A 53 7.23 10.45 10.59
CA ILE A 53 6.89 11.56 9.72
C ILE A 53 6.95 12.86 10.49
N ASP A 54 8.13 13.49 10.46
CA ASP A 54 8.34 14.76 11.16
C ASP A 54 7.89 15.92 10.31
N SER A 55 7.67 15.66 9.03
CA SER A 55 7.25 16.67 8.10
C SER A 55 6.19 16.11 7.16
N GLU A 56 5.22 16.95 6.80
CA GLU A 56 4.14 16.56 5.90
C GLU A 56 4.70 15.95 4.62
N GLU A 57 5.73 16.60 4.07
CA GLU A 57 6.39 16.15 2.84
C GLU A 57 6.83 14.69 2.93
N GLU A 58 7.34 14.31 4.10
CA GLU A 58 7.78 12.94 4.33
C GLU A 58 6.64 11.97 4.11
N LEU A 59 5.47 12.34 4.62
CA LEU A 59 4.28 11.52 4.48
C LEU A 59 3.82 11.54 3.04
N ILE A 60 3.90 12.70 2.40
CA ILE A 60 3.54 12.85 1.00
C ILE A 60 4.30 11.82 0.18
N ASN A 61 5.61 11.83 0.37
CA ASN A 61 6.51 10.90 -0.32
C ASN A 61 6.17 9.45 -0.04
N LYS A 62 6.05 9.10 1.24
CA LYS A 62 5.74 7.73 1.65
C LYS A 62 4.43 7.26 1.03
N LYS A 63 3.40 8.09 1.12
CA LYS A 63 2.09 7.78 0.58
C LYS A 63 2.13 7.69 -0.94
N ARG A 64 2.92 8.57 -1.55
CA ARG A 64 3.06 8.60 -2.99
C ARG A 64 3.68 7.30 -3.50
N ILE A 65 4.74 6.85 -2.85
CA ILE A 65 5.43 5.63 -3.23
C ILE A 65 4.57 4.40 -2.99
N ILE A 66 4.06 4.25 -1.77
CA ILE A 66 3.25 3.08 -1.43
C ILE A 66 2.05 2.94 -2.37
N GLU A 67 1.40 4.05 -2.67
CA GLU A 67 0.25 4.03 -3.57
C GLU A 67 0.67 3.66 -4.99
N LYS A 68 1.76 4.27 -5.45
CA LYS A 68 2.26 3.99 -6.80
C LYS A 68 2.74 2.55 -6.93
N VAL A 69 3.39 2.04 -5.90
CA VAL A 69 3.87 0.67 -5.90
C VAL A 69 2.69 -0.30 -6.07
N ILE A 70 1.62 -0.04 -5.33
CA ILE A 70 0.42 -0.88 -5.42
C ILE A 70 -0.18 -0.79 -6.82
N HIS A 71 -0.19 0.43 -7.38
CA HIS A 71 -0.71 0.66 -8.71
C HIS A 71 0.15 -0.10 -9.74
N ARG A 72 1.46 -0.05 -9.52
CA ARG A 72 2.39 -0.74 -10.41
C ARG A 72 2.22 -2.25 -10.28
N LEU A 73 2.07 -2.70 -9.04
CA LEU A 73 1.90 -4.12 -8.73
C LEU A 73 0.69 -4.71 -9.45
N THR A 74 -0.39 -3.94 -9.52
CA THR A 74 -1.61 -4.40 -10.14
C THR A 74 -1.58 -4.30 -11.68
N HIS A 75 -0.96 -3.25 -12.19
CA HIS A 75 -0.93 -3.04 -13.64
C HIS A 75 0.38 -3.53 -14.29
N TYR A 76 1.47 -2.86 -13.98
CA TYR A 76 2.78 -3.16 -14.56
C TYR A 76 3.30 -4.53 -14.12
N ASP A 77 3.37 -4.75 -12.82
CA ASP A 77 3.87 -6.00 -12.27
C ASP A 77 2.94 -7.15 -12.58
N HIS A 78 1.65 -6.95 -12.32
CA HIS A 78 0.64 -7.96 -12.56
C HIS A 78 0.94 -9.22 -11.75
N VAL A 79 1.52 -9.01 -10.57
CA VAL A 79 1.91 -10.11 -9.70
C VAL A 79 0.82 -10.38 -8.65
N LEU A 80 -0.31 -9.70 -8.79
CA LEU A 80 -1.42 -9.89 -7.86
C LEU A 80 -2.34 -10.98 -8.35
N ILE A 81 -2.65 -11.92 -7.46
CA ILE A 81 -3.52 -13.03 -7.78
C ILE A 81 -4.93 -12.71 -7.31
N GLU A 82 -5.91 -13.07 -8.13
CA GLU A 82 -7.30 -12.81 -7.77
C GLU A 82 -8.17 -14.02 -8.11
N LEU A 83 -9.24 -14.17 -7.36
CA LEU A 83 -10.17 -15.27 -7.57
C LEU A 83 -11.16 -14.93 -8.65
N THR A 84 -11.99 -15.88 -9.03
CA THR A 84 -12.97 -15.67 -10.09
C THR A 84 -14.12 -16.66 -9.99
N GLN A 85 -14.48 -16.96 -8.76
CA GLN A 85 -15.57 -17.92 -8.43
C GLN A 85 -15.12 -19.35 -8.68
N ALA A 86 -14.02 -19.51 -9.40
CA ALA A 86 -13.48 -20.81 -9.73
C ALA A 86 -12.06 -20.97 -9.20
N GLY A 87 -11.82 -22.09 -8.53
CA GLY A 87 -10.50 -22.38 -8.01
C GLY A 87 -10.21 -21.67 -6.70
N LEU A 88 -11.18 -21.69 -5.80
CA LEU A 88 -11.01 -21.05 -4.48
C LEU A 88 -11.80 -21.78 -3.40
N LYS A 89 -12.14 -23.03 -3.65
CA LYS A 89 -12.89 -23.81 -2.68
C LYS A 89 -12.32 -25.22 -2.58
N GLY A 90 -11.91 -25.78 -3.71
CA GLY A 90 -11.35 -27.12 -3.72
C GLY A 90 -12.31 -28.16 -4.26
N SER A 91 -13.59 -27.92 -4.07
CA SER A 91 -14.62 -28.82 -4.53
C SER A 91 -14.98 -28.50 -5.98
N THR A 92 -15.32 -29.53 -6.75
CA THR A 92 -15.69 -29.34 -8.15
C THR A 92 -17.03 -28.62 -8.27
N GLU A 93 -17.85 -28.75 -7.25
CA GLU A 93 -19.16 -28.10 -7.22
C GLU A 93 -19.51 -27.74 -5.79
N GLY A 94 -19.78 -26.46 -5.53
CA GLY A 94 -20.14 -26.03 -4.20
C GLY A 94 -19.56 -24.68 -3.85
N SER A 95 -18.88 -24.04 -4.80
CA SER A 95 -18.29 -22.73 -4.58
C SER A 95 -19.37 -21.68 -4.36
N GLU A 96 -19.41 -21.13 -3.16
CA GLU A 96 -20.38 -20.10 -2.81
C GLU A 96 -20.17 -18.85 -3.65
N SER A 97 -19.12 -18.10 -3.35
CA SER A 97 -18.78 -16.87 -4.07
C SER A 97 -20.00 -15.93 -4.11
N TYR A 98 -20.63 -15.77 -2.94
CA TYR A 98 -21.80 -14.93 -2.81
C TYR A 98 -21.43 -13.45 -3.00
N GLU A 99 -20.18 -13.12 -2.68
CA GLU A 99 -19.70 -11.76 -2.82
C GLU A 99 -19.38 -11.47 -4.28
N GLU A 100 -19.61 -10.24 -4.70
CA GLU A 100 -19.37 -9.85 -6.08
C GLU A 100 -17.90 -9.58 -6.33
N ASP A 101 -17.16 -9.36 -5.27
CA ASP A 101 -15.73 -9.10 -5.36
C ASP A 101 -14.95 -10.26 -4.78
N PRO A 102 -13.93 -10.74 -5.52
CA PRO A 102 -13.09 -11.87 -5.09
C PRO A 102 -11.97 -11.45 -4.13
N TYR A 103 -11.22 -12.43 -3.67
CA TYR A 103 -10.12 -12.18 -2.76
C TYR A 103 -8.84 -11.84 -3.54
N LEU A 104 -8.13 -10.83 -3.06
CA LEU A 104 -6.89 -10.38 -3.69
C LEU A 104 -5.70 -10.89 -2.90
N VAL A 105 -4.78 -11.56 -3.56
CA VAL A 105 -3.61 -12.11 -2.89
C VAL A 105 -2.34 -11.86 -3.68
N VAL A 106 -1.26 -11.54 -3.00
CA VAL A 106 0.01 -11.28 -3.66
C VAL A 106 1.04 -12.34 -3.24
N ASN A 107 1.97 -12.65 -4.13
CA ASN A 107 3.00 -13.64 -3.83
C ASN A 107 3.91 -13.12 -2.71
N PRO A 108 4.26 -14.02 -1.76
CA PRO A 108 5.12 -13.69 -0.62
C PRO A 108 6.56 -13.38 -1.00
N ASN A 109 6.89 -13.61 -2.26
CA ASN A 109 8.24 -13.36 -2.74
C ASN A 109 8.38 -11.94 -3.27
N TYR A 110 7.70 -11.68 -4.39
CA TYR A 110 7.70 -10.37 -5.04
C TYR A 110 9.07 -10.06 -5.65
N LEU A 111 9.07 -9.25 -6.70
CA LEU A 111 10.31 -8.89 -7.37
C LEU A 111 10.78 -7.51 -6.95
N LEU A 112 12.02 -7.20 -7.25
CA LEU A 112 12.59 -5.91 -6.92
C LEU A 112 13.22 -5.29 -8.14
N GLU A 113 13.73 -4.07 -8.00
CA GLU A 113 14.35 -3.38 -9.09
C GLU A 113 15.59 -2.66 -8.62
N ASP A 114 16.70 -3.20 -9.05
CA ASP A 114 18.00 -2.67 -8.72
C ASP A 114 18.34 -1.51 -9.64
N SER B 1 -7.49 5.74 7.11
CA SER B 1 -6.83 6.53 6.05
C SER B 1 -7.39 6.19 4.67
N ALA B 2 -7.81 4.94 4.48
CA ALA B 2 -8.37 4.51 3.21
C ALA B 2 -9.83 4.96 3.09
N LEU B 3 -10.00 6.24 2.79
CA LEU B 3 -11.33 6.83 2.65
C LEU B 3 -12.07 6.24 1.45
N LYS B 4 -11.48 6.40 0.28
CA LYS B 4 -12.08 5.90 -0.96
C LYS B 4 -11.09 4.99 -1.69
N GLY B 5 -10.31 4.25 -0.90
CA GLY B 5 -9.32 3.38 -1.50
C GLY B 5 -8.22 4.18 -2.16
N VAL B 6 -8.05 4.01 -3.46
CA VAL B 6 -7.04 4.74 -4.20
C VAL B 6 -7.64 6.03 -4.75
N SER B 7 -7.30 7.14 -4.10
CA SER B 7 -7.80 8.45 -4.51
C SER B 7 -6.90 9.54 -3.94
N GLN B 8 -7.02 10.75 -4.48
CA GLN B 8 -6.20 11.88 -4.02
C GLN B 8 -6.52 12.22 -2.56
N ASP B 9 -7.69 11.77 -2.11
CA ASP B 9 -8.14 11.98 -0.74
C ASP B 9 -7.10 11.44 0.25
N LEU B 10 -6.34 10.45 -0.19
CA LEU B 10 -5.31 9.85 0.64
C LEU B 10 -4.29 10.91 1.04
N LEU B 11 -3.83 11.69 0.08
CA LEU B 11 -2.83 12.73 0.34
C LEU B 11 -3.51 13.99 0.86
N GLU B 12 -4.75 14.23 0.45
CA GLU B 12 -5.50 15.39 0.92
C GLU B 12 -5.69 15.31 2.43
N ARG B 13 -5.71 14.07 2.92
CA ARG B 13 -5.88 13.80 4.34
C ARG B 13 -4.73 14.42 5.15
N ILE B 14 -3.56 14.47 4.53
CA ILE B 14 -2.36 15.01 5.15
C ILE B 14 -2.56 16.45 5.64
N ARG B 15 -3.33 17.21 4.87
CA ARG B 15 -3.59 18.61 5.19
C ARG B 15 -4.23 18.76 6.57
N ALA B 16 -5.03 17.79 6.97
CA ALA B 16 -5.66 17.81 8.29
C ALA B 16 -4.92 16.89 9.23
N LYS B 17 -4.04 16.08 8.66
CA LYS B 17 -3.24 15.11 9.41
C LYS B 17 -2.03 15.78 10.08
N GLU B 18 -1.47 16.78 9.41
CA GLU B 18 -0.30 17.49 9.93
C GLU B 18 -0.63 18.27 11.20
N ALA B 19 -1.92 18.37 11.52
CA ALA B 19 -2.37 19.10 12.69
C ALA B 19 -1.89 18.44 13.99
N GLN B 20 -2.10 17.13 14.11
CA GLN B 20 -1.72 16.40 15.31
C GLN B 20 -0.20 16.43 15.53
N LYS B 21 0.55 16.59 14.46
CA LYS B 21 2.00 16.62 14.55
C LYS B 21 2.48 17.95 15.12
N GLN B 22 1.96 19.04 14.58
CA GLN B 22 2.33 20.38 15.01
C GLN B 22 1.89 20.65 16.44
N LEU B 23 0.83 19.97 16.88
CA LEU B 23 0.32 20.15 18.24
C LEU B 23 1.08 19.27 19.23
N ALA B 24 2.11 18.58 18.76
CA ALA B 24 2.90 17.71 19.61
C ALA B 24 4.39 18.00 19.51
N GLN B 25 4.87 18.10 18.27
CA GLN B 25 6.28 18.37 17.98
C GLN B 25 7.18 17.31 18.63
N MET B 26 7.02 16.07 18.19
CA MET B 26 7.81 14.97 18.72
C MET B 26 8.87 14.52 17.72
N THR B 27 8.88 15.17 16.56
CA THR B 27 9.83 14.87 15.50
C THR B 27 9.62 13.44 14.98
N ARG B 28 10.50 12.52 15.37
CA ARG B 28 10.39 11.13 14.94
C ARG B 28 10.31 10.20 16.15
N TRP B 29 11.43 10.02 16.82
CA TRP B 29 11.49 9.15 17.98
C TRP B 29 12.09 9.90 19.17
N ALA A 1 16.98 10.13 -15.21
CA ALA A 1 16.67 8.81 -14.64
C ALA A 1 16.09 7.89 -15.71
N PRO A 2 16.62 6.67 -15.81
CA PRO A 2 16.18 5.68 -16.80
C PRO A 2 14.68 5.35 -16.68
N LYS A 3 14.31 4.63 -15.63
CA LYS A 3 12.91 4.27 -15.42
C LYS A 3 12.62 4.02 -13.95
N ALA A 4 13.55 3.37 -13.25
CA ALA A 4 13.36 3.08 -11.84
C ALA A 4 13.81 4.25 -10.99
N SER A 5 13.27 4.32 -9.78
CA SER A 5 13.60 5.38 -8.84
C SER A 5 14.55 4.88 -7.76
N LEU A 6 15.37 3.90 -8.12
CA LEU A 6 16.33 3.32 -7.19
C LEU A 6 17.55 4.22 -7.04
N ARG A 7 17.67 5.17 -7.97
CA ARG A 7 18.78 6.11 -7.99
C ARG A 7 18.74 7.07 -6.80
N LEU A 8 17.57 7.64 -6.53
CA LEU A 8 17.43 8.60 -5.44
C LEU A 8 16.96 7.92 -4.15
N GLY A 9 15.66 7.96 -3.89
CA GLY A 9 15.11 7.36 -2.68
C GLY A 9 15.10 5.85 -2.71
N PHE A 10 16.24 5.25 -2.45
CA PHE A 10 16.36 3.80 -2.47
C PHE A 10 15.97 3.24 -1.11
N SER A 11 16.37 3.93 -0.04
CA SER A 11 16.08 3.48 1.31
C SER A 11 14.57 3.43 1.57
N GLU A 12 13.88 4.49 1.16
CA GLU A 12 12.44 4.57 1.34
C GLU A 12 11.74 3.59 0.40
N TYR A 13 12.26 3.44 -0.80
CA TYR A 13 11.68 2.53 -1.77
C TYR A 13 11.74 1.12 -1.22
N SER A 14 12.87 0.80 -0.60
CA SER A 14 13.08 -0.50 0.01
C SER A 14 12.12 -0.68 1.18
N ARG A 15 11.90 0.39 1.93
CA ARG A 15 11.00 0.38 3.08
C ARG A 15 9.55 0.12 2.64
N ILE A 16 9.15 0.77 1.55
CA ILE A 16 7.80 0.61 1.02
C ILE A 16 7.61 -0.82 0.49
N SER A 17 8.56 -1.26 -0.33
CA SER A 17 8.50 -2.60 -0.90
C SER A 17 8.61 -3.67 0.18
N ASN A 18 9.32 -3.35 1.25
CA ASN A 18 9.49 -4.27 2.37
C ASN A 18 8.15 -4.58 3.02
N LEU A 19 7.26 -3.60 3.02
CA LEU A 19 5.95 -3.76 3.63
C LEU A 19 5.15 -4.89 2.98
N ILE A 20 5.18 -4.95 1.64
CA ILE A 20 4.41 -5.95 0.92
C ILE A 20 4.89 -7.37 1.20
N VAL A 21 6.19 -7.57 1.30
CA VAL A 21 6.72 -8.91 1.55
C VAL A 21 6.58 -9.30 3.02
N LEU A 22 6.78 -8.33 3.93
CA LEU A 22 6.68 -8.60 5.35
C LEU A 22 5.24 -8.89 5.76
N HIS A 23 4.31 -8.06 5.29
CA HIS A 23 2.90 -8.24 5.60
C HIS A 23 2.39 -9.54 4.99
N LEU A 24 2.92 -9.88 3.81
CA LEU A 24 2.54 -11.12 3.14
C LEU A 24 2.92 -12.32 3.99
N ARG A 25 4.12 -12.27 4.56
CA ARG A 25 4.62 -13.34 5.42
C ARG A 25 3.69 -13.55 6.61
N LYS A 26 3.17 -12.46 7.14
CA LYS A 26 2.25 -12.54 8.27
C LYS A 26 0.90 -13.08 7.82
N VAL A 27 0.46 -12.66 6.63
CA VAL A 27 -0.81 -13.10 6.08
C VAL A 27 -0.79 -14.60 5.79
N GLU A 28 0.29 -15.09 5.20
CA GLU A 28 0.41 -16.51 4.88
C GLU A 28 0.47 -17.34 6.16
N GLU A 29 0.97 -16.73 7.23
CA GLU A 29 1.10 -17.39 8.52
C GLU A 29 -0.26 -17.42 9.25
N GLU A 30 -0.97 -16.30 9.20
CA GLU A 30 -2.26 -16.19 9.87
C GLU A 30 -3.41 -16.65 8.97
N GLU A 31 -3.67 -15.89 7.92
CA GLU A 31 -4.76 -16.19 6.99
C GLU A 31 -4.49 -17.48 6.22
N ASP A 32 -3.21 -17.70 5.88
CA ASP A 32 -2.78 -18.91 5.15
C ASP A 32 -3.35 -18.93 3.73
N GLU A 33 -3.79 -17.77 3.25
CA GLU A 33 -4.35 -17.67 1.91
C GLU A 33 -3.60 -16.64 1.08
N SER A 34 -2.65 -15.96 1.72
CA SER A 34 -1.81 -14.93 1.11
C SER A 34 -2.60 -13.66 0.75
N ALA A 35 -3.86 -13.81 0.34
CA ALA A 35 -4.72 -12.69 -0.03
C ALA A 35 -4.80 -11.65 1.08
N LEU A 36 -4.67 -10.38 0.69
CA LEU A 36 -4.74 -9.27 1.63
C LEU A 36 -5.60 -8.13 1.07
N LYS A 37 -5.78 -7.09 1.88
CA LYS A 37 -6.58 -5.94 1.46
C LYS A 37 -5.67 -4.86 0.87
N ARG A 38 -6.04 -4.37 -0.29
CA ARG A 38 -5.26 -3.35 -0.99
C ARG A 38 -5.10 -2.06 -0.18
N SER A 39 -6.20 -1.39 0.14
CA SER A 39 -6.14 -0.14 0.88
C SER A 39 -5.59 -0.34 2.29
N GLU A 40 -5.88 -1.48 2.89
CA GLU A 40 -5.41 -1.78 4.24
C GLU A 40 -3.88 -1.81 4.29
N LEU A 41 -3.25 -2.29 3.21
CA LEU A 41 -1.80 -2.36 3.12
C LEU A 41 -1.17 -1.01 3.41
N VAL A 42 -1.56 -0.01 2.63
CA VAL A 42 -1.03 1.34 2.80
C VAL A 42 -1.62 1.98 4.06
N ASN A 43 -2.84 1.60 4.40
CA ASN A 43 -3.55 2.14 5.57
C ASN A 43 -2.70 2.07 6.84
N TRP A 44 -2.30 0.86 7.23
CA TRP A 44 -1.51 0.70 8.45
C TRP A 44 -0.09 1.24 8.26
N TYR A 45 0.40 1.19 7.02
CA TYR A 45 1.74 1.69 6.71
C TYR A 45 1.85 3.14 7.14
N LEU A 46 0.84 3.91 6.79
CA LEU A 46 0.80 5.33 7.12
C LEU A 46 0.60 5.52 8.62
N LYS A 47 -0.29 4.72 9.18
CA LYS A 47 -0.60 4.81 10.61
C LYS A 47 0.62 4.57 11.49
N GLU A 48 1.54 3.76 11.00
CA GLU A 48 2.75 3.43 11.74
C GLU A 48 3.84 4.50 11.55
N ILE A 49 4.03 4.93 10.32
CA ILE A 49 5.07 5.92 10.03
C ILE A 49 4.62 7.35 10.33
N GLU A 50 3.32 7.58 10.37
CA GLU A 50 2.78 8.93 10.61
C GLU A 50 3.25 9.50 11.95
N SER A 51 3.56 8.63 12.89
CA SER A 51 4.00 9.04 14.20
C SER A 51 5.47 9.51 14.18
N GLU A 52 6.22 9.08 13.18
CA GLU A 52 7.62 9.45 13.08
C GLU A 52 7.82 10.53 12.01
N ILE A 53 6.89 10.58 11.06
CA ILE A 53 6.95 11.57 9.99
C ILE A 53 6.81 12.97 10.54
N ASP A 54 7.84 13.77 10.35
CA ASP A 54 7.84 15.15 10.82
C ASP A 54 7.51 16.10 9.67
N SER A 55 7.79 15.66 8.46
CA SER A 55 7.55 16.49 7.30
C SER A 55 6.32 16.00 6.55
N GLU A 56 5.43 16.93 6.25
CA GLU A 56 4.21 16.61 5.52
C GLU A 56 4.59 16.03 4.17
N GLU A 57 5.68 16.54 3.63
CA GLU A 57 6.21 16.07 2.35
C GLU A 57 6.48 14.57 2.41
N GLU A 58 7.09 14.14 3.51
CA GLU A 58 7.40 12.73 3.71
C GLU A 58 6.13 11.89 3.75
N LEU A 59 5.16 12.33 4.51
CA LEU A 59 3.89 11.61 4.65
C LEU A 59 3.17 11.51 3.31
N ILE A 60 3.30 12.56 2.51
CA ILE A 60 2.69 12.57 1.18
C ILE A 60 3.50 11.68 0.24
N ASN A 61 4.82 11.83 0.29
CA ASN A 61 5.73 11.07 -0.55
C ASN A 61 5.63 9.56 -0.27
N LYS A 62 5.75 9.19 1.01
CA LYS A 62 5.67 7.79 1.40
C LYS A 62 4.33 7.19 0.98
N LYS A 63 3.26 7.97 1.16
CA LYS A 63 1.93 7.55 0.77
C LYS A 63 1.84 7.36 -0.73
N ARG A 64 2.42 8.30 -1.46
CA ARG A 64 2.43 8.24 -2.91
C ARG A 64 3.15 6.99 -3.41
N ILE A 65 4.33 6.74 -2.85
CA ILE A 65 5.13 5.60 -3.24
C ILE A 65 4.44 4.29 -2.94
N ILE A 66 4.02 4.09 -1.69
CA ILE A 66 3.36 2.85 -1.30
C ILE A 66 2.15 2.56 -2.19
N GLU A 67 1.34 3.56 -2.45
CA GLU A 67 0.17 3.41 -3.31
C GLU A 67 0.59 3.09 -4.73
N LYS A 68 1.52 3.88 -5.23
CA LYS A 68 2.04 3.70 -6.59
C LYS A 68 2.62 2.30 -6.77
N VAL A 69 3.33 1.83 -5.76
CA VAL A 69 3.93 0.50 -5.79
C VAL A 69 2.85 -0.57 -5.88
N ILE A 70 1.85 -0.48 -5.01
CA ILE A 70 0.74 -1.45 -5.02
C ILE A 70 0.03 -1.42 -6.37
N HIS A 71 -0.22 -0.22 -6.86
CA HIS A 71 -0.89 -0.01 -8.14
C HIS A 71 -0.06 -0.59 -9.29
N ARG A 72 1.26 -0.40 -9.24
CA ARG A 72 2.13 -0.90 -10.29
C ARG A 72 2.34 -2.41 -10.18
N LEU A 73 2.30 -2.92 -8.95
CA LEU A 73 2.47 -4.35 -8.70
C LEU A 73 1.46 -5.19 -9.47
N THR A 74 0.23 -4.67 -9.58
CA THR A 74 -0.81 -5.37 -10.29
C THR A 74 -0.89 -4.91 -11.76
N HIS A 75 -0.25 -3.79 -12.05
CA HIS A 75 -0.28 -3.23 -13.41
C HIS A 75 0.94 -3.65 -14.24
N TYR A 76 2.09 -3.04 -13.97
CA TYR A 76 3.31 -3.30 -14.72
C TYR A 76 4.03 -4.56 -14.21
N ASP A 77 4.10 -4.70 -12.89
CA ASP A 77 4.78 -5.84 -12.29
C ASP A 77 4.09 -7.15 -12.66
N HIS A 78 2.76 -7.15 -12.58
CA HIS A 78 1.96 -8.32 -12.93
C HIS A 78 2.29 -9.50 -12.01
N VAL A 79 2.65 -9.18 -10.77
CA VAL A 79 2.99 -10.20 -9.79
C VAL A 79 1.87 -10.35 -8.77
N LEU A 80 0.74 -9.73 -9.08
CA LEU A 80 -0.42 -9.77 -8.22
C LEU A 80 -1.41 -10.82 -8.69
N ILE A 81 -2.01 -11.53 -7.75
CA ILE A 81 -2.99 -12.56 -8.06
C ILE A 81 -4.33 -12.15 -7.49
N GLU A 82 -5.31 -11.95 -8.36
CA GLU A 82 -6.64 -11.56 -7.92
C GLU A 82 -7.62 -12.70 -8.14
N LEU A 83 -8.34 -13.04 -7.09
CA LEU A 83 -9.32 -14.12 -7.15
C LEU A 83 -10.64 -13.60 -7.71
N THR A 84 -11.57 -14.51 -7.91
CA THR A 84 -12.87 -14.14 -8.44
C THR A 84 -13.75 -13.57 -7.35
N GLN A 85 -14.72 -12.77 -7.72
CA GLN A 85 -15.62 -12.16 -6.75
C GLN A 85 -16.63 -13.18 -6.24
N ALA A 86 -17.00 -14.11 -7.10
CA ALA A 86 -17.96 -15.14 -6.73
C ALA A 86 -17.24 -16.45 -6.44
N GLY A 87 -17.92 -17.36 -5.75
CA GLY A 87 -17.32 -18.65 -5.42
C GLY A 87 -16.48 -18.58 -4.17
N LEU A 88 -16.75 -17.59 -3.33
CA LEU A 88 -16.01 -17.41 -2.09
C LEU A 88 -16.94 -17.48 -0.89
N LYS A 89 -17.80 -16.48 -0.76
CA LYS A 89 -18.74 -16.41 0.35
C LYS A 89 -20.17 -16.58 -0.12
N GLY A 90 -20.47 -16.07 -1.30
CA GLY A 90 -21.80 -16.20 -1.86
C GLY A 90 -22.22 -14.95 -2.60
N SER A 91 -21.85 -14.88 -3.87
CA SER A 91 -22.20 -13.74 -4.71
C SER A 91 -23.16 -14.17 -5.82
N THR A 92 -24.40 -13.73 -5.70
CA THR A 92 -25.41 -14.06 -6.69
C THR A 92 -25.99 -12.77 -7.28
N GLU A 93 -25.87 -11.69 -6.53
CA GLU A 93 -26.37 -10.39 -6.96
C GLU A 93 -25.21 -9.46 -7.26
N GLY A 94 -25.35 -8.69 -8.34
CA GLY A 94 -24.32 -7.76 -8.72
C GLY A 94 -23.25 -8.42 -9.57
N SER A 95 -22.16 -8.81 -8.91
CA SER A 95 -21.03 -9.46 -9.58
C SER A 95 -20.46 -8.54 -10.67
N GLU A 96 -20.08 -7.35 -10.28
CA GLU A 96 -19.53 -6.38 -11.22
C GLU A 96 -18.07 -6.10 -10.91
N SER A 97 -17.76 -5.89 -9.63
CA SER A 97 -16.40 -5.61 -9.18
C SER A 97 -15.82 -4.42 -9.94
N TYR A 98 -16.65 -3.40 -10.17
CA TYR A 98 -16.22 -2.22 -10.91
C TYR A 98 -15.75 -1.12 -9.96
N GLU A 99 -16.30 -1.10 -8.75
CA GLU A 99 -15.96 -0.06 -7.79
C GLU A 99 -14.84 -0.50 -6.85
N GLU A 100 -14.78 -1.78 -6.55
CA GLU A 100 -13.75 -2.30 -5.66
C GLU A 100 -13.07 -3.52 -6.23
N ASP A 101 -11.95 -3.89 -5.62
CA ASP A 101 -11.19 -5.05 -6.05
C ASP A 101 -11.43 -6.21 -5.10
N PRO A 102 -11.28 -7.45 -5.59
CA PRO A 102 -11.47 -8.65 -4.77
C PRO A 102 -10.27 -8.89 -3.87
N TYR A 103 -10.03 -10.15 -3.54
CA TYR A 103 -8.92 -10.52 -2.70
C TYR A 103 -7.63 -10.49 -3.51
N LEU A 104 -6.74 -9.58 -3.15
CA LEU A 104 -5.49 -9.41 -3.86
C LEU A 104 -4.36 -10.19 -3.19
N VAL A 105 -3.59 -10.87 -4.01
CA VAL A 105 -2.48 -11.66 -3.53
C VAL A 105 -1.18 -11.19 -4.22
N VAL A 106 -0.06 -11.34 -3.55
CA VAL A 106 1.22 -10.93 -4.13
C VAL A 106 2.20 -12.10 -4.10
N ASN A 107 3.02 -12.22 -5.13
CA ASN A 107 3.99 -13.29 -5.23
C ASN A 107 5.05 -13.16 -4.13
N PRO A 108 5.54 -14.30 -3.60
CA PRO A 108 6.54 -14.33 -2.54
C PRO A 108 7.94 -13.90 -3.01
N ASN A 109 8.07 -13.64 -4.30
CA ASN A 109 9.35 -13.22 -4.84
C ASN A 109 9.39 -11.70 -4.99
N TYR A 110 8.86 -11.19 -6.10
CA TYR A 110 8.84 -9.75 -6.40
C TYR A 110 10.25 -9.20 -6.50
N LEU A 111 10.67 -8.94 -7.71
CA LEU A 111 12.00 -8.40 -7.95
C LEU A 111 11.93 -6.98 -8.48
N LEU A 112 13.03 -6.25 -8.36
CA LEU A 112 13.10 -4.87 -8.83
C LEU A 112 14.19 -4.74 -9.88
N GLU A 113 15.42 -5.01 -9.47
CA GLU A 113 16.57 -4.94 -10.36
C GLU A 113 17.63 -5.93 -9.90
N ASP A 114 18.00 -5.82 -8.62
CA ASP A 114 18.99 -6.70 -8.00
C ASP A 114 20.32 -6.68 -8.75
N SER B 1 -9.01 4.02 -15.44
CA SER B 1 -7.54 4.14 -15.34
C SER B 1 -7.12 4.57 -13.93
N ALA B 2 -8.02 5.25 -13.23
CA ALA B 2 -7.74 5.72 -11.88
C ALA B 2 -8.88 5.35 -10.94
N LEU B 3 -8.62 4.41 -10.04
CA LEU B 3 -9.62 3.97 -9.08
C LEU B 3 -9.76 5.00 -7.97
N LYS B 4 -10.91 5.63 -7.89
CA LYS B 4 -11.16 6.62 -6.86
C LYS B 4 -11.48 5.93 -5.55
N GLY B 5 -10.97 6.49 -4.46
CA GLY B 5 -11.19 5.90 -3.15
C GLY B 5 -9.88 5.40 -2.56
N VAL B 6 -8.83 5.51 -3.34
CA VAL B 6 -7.51 5.08 -2.92
C VAL B 6 -6.50 6.19 -3.18
N SER B 7 -5.39 6.19 -2.43
CA SER B 7 -4.33 7.19 -2.55
C SER B 7 -4.80 8.57 -2.05
N GLN B 8 -5.68 9.19 -2.82
CA GLN B 8 -6.22 10.50 -2.48
C GLN B 8 -6.98 10.47 -1.16
N ASP B 9 -7.86 9.48 -1.01
CA ASP B 9 -8.65 9.34 0.21
C ASP B 9 -7.76 9.05 1.42
N LEU B 10 -6.62 8.42 1.17
CA LEU B 10 -5.68 8.07 2.23
C LEU B 10 -4.93 9.32 2.69
N LEU B 11 -4.81 10.31 1.80
CA LEU B 11 -4.09 11.55 2.08
C LEU B 11 -4.96 12.58 2.78
N GLU B 12 -6.25 12.29 2.94
CA GLU B 12 -7.17 13.23 3.59
C GLU B 12 -6.72 13.50 5.03
N ARG B 13 -6.00 12.57 5.61
CA ARG B 13 -5.49 12.71 6.99
C ARG B 13 -4.36 13.74 7.04
N ILE B 14 -3.75 13.99 5.88
CA ILE B 14 -2.65 14.94 5.78
C ILE B 14 -3.13 16.34 6.13
N ARG B 15 -4.43 16.58 5.93
CA ARG B 15 -5.03 17.86 6.23
C ARG B 15 -4.85 18.20 7.71
N ALA B 16 -5.12 17.22 8.57
CA ALA B 16 -4.95 17.40 10.01
C ALA B 16 -3.47 17.40 10.37
N LYS B 17 -2.69 16.67 9.57
CA LYS B 17 -1.25 16.58 9.78
C LYS B 17 -0.60 17.94 9.54
N GLU B 18 -1.20 18.71 8.62
CA GLU B 18 -0.73 20.03 8.29
C GLU B 18 -0.77 20.92 9.53
N ALA B 19 -1.93 20.94 10.18
CA ALA B 19 -2.12 21.73 11.39
C ALA B 19 -1.25 21.20 12.52
N GLN B 20 -1.05 19.88 12.52
CA GLN B 20 -0.23 19.22 13.52
C GLN B 20 1.21 19.74 13.48
N LYS B 21 1.69 20.02 12.28
CA LYS B 21 3.06 20.49 12.08
C LYS B 21 3.26 21.86 12.74
N GLN B 22 2.18 22.61 12.90
CA GLN B 22 2.26 23.93 13.54
C GLN B 22 2.52 23.78 15.03
N LEU B 23 2.27 22.58 15.54
CA LEU B 23 2.48 22.29 16.95
C LEU B 23 3.74 21.44 17.13
N ALA B 24 3.72 20.26 16.52
CA ALA B 24 4.84 19.31 16.57
C ALA B 24 5.13 18.85 18.00
N GLN B 25 6.28 18.22 18.19
CA GLN B 25 6.67 17.73 19.50
C GLN B 25 7.76 18.63 20.08
N MET B 26 7.64 19.93 19.84
CA MET B 26 8.61 20.89 20.35
C MET B 26 8.53 20.94 21.87
N THR B 27 7.32 20.75 22.39
CA THR B 27 7.05 20.74 23.81
C THR B 27 7.59 21.99 24.51
N ARG B 28 6.82 23.07 24.41
CA ARG B 28 7.19 24.33 25.04
C ARG B 28 6.92 24.25 26.54
N TRP B 29 5.92 23.45 26.91
CA TRP B 29 5.55 23.29 28.31
C TRP B 29 4.77 21.99 28.49
N ALA A 1 26.72 0.97 -11.02
CA ALA A 1 25.94 -0.23 -10.65
C ALA A 1 24.58 -0.21 -11.34
N PRO A 2 24.16 -1.35 -11.92
CA PRO A 2 22.87 -1.46 -12.62
C PRO A 2 21.68 -1.38 -11.66
N LYS A 3 21.97 -1.37 -10.36
CA LYS A 3 20.96 -1.29 -9.31
C LYS A 3 19.99 -2.47 -9.39
N ALA A 4 20.50 -3.65 -9.04
CA ALA A 4 19.69 -4.85 -9.06
C ALA A 4 18.99 -5.04 -7.72
N SER A 5 19.57 -4.46 -6.68
CA SER A 5 19.00 -4.55 -5.34
C SER A 5 18.50 -3.19 -4.88
N LEU A 6 18.85 -2.15 -5.62
CA LEU A 6 18.46 -0.78 -5.32
C LEU A 6 19.03 -0.36 -3.97
N ARG A 7 20.28 -0.74 -3.73
CA ARG A 7 20.95 -0.42 -2.49
C ARG A 7 21.47 1.02 -2.48
N LEU A 8 21.99 1.43 -1.32
CA LEU A 8 22.53 2.78 -1.11
C LEU A 8 21.38 3.78 -0.99
N GLY A 9 20.72 4.05 -2.10
CA GLY A 9 19.61 4.97 -2.10
C GLY A 9 18.30 4.22 -1.99
N PHE A 10 17.21 4.85 -2.44
CA PHE A 10 15.89 4.25 -2.40
C PHE A 10 15.52 3.84 -0.99
N SER A 11 15.89 4.66 -0.01
CA SER A 11 15.59 4.37 1.37
C SER A 11 14.08 4.42 1.61
N GLU A 12 13.42 5.33 0.90
CA GLU A 12 11.99 5.48 1.01
C GLU A 12 11.30 4.30 0.32
N TYR A 13 11.73 4.04 -0.92
CA TYR A 13 11.18 2.93 -1.68
C TYR A 13 11.36 1.63 -0.91
N SER A 14 12.51 1.48 -0.26
CA SER A 14 12.81 0.30 0.53
C SER A 14 11.82 0.15 1.68
N ARG A 15 11.58 1.23 2.41
CA ARG A 15 10.64 1.19 3.54
C ARG A 15 9.25 0.79 3.07
N ILE A 16 8.87 1.22 1.88
CA ILE A 16 7.57 0.89 1.32
C ILE A 16 7.54 -0.56 0.85
N SER A 17 8.54 -0.95 0.07
CA SER A 17 8.64 -2.30 -0.47
C SER A 17 8.75 -3.33 0.65
N ASN A 18 9.45 -2.96 1.72
CA ASN A 18 9.63 -3.84 2.87
C ASN A 18 8.28 -4.23 3.46
N LEU A 19 7.34 -3.30 3.44
CA LEU A 19 6.00 -3.56 3.98
C LEU A 19 5.37 -4.74 3.26
N ILE A 20 5.49 -4.76 1.94
CA ILE A 20 4.92 -5.82 1.14
C ILE A 20 5.50 -7.18 1.51
N VAL A 21 6.82 -7.25 1.58
CA VAL A 21 7.50 -8.49 1.91
C VAL A 21 7.26 -8.90 3.36
N LEU A 22 7.49 -7.97 4.28
CA LEU A 22 7.33 -8.25 5.71
C LEU A 22 5.89 -8.58 6.08
N HIS A 23 4.93 -7.87 5.52
CA HIS A 23 3.54 -8.14 5.84
C HIS A 23 3.06 -9.42 5.18
N LEU A 24 3.46 -9.68 3.94
CA LEU A 24 3.05 -10.89 3.24
C LEU A 24 3.53 -12.12 3.98
N ARG A 25 4.80 -12.13 4.39
CA ARG A 25 5.36 -13.26 5.13
C ARG A 25 4.64 -13.44 6.46
N LYS A 26 4.16 -12.33 7.01
CA LYS A 26 3.41 -12.36 8.26
C LYS A 26 2.02 -12.96 8.01
N VAL A 27 1.41 -12.55 6.90
CA VAL A 27 0.09 -13.00 6.51
C VAL A 27 0.07 -14.50 6.20
N GLU A 28 1.06 -14.97 5.45
CA GLU A 28 1.14 -16.38 5.10
C GLU A 28 1.35 -17.22 6.36
N GLU A 29 1.99 -16.64 7.35
CA GLU A 29 2.25 -17.33 8.61
C GLU A 29 0.96 -17.56 9.40
N GLU A 30 0.07 -16.57 9.40
CA GLU A 30 -1.17 -16.69 10.15
C GLU A 30 -2.36 -17.03 9.26
N GLU A 31 -2.77 -16.08 8.41
CA GLU A 31 -3.89 -16.27 7.50
C GLU A 31 -3.62 -17.41 6.52
N ASP A 32 -2.38 -17.47 6.02
CA ASP A 32 -1.94 -18.49 5.07
C ASP A 32 -2.54 -18.28 3.67
N GLU A 33 -3.45 -17.32 3.56
CA GLU A 33 -4.08 -17.04 2.28
C GLU A 33 -3.27 -16.04 1.47
N SER A 34 -2.46 -15.28 2.17
CA SER A 34 -1.60 -14.26 1.58
C SER A 34 -2.43 -13.20 0.82
N ALA A 35 -3.72 -13.11 1.15
CA ALA A 35 -4.60 -12.15 0.51
C ALA A 35 -4.69 -10.85 1.32
N LEU A 36 -4.67 -9.72 0.64
CA LEU A 36 -4.73 -8.41 1.30
C LEU A 36 -5.54 -7.41 0.48
N LYS A 37 -5.93 -6.31 1.11
CA LYS A 37 -6.70 -5.26 0.43
C LYS A 37 -5.78 -4.09 0.07
N ARG A 38 -5.97 -3.54 -1.12
CA ARG A 38 -5.15 -2.43 -1.62
C ARG A 38 -5.08 -1.24 -0.65
N SER A 39 -6.24 -0.62 -0.41
CA SER A 39 -6.32 0.54 0.46
C SER A 39 -5.95 0.23 1.91
N GLU A 40 -6.18 -1.00 2.34
CA GLU A 40 -5.89 -1.39 3.72
C GLU A 40 -4.39 -1.52 3.95
N LEU A 41 -3.69 -2.09 2.99
CA LEU A 41 -2.24 -2.27 3.08
C LEU A 41 -1.55 -0.95 3.38
N VAL A 42 -1.85 0.05 2.57
CA VAL A 42 -1.27 1.37 2.74
C VAL A 42 -1.87 2.07 3.96
N ASN A 43 -3.15 1.80 4.22
CA ASN A 43 -3.87 2.42 5.34
C ASN A 43 -3.11 2.31 6.66
N TRP A 44 -2.83 1.10 7.11
CA TRP A 44 -2.13 0.92 8.38
C TRP A 44 -0.66 1.37 8.29
N TYR A 45 -0.09 1.27 7.09
CA TYR A 45 1.30 1.67 6.87
C TYR A 45 1.52 3.10 7.33
N LEU A 46 0.68 3.98 6.83
CA LEU A 46 0.76 5.39 7.15
C LEU A 46 0.41 5.65 8.61
N LYS A 47 -0.67 5.04 9.06
CA LYS A 47 -1.14 5.24 10.43
C LYS A 47 -0.09 4.86 11.47
N GLU A 48 0.80 3.94 11.10
CA GLU A 48 1.85 3.50 12.01
C GLU A 48 3.06 4.44 11.98
N ILE A 49 3.49 4.83 10.79
CA ILE A 49 4.66 5.69 10.63
C ILE A 49 4.34 7.17 10.68
N GLU A 50 3.06 7.53 10.62
CA GLU A 50 2.68 8.93 10.61
C GLU A 50 3.03 9.64 11.92
N SER A 51 3.12 8.88 12.99
CA SER A 51 3.44 9.43 14.30
C SER A 51 4.92 9.81 14.37
N GLU A 52 5.75 9.17 13.55
CA GLU A 52 7.18 9.46 13.53
C GLU A 52 7.52 10.35 12.34
N ILE A 53 6.47 10.85 11.69
CA ILE A 53 6.62 11.72 10.54
C ILE A 53 6.88 13.15 11.01
N ASP A 54 8.11 13.60 10.82
CA ASP A 54 8.50 14.95 11.23
C ASP A 54 8.09 15.98 10.19
N SER A 55 7.88 15.53 8.97
CA SER A 55 7.47 16.41 7.89
C SER A 55 6.36 15.74 7.11
N GLU A 56 5.25 16.45 6.89
CA GLU A 56 4.12 15.87 6.15
C GLU A 56 4.57 15.31 4.83
N GLU A 57 5.47 16.03 4.19
CA GLU A 57 6.03 15.63 2.90
C GLU A 57 6.60 14.22 2.97
N GLU A 58 7.16 13.85 4.11
CA GLU A 58 7.70 12.50 4.30
C GLU A 58 6.56 11.51 4.20
N LEU A 59 5.44 11.88 4.82
CA LEU A 59 4.24 11.06 4.82
C LEU A 59 3.57 11.11 3.45
N ILE A 60 3.61 12.28 2.81
CA ILE A 60 3.03 12.45 1.49
C ILE A 60 3.77 11.55 0.50
N ASN A 61 5.10 11.64 0.53
CA ASN A 61 5.94 10.84 -0.35
C ASN A 61 5.71 9.36 -0.08
N LYS A 62 5.80 8.98 1.21
CA LYS A 62 5.61 7.59 1.62
C LYS A 62 4.26 7.09 1.14
N LYS A 63 3.26 7.95 1.25
CA LYS A 63 1.90 7.63 0.84
C LYS A 63 1.81 7.39 -0.66
N ARG A 64 2.37 8.30 -1.43
CA ARG A 64 2.34 8.19 -2.87
C ARG A 64 3.08 6.94 -3.34
N ILE A 65 4.21 6.64 -2.72
CA ILE A 65 4.99 5.46 -3.11
C ILE A 65 4.22 4.18 -2.81
N ILE A 66 3.76 4.03 -1.56
CA ILE A 66 3.05 2.83 -1.15
C ILE A 66 1.76 2.65 -1.99
N GLU A 67 1.10 3.74 -2.31
CA GLU A 67 -0.11 3.67 -3.12
C GLU A 67 0.25 3.27 -4.56
N LYS A 68 1.28 3.94 -5.09
CA LYS A 68 1.77 3.69 -6.44
C LYS A 68 2.25 2.25 -6.64
N VAL A 69 3.05 1.74 -5.70
CA VAL A 69 3.59 0.38 -5.83
C VAL A 69 2.46 -0.65 -5.91
N ILE A 70 1.38 -0.43 -5.17
CA ILE A 70 0.24 -1.34 -5.21
C ILE A 70 -0.46 -1.21 -6.56
N HIS A 71 -0.59 0.02 -7.03
CA HIS A 71 -1.22 0.32 -8.32
C HIS A 71 -0.40 -0.27 -9.46
N ARG A 72 0.92 -0.17 -9.34
CA ARG A 72 1.83 -0.69 -10.35
C ARG A 72 1.80 -2.22 -10.35
N LEU A 73 1.76 -2.79 -9.15
CA LEU A 73 1.73 -4.24 -8.97
C LEU A 73 0.47 -4.86 -9.57
N THR A 74 -0.66 -4.23 -9.36
CA THR A 74 -1.94 -4.75 -9.83
C THR A 74 -2.23 -4.38 -11.29
N HIS A 75 -1.29 -3.71 -11.96
CA HIS A 75 -1.52 -3.32 -13.34
C HIS A 75 -0.32 -3.62 -14.23
N TYR A 76 0.82 -3.02 -13.92
CA TYR A 76 2.04 -3.20 -14.71
C TYR A 76 2.68 -4.57 -14.45
N ASP A 77 2.94 -4.86 -13.18
CA ASP A 77 3.57 -6.13 -12.82
C ASP A 77 2.67 -7.30 -13.18
N HIS A 78 1.40 -7.21 -12.76
CA HIS A 78 0.41 -8.25 -13.04
C HIS A 78 0.74 -9.56 -12.34
N VAL A 79 1.60 -9.50 -11.34
CA VAL A 79 1.99 -10.69 -10.60
C VAL A 79 1.07 -10.85 -9.37
N LEU A 80 -0.08 -10.19 -9.46
CA LEU A 80 -1.09 -10.23 -8.42
C LEU A 80 -2.11 -11.30 -8.75
N ILE A 81 -2.32 -12.22 -7.82
CA ILE A 81 -3.27 -13.31 -8.02
C ILE A 81 -4.65 -12.87 -7.58
N GLU A 82 -5.65 -13.16 -8.40
CA GLU A 82 -7.02 -12.76 -8.11
C GLU A 82 -7.98 -13.91 -8.39
N LEU A 83 -9.05 -13.98 -7.61
CA LEU A 83 -10.04 -15.01 -7.78
C LEU A 83 -11.21 -14.48 -8.60
N THR A 84 -12.04 -15.38 -9.08
CA THR A 84 -13.20 -14.99 -9.88
C THR A 84 -14.35 -14.54 -8.99
N GLN A 85 -14.71 -13.27 -9.10
CA GLN A 85 -15.78 -12.69 -8.29
C GLN A 85 -17.07 -13.51 -8.37
N ALA A 86 -17.41 -13.98 -9.56
CA ALA A 86 -18.62 -14.77 -9.76
C ALA A 86 -18.53 -16.09 -9.01
N GLY A 87 -17.34 -16.65 -8.94
CA GLY A 87 -17.12 -17.92 -8.26
C GLY A 87 -17.29 -17.80 -6.76
N LEU A 88 -17.17 -16.58 -6.26
CA LEU A 88 -17.33 -16.33 -4.83
C LEU A 88 -18.58 -15.51 -4.59
N LYS A 89 -19.45 -15.48 -5.60
CA LYS A 89 -20.70 -14.75 -5.51
C LYS A 89 -21.89 -15.70 -5.60
N GLY A 90 -22.15 -16.20 -6.80
CA GLY A 90 -23.27 -17.11 -6.98
C GLY A 90 -22.88 -18.40 -7.68
N SER A 91 -21.67 -18.42 -8.27
CA SER A 91 -21.17 -19.60 -8.98
C SER A 91 -22.11 -20.01 -10.13
N THR A 92 -22.90 -19.04 -10.59
CA THR A 92 -23.86 -19.24 -11.66
C THR A 92 -24.75 -18.00 -11.78
N GLU A 93 -24.79 -17.22 -10.69
CA GLU A 93 -25.57 -16.00 -10.65
C GLU A 93 -24.65 -14.80 -10.45
N GLY A 94 -25.06 -13.65 -10.97
CA GLY A 94 -24.27 -12.46 -10.84
C GLY A 94 -23.50 -12.12 -12.11
N SER A 95 -22.19 -12.30 -12.05
CA SER A 95 -21.31 -12.02 -13.19
C SER A 95 -21.36 -10.54 -13.62
N GLU A 96 -21.70 -9.68 -12.67
CA GLU A 96 -21.78 -8.25 -12.93
C GLU A 96 -20.83 -7.51 -12.01
N SER A 97 -20.37 -6.34 -12.43
CA SER A 97 -19.43 -5.54 -11.65
C SER A 97 -20.15 -4.69 -10.60
N TYR A 98 -21.28 -5.18 -10.12
CA TYR A 98 -22.06 -4.46 -9.12
C TYR A 98 -21.52 -4.75 -7.71
N GLU A 99 -20.73 -5.81 -7.62
CA GLU A 99 -20.13 -6.19 -6.35
C GLU A 99 -18.76 -5.56 -6.21
N GLU A 100 -18.12 -5.77 -5.08
CA GLU A 100 -16.79 -5.20 -4.84
C GLU A 100 -15.71 -6.08 -5.45
N ASP A 101 -14.46 -5.72 -5.21
CA ASP A 101 -13.32 -6.48 -5.73
C ASP A 101 -13.20 -7.82 -5.00
N PRO A 102 -12.74 -8.86 -5.72
CA PRO A 102 -12.56 -10.19 -5.14
C PRO A 102 -11.35 -10.26 -4.22
N TYR A 103 -10.88 -11.48 -3.97
CA TYR A 103 -9.73 -11.67 -3.09
C TYR A 103 -8.44 -11.46 -3.87
N LEU A 104 -7.58 -10.60 -3.36
CA LEU A 104 -6.32 -10.29 -4.01
C LEU A 104 -5.15 -10.82 -3.19
N VAL A 105 -4.25 -11.53 -3.85
CA VAL A 105 -3.09 -12.09 -3.18
C VAL A 105 -1.84 -11.84 -4.00
N VAL A 106 -0.75 -11.48 -3.35
CA VAL A 106 0.49 -11.21 -4.05
C VAL A 106 1.45 -12.38 -3.94
N ASN A 107 2.22 -12.63 -4.99
CA ASN A 107 3.18 -13.71 -5.01
C ASN A 107 4.25 -13.46 -3.96
N PRO A 108 4.54 -14.46 -3.12
CA PRO A 108 5.55 -14.35 -2.05
C PRO A 108 6.94 -14.03 -2.59
N ASN A 109 7.11 -14.13 -3.90
CA ASN A 109 8.40 -13.85 -4.53
C ASN A 109 8.56 -12.36 -4.78
N TYR A 110 7.72 -11.82 -5.66
CA TYR A 110 7.74 -10.41 -6.03
C TYR A 110 9.04 -10.03 -6.74
N LEU A 111 9.11 -8.80 -7.25
CA LEU A 111 10.29 -8.33 -7.95
C LEU A 111 10.45 -6.83 -7.80
N LEU A 112 11.55 -6.28 -8.30
CA LEU A 112 11.80 -4.85 -8.22
C LEU A 112 11.52 -4.17 -9.56
N GLU A 113 11.79 -2.87 -9.62
CA GLU A 113 11.57 -2.09 -10.83
C GLU A 113 12.59 -2.46 -11.91
N ASP A 114 13.78 -2.86 -11.45
CA ASP A 114 14.88 -3.25 -12.33
C ASP A 114 15.18 -2.16 -13.36
N SER B 1 -22.50 1.50 8.29
CA SER B 1 -23.11 2.84 8.29
C SER B 1 -22.07 3.91 7.95
N ALA B 2 -20.84 3.68 8.40
CA ALA B 2 -19.76 4.62 8.15
C ALA B 2 -19.04 4.26 6.85
N LEU B 3 -19.58 4.73 5.73
CA LEU B 3 -18.98 4.47 4.43
C LEU B 3 -17.66 5.22 4.32
N LYS B 4 -16.64 4.54 3.86
CA LYS B 4 -15.32 5.14 3.73
C LYS B 4 -14.55 4.58 2.54
N GLY B 5 -14.71 5.23 1.40
CA GLY B 5 -14.00 4.81 0.21
C GLY B 5 -12.57 5.31 0.24
N VAL B 6 -11.68 4.50 0.79
CA VAL B 6 -10.28 4.87 0.90
C VAL B 6 -9.55 4.79 -0.44
N SER B 7 -9.20 5.95 -0.97
CA SER B 7 -8.49 6.03 -2.25
C SER B 7 -7.72 7.35 -2.33
N GLN B 8 -8.35 8.38 -2.90
CA GLN B 8 -7.71 9.68 -3.03
C GLN B 8 -7.61 10.38 -1.68
N ASP B 9 -8.62 10.14 -0.84
CA ASP B 9 -8.69 10.73 0.50
C ASP B 9 -7.56 10.25 1.40
N LEU B 10 -6.84 9.23 0.93
CA LEU B 10 -5.72 8.65 1.66
C LEU B 10 -4.69 9.73 2.00
N LEU B 11 -4.28 10.49 0.99
CA LEU B 11 -3.30 11.56 1.19
C LEU B 11 -3.99 12.87 1.57
N GLU B 12 -5.30 12.91 1.41
CA GLU B 12 -6.08 14.11 1.71
C GLU B 12 -6.16 14.35 3.22
N ARG B 13 -5.74 13.38 3.99
CA ARG B 13 -5.74 13.50 5.44
C ARG B 13 -4.50 14.28 5.90
N ILE B 14 -3.46 14.17 5.11
CA ILE B 14 -2.17 14.81 5.40
C ILE B 14 -2.28 16.33 5.52
N ARG B 15 -3.14 16.93 4.71
CA ARG B 15 -3.32 18.38 4.73
C ARG B 15 -3.75 18.87 6.12
N ALA B 16 -4.37 17.98 6.89
CA ALA B 16 -4.80 18.32 8.24
C ALA B 16 -3.79 17.77 9.25
N LYS B 17 -2.98 16.83 8.79
CA LYS B 17 -1.98 16.18 9.63
C LYS B 17 -0.72 17.03 9.76
N GLU B 18 -0.41 17.83 8.73
CA GLU B 18 0.79 18.67 8.75
C GLU B 18 0.75 19.64 9.93
N ALA B 19 -0.46 20.04 10.33
CA ALA B 19 -0.64 20.95 11.45
C ALA B 19 -0.33 20.25 12.77
N GLN B 20 -0.63 18.96 12.83
CA GLN B 20 -0.42 18.16 14.04
C GLN B 20 1.04 18.15 14.48
N LYS B 21 1.95 18.40 13.54
CA LYS B 21 3.37 18.40 13.84
C LYS B 21 3.75 19.57 14.74
N GLN B 22 3.00 20.66 14.61
CA GLN B 22 3.25 21.85 15.42
C GLN B 22 2.71 21.64 16.83
N LEU B 23 1.70 20.78 16.93
CA LEU B 23 1.07 20.48 18.20
C LEU B 23 1.73 19.26 18.84
N ALA B 24 2.61 18.61 18.09
CA ALA B 24 3.31 17.42 18.55
C ALA B 24 4.09 17.69 19.84
N GLN B 25 3.66 17.05 20.92
CA GLN B 25 4.28 17.19 22.23
C GLN B 25 4.13 18.61 22.77
N MET B 26 3.17 19.36 22.24
CA MET B 26 2.92 20.72 22.68
C MET B 26 2.02 20.73 23.90
N THR B 27 0.91 20.02 23.81
CA THR B 27 -0.03 19.93 24.91
C THR B 27 -0.80 18.62 24.83
N ARG B 28 -0.09 17.52 25.10
CA ARG B 28 -0.67 16.19 25.07
C ARG B 28 -1.22 15.87 23.67
N TRP B 29 -0.37 16.05 22.67
CA TRP B 29 -0.77 15.79 21.28
C TRP B 29 0.31 14.97 20.59
N ALA A 1 12.27 7.57 -15.94
CA ALA A 1 13.18 6.91 -16.90
C ALA A 1 12.74 5.48 -17.17
N PRO A 2 12.89 5.01 -18.41
CA PRO A 2 12.51 3.64 -18.79
C PRO A 2 13.35 2.59 -18.07
N LYS A 3 14.63 2.88 -17.87
CA LYS A 3 15.53 1.96 -17.19
C LYS A 3 16.17 2.65 -16.00
N ALA A 4 16.72 1.85 -15.09
CA ALA A 4 17.37 2.37 -13.88
C ALA A 4 16.38 3.17 -13.02
N SER A 5 15.36 2.48 -12.54
CA SER A 5 14.33 3.11 -11.71
C SER A 5 14.66 3.00 -10.22
N LEU A 6 15.64 2.17 -9.88
CA LEU A 6 16.03 1.97 -8.49
C LEU A 6 17.27 2.79 -8.14
N ARG A 7 18.00 3.22 -9.17
CA ARG A 7 19.21 4.00 -8.97
C ARG A 7 18.91 5.47 -8.71
N LEU A 8 18.96 5.85 -7.43
CA LEU A 8 18.70 7.22 -6.98
C LEU A 8 18.88 7.30 -5.48
N GLY A 9 18.57 6.20 -4.80
CA GLY A 9 18.70 6.15 -3.36
C GLY A 9 18.28 4.81 -2.84
N PHE A 10 17.10 4.35 -3.28
CA PHE A 10 16.54 3.06 -2.90
C PHE A 10 16.05 3.08 -1.45
N SER A 11 16.12 4.25 -0.83
CA SER A 11 15.71 4.42 0.55
C SER A 11 14.19 4.21 0.70
N GLU A 12 13.44 4.85 -0.17
CA GLU A 12 11.98 4.74 -0.14
C GLU A 12 11.54 3.37 -0.64
N TYR A 13 12.22 2.88 -1.67
CA TYR A 13 11.89 1.59 -2.26
C TYR A 13 12.01 0.48 -1.23
N SER A 14 13.09 0.50 -0.45
CA SER A 14 13.32 -0.51 0.57
C SER A 14 12.21 -0.49 1.61
N ARG A 15 11.88 0.70 2.10
CA ARG A 15 10.85 0.85 3.12
C ARG A 15 9.48 0.42 2.62
N ILE A 16 9.19 0.68 1.35
CA ILE A 16 7.90 0.34 0.77
C ILE A 16 7.81 -1.16 0.44
N SER A 17 8.80 -1.67 -0.29
CA SER A 17 8.82 -3.07 -0.67
C SER A 17 8.85 -3.97 0.57
N ASN A 18 9.47 -3.48 1.63
CA ASN A 18 9.55 -4.22 2.89
C ASN A 18 8.15 -4.45 3.45
N LEU A 19 7.27 -3.47 3.26
CA LEU A 19 5.90 -3.56 3.76
C LEU A 19 5.19 -4.77 3.16
N ILE A 20 5.43 -5.01 1.88
CA ILE A 20 4.81 -6.13 1.17
C ILE A 20 5.28 -7.44 1.78
N VAL A 21 6.58 -7.56 1.98
CA VAL A 21 7.15 -8.76 2.54
C VAL A 21 6.71 -8.95 3.99
N LEU A 22 6.79 -7.88 4.78
CA LEU A 22 6.41 -7.91 6.19
C LEU A 22 4.96 -8.35 6.37
N HIS A 23 4.06 -7.69 5.65
CA HIS A 23 2.64 -8.00 5.74
C HIS A 23 2.35 -9.43 5.28
N LEU A 24 2.92 -9.82 4.15
CA LEU A 24 2.70 -11.16 3.62
C LEU A 24 3.23 -12.23 4.57
N ARG A 25 4.48 -12.06 5.02
CA ARG A 25 5.10 -13.03 5.92
C ARG A 25 4.32 -13.12 7.24
N LYS A 26 3.71 -12.02 7.65
CA LYS A 26 2.93 -11.99 8.88
C LYS A 26 1.63 -12.74 8.71
N VAL A 27 0.84 -12.35 7.70
CA VAL A 27 -0.46 -12.98 7.47
C VAL A 27 -0.35 -14.47 7.16
N GLU A 28 0.69 -14.89 6.45
CA GLU A 28 0.86 -16.31 6.13
C GLU A 28 1.21 -17.10 7.39
N GLU A 29 1.87 -16.45 8.33
CA GLU A 29 2.27 -17.08 9.58
C GLU A 29 1.10 -17.10 10.56
N GLU A 30 0.28 -16.06 10.52
CA GLU A 30 -0.86 -15.96 11.41
C GLU A 30 -2.02 -16.80 10.90
N GLU A 31 -2.52 -16.44 9.72
CA GLU A 31 -3.64 -17.14 9.13
C GLU A 31 -3.16 -18.02 7.97
N ASP A 32 -2.92 -17.37 6.83
CA ASP A 32 -2.47 -18.06 5.63
C ASP A 32 -2.26 -17.07 4.49
N GLU A 33 -3.30 -16.31 4.19
CA GLU A 33 -3.24 -15.33 3.12
C GLU A 33 -3.92 -14.03 3.55
N SER A 34 -5.06 -14.19 4.22
CA SER A 34 -5.87 -13.09 4.73
C SER A 34 -6.58 -12.32 3.59
N ALA A 35 -5.81 -11.97 2.56
CA ALA A 35 -6.32 -11.24 1.39
C ALA A 35 -7.03 -9.94 1.79
N LEU A 36 -6.27 -8.87 1.87
CA LEU A 36 -6.80 -7.57 2.24
C LEU A 36 -7.02 -6.70 1.00
N LYS A 37 -6.93 -5.39 1.17
CA LYS A 37 -7.12 -4.46 0.07
C LYS A 37 -5.94 -3.53 -0.03
N ARG A 38 -5.81 -2.86 -1.18
CA ARG A 38 -4.71 -1.93 -1.43
C ARG A 38 -4.69 -0.78 -0.43
N SER A 39 -5.84 -0.15 -0.21
CA SER A 39 -5.93 0.97 0.73
C SER A 39 -5.64 0.52 2.16
N GLU A 40 -5.97 -0.73 2.46
CA GLU A 40 -5.73 -1.29 3.79
C GLU A 40 -4.23 -1.50 3.99
N LEU A 41 -3.55 -1.93 2.94
CA LEU A 41 -2.11 -2.14 2.99
C LEU A 41 -1.40 -0.84 3.28
N VAL A 42 -1.87 0.22 2.64
CA VAL A 42 -1.30 1.54 2.84
C VAL A 42 -1.74 2.09 4.21
N ASN A 43 -2.95 1.74 4.59
CA ASN A 43 -3.55 2.19 5.85
C ASN A 43 -2.62 1.95 7.04
N TRP A 44 -2.25 0.70 7.28
CA TRP A 44 -1.38 0.38 8.40
C TRP A 44 0.02 0.93 8.18
N TYR A 45 0.43 1.03 6.91
CA TYR A 45 1.76 1.56 6.59
C TYR A 45 1.90 2.98 7.09
N LEU A 46 0.94 3.81 6.75
CA LEU A 46 0.94 5.21 7.14
C LEU A 46 0.85 5.34 8.66
N LYS A 47 0.09 4.46 9.28
CA LYS A 47 -0.06 4.48 10.73
C LYS A 47 1.25 4.12 11.42
N GLU A 48 2.07 3.32 10.75
CA GLU A 48 3.35 2.89 11.29
C GLU A 48 4.43 3.92 11.01
N ILE A 49 4.37 4.56 9.86
CA ILE A 49 5.37 5.55 9.50
C ILE A 49 5.02 6.94 10.01
N GLU A 50 3.78 7.14 10.45
CA GLU A 50 3.37 8.45 10.94
C GLU A 50 4.20 8.90 12.13
N SER A 51 4.79 7.94 12.84
CA SER A 51 5.61 8.23 13.99
C SER A 51 7.02 8.66 13.57
N GLU A 52 7.44 8.23 12.37
CA GLU A 52 8.77 8.57 11.86
C GLU A 52 8.68 9.79 10.95
N ILE A 53 7.47 10.08 10.49
CA ILE A 53 7.25 11.20 9.60
C ILE A 53 7.02 12.48 10.39
N ASP A 54 8.09 13.26 10.51
CA ASP A 54 8.03 14.52 11.23
C ASP A 54 7.79 15.64 10.24
N SER A 55 7.95 15.31 8.97
CA SER A 55 7.75 16.27 7.90
C SER A 55 6.76 15.69 6.90
N GLU A 56 5.74 16.47 6.56
CA GLU A 56 4.70 16.02 5.65
C GLU A 56 5.28 15.56 4.31
N GLU A 57 6.33 16.21 3.85
CA GLU A 57 6.95 15.86 2.59
C GLU A 57 7.35 14.39 2.55
N GLU A 58 7.78 13.88 3.70
CA GLU A 58 8.17 12.48 3.82
C GLU A 58 6.95 11.59 3.64
N LEU A 59 5.87 11.93 4.34
CA LEU A 59 4.62 11.17 4.25
C LEU A 59 4.03 11.26 2.86
N ILE A 60 3.92 12.48 2.35
CA ILE A 60 3.38 12.70 1.02
C ILE A 60 4.19 11.89 -0.01
N ASN A 61 5.50 11.80 0.22
CA ASN A 61 6.37 11.03 -0.65
C ASN A 61 6.11 9.53 -0.48
N LYS A 62 6.03 9.10 0.78
CA LYS A 62 5.78 7.69 1.11
C LYS A 62 4.47 7.23 0.50
N LYS A 63 3.44 8.05 0.60
CA LYS A 63 2.14 7.73 0.04
C LYS A 63 2.21 7.66 -1.48
N ARG A 64 3.05 8.52 -2.05
CA ARG A 64 3.23 8.54 -3.49
C ARG A 64 3.90 7.26 -3.95
N ILE A 65 4.92 6.82 -3.21
CA ILE A 65 5.65 5.61 -3.54
C ILE A 65 4.79 4.37 -3.30
N ILE A 66 4.16 4.29 -2.13
CA ILE A 66 3.33 3.15 -1.80
C ILE A 66 2.21 2.95 -2.81
N GLU A 67 1.61 4.05 -3.29
CA GLU A 67 0.55 3.94 -4.28
C GLU A 67 1.13 3.65 -5.66
N LYS A 68 2.29 4.22 -5.95
CA LYS A 68 2.96 4.02 -7.24
C LYS A 68 3.23 2.54 -7.48
N VAL A 69 3.84 1.88 -6.50
CA VAL A 69 4.16 0.47 -6.62
C VAL A 69 2.89 -0.37 -6.69
N ILE A 70 1.89 -0.04 -5.88
CA ILE A 70 0.63 -0.78 -5.89
C ILE A 70 -0.08 -0.60 -7.23
N HIS A 71 -0.07 0.62 -7.74
CA HIS A 71 -0.70 0.92 -9.02
C HIS A 71 0.00 0.15 -10.14
N ARG A 72 1.33 0.13 -10.11
CA ARG A 72 2.11 -0.58 -11.11
C ARG A 72 1.90 -2.08 -10.94
N LEU A 73 1.84 -2.52 -9.70
CA LEU A 73 1.62 -3.91 -9.36
C LEU A 73 0.30 -4.43 -9.92
N THR A 74 -0.75 -3.63 -9.75
CA THR A 74 -2.09 -4.00 -10.19
C THR A 74 -2.36 -3.68 -11.66
N HIS A 75 -1.36 -3.19 -12.39
CA HIS A 75 -1.57 -2.85 -13.80
C HIS A 75 -0.46 -3.40 -14.69
N TYR A 76 0.73 -2.84 -14.54
CA TYR A 76 1.86 -3.23 -15.37
C TYR A 76 2.42 -4.60 -15.02
N ASP A 77 2.98 -4.72 -13.82
CA ASP A 77 3.59 -5.98 -13.37
C ASP A 77 2.58 -7.12 -13.38
N HIS A 78 1.38 -6.86 -12.88
CA HIS A 78 0.31 -7.87 -12.83
C HIS A 78 0.70 -9.05 -11.95
N VAL A 79 1.46 -8.78 -10.90
CA VAL A 79 1.90 -9.83 -9.98
C VAL A 79 0.88 -9.97 -8.84
N LEU A 80 -0.29 -9.39 -9.05
CA LEU A 80 -1.37 -9.43 -8.09
C LEU A 80 -2.28 -10.62 -8.34
N ILE A 81 -2.83 -11.17 -7.28
CA ILE A 81 -3.73 -12.29 -7.37
C ILE A 81 -5.09 -11.90 -6.82
N GLU A 82 -6.14 -12.15 -7.58
CA GLU A 82 -7.49 -11.84 -7.15
C GLU A 82 -8.43 -12.97 -7.52
N LEU A 83 -9.48 -13.13 -6.72
CA LEU A 83 -10.47 -14.17 -6.95
C LEU A 83 -11.70 -13.59 -7.62
N THR A 84 -12.81 -14.30 -7.53
CA THR A 84 -14.05 -13.85 -8.13
C THR A 84 -14.79 -12.90 -7.18
N GLN A 85 -16.02 -12.57 -7.52
CA GLN A 85 -16.82 -11.67 -6.69
C GLN A 85 -18.10 -12.37 -6.26
N ALA A 86 -18.55 -13.31 -7.07
CA ALA A 86 -19.78 -14.05 -6.79
C ALA A 86 -19.48 -15.51 -6.49
N GLY A 87 -18.44 -16.03 -7.14
CA GLY A 87 -18.06 -17.42 -6.94
C GLY A 87 -17.61 -17.71 -5.52
N LEU A 88 -17.26 -16.65 -4.80
CA LEU A 88 -16.82 -16.77 -3.41
C LEU A 88 -17.94 -17.32 -2.55
N LYS A 89 -19.15 -16.82 -2.78
CA LYS A 89 -20.32 -17.25 -2.04
C LYS A 89 -20.97 -18.45 -2.73
N GLY A 90 -20.77 -18.54 -4.03
CA GLY A 90 -21.34 -19.64 -4.79
C GLY A 90 -22.50 -19.20 -5.66
N SER A 91 -22.60 -17.89 -5.87
CA SER A 91 -23.66 -17.33 -6.67
C SER A 91 -23.34 -17.49 -8.17
N THR A 92 -24.24 -18.12 -8.90
CA THR A 92 -24.04 -18.34 -10.32
C THR A 92 -25.07 -17.55 -11.12
N GLU A 93 -24.71 -17.21 -12.36
CA GLU A 93 -25.59 -16.46 -13.26
C GLU A 93 -25.89 -15.06 -12.70
N GLY A 94 -24.99 -14.14 -12.96
CA GLY A 94 -25.17 -12.77 -12.48
C GLY A 94 -23.92 -12.22 -11.84
N SER A 95 -23.85 -10.90 -11.74
CA SER A 95 -22.71 -10.22 -11.15
C SER A 95 -23.19 -9.16 -10.16
N GLU A 96 -22.70 -9.23 -8.94
CA GLU A 96 -23.09 -8.28 -7.91
C GLU A 96 -22.02 -7.21 -7.70
N SER A 97 -22.44 -5.97 -7.76
CA SER A 97 -21.53 -4.85 -7.58
C SER A 97 -21.44 -4.46 -6.11
N TYR A 98 -22.46 -4.82 -5.34
CA TYR A 98 -22.52 -4.51 -3.92
C TYR A 98 -21.55 -5.39 -3.14
N GLU A 99 -21.04 -6.41 -3.81
CA GLU A 99 -20.09 -7.34 -3.21
C GLU A 99 -18.77 -6.64 -2.89
N GLU A 100 -18.51 -5.52 -3.58
CA GLU A 100 -17.30 -4.72 -3.38
C GLU A 100 -16.06 -5.45 -3.93
N ASP A 101 -14.92 -4.75 -3.91
CA ASP A 101 -13.65 -5.29 -4.38
C ASP A 101 -13.38 -6.67 -3.78
N PRO A 102 -13.04 -7.65 -4.63
CA PRO A 102 -12.75 -9.01 -4.19
C PRO A 102 -11.47 -9.11 -3.37
N TYR A 103 -11.07 -10.32 -3.08
CA TYR A 103 -9.86 -10.56 -2.31
C TYR A 103 -8.61 -10.22 -3.10
N LEU A 104 -7.71 -9.47 -2.48
CA LEU A 104 -6.47 -9.08 -3.13
C LEU A 104 -5.28 -9.67 -2.39
N VAL A 105 -4.41 -10.33 -3.12
CA VAL A 105 -3.22 -10.94 -2.55
C VAL A 105 -2.06 -10.81 -3.52
N VAL A 106 -0.86 -10.60 -2.99
CA VAL A 106 0.32 -10.44 -3.82
C VAL A 106 1.15 -11.72 -3.80
N ASN A 107 1.69 -12.08 -4.96
CA ASN A 107 2.50 -13.27 -5.10
C ASN A 107 3.81 -13.09 -4.34
N PRO A 108 4.13 -14.02 -3.42
CA PRO A 108 5.37 -13.98 -2.63
C PRO A 108 6.62 -13.87 -3.51
N ASN A 109 6.47 -14.20 -4.79
CA ASN A 109 7.57 -14.12 -5.74
C ASN A 109 7.59 -12.73 -6.37
N TYR A 110 7.52 -11.72 -5.51
CA TYR A 110 7.50 -10.33 -5.94
C TYR A 110 8.88 -9.88 -6.42
N LEU A 111 8.89 -8.92 -7.33
CA LEU A 111 10.12 -8.39 -7.87
C LEU A 111 10.06 -6.86 -7.90
N LEU A 112 11.17 -6.24 -8.25
CA LEU A 112 11.23 -4.78 -8.34
C LEU A 112 11.13 -4.34 -9.79
N GLU A 113 12.09 -4.77 -10.58
CA GLU A 113 12.14 -4.45 -12.00
C GLU A 113 13.31 -5.17 -12.64
N ASP A 114 14.46 -5.12 -11.98
CA ASP A 114 15.66 -5.76 -12.48
C ASP A 114 15.93 -7.04 -11.71
N SER B 1 -5.87 20.74 -21.01
CA SER B 1 -7.25 20.21 -20.95
C SER B 1 -7.24 18.72 -20.62
N ALA B 2 -6.19 18.27 -19.94
CA ALA B 2 -6.06 16.87 -19.58
C ALA B 2 -6.11 16.70 -18.07
N LEU B 3 -6.16 15.46 -17.62
CA LEU B 3 -6.21 15.15 -16.19
C LEU B 3 -5.24 14.02 -15.88
N LYS B 4 -4.95 13.84 -14.61
CA LYS B 4 -4.05 12.78 -14.17
C LYS B 4 -4.48 12.25 -12.81
N GLY B 5 -4.00 11.06 -12.46
CA GLY B 5 -4.35 10.47 -11.19
C GLY B 5 -3.69 11.22 -10.05
N VAL B 6 -4.50 11.65 -9.09
CA VAL B 6 -3.97 12.37 -7.95
C VAL B 6 -3.84 11.47 -6.74
N SER B 7 -2.86 11.77 -5.90
CA SER B 7 -2.63 10.98 -4.70
C SER B 7 -3.28 11.66 -3.51
N GLN B 8 -4.07 12.69 -3.79
CA GLN B 8 -4.76 13.46 -2.76
C GLN B 8 -5.76 12.59 -2.00
N ASP B 9 -6.26 11.53 -2.65
CA ASP B 9 -7.21 10.62 -2.02
C ASP B 9 -6.60 10.02 -0.75
N LEU B 10 -5.43 9.43 -0.92
CA LEU B 10 -4.72 8.82 0.19
C LEU B 10 -4.02 9.89 1.04
N LEU B 11 -3.90 11.08 0.49
CA LEU B 11 -3.25 12.18 1.19
C LEU B 11 -4.25 12.98 2.03
N GLU B 12 -5.52 12.67 1.87
CA GLU B 12 -6.60 13.35 2.59
C GLU B 12 -6.39 13.23 4.10
N ARG B 13 -5.93 12.09 4.55
CA ARG B 13 -5.69 11.88 5.98
C ARG B 13 -4.64 12.86 6.51
N ILE B 14 -3.79 13.36 5.61
CA ILE B 14 -2.73 14.28 5.96
C ILE B 14 -3.29 15.67 6.32
N ARG B 15 -4.47 16.01 5.80
CA ARG B 15 -5.06 17.32 6.11
C ARG B 15 -5.37 17.39 7.60
N ALA B 16 -5.56 16.22 8.21
CA ALA B 16 -5.81 16.12 9.63
C ALA B 16 -4.48 16.03 10.38
N LYS B 17 -3.52 15.37 9.74
CA LYS B 17 -2.18 15.22 10.31
C LYS B 17 -1.49 16.57 10.44
N GLU B 18 -1.69 17.42 9.43
CA GLU B 18 -1.12 18.76 9.43
C GLU B 18 -1.60 19.54 10.64
N ALA B 19 -2.85 19.33 11.00
CA ALA B 19 -3.44 20.01 12.15
C ALA B 19 -2.76 19.49 13.43
N GLN B 20 -2.46 18.20 13.45
CA GLN B 20 -1.81 17.56 14.58
C GLN B 20 -0.37 18.06 14.71
N LYS B 21 0.29 18.22 13.57
CA LYS B 21 1.67 18.69 13.55
C LYS B 21 1.74 20.12 14.08
N GLN B 22 0.81 20.96 13.65
CA GLN B 22 0.77 22.35 14.10
C GLN B 22 0.26 22.43 15.53
N LEU B 23 -0.32 21.34 16.01
CA LEU B 23 -0.84 21.25 17.37
C LEU B 23 0.25 20.75 18.32
N ALA B 24 1.35 20.29 17.73
CA ALA B 24 2.48 19.77 18.49
C ALA B 24 3.30 20.91 19.07
N GLN B 25 4.61 20.70 19.17
CA GLN B 25 5.52 21.70 19.71
C GLN B 25 5.31 21.87 21.21
N MET B 26 6.25 21.39 22.01
CA MET B 26 6.15 21.50 23.46
C MET B 26 6.19 22.95 23.89
N THR B 27 6.87 23.78 23.10
CA THR B 27 6.98 25.20 23.38
C THR B 27 5.62 25.88 23.23
N ARG B 28 5.11 26.42 24.33
CA ARG B 28 3.81 27.09 24.32
C ARG B 28 3.97 28.60 24.17
N TRP B 29 5.14 29.10 24.50
CA TRP B 29 5.41 30.53 24.43
C TRP B 29 6.71 30.79 23.68
N ALA A 1 31.02 -8.31 -13.61
CA ALA A 1 30.79 -6.87 -13.83
C ALA A 1 29.44 -6.46 -13.28
N PRO A 2 29.39 -5.34 -12.54
CA PRO A 2 28.14 -4.85 -11.95
C PRO A 2 27.13 -4.45 -13.01
N LYS A 3 25.99 -5.12 -13.02
CA LYS A 3 24.94 -4.85 -13.99
C LYS A 3 23.57 -4.98 -13.36
N ALA A 4 22.53 -4.83 -14.19
CA ALA A 4 21.13 -4.93 -13.76
C ALA A 4 20.72 -3.75 -12.87
N SER A 5 19.43 -3.65 -12.60
CA SER A 5 18.92 -2.58 -11.77
C SER A 5 18.90 -3.03 -10.31
N LEU A 6 18.24 -2.24 -9.47
CA LEU A 6 18.13 -2.53 -8.04
C LEU A 6 19.52 -2.67 -7.41
N ARG A 7 20.46 -1.85 -7.87
CA ARG A 7 21.81 -1.87 -7.36
C ARG A 7 22.29 -0.44 -7.11
N LEU A 8 21.33 0.49 -7.10
CA LEU A 8 21.64 1.91 -6.89
C LEU A 8 21.42 2.29 -5.43
N GLY A 9 20.38 3.08 -5.17
CA GLY A 9 20.07 3.49 -3.81
C GLY A 9 18.70 2.99 -3.39
N PHE A 10 17.68 3.47 -4.12
CA PHE A 10 16.26 3.12 -3.90
C PHE A 10 15.91 2.89 -2.43
N SER A 11 16.31 3.82 -1.57
CA SER A 11 16.02 3.71 -0.14
C SER A 11 14.52 3.77 0.10
N GLU A 12 13.86 4.70 -0.59
CA GLU A 12 12.41 4.85 -0.47
C GLU A 12 11.73 3.57 -0.94
N TYR A 13 12.16 3.10 -2.11
CA TYR A 13 11.60 1.88 -2.69
C TYR A 13 11.77 0.71 -1.74
N SER A 14 12.92 0.61 -1.10
CA SER A 14 13.19 -0.48 -0.17
C SER A 14 12.24 -0.42 1.02
N ARG A 15 12.02 0.79 1.54
CA ARG A 15 11.13 0.97 2.69
C ARG A 15 9.70 0.57 2.35
N ILE A 16 9.29 0.85 1.12
CA ILE A 16 7.95 0.52 0.67
C ILE A 16 7.84 -0.96 0.34
N SER A 17 8.80 -1.47 -0.42
CA SER A 17 8.83 -2.87 -0.81
C SER A 17 8.89 -3.76 0.43
N ASN A 18 9.62 -3.30 1.45
CA ASN A 18 9.75 -4.02 2.70
C ASN A 18 8.39 -4.23 3.35
N LEU A 19 7.50 -3.26 3.19
CA LEU A 19 6.16 -3.33 3.76
C LEU A 19 5.40 -4.51 3.16
N ILE A 20 5.57 -4.72 1.86
CA ILE A 20 4.89 -5.80 1.16
C ILE A 20 5.26 -7.15 1.75
N VAL A 21 6.55 -7.43 1.85
CA VAL A 21 7.01 -8.69 2.38
C VAL A 21 6.71 -8.82 3.87
N LEU A 22 6.96 -7.73 4.62
CA LEU A 22 6.71 -7.72 6.07
C LEU A 22 5.26 -8.04 6.38
N HIS A 23 4.36 -7.38 5.65
CA HIS A 23 2.94 -7.58 5.86
C HIS A 23 2.51 -8.95 5.35
N LEU A 24 2.99 -9.34 4.17
CA LEU A 24 2.63 -10.64 3.59
C LEU A 24 3.01 -11.80 4.51
N ARG A 25 4.25 -11.83 4.98
CA ARG A 25 4.71 -12.90 5.86
C ARG A 25 3.90 -12.93 7.15
N LYS A 26 3.52 -11.76 7.65
CA LYS A 26 2.72 -11.68 8.87
C LYS A 26 1.29 -12.12 8.60
N VAL A 27 0.77 -11.72 7.45
CA VAL A 27 -0.59 -12.05 7.05
C VAL A 27 -0.77 -13.55 6.90
N GLU A 28 0.10 -14.19 6.14
CA GLU A 28 0.00 -15.64 5.94
C GLU A 28 0.26 -16.40 7.24
N GLU A 29 1.05 -15.79 8.11
CA GLU A 29 1.39 -16.38 9.39
C GLU A 29 0.17 -16.44 10.32
N GLU A 30 -0.61 -15.37 10.35
CA GLU A 30 -1.78 -15.32 11.22
C GLU A 30 -3.08 -15.53 10.45
N GLU A 31 -3.42 -14.59 9.58
CA GLU A 31 -4.66 -14.67 8.79
C GLU A 31 -4.64 -15.86 7.83
N ASP A 32 -3.47 -16.13 7.27
CA ASP A 32 -3.29 -17.23 6.32
C ASP A 32 -4.12 -16.97 5.05
N GLU A 33 -4.28 -15.69 4.73
CA GLU A 33 -5.03 -15.25 3.57
C GLU A 33 -4.54 -13.88 3.13
N SER A 34 -3.81 -13.87 2.03
CA SER A 34 -3.25 -12.63 1.47
C SER A 34 -4.36 -11.73 0.92
N ALA A 35 -5.57 -12.27 0.81
CA ALA A 35 -6.71 -11.53 0.30
C ALA A 35 -7.21 -10.49 1.30
N LEU A 36 -6.62 -9.29 1.22
CA LEU A 36 -6.99 -8.20 2.11
C LEU A 36 -7.07 -6.89 1.34
N LYS A 37 -7.75 -5.90 1.93
CA LYS A 37 -7.91 -4.59 1.30
C LYS A 37 -6.58 -3.86 1.25
N ARG A 38 -6.25 -3.31 0.09
CA ARG A 38 -5.00 -2.59 -0.07
C ARG A 38 -5.06 -1.19 0.53
N SER A 39 -6.27 -0.68 0.75
CA SER A 39 -6.46 0.64 1.35
C SER A 39 -5.83 0.70 2.73
N GLU A 40 -6.04 -0.37 3.51
CA GLU A 40 -5.50 -0.44 4.86
C GLU A 40 -3.99 -0.65 4.82
N LEU A 41 -3.51 -1.30 3.76
CA LEU A 41 -2.07 -1.54 3.60
C LEU A 41 -1.30 -0.22 3.68
N VAL A 42 -1.77 0.77 2.94
CA VAL A 42 -1.16 2.09 2.97
C VAL A 42 -1.49 2.77 4.29
N ASN A 43 -2.68 2.48 4.78
CA ASN A 43 -3.18 3.06 6.02
C ASN A 43 -2.24 2.79 7.19
N TRP A 44 -1.98 1.52 7.47
CA TRP A 44 -1.10 1.18 8.58
C TRP A 44 0.33 1.64 8.31
N TYR A 45 0.73 1.68 7.05
CA TYR A 45 2.07 2.13 6.69
C TYR A 45 2.29 3.55 7.18
N LEU A 46 1.35 4.43 6.86
CA LEU A 46 1.43 5.81 7.27
C LEU A 46 1.25 5.91 8.78
N LYS A 47 0.40 5.06 9.33
CA LYS A 47 0.12 5.05 10.77
C LYS A 47 1.34 4.59 11.57
N GLU A 48 2.23 3.85 10.93
CA GLU A 48 3.44 3.35 11.59
C GLU A 48 4.53 4.40 11.59
N ILE A 49 4.61 5.16 10.50
CA ILE A 49 5.65 6.18 10.36
C ILE A 49 5.15 7.59 10.69
N GLU A 50 3.85 7.73 10.93
CA GLU A 50 3.25 9.03 11.22
C GLU A 50 3.93 9.76 12.39
N SER A 51 4.47 9.00 13.32
CA SER A 51 5.13 9.58 14.47
C SER A 51 6.54 10.07 14.14
N GLU A 52 7.15 9.51 13.10
CA GLU A 52 8.50 9.91 12.71
C GLU A 52 8.44 10.97 11.63
N ILE A 53 7.40 10.90 10.82
CA ILE A 53 7.21 11.86 9.75
C ILE A 53 6.82 13.22 10.33
N ASP A 54 7.76 14.14 10.32
CA ASP A 54 7.52 15.47 10.86
C ASP A 54 7.31 16.45 9.71
N SER A 55 7.68 16.02 8.53
CA SER A 55 7.56 16.85 7.36
C SER A 55 6.52 16.26 6.42
N GLU A 56 5.59 17.09 5.98
CA GLU A 56 4.54 16.64 5.08
C GLU A 56 5.15 16.00 3.84
N GLU A 57 6.20 16.63 3.35
CA GLU A 57 6.88 16.19 2.15
C GLU A 57 7.39 14.76 2.27
N GLU A 58 7.86 14.38 3.45
CA GLU A 58 8.32 13.03 3.69
C GLU A 58 7.16 12.06 3.50
N LEU A 59 6.01 12.44 4.04
CA LEU A 59 4.81 11.63 3.93
C LEU A 59 4.33 11.58 2.49
N ILE A 60 4.39 12.71 1.79
CA ILE A 60 3.99 12.76 0.39
C ILE A 60 4.83 11.77 -0.40
N ASN A 61 6.13 11.83 -0.16
CA ASN A 61 7.08 10.95 -0.82
C ASN A 61 6.79 9.48 -0.51
N LYS A 62 6.62 9.18 0.77
CA LYS A 62 6.33 7.82 1.20
C LYS A 62 5.05 7.31 0.53
N LYS A 63 4.05 8.18 0.49
CA LYS A 63 2.76 7.84 -0.11
C LYS A 63 2.86 7.69 -1.62
N ARG A 64 3.57 8.61 -2.27
CA ARG A 64 3.71 8.57 -3.73
C ARG A 64 4.38 7.28 -4.19
N ILE A 65 5.16 6.68 -3.31
CA ILE A 65 5.84 5.43 -3.63
C ILE A 65 4.96 4.24 -3.31
N ILE A 66 4.46 4.18 -2.07
CA ILE A 66 3.62 3.06 -1.64
C ILE A 66 2.40 2.92 -2.54
N GLU A 67 1.77 4.04 -2.86
CA GLU A 67 0.60 4.06 -3.71
C GLU A 67 0.93 3.52 -5.09
N LYS A 68 1.91 4.15 -5.71
CA LYS A 68 2.38 3.79 -7.04
C LYS A 68 2.79 2.32 -7.13
N VAL A 69 3.52 1.84 -6.13
CA VAL A 69 3.98 0.44 -6.12
C VAL A 69 2.80 -0.51 -6.20
N ILE A 70 1.80 -0.27 -5.36
CA ILE A 70 0.60 -1.11 -5.35
C ILE A 70 -0.08 -1.06 -6.71
N HIS A 71 -0.14 0.14 -7.28
CA HIS A 71 -0.76 0.36 -8.58
C HIS A 71 -0.02 -0.41 -9.67
N ARG A 72 1.31 -0.38 -9.61
CA ARG A 72 2.14 -1.06 -10.59
C ARG A 72 2.01 -2.57 -10.44
N LEU A 73 2.10 -3.03 -9.21
CA LEU A 73 2.00 -4.45 -8.88
C LEU A 73 0.67 -5.05 -9.34
N THR A 74 -0.41 -4.30 -9.19
CA THR A 74 -1.74 -4.79 -9.56
C THR A 74 -2.04 -4.61 -11.06
N HIS A 75 -1.26 -3.78 -11.74
CA HIS A 75 -1.52 -3.53 -13.16
C HIS A 75 -0.37 -4.00 -14.07
N TYR A 76 0.71 -3.25 -14.07
CA TYR A 76 1.87 -3.53 -14.91
C TYR A 76 2.48 -4.90 -14.63
N ASP A 77 2.82 -5.15 -13.38
CA ASP A 77 3.43 -6.43 -13.01
C ASP A 77 2.45 -7.58 -13.18
N HIS A 78 1.19 -7.33 -12.81
CA HIS A 78 0.12 -8.33 -12.92
C HIS A 78 0.45 -9.58 -12.08
N VAL A 79 1.34 -9.41 -11.11
CA VAL A 79 1.72 -10.51 -10.23
C VAL A 79 0.79 -10.54 -9.02
N LEU A 80 -0.23 -9.69 -9.10
CA LEU A 80 -1.23 -9.58 -8.05
C LEU A 80 -2.48 -10.33 -8.50
N ILE A 81 -2.94 -11.26 -7.67
CA ILE A 81 -4.13 -12.04 -7.99
C ILE A 81 -5.36 -11.36 -7.39
N GLU A 82 -6.46 -11.39 -8.10
CA GLU A 82 -7.68 -10.78 -7.59
C GLU A 82 -8.84 -11.76 -7.66
N LEU A 83 -9.11 -12.40 -6.53
CA LEU A 83 -10.20 -13.39 -6.41
C LEU A 83 -10.11 -14.11 -5.07
N THR A 84 -11.15 -14.87 -4.74
CA THR A 84 -11.19 -15.63 -3.50
C THR A 84 -11.90 -16.97 -3.73
N GLN A 85 -12.29 -17.20 -4.98
CA GLN A 85 -12.99 -18.42 -5.41
C GLN A 85 -14.43 -18.47 -4.89
N ALA A 86 -14.63 -18.19 -3.62
CA ALA A 86 -15.96 -18.23 -3.02
C ALA A 86 -16.86 -17.13 -3.58
N GLY A 87 -18.10 -17.52 -3.92
CA GLY A 87 -19.08 -16.57 -4.42
C GLY A 87 -18.87 -16.18 -5.88
N LEU A 88 -17.72 -15.57 -6.16
CA LEU A 88 -17.40 -15.11 -7.50
C LEU A 88 -17.07 -16.28 -8.44
N LYS A 89 -16.98 -17.48 -7.89
CA LYS A 89 -16.68 -18.66 -8.68
C LYS A 89 -17.46 -19.87 -8.16
N GLY A 90 -17.28 -20.17 -6.89
CA GLY A 90 -17.98 -21.29 -6.29
C GLY A 90 -19.37 -20.89 -5.81
N SER A 91 -20.04 -21.83 -5.16
CA SER A 91 -21.38 -21.58 -4.65
C SER A 91 -21.34 -20.77 -3.37
N THR A 92 -22.51 -20.55 -2.76
CA THR A 92 -22.66 -19.79 -1.52
C THR A 92 -22.01 -18.41 -1.63
N GLU A 93 -21.62 -17.85 -0.48
CA GLU A 93 -21.01 -16.54 -0.46
C GLU A 93 -19.55 -16.63 -0.03
N GLY A 94 -19.33 -17.39 1.05
CA GLY A 94 -17.99 -17.55 1.56
C GLY A 94 -17.62 -16.43 2.52
N SER A 95 -17.18 -15.32 1.99
CA SER A 95 -16.80 -14.17 2.81
C SER A 95 -17.62 -12.94 2.44
N GLU A 96 -17.31 -11.81 3.05
CA GLU A 96 -18.03 -10.58 2.77
C GLU A 96 -17.56 -9.96 1.46
N SER A 97 -17.99 -10.56 0.36
CA SER A 97 -17.63 -10.10 -0.96
C SER A 97 -18.62 -9.06 -1.47
N TYR A 98 -19.01 -8.14 -0.59
CA TYR A 98 -19.96 -7.09 -0.97
C TYR A 98 -19.29 -6.02 -1.81
N GLU A 99 -17.97 -6.05 -1.85
CA GLU A 99 -17.20 -5.09 -2.62
C GLU A 99 -17.35 -5.34 -4.11
N GLU A 100 -17.22 -4.28 -4.90
CA GLU A 100 -17.36 -4.36 -6.35
C GLU A 100 -16.14 -5.01 -6.97
N ASP A 101 -15.02 -4.88 -6.28
CA ASP A 101 -13.76 -5.44 -6.73
C ASP A 101 -13.44 -6.73 -5.97
N PRO A 102 -12.68 -7.64 -6.60
CA PRO A 102 -12.32 -8.92 -6.00
C PRO A 102 -11.31 -8.79 -4.86
N TYR A 103 -10.92 -9.94 -4.32
CA TYR A 103 -9.96 -9.99 -3.22
C TYR A 103 -8.53 -9.95 -3.73
N LEU A 104 -7.78 -8.97 -3.28
CA LEU A 104 -6.40 -8.82 -3.71
C LEU A 104 -5.48 -9.73 -2.92
N VAL A 105 -4.76 -10.58 -3.62
CA VAL A 105 -3.83 -11.50 -2.98
C VAL A 105 -2.45 -11.39 -3.66
N VAL A 106 -1.40 -11.40 -2.87
CA VAL A 106 -0.05 -11.29 -3.41
C VAL A 106 0.79 -12.52 -3.09
N ASN A 107 1.62 -12.91 -4.05
CA ASN A 107 2.49 -14.07 -3.88
C ASN A 107 3.91 -13.58 -3.57
N PRO A 108 4.68 -14.34 -2.79
CA PRO A 108 6.05 -13.97 -2.42
C PRO A 108 7.03 -14.05 -3.59
N ASN A 109 6.53 -14.57 -4.72
CA ASN A 109 7.35 -14.70 -5.92
C ASN A 109 7.77 -13.33 -6.43
N TYR A 110 6.80 -12.51 -6.83
CA TYR A 110 7.04 -11.18 -7.35
C TYR A 110 8.05 -11.23 -8.51
N LEU A 111 8.76 -10.14 -8.73
CA LEU A 111 9.74 -10.09 -9.80
C LEU A 111 10.91 -9.17 -9.42
N LEU A 112 11.11 -8.98 -8.13
CA LEU A 112 12.18 -8.13 -7.64
C LEU A 112 12.98 -8.83 -6.57
N GLU A 113 14.24 -8.45 -6.43
CA GLU A 113 15.11 -9.04 -5.42
C GLU A 113 14.82 -8.47 -4.04
N ASP A 114 14.24 -7.26 -4.05
CA ASP A 114 13.88 -6.54 -2.83
C ASP A 114 15.14 -6.15 -2.05
N SER B 1 -11.68 -5.34 -13.31
CA SER B 1 -12.57 -4.41 -12.56
C SER B 1 -11.82 -3.13 -12.19
N ALA B 2 -10.79 -2.79 -12.97
CA ALA B 2 -10.01 -1.60 -12.72
C ALA B 2 -10.58 -0.41 -13.48
N LEU B 3 -10.88 0.66 -12.75
CA LEU B 3 -11.41 1.88 -13.35
C LEU B 3 -10.37 2.98 -13.31
N LYS B 4 -9.87 3.26 -12.11
CA LYS B 4 -8.86 4.30 -11.93
C LYS B 4 -7.56 3.68 -11.42
N GLY B 5 -6.45 4.30 -11.77
CA GLY B 5 -5.15 3.81 -11.35
C GLY B 5 -4.49 4.76 -10.37
N VAL B 6 -5.01 5.98 -10.29
CA VAL B 6 -4.46 6.97 -9.40
C VAL B 6 -5.10 6.86 -8.01
N SER B 7 -4.33 6.38 -7.06
CA SER B 7 -4.81 6.22 -5.69
C SER B 7 -4.25 7.33 -4.81
N GLN B 8 -3.58 8.30 -5.43
CA GLN B 8 -2.97 9.43 -4.72
C GLN B 8 -3.99 10.22 -3.91
N ASP B 9 -5.27 10.07 -4.26
CA ASP B 9 -6.35 10.76 -3.55
C ASP B 9 -6.37 10.38 -2.07
N LEU B 10 -5.70 9.27 -1.74
CA LEU B 10 -5.64 8.80 -0.36
C LEU B 10 -4.82 9.77 0.51
N LEU B 11 -4.16 10.74 -0.14
CA LEU B 11 -3.38 11.74 0.59
C LEU B 11 -4.32 12.66 1.38
N GLU B 12 -5.63 12.49 1.15
CA GLU B 12 -6.63 13.26 1.85
C GLU B 12 -6.62 12.92 3.33
N ARG B 13 -5.99 11.79 3.65
CA ARG B 13 -5.87 11.35 5.03
C ARG B 13 -4.75 12.12 5.72
N ILE B 14 -3.85 12.68 4.91
CA ILE B 14 -2.70 13.42 5.44
C ILE B 14 -3.13 14.75 6.05
N ARG B 15 -4.23 15.32 5.56
CA ARG B 15 -4.71 16.59 6.09
C ARG B 15 -5.24 16.39 7.50
N ALA B 16 -5.67 15.17 7.80
CA ALA B 16 -6.18 14.83 9.12
C ALA B 16 -5.05 14.77 10.14
N LYS B 17 -3.95 14.12 9.76
CA LYS B 17 -2.79 14.00 10.64
C LYS B 17 -2.10 15.34 10.83
N GLU B 18 -2.45 16.31 10.00
CA GLU B 18 -1.84 17.63 10.06
C GLU B 18 -2.12 18.27 11.42
N ALA B 19 -3.37 18.14 11.87
CA ALA B 19 -3.79 18.71 13.15
C ALA B 19 -3.04 18.06 14.32
N GLN B 20 -2.71 16.78 14.16
CA GLN B 20 -1.99 16.03 15.19
C GLN B 20 -0.62 16.67 15.46
N LYS B 21 0.02 17.13 14.41
CA LYS B 21 1.34 17.75 14.53
C LYS B 21 1.24 19.11 15.22
N GLN B 22 0.09 19.76 15.05
CA GLN B 22 -0.14 21.07 15.64
C GLN B 22 -0.85 20.94 16.99
N LEU B 23 -1.14 19.71 17.39
CA LEU B 23 -1.83 19.43 18.65
C LEU B 23 -1.03 19.92 19.85
N ALA B 24 0.25 20.19 19.62
CA ALA B 24 1.12 20.69 20.67
C ALA B 24 0.61 22.03 21.18
N GLN B 25 0.40 22.14 22.49
CA GLN B 25 -0.11 23.36 23.09
C GLN B 25 0.80 24.54 22.84
N MET B 26 0.42 25.39 21.89
CA MET B 26 1.19 26.56 21.57
C MET B 26 0.87 27.67 22.57
N THR B 27 -0.37 27.67 23.06
CA THR B 27 -0.80 28.66 24.04
C THR B 27 -0.11 28.41 25.37
N ARG B 28 0.85 29.26 25.71
CA ARG B 28 1.60 29.13 26.95
C ARG B 28 1.69 30.47 27.66
N TRP B 29 0.86 31.41 27.24
CA TRP B 29 0.84 32.74 27.83
C TRP B 29 -0.58 33.30 27.79
#